data_8RSC
#
_entry.id   8RSC
#
_cell.length_a   1.00
_cell.length_b   1.00
_cell.length_c   1.00
_cell.angle_alpha   90.00
_cell.angle_beta   90.00
_cell.angle_gamma   90.00
#
_symmetry.space_group_name_H-M   'P 1'
#
loop_
_entity.id
_entity.type
_entity.pdbx_description
1 polymer 'Transitional endoplasmic reticulum ATPase'
2 non-polymer "ADENOSINE-5'-DIPHOSPHATE"
#
_entity_poly.entity_id   1
_entity_poly.type   'polypeptide(L)'
_entity_poly.pdbx_seq_one_letter_code
;MASGADSKGDDLSTAILKQKNRPNRLIVDEAINEDNSVVSLSQPKMDELQLFRGDTVLLKGKKRREAVCIVLSDDTCSDE
KIRMNRVVRNNLRVRLGDVISIQPCPDVKYGKRIHVLPIDDTVEGITGNLFEVYLKPYFLEAYRPIRKGDIFLVRGGMRA
VEFKVVETDPSPYCIVAPDTVIHCEGEPIKREDEEESLNEVGYDDIGGCRKQLAQIKEMVELPLRHPALFKAIGVKPPRG
ILLYGPPGTGKTLIARAVANETGAFFFLINGPEIMSKLAGESESNLRKAFEEAEKNAPAIIFIDELDAIAPKREKTHGEV
ERRIVSQLLTLMDGLKQRAHVIVMAATNRPNSIDPALRRFGRFDREVDIGIPDATGRLEILQIHTKNMKLADDVDLEQVA
NETHGHVGADLAALCSEAALQAIRKKMDLIDLEDETIDAEVMNSLAVTMDDFRWALSQSNPSALRETVVEVPQVTWEDIG
GLEDVKRELQELVQYPVEHPDKFLKFGMTPSKGVLFYGPPGCGKTLLAKAIANECQANAISIKGPELLTMWFGESEANVR
EIFDKARQAAPCVLFFDELDSIAKARGGNIGDGGGAADRVINQILTEMDGMSTKKNVFIIGATNRPDIIDPAILRPGRLD
QLIYIPLPDEKSRVAILKANLRKSPVAKDVDLEFLAKMTNGFSGADLTEICQRACKLAIRESIESEIRRERERQTNPSAM
EVEEDDPVPEIRRDHFEEAMRFARRSVSDNDIRKYEMFAQTLQQSRGFGSFRFPSGNQGGAGPSQGSGGGTGGSVYTEDN
DDDLYG
;
_entity_poly.pdbx_strand_id   A,B,C,D,E,F
#
loop_
_chem_comp.id
_chem_comp.type
_chem_comp.name
_chem_comp.formula
ADP non-polymer ADENOSINE-5'-DIPHOSPHATE 'C10 H15 N5 O10 P2'
#
# COMPACT_ATOMS: atom_id res chain seq x y z
N ASN A 21 46.48 47.19 28.10
CA ASN A 21 47.18 47.59 29.31
C ASN A 21 48.29 46.59 29.65
N ARG A 22 48.18 45.39 29.11
CA ARG A 22 49.20 44.38 29.33
C ARG A 22 50.52 44.85 28.74
N PRO A 23 51.58 44.98 29.53
CA PRO A 23 52.81 45.61 28.99
C PRO A 23 53.35 44.91 27.75
N ASN A 24 53.38 43.58 27.76
CA ASN A 24 53.91 42.82 26.64
C ASN A 24 52.89 42.64 25.53
N ARG A 25 51.86 43.48 25.48
CA ARG A 25 50.84 43.45 24.43
C ARG A 25 51.15 44.60 23.47
N LEU A 26 51.95 44.30 22.46
CA LEU A 26 52.46 45.31 21.54
C LEU A 26 52.38 44.80 20.10
N ILE A 27 52.22 45.74 19.17
CA ILE A 27 52.06 45.37 17.77
C ILE A 27 53.38 44.81 17.23
N VAL A 28 53.27 44.11 16.11
CA VAL A 28 54.42 43.66 15.34
C VAL A 28 54.32 44.27 13.95
N ASP A 29 55.48 44.55 13.35
CA ASP A 29 55.51 45.34 12.13
C ASP A 29 56.59 44.75 11.21
N GLU A 30 56.91 45.49 10.14
CA GLU A 30 57.81 45.01 9.08
C GLU A 30 59.13 44.49 9.63
N ALA A 31 59.78 43.60 8.89
CA ALA A 31 61.09 43.08 9.25
C ALA A 31 61.99 43.06 8.02
N ILE A 32 63.30 43.17 8.28
CA ILE A 32 64.28 43.31 7.21
C ILE A 32 65.32 42.20 7.21
N ASN A 33 65.58 41.54 8.33
CA ASN A 33 66.55 40.45 8.38
C ASN A 33 65.89 39.18 7.87
N GLU A 34 66.29 38.75 6.66
CA GLU A 34 65.65 37.63 5.98
C GLU A 34 65.72 36.33 6.76
N ASP A 35 66.49 36.26 7.84
CA ASP A 35 66.57 35.05 8.66
C ASP A 35 65.52 35.11 9.75
N ASN A 36 64.68 34.08 9.83
CA ASN A 36 63.62 34.07 10.82
C ASN A 36 64.14 33.87 12.23
N SER A 37 65.28 33.18 12.39
CA SER A 37 65.79 32.87 13.71
C SER A 37 66.05 34.12 14.55
N VAL A 38 66.06 35.30 13.95
CA VAL A 38 66.25 36.54 14.69
C VAL A 38 64.90 37.03 15.16
N VAL A 39 64.86 37.49 16.42
CA VAL A 39 63.68 38.13 16.98
C VAL A 39 64.13 39.46 17.58
N SER A 40 63.28 40.47 17.43
CA SER A 40 63.70 41.84 17.68
C SER A 40 63.82 42.12 19.18
N LEU A 41 64.21 43.35 19.48
CA LEU A 41 64.21 43.89 20.83
C LEU A 41 63.62 45.28 20.79
N SER A 42 63.41 45.84 21.98
CA SER A 42 63.08 47.26 22.12
C SER A 42 63.65 47.68 23.46
N GLN A 43 64.85 48.29 23.43
CA GLN A 43 65.58 48.62 24.66
C GLN A 43 64.69 49.17 25.76
N PRO A 44 63.86 50.19 25.53
CA PRO A 44 62.87 50.55 26.55
C PRO A 44 62.02 49.38 26.99
N LYS A 45 61.73 48.44 26.09
CA LYS A 45 60.98 47.25 26.46
C LYS A 45 61.88 46.19 27.10
N MET A 46 63.12 46.06 26.59
CA MET A 46 64.06 45.13 27.21
C MET A 46 64.24 45.44 28.69
N ASP A 47 64.27 46.73 29.04
CA ASP A 47 64.31 47.09 30.44
C ASP A 47 63.08 46.55 31.18
N GLU A 48 61.94 46.51 30.50
CA GLU A 48 60.76 45.87 31.09
C GLU A 48 60.93 44.37 31.16
N LEU A 49 61.34 43.75 30.06
CA LEU A 49 61.60 42.33 30.05
C LEU A 49 62.90 42.03 30.79
N GLN A 50 63.19 40.74 30.92
CA GLN A 50 64.52 40.25 31.25
C GLN A 50 65.23 39.69 30.02
N LEU A 51 64.87 40.20 28.83
CA LEU A 51 65.36 39.61 27.59
C LEU A 51 66.88 39.53 27.61
N PHE A 52 67.39 38.31 27.65
CA PHE A 52 68.82 38.05 27.60
C PHE A 52 69.18 37.50 26.23
N ARG A 53 70.42 37.74 25.82
CA ARG A 53 70.92 37.18 24.59
C ARG A 53 71.30 35.72 24.80
N GLY A 54 70.95 34.89 23.83
CA GLY A 54 71.19 33.47 23.96
C GLY A 54 70.38 32.68 22.95
N ASP A 55 69.67 31.67 23.44
CA ASP A 55 68.95 30.79 22.53
C ASP A 55 67.61 31.38 22.12
N THR A 56 66.70 31.58 23.08
CA THR A 56 65.29 31.71 22.76
C THR A 56 64.60 32.75 23.62
N VAL A 57 63.58 33.38 23.03
CA VAL A 57 62.54 34.12 23.74
C VAL A 57 61.20 33.58 23.27
N LEU A 58 60.31 33.29 24.23
CA LEU A 58 58.98 32.77 23.90
C LEU A 58 58.10 33.96 23.54
N LEU A 59 57.94 34.20 22.25
CA LEU A 59 57.02 35.22 21.75
C LEU A 59 55.74 34.50 21.36
N LYS A 60 54.68 34.76 22.12
CA LYS A 60 53.42 34.02 22.00
C LYS A 60 52.41 34.84 21.23
N GLY A 61 51.69 34.17 20.33
CA GLY A 61 50.64 34.82 19.56
C GLY A 61 49.34 34.05 19.53
N LYS A 62 48.85 33.75 18.33
CA LYS A 62 47.55 33.12 18.13
C LYS A 62 47.73 31.65 17.76
N LYS A 63 46.74 30.84 18.14
CA LYS A 63 46.66 29.43 17.79
C LYS A 63 47.81 28.62 18.38
N ARG A 64 48.54 29.17 19.34
CA ARG A 64 49.58 28.50 20.10
C ARG A 64 50.87 28.28 19.31
N ARG A 65 50.88 28.58 18.02
CA ARG A 65 52.09 28.46 17.22
C ARG A 65 52.91 29.74 17.38
N GLU A 66 54.18 29.58 17.74
CA GLU A 66 55.07 30.69 18.04
C GLU A 66 56.25 30.71 17.08
N ALA A 67 57.06 31.76 17.17
CA ALA A 67 58.31 31.89 16.45
C ALA A 67 59.40 32.14 17.49
N VAL A 68 59.99 31.06 18.01
CA VAL A 68 60.92 31.12 19.12
C VAL A 68 62.33 30.87 18.57
N CYS A 69 63.25 31.79 18.86
CA CYS A 69 64.60 31.69 18.31
C CYS A 69 65.48 32.77 18.93
N ILE A 70 66.73 32.86 18.42
CA ILE A 70 67.67 33.87 18.91
C ILE A 70 67.05 35.26 18.77
N VAL A 71 67.60 36.20 19.53
CA VAL A 71 66.96 37.48 19.78
C VAL A 71 67.97 38.62 19.65
N LEU A 72 67.45 39.84 19.70
CA LEU A 72 68.18 41.09 19.84
C LEU A 72 68.86 41.55 18.56
N SER A 73 68.48 41.04 17.39
CA SER A 73 69.03 41.52 16.12
C SER A 73 68.14 42.63 15.54
N ASP A 74 67.85 43.64 16.35
CA ASP A 74 66.90 44.68 16.00
C ASP A 74 67.18 45.91 16.87
N ASP A 75 66.16 46.76 17.01
CA ASP A 75 66.28 48.11 17.57
C ASP A 75 66.72 49.08 16.49
N THR A 76 66.69 48.63 15.23
CA THR A 76 66.85 49.55 14.12
C THR A 76 65.60 50.39 13.91
N CYS A 77 64.43 49.85 14.25
CA CYS A 77 63.17 50.52 13.99
C CYS A 77 62.69 51.26 15.23
N SER A 78 61.55 51.92 15.09
CA SER A 78 60.93 52.63 16.21
C SER A 78 60.46 51.62 17.25
N ASP A 79 59.92 52.11 18.37
CA ASP A 79 59.42 51.24 19.42
C ASP A 79 57.91 51.13 19.33
N GLU A 80 57.34 50.35 20.25
CA GLU A 80 55.90 50.08 20.31
C GLU A 80 55.47 49.14 19.20
N LYS A 81 56.36 48.80 18.27
CA LYS A 81 56.08 47.82 17.23
C LYS A 81 57.32 46.94 17.06
N ILE A 82 57.24 45.72 17.57
CA ILE A 82 58.34 44.79 17.49
C ILE A 82 58.55 44.36 16.05
N ARG A 83 59.81 44.29 15.62
CA ARG A 83 60.13 43.76 14.31
C ARG A 83 60.21 42.24 14.39
N MET A 84 59.32 41.57 13.66
CA MET A 84 59.33 40.11 13.62
C MET A 84 59.31 39.67 12.16
N ASN A 85 60.18 38.73 11.83
CA ASN A 85 60.33 38.28 10.46
C ASN A 85 58.97 37.95 9.84
N ARG A 86 58.66 38.61 8.73
CA ARG A 86 57.34 38.50 8.12
C ARG A 86 56.88 37.05 8.01
N VAL A 87 57.82 36.11 7.90
CA VAL A 87 57.47 34.71 7.77
C VAL A 87 56.83 34.17 9.04
N VAL A 88 56.86 34.92 10.14
CA VAL A 88 56.21 34.49 11.38
C VAL A 88 54.84 35.16 11.47
N ARG A 89 54.33 35.65 10.34
CA ARG A 89 52.95 36.14 10.28
C ARG A 89 52.03 35.03 9.79
N ASN A 90 52.30 34.48 8.60
CA ASN A 90 51.54 33.31 8.13
C ASN A 90 51.45 32.27 9.23
N ASN A 91 52.55 32.03 9.91
CA ASN A 91 52.58 31.26 11.15
C ASN A 91 52.39 32.21 12.33
N LEU A 92 51.84 31.68 13.42
CA LEU A 92 51.80 32.42 14.67
C LEU A 92 50.86 33.62 14.60
N ARG A 93 50.32 33.90 13.43
CA ARG A 93 49.55 35.13 13.20
C ARG A 93 48.81 34.98 11.87
N VAL A 94 48.21 36.07 11.41
CA VAL A 94 47.58 36.09 10.09
C VAL A 94 48.09 37.29 9.30
N ARG A 95 48.00 38.48 9.89
CA ARG A 95 48.18 39.74 9.16
C ARG A 95 48.88 40.74 10.07
N LEU A 96 48.87 42.01 9.65
CA LEU A 96 49.37 43.10 10.47
C LEU A 96 48.39 43.42 11.60
N GLY A 97 48.68 44.47 12.36
CA GLY A 97 47.84 44.88 13.47
C GLY A 97 47.79 43.91 14.62
N ASP A 98 48.44 42.75 14.51
CA ASP A 98 48.40 41.74 15.56
C ASP A 98 49.23 42.22 16.75
N VAL A 99 49.37 41.37 17.76
CA VAL A 99 50.10 41.69 18.96
C VAL A 99 50.88 40.46 19.40
N ILE A 100 52.07 40.68 19.93
CA ILE A 100 52.92 39.61 20.43
C ILE A 100 53.00 39.71 21.94
N SER A 101 53.17 38.56 22.59
CA SER A 101 53.42 38.48 24.02
C SER A 101 54.80 37.87 24.18
N ILE A 102 55.82 38.71 24.21
CA ILE A 102 57.21 38.27 24.24
C ILE A 102 57.65 38.15 25.69
N GLN A 103 58.06 36.94 26.07
CA GLN A 103 58.48 36.64 27.41
C GLN A 103 59.63 35.64 27.29
N PRO A 104 60.80 35.92 27.85
CA PRO A 104 61.95 35.03 27.61
C PRO A 104 61.76 33.65 28.22
N CYS A 105 62.26 32.65 27.49
CA CYS A 105 62.45 31.30 28.02
C CYS A 105 63.74 30.73 27.44
N PRO A 106 64.88 31.33 27.76
CA PRO A 106 66.16 30.86 27.23
C PRO A 106 66.60 29.59 27.95
N ASP A 107 67.80 29.15 27.60
CA ASP A 107 68.40 27.96 28.21
C ASP A 107 67.48 26.76 28.10
N VAL A 108 67.20 26.37 26.86
CA VAL A 108 66.47 25.14 26.61
C VAL A 108 67.44 23.96 26.68
N LYS A 109 66.89 22.77 26.85
CA LYS A 109 67.72 21.59 26.83
C LYS A 109 68.42 21.48 25.48
N TYR A 110 69.43 20.62 25.42
CA TYR A 110 70.16 20.33 24.20
C TYR A 110 69.94 18.85 23.89
N GLY A 111 68.84 18.54 23.21
CA GLY A 111 68.57 17.18 22.82
C GLY A 111 69.54 16.73 21.76
N LYS A 112 69.20 15.66 21.04
CA LYS A 112 70.05 15.22 19.93
C LYS A 112 70.26 16.36 18.95
N ARG A 113 69.18 16.76 18.28
CA ARG A 113 69.20 17.78 17.25
C ARG A 113 67.77 17.96 16.77
N ILE A 114 67.52 18.97 15.95
CA ILE A 114 66.21 19.21 15.37
C ILE A 114 66.20 18.69 13.95
N HIS A 115 65.06 18.14 13.54
CA HIS A 115 64.83 17.64 12.18
C HIS A 115 65.50 18.53 11.13
N VAL A 116 66.06 17.89 10.10
CA VAL A 116 66.43 18.57 8.87
C VAL A 116 65.70 17.90 7.71
N LEU A 117 64.80 18.65 7.07
CA LEU A 117 64.19 18.20 5.82
C LEU A 117 63.40 19.33 5.17
N PRO A 118 63.49 19.53 3.86
CA PRO A 118 62.65 20.51 3.17
C PRO A 118 61.26 19.92 2.91
N ILE A 119 60.41 20.73 2.28
CA ILE A 119 58.99 20.36 2.12
C ILE A 119 58.51 20.42 0.68
N ASP A 120 58.73 21.53 -0.01
CA ASP A 120 58.06 21.76 -1.29
C ASP A 120 59.00 21.89 -2.48
N ASP A 121 60.02 22.74 -2.39
CA ASP A 121 60.75 23.19 -3.55
C ASP A 121 62.14 22.59 -3.69
N THR A 122 62.40 21.44 -3.07
CA THR A 122 63.73 20.83 -3.16
C THR A 122 63.79 19.67 -4.15
N VAL A 123 62.71 18.89 -4.27
CA VAL A 123 62.69 17.84 -5.28
C VAL A 123 62.88 18.41 -6.68
N GLU A 124 62.57 19.70 -6.84
CA GLU A 124 62.79 20.39 -8.11
C GLU A 124 64.27 20.69 -8.24
N GLY A 125 65.02 19.76 -8.83
CA GLY A 125 66.45 19.89 -9.00
C GLY A 125 67.22 18.84 -8.23
N ILE A 126 68.53 19.04 -8.15
CA ILE A 126 69.40 18.10 -7.47
C ILE A 126 69.01 18.04 -5.99
N THR A 127 68.78 16.82 -5.51
CA THR A 127 68.38 16.58 -4.13
C THR A 127 69.54 16.15 -3.24
N GLY A 128 70.37 15.21 -3.70
CA GLY A 128 71.53 14.81 -2.93
C GLY A 128 71.19 14.32 -1.54
N ASN A 129 71.52 15.13 -0.54
CA ASN A 129 71.20 14.83 0.85
C ASN A 129 70.16 15.78 1.44
N LEU A 130 69.84 16.88 0.75
CA LEU A 130 68.86 17.86 1.20
C LEU A 130 69.30 18.60 2.46
N PHE A 131 70.49 18.28 2.97
CA PHE A 131 71.06 18.96 4.12
C PHE A 131 72.40 19.59 3.82
N GLU A 132 73.31 18.86 3.19
CA GLU A 132 74.70 19.27 3.06
C GLU A 132 74.97 20.05 1.78
N VAL A 133 73.94 20.43 1.04
CA VAL A 133 74.11 21.17 -0.20
C VAL A 133 73.72 22.63 0.00
N TYR A 134 72.54 22.86 0.59
CA TYR A 134 71.98 24.20 0.71
C TYR A 134 71.76 24.66 2.15
N LEU A 135 71.45 23.75 3.07
CA LEU A 135 71.03 24.13 4.42
C LEU A 135 72.15 24.13 5.43
N LYS A 136 73.19 23.33 5.21
CA LYS A 136 74.29 23.22 6.17
C LYS A 136 74.92 24.55 6.53
N PRO A 137 75.01 25.54 5.61
CA PRO A 137 75.75 26.76 5.95
C PRO A 137 75.01 27.72 6.87
N TYR A 138 73.94 27.28 7.52
CA TYR A 138 73.12 28.17 8.34
C TYR A 138 73.03 27.75 9.80
N PHE A 139 73.25 26.48 10.15
CA PHE A 139 73.26 26.06 11.54
C PHE A 139 74.70 26.17 12.04
N LEU A 140 75.22 27.40 12.00
CA LEU A 140 76.61 27.68 12.31
C LEU A 140 76.66 28.68 13.45
N GLU A 141 77.09 28.23 14.63
CA GLU A 141 77.24 29.06 15.82
C GLU A 141 75.93 29.72 16.25
N ALA A 142 74.82 29.34 15.63
CA ALA A 142 73.48 29.76 15.98
C ALA A 142 72.56 28.55 15.99
N TYR A 143 72.97 27.53 16.74
CA TYR A 143 72.53 26.17 16.48
C TYR A 143 71.05 25.99 16.80
N ARG A 144 70.21 26.67 16.02
CA ARG A 144 68.78 26.48 15.96
C ARG A 144 68.11 26.50 17.33
N PRO A 145 68.16 27.62 18.04
CA PRO A 145 67.09 27.90 19.00
C PRO A 145 65.79 28.06 18.22
N ILE A 146 64.86 27.13 18.41
CA ILE A 146 63.70 27.03 17.54
C ILE A 146 62.51 26.58 18.37
N ARG A 147 61.34 26.56 17.76
CA ARG A 147 60.17 25.91 18.33
C ARG A 147 59.41 25.27 17.18
N LYS A 148 59.11 23.99 17.32
CA LYS A 148 58.51 23.24 16.23
C LYS A 148 57.23 23.93 15.77
N GLY A 149 57.24 24.37 14.52
CA GLY A 149 56.22 25.22 13.96
C GLY A 149 56.77 26.51 13.41
N ASP A 150 57.99 26.90 13.80
CA ASP A 150 58.65 28.04 13.21
C ASP A 150 59.07 27.68 11.79
N ILE A 151 58.53 28.40 10.81
CA ILE A 151 58.81 28.17 9.41
C ILE A 151 59.50 29.42 8.87
N PHE A 152 60.43 29.22 7.94
CA PHE A 152 61.30 30.31 7.50
C PHE A 152 61.87 29.95 6.14
N LEU A 153 62.85 30.73 5.70
CA LEU A 153 63.52 30.54 4.42
C LEU A 153 65.01 30.29 4.67
N VAL A 154 65.54 29.25 4.03
CA VAL A 154 66.95 28.90 4.16
C VAL A 154 67.37 28.09 2.95
N ARG A 155 68.46 28.50 2.29
CA ARG A 155 68.95 27.83 1.09
C ARG A 155 70.41 28.19 0.90
N GLY A 156 71.01 27.59 -0.12
CA GLY A 156 72.35 27.92 -0.55
C GLY A 156 72.31 28.32 -2.02
N GLY A 157 71.27 29.06 -2.38
CA GLY A 157 70.93 29.30 -3.77
C GLY A 157 69.87 30.36 -3.93
N MET A 158 68.84 30.08 -4.74
CA MET A 158 67.84 31.07 -5.07
C MET A 158 67.18 31.68 -3.84
N ARG A 159 67.42 31.09 -2.67
CA ARG A 159 67.11 31.74 -1.40
C ARG A 159 65.60 31.80 -1.13
N ALA A 160 64.86 30.80 -1.61
CA ALA A 160 63.42 30.73 -1.31
C ALA A 160 63.02 29.26 -1.24
N VAL A 161 63.07 28.71 -0.03
CA VAL A 161 62.62 27.36 0.26
C VAL A 161 62.30 27.28 1.74
N GLU A 162 61.32 26.46 2.09
CA GLU A 162 60.87 26.40 3.47
C GLU A 162 61.65 25.34 4.25
N PHE A 163 61.53 25.42 5.57
CA PHE A 163 62.09 24.43 6.48
C PHE A 163 61.05 24.16 7.55
N LYS A 164 60.50 22.95 7.54
CA LYS A 164 59.33 22.60 8.32
C LYS A 164 59.69 21.55 9.35
N VAL A 165 58.74 21.29 10.25
CA VAL A 165 58.89 20.27 11.29
C VAL A 165 58.40 18.94 10.73
N VAL A 166 59.18 17.90 10.95
CA VAL A 166 58.82 16.56 10.50
C VAL A 166 58.92 15.59 11.67
N GLU A 167 60.03 15.66 12.41
CA GLU A 167 60.32 14.74 13.49
C GLU A 167 60.47 15.47 14.81
N THR A 168 60.44 14.69 15.90
CA THR A 168 60.59 15.25 17.24
C THR A 168 61.16 14.15 18.15
N ASP A 169 62.48 14.18 18.35
CA ASP A 169 63.06 13.29 19.35
C ASP A 169 62.86 13.91 20.74
N PRO A 170 63.24 15.18 20.95
CA PRO A 170 62.81 15.85 22.20
C PRO A 170 61.49 16.57 22.00
N SER A 171 60.55 16.32 22.91
CA SER A 171 59.27 17.00 22.83
C SER A 171 59.44 18.52 22.88
N PRO A 172 60.07 19.10 23.89
CA PRO A 172 60.34 20.55 23.86
C PRO A 172 61.48 20.86 22.91
N TYR A 173 61.52 22.11 22.47
CA TYR A 173 62.55 22.54 21.54
C TYR A 173 63.89 22.65 22.26
N CYS A 174 64.97 22.54 21.47
CA CYS A 174 66.32 22.46 22.02
C CYS A 174 67.24 23.30 21.15
N ILE A 175 68.53 23.21 21.43
CA ILE A 175 69.59 23.87 20.68
C ILE A 175 70.50 22.78 20.14
N VAL A 176 70.61 22.70 18.81
CA VAL A 176 71.27 21.56 18.19
C VAL A 176 72.76 21.66 18.46
N ALA A 177 73.49 20.60 18.14
CA ALA A 177 74.94 20.58 18.26
C ALA A 177 75.48 19.64 17.19
N PRO A 178 76.73 19.81 16.80
CA PRO A 178 77.31 18.89 15.80
C PRO A 178 77.46 17.48 16.35
N ASP A 179 77.97 16.57 15.53
CA ASP A 179 78.21 15.18 15.93
C ASP A 179 76.89 14.41 16.01
N THR A 180 75.78 15.11 15.83
CA THR A 180 74.47 14.46 15.90
C THR A 180 74.23 13.69 14.61
N VAL A 181 73.04 13.11 14.50
CA VAL A 181 72.67 12.30 13.35
C VAL A 181 71.32 12.79 12.83
N ILE A 182 71.22 12.90 11.51
CA ILE A 182 70.01 13.37 10.84
C ILE A 182 69.76 12.47 9.66
N HIS A 183 68.48 12.32 9.31
CA HIS A 183 68.06 11.47 8.21
C HIS A 183 67.13 12.27 7.32
N CYS A 184 67.64 12.68 6.15
CA CYS A 184 66.81 13.33 5.14
C CYS A 184 66.07 12.33 4.28
N GLU A 185 65.97 11.08 4.73
CA GLU A 185 65.17 10.08 4.04
C GLU A 185 63.78 10.60 3.71
N GLY A 186 63.26 11.53 4.51
CA GLY A 186 61.96 12.09 4.23
C GLY A 186 61.94 12.81 2.88
N GLU A 187 60.73 12.91 2.33
CA GLU A 187 60.54 13.49 1.01
C GLU A 187 59.79 14.81 1.11
N PRO A 188 60.15 15.81 0.31
CA PRO A 188 59.34 17.03 0.25
C PRO A 188 57.92 16.74 -0.18
N ILE A 189 56.97 17.49 0.37
CA ILE A 189 55.55 17.20 0.22
C ILE A 189 54.79 18.37 -0.41
N LYS A 190 53.47 18.22 -0.53
CA LYS A 190 52.58 19.28 -0.97
C LYS A 190 52.23 20.18 0.21
N ARG A 191 51.38 21.13 -0.08
CA ARG A 191 51.05 22.11 0.92
C ARG A 191 49.99 21.58 1.81
N GLU A 192 50.22 20.44 2.47
CA GLU A 192 49.25 20.00 3.45
C GLU A 192 49.27 21.10 4.47
N ASP A 193 50.47 21.56 4.80
CA ASP A 193 50.62 22.64 5.76
C ASP A 193 49.98 23.94 5.28
N GLU A 194 50.11 24.27 3.99
CA GLU A 194 49.44 25.47 3.48
C GLU A 194 47.92 25.37 3.52
N GLU A 195 47.37 24.18 3.26
CA GLU A 195 45.93 23.99 3.34
C GLU A 195 45.52 24.18 4.78
N GLU A 196 46.35 23.69 5.70
CA GLU A 196 46.05 23.87 7.11
C GLU A 196 46.03 25.36 7.41
N SER A 197 46.98 26.11 6.84
CA SER A 197 47.03 27.56 7.03
C SER A 197 45.82 28.27 6.45
N LEU A 198 45.33 27.82 5.31
CA LEU A 198 44.13 28.39 4.71
C LEU A 198 42.95 28.14 5.63
N ASN A 199 42.88 26.95 6.21
CA ASN A 199 41.80 26.67 7.14
C ASN A 199 41.95 27.58 8.34
N GLU A 200 43.18 27.82 8.77
CA GLU A 200 43.46 28.70 9.90
C GLU A 200 43.01 30.11 9.60
N VAL A 201 43.14 30.56 8.35
CA VAL A 201 42.61 31.87 7.95
C VAL A 201 41.13 31.92 8.29
N GLY A 202 40.37 30.86 8.04
CA GLY A 202 39.01 30.79 8.55
C GLY A 202 38.10 31.91 8.14
N TYR A 203 37.83 32.83 9.07
CA TYR A 203 36.80 33.83 8.87
C TYR A 203 37.06 34.68 7.63
N ASP A 204 38.30 34.80 7.20
CA ASP A 204 38.65 35.58 6.02
C ASP A 204 38.68 34.74 4.74
N ASP A 205 37.87 33.67 4.69
CA ASP A 205 37.84 32.79 3.54
C ASP A 205 36.40 32.46 3.11
N ILE A 206 35.43 33.24 3.57
CA ILE A 206 34.02 32.96 3.31
C ILE A 206 33.25 34.29 3.28
N GLY A 207 32.02 34.24 2.78
CA GLY A 207 31.18 35.42 2.71
C GLY A 207 29.74 35.08 2.42
N GLY A 208 28.82 35.93 2.89
CA GLY A 208 27.40 35.69 2.71
C GLY A 208 26.70 35.05 3.88
N CYS A 209 27.42 34.77 4.96
CA CYS A 209 26.86 34.20 6.18
C CYS A 209 27.38 34.96 7.40
N ARG A 210 27.32 36.29 7.33
CA ARG A 210 27.83 37.12 8.41
C ARG A 210 27.10 36.84 9.72
N LYS A 211 25.77 36.76 9.66
CA LYS A 211 25.00 36.50 10.87
C LYS A 211 25.27 35.09 11.41
N GLN A 212 25.17 34.09 10.54
CA GLN A 212 25.31 32.71 10.99
C GLN A 212 26.69 32.40 11.54
N LEU A 213 27.71 33.16 11.13
CA LEU A 213 29.05 32.98 11.67
C LEU A 213 29.25 33.70 12.99
N ALA A 214 28.49 34.77 13.24
CA ALA A 214 28.57 35.46 14.53
C ALA A 214 27.85 34.68 15.62
N GLN A 215 26.72 34.05 15.29
CA GLN A 215 25.99 33.26 16.28
C GLN A 215 26.82 32.08 16.75
N ILE A 216 27.53 31.42 15.84
CA ILE A 216 28.36 30.28 16.22
C ILE A 216 29.50 30.74 17.12
N LYS A 217 30.13 31.87 16.79
CA LYS A 217 31.25 32.35 17.59
C LYS A 217 30.86 32.55 19.04
N GLU A 218 29.75 33.28 19.28
CA GLU A 218 29.32 33.54 20.64
C GLU A 218 28.83 32.28 21.34
N MET A 219 28.62 31.19 20.61
CA MET A 219 28.07 29.97 21.18
C MET A 219 29.13 28.97 21.59
N VAL A 220 30.29 28.98 20.94
CA VAL A 220 31.31 27.96 21.17
C VAL A 220 32.63 28.53 21.66
N GLU A 221 32.91 29.81 21.47
CA GLU A 221 34.22 30.34 21.86
C GLU A 221 34.44 30.22 23.36
N LEU A 222 33.45 30.60 24.16
CA LEU A 222 33.64 30.60 25.61
C LEU A 222 33.92 29.21 26.15
N PRO A 223 33.15 28.16 25.84
CA PRO A 223 33.50 26.82 26.34
C PRO A 223 34.88 26.35 25.90
N LEU A 224 35.30 26.68 24.68
CA LEU A 224 36.54 26.12 24.15
C LEU A 224 37.77 26.89 24.65
N ARG A 225 37.67 28.21 24.74
CA ARG A 225 38.86 29.01 25.04
C ARG A 225 39.18 29.02 26.53
N HIS A 226 38.16 29.18 27.38
CA HIS A 226 38.33 29.28 28.83
C HIS A 226 37.42 28.25 29.51
N PRO A 227 37.76 26.97 29.40
CA PRO A 227 36.95 25.94 30.10
C PRO A 227 37.00 26.05 31.61
N ALA A 228 38.02 26.69 32.17
CA ALA A 228 38.12 26.79 33.62
C ALA A 228 36.95 27.58 34.20
N LEU A 229 36.56 28.66 33.52
CA LEU A 229 35.42 29.45 34.00
C LEU A 229 34.16 28.60 34.07
N PHE A 230 33.92 27.77 33.05
CA PHE A 230 32.75 26.90 33.08
C PHE A 230 32.89 25.80 34.13
N LYS A 231 34.11 25.32 34.38
CA LYS A 231 34.33 24.36 35.44
C LYS A 231 33.95 24.94 36.80
N ALA A 232 34.34 26.19 37.05
CA ALA A 232 34.16 26.78 38.37
C ALA A 232 32.69 26.90 38.75
N ILE A 233 31.80 27.01 37.76
CA ILE A 233 30.38 27.19 38.01
C ILE A 233 29.61 26.01 37.43
N GLY A 234 28.36 25.88 37.86
CA GLY A 234 27.47 24.89 37.31
C GLY A 234 26.55 25.49 36.27
N VAL A 235 26.90 25.33 35.00
CA VAL A 235 26.10 25.86 33.89
C VAL A 235 26.21 24.87 32.74
N LYS A 236 25.22 24.92 31.85
CA LYS A 236 25.08 23.89 30.83
C LYS A 236 25.57 24.43 29.50
N PRO A 237 26.70 23.96 28.97
CA PRO A 237 27.08 24.35 27.62
C PRO A 237 26.38 23.48 26.59
N PRO A 238 26.60 23.75 25.31
CA PRO A 238 26.01 22.95 24.24
C PRO A 238 26.85 21.73 23.90
N ARG A 239 26.15 20.67 23.49
CA ARG A 239 26.80 19.45 23.03
C ARG A 239 26.20 18.94 21.72
N GLY A 240 25.34 19.71 21.08
CA GLY A 240 24.85 19.36 19.76
C GLY A 240 24.42 20.57 18.97
N ILE A 241 24.96 20.73 17.77
CA ILE A 241 24.59 21.81 16.86
C ILE A 241 24.24 21.20 15.52
N LEU A 242 23.15 21.68 14.92
CA LEU A 242 22.66 21.16 13.65
C LEU A 242 22.56 22.31 12.65
N LEU A 243 23.22 22.15 11.50
CA LEU A 243 23.17 23.14 10.42
C LEU A 243 22.45 22.52 9.24
N TYR A 244 21.33 23.11 8.84
CA TYR A 244 20.56 22.63 7.71
C TYR A 244 20.52 23.70 6.63
N GLY A 245 20.82 23.31 5.40
CA GLY A 245 20.78 24.20 4.27
C GLY A 245 21.05 23.47 2.98
N PRO A 246 20.85 24.13 1.84
CA PRO A 246 21.09 23.47 0.55
C PRO A 246 22.54 23.10 0.38
N PRO A 247 22.85 22.17 -0.53
CA PRO A 247 24.25 21.76 -0.72
C PRO A 247 25.09 22.86 -1.32
N GLY A 248 26.41 22.73 -1.13
CA GLY A 248 27.34 23.71 -1.65
C GLY A 248 27.24 25.06 -1.00
N THR A 249 27.10 25.11 0.33
CA THR A 249 27.01 26.36 1.07
C THR A 249 28.13 26.51 2.10
N GLY A 250 29.18 25.72 1.98
CA GLY A 250 30.34 25.87 2.84
C GLY A 250 30.05 25.61 4.31
N LYS A 251 29.74 24.36 4.65
CA LYS A 251 29.45 23.98 6.03
C LYS A 251 30.63 23.31 6.71
N THR A 252 31.19 22.27 6.10
CA THR A 252 32.41 21.68 6.65
C THR A 252 33.53 22.71 6.71
N LEU A 253 33.57 23.60 5.72
CA LEU A 253 34.56 24.68 5.74
C LEU A 253 34.37 25.56 6.96
N ILE A 254 33.12 25.84 7.33
CA ILE A 254 32.86 26.65 8.52
C ILE A 254 33.35 25.93 9.77
N ALA A 255 33.10 24.62 9.86
CA ALA A 255 33.56 23.87 11.01
C ALA A 255 35.08 23.90 11.13
N ARG A 256 35.79 23.71 10.01
CA ARG A 256 37.24 23.78 10.05
C ARG A 256 37.72 25.17 10.41
N ALA A 257 37.06 26.20 9.87
CA ALA A 257 37.43 27.58 10.18
C ALA A 257 37.23 27.93 11.64
N VAL A 258 36.21 27.35 12.28
CA VAL A 258 35.95 27.63 13.69
C VAL A 258 36.88 26.84 14.59
N ALA A 259 37.15 25.58 14.24
CA ALA A 259 38.05 24.78 15.06
C ALA A 259 39.47 25.32 15.05
N ASN A 260 39.95 25.79 13.89
CA ASN A 260 41.32 26.27 13.79
C ASN A 260 41.51 27.62 14.47
N GLU A 261 40.56 28.54 14.30
CA GLU A 261 40.70 29.87 14.89
C GLU A 261 40.75 29.82 16.40
N THR A 262 40.18 28.79 17.02
CA THR A 262 40.22 28.63 18.47
C THR A 262 41.23 27.60 18.93
N GLY A 263 41.92 26.94 18.00
CA GLY A 263 42.95 25.99 18.36
C GLY A 263 42.45 24.64 18.83
N ALA A 264 41.15 24.38 18.74
CA ALA A 264 40.59 23.12 19.20
C ALA A 264 40.72 22.04 18.13
N PHE A 265 41.02 20.82 18.56
CA PHE A 265 41.17 19.70 17.64
C PHE A 265 39.87 19.44 16.90
N PHE A 266 40.00 19.00 15.65
CA PHE A 266 38.86 18.81 14.76
C PHE A 266 38.92 17.43 14.15
N PHE A 267 37.82 16.68 14.26
CA PHE A 267 37.71 15.33 13.71
C PHE A 267 36.53 15.30 12.74
N LEU A 268 36.73 14.64 11.60
CA LEU A 268 35.75 14.62 10.52
C LEU A 268 35.23 13.20 10.33
N ILE A 269 33.91 13.06 10.25
CA ILE A 269 33.26 11.79 9.97
C ILE A 269 32.27 12.00 8.83
N ASN A 270 32.25 11.06 7.89
CA ASN A 270 31.37 11.12 6.74
C ASN A 270 30.45 9.90 6.73
N GLY A 271 29.20 10.11 6.30
CA GLY A 271 28.17 9.11 6.38
C GLY A 271 28.43 7.88 5.53
N PRO A 272 28.76 8.07 4.25
CA PRO A 272 28.92 6.91 3.37
C PRO A 272 29.99 5.92 3.84
N GLU A 273 31.06 6.39 4.47
CA GLU A 273 32.08 5.49 4.97
C GLU A 273 31.64 4.72 6.21
N ILE A 274 30.50 5.08 6.80
CA ILE A 274 29.93 4.34 7.90
C ILE A 274 28.87 3.34 7.44
N MET A 275 28.24 3.57 6.29
CA MET A 275 27.23 2.68 5.74
C MET A 275 27.77 1.78 4.65
N SER A 276 29.08 1.80 4.40
CA SER A 276 29.70 0.99 3.36
C SER A 276 30.64 -0.05 3.96
N LYS A 277 30.36 -0.48 5.18
CA LYS A 277 31.17 -1.48 5.88
C LYS A 277 30.28 -2.67 6.25
N LEU A 278 30.87 -3.61 6.98
CA LEU A 278 30.13 -4.76 7.51
C LEU A 278 29.60 -4.42 8.90
N ALA A 279 28.48 -5.05 9.26
CA ALA A 279 27.69 -4.65 10.41
C ALA A 279 28.54 -4.34 11.64
N GLY A 280 29.25 -5.34 12.15
CA GLY A 280 30.02 -5.14 13.37
C GLY A 280 31.11 -4.09 13.20
N GLU A 281 31.87 -4.17 12.11
CA GLU A 281 32.92 -3.19 11.87
C GLU A 281 32.33 -1.81 11.66
N SER A 282 31.19 -1.72 10.97
CA SER A 282 30.55 -0.42 10.77
C SER A 282 30.16 0.19 12.11
N GLU A 283 29.59 -0.61 13.01
CA GLU A 283 29.21 -0.10 14.33
C GLU A 283 30.45 0.31 15.13
N SER A 284 31.51 -0.50 15.08
CA SER A 284 32.71 -0.19 15.87
C SER A 284 33.46 1.01 15.32
N ASN A 285 33.33 1.31 14.03
CA ASN A 285 34.00 2.47 13.46
C ASN A 285 33.47 3.78 14.03
N LEU A 286 32.21 3.79 14.48
CA LEU A 286 31.60 5.00 15.03
C LEU A 286 32.01 5.27 16.47
N ARG A 287 32.60 4.30 17.16
CA ARG A 287 33.04 4.47 18.54
C ARG A 287 34.52 4.84 18.64
N LYS A 288 35.30 4.69 17.58
CA LYS A 288 36.69 5.11 17.60
C LYS A 288 36.82 6.63 17.53
N ALA A 289 35.93 7.30 16.80
CA ALA A 289 36.01 8.74 16.68
C ALA A 289 35.81 9.42 18.03
N PHE A 290 34.82 8.98 18.80
CA PHE A 290 34.61 9.55 20.12
C PHE A 290 35.79 9.26 21.03
N GLU A 291 36.33 8.04 20.97
CA GLU A 291 37.53 7.73 21.75
C GLU A 291 38.71 8.58 21.30
N GLU A 292 38.90 8.73 19.98
CA GLU A 292 39.90 9.68 19.49
C GLU A 292 39.30 11.06 19.29
N ALA A 293 38.54 11.51 20.29
CA ALA A 293 38.16 12.91 20.44
C ALA A 293 38.22 13.39 21.87
N GLU A 294 38.14 12.50 22.86
CA GLU A 294 38.22 12.86 24.26
C GLU A 294 39.64 12.92 24.78
N LYS A 295 40.59 12.29 24.10
CA LYS A 295 42.00 12.34 24.47
C LYS A 295 42.73 13.51 23.83
N ASN A 296 42.03 14.33 23.04
CA ASN A 296 42.61 15.53 22.45
C ASN A 296 41.80 16.77 22.81
N ALA A 297 41.05 16.72 23.91
CA ALA A 297 40.16 17.82 24.27
C ALA A 297 40.96 19.08 24.58
N PRO A 298 40.39 20.25 24.31
CA PRO A 298 39.05 20.51 23.77
C PRO A 298 39.01 20.27 22.27
N ALA A 299 38.08 19.46 21.79
CA ALA A 299 38.03 19.04 20.38
C ALA A 299 36.60 19.17 19.86
N ILE A 300 36.45 18.95 18.56
CA ILE A 300 35.15 19.04 17.90
C ILE A 300 35.01 17.84 16.96
N ILE A 301 33.81 17.26 16.94
CA ILE A 301 33.48 16.17 16.04
C ILE A 301 32.43 16.68 15.06
N PHE A 302 32.69 16.48 13.77
CA PHE A 302 31.81 16.97 12.71
C PHE A 302 31.32 15.80 11.87
N ILE A 303 30.01 15.71 11.71
CA ILE A 303 29.36 14.68 10.90
C ILE A 303 28.60 15.38 9.79
N ASP A 304 28.92 15.06 8.54
CA ASP A 304 28.24 15.62 7.39
C ASP A 304 27.31 14.59 6.76
N GLU A 305 26.35 15.09 6.00
CA GLU A 305 25.29 14.28 5.39
C GLU A 305 24.81 13.22 6.37
N LEU A 306 24.29 13.69 7.51
CA LEU A 306 23.71 12.80 8.51
C LEU A 306 22.48 12.08 7.96
N ASP A 307 21.86 12.60 6.91
CA ASP A 307 20.70 11.94 6.32
C ASP A 307 21.03 10.54 5.83
N ALA A 308 22.31 10.24 5.58
CA ALA A 308 22.70 8.92 5.10
C ALA A 308 22.86 7.90 6.22
N ILE A 309 22.84 8.33 7.48
CA ILE A 309 23.01 7.44 8.61
C ILE A 309 21.68 7.21 9.35
N ALA A 310 21.01 8.30 9.72
CA ALA A 310 19.84 8.24 10.60
C ALA A 310 18.67 8.98 9.97
N PRO A 311 18.00 8.37 8.98
CA PRO A 311 16.77 8.96 8.45
C PRO A 311 15.55 8.53 9.24
N LYS A 312 14.36 8.96 8.82
CA LYS A 312 13.15 8.58 9.53
C LYS A 312 12.83 7.10 9.29
N ARG A 313 11.89 6.58 10.07
CA ARG A 313 11.52 5.18 9.96
C ARG A 313 10.99 4.83 8.58
N GLU A 314 10.49 5.82 7.82
CA GLU A 314 10.03 5.55 6.47
C GLU A 314 11.17 5.06 5.59
N LYS A 315 12.34 5.68 5.69
CA LYS A 315 13.49 5.31 4.89
C LYS A 315 14.43 4.34 5.60
N THR A 316 14.10 3.94 6.84
CA THR A 316 14.91 3.00 7.60
C THR A 316 14.22 1.64 7.55
N HIS A 317 14.56 0.85 6.54
CA HIS A 317 14.04 -0.50 6.36
C HIS A 317 15.20 -1.48 6.47
N GLY A 318 15.24 -2.23 7.55
CA GLY A 318 16.32 -3.16 7.83
C GLY A 318 16.65 -3.10 9.30
N GLU A 319 17.23 -4.18 9.82
CA GLU A 319 17.55 -4.24 11.24
C GLU A 319 18.88 -3.56 11.55
N VAL A 320 19.91 -3.82 10.75
CA VAL A 320 21.22 -3.22 11.02
C VAL A 320 21.18 -1.70 10.90
N GLU A 321 20.30 -1.15 10.06
CA GLU A 321 20.19 0.29 9.95
C GLU A 321 19.61 0.95 11.20
N ARG A 322 18.97 0.17 12.08
CA ARG A 322 18.52 0.69 13.37
C ARG A 322 19.53 0.45 14.49
N ARG A 323 20.35 -0.60 14.37
CA ARG A 323 21.41 -0.82 15.34
C ARG A 323 22.47 0.26 15.27
N ILE A 324 22.53 1.01 14.18
CA ILE A 324 23.49 2.11 14.02
C ILE A 324 22.93 3.45 14.45
N VAL A 325 21.63 3.55 14.69
CA VAL A 325 21.00 4.79 15.10
C VAL A 325 20.91 4.82 16.63
N SER A 326 20.56 3.69 17.22
CA SER A 326 20.53 3.61 18.68
C SER A 326 21.94 3.71 19.26
N GLN A 327 22.92 3.14 18.58
CA GLN A 327 24.31 3.28 19.02
C GLN A 327 24.73 4.74 19.09
N LEU A 328 24.39 5.51 18.05
CA LEU A 328 24.72 6.94 18.06
C LEU A 328 24.04 7.65 19.21
N LEU A 329 22.75 7.36 19.45
CA LEU A 329 22.04 8.03 20.53
C LEU A 329 22.65 7.71 21.88
N THR A 330 22.96 6.43 22.15
CA THR A 330 23.57 6.08 23.42
C THR A 330 24.98 6.66 23.55
N LEU A 331 25.66 6.91 22.42
CA LEU A 331 26.95 7.58 22.47
C LEU A 331 26.80 9.06 22.81
N MET A 332 25.75 9.71 22.30
CA MET A 332 25.58 11.13 22.56
C MET A 332 25.37 11.39 24.05
N ASP A 333 24.56 10.56 24.70
CA ASP A 333 24.25 10.76 26.12
C ASP A 333 25.42 10.44 27.04
N GLY A 334 26.50 9.87 26.51
CA GLY A 334 27.66 9.56 27.33
C GLY A 334 28.60 10.74 27.47
N LEU A 335 28.14 11.93 27.10
CA LEU A 335 28.94 13.14 27.17
C LEU A 335 28.46 14.12 28.23
N LYS A 336 27.38 13.82 28.95
CA LYS A 336 26.92 14.75 29.97
C LYS A 336 27.98 15.02 31.02
N GLN A 337 28.83 14.02 31.31
CA GLN A 337 29.91 14.22 32.26
C GLN A 337 30.97 15.17 31.72
N ARG A 338 31.24 15.11 30.42
CA ARG A 338 32.29 15.88 29.79
C ARG A 338 31.67 17.02 29.00
N ALA A 339 32.00 18.25 29.36
CA ALA A 339 31.46 19.44 28.70
C ALA A 339 32.42 20.05 27.69
N HIS A 340 33.52 19.37 27.38
CA HIS A 340 34.53 19.89 26.48
C HIS A 340 34.61 19.10 25.17
N VAL A 341 33.54 18.40 24.81
CA VAL A 341 33.43 17.72 23.52
C VAL A 341 32.13 18.18 22.88
N ILE A 342 32.22 18.74 21.67
CA ILE A 342 31.08 19.32 20.99
C ILE A 342 30.90 18.64 19.64
N VAL A 343 29.65 18.46 19.25
CA VAL A 343 29.30 17.76 18.02
C VAL A 343 28.49 18.70 17.14
N MET A 344 28.91 18.84 15.89
CA MET A 344 28.20 19.63 14.89
C MET A 344 27.88 18.74 13.70
N ALA A 345 26.63 18.78 13.26
CA ALA A 345 26.15 17.95 12.17
C ALA A 345 25.53 18.82 11.08
N ALA A 346 25.48 18.28 9.87
CA ALA A 346 25.00 19.01 8.71
C ALA A 346 23.95 18.20 7.98
N THR A 347 22.97 18.89 7.40
CA THR A 347 21.92 18.24 6.62
C THR A 347 21.27 19.30 5.74
N ASN A 348 20.15 18.93 5.11
CA ASN A 348 19.41 19.84 4.25
C ASN A 348 18.23 20.49 4.97
N ARG A 349 17.37 19.67 5.58
CA ARG A 349 16.22 20.14 6.33
C ARG A 349 16.12 19.35 7.62
N PRO A 350 15.48 19.91 8.65
CA PRO A 350 15.48 19.24 9.96
C PRO A 350 14.49 18.09 10.07
N ASN A 351 13.47 18.03 9.21
CA ASN A 351 12.47 16.97 9.30
C ASN A 351 12.85 15.72 8.51
N SER A 352 14.10 15.63 8.05
CA SER A 352 14.59 14.48 7.31
C SER A 352 15.31 13.47 8.19
N ILE A 353 15.30 13.66 9.51
CA ILE A 353 15.99 12.79 10.44
C ILE A 353 15.05 12.44 11.59
N ASP A 354 15.44 11.43 12.35
CA ASP A 354 14.63 10.99 13.47
C ASP A 354 14.51 12.11 14.51
N PRO A 355 13.32 12.42 15.00
CA PRO A 355 13.20 13.49 16.01
C PRO A 355 13.90 13.16 17.31
N ALA A 356 14.20 11.89 17.58
CA ALA A 356 14.89 11.54 18.81
C ALA A 356 16.23 12.24 18.91
N LEU A 357 16.88 12.51 17.78
CA LEU A 357 18.12 13.29 17.80
C LEU A 357 17.86 14.71 18.28
N ARG A 358 16.76 15.32 17.82
CA ARG A 358 16.38 16.65 18.27
C ARG A 358 15.74 16.51 19.65
N ARG A 359 16.53 16.78 20.69
CA ARG A 359 16.09 16.60 22.06
C ARG A 359 16.80 17.62 22.93
N PHE A 360 16.64 17.48 24.25
CA PHE A 360 17.32 18.33 25.21
C PHE A 360 18.54 17.57 25.71
N GLY A 361 19.70 17.86 25.12
CA GLY A 361 20.93 17.19 25.46
C GLY A 361 21.61 16.48 24.30
N ARG A 362 20.96 16.37 23.14
CA ARG A 362 21.54 15.71 21.98
C ARG A 362 21.81 16.67 20.84
N PHE A 363 20.79 17.32 20.31
CA PHE A 363 20.94 18.27 19.19
C PHE A 363 20.01 19.46 19.39
N ASP A 364 20.00 20.02 20.61
CA ASP A 364 19.07 21.09 20.95
C ASP A 364 19.15 22.24 19.96
N ARG A 365 20.36 22.67 19.61
CA ARG A 365 20.53 23.89 18.85
C ARG A 365 20.27 23.65 17.36
N GLU A 366 20.06 24.76 16.64
CA GLU A 366 19.82 24.72 15.21
C GLU A 366 20.35 25.99 14.58
N VAL A 367 20.73 25.90 13.30
CA VAL A 367 21.22 27.05 12.56
C VAL A 367 20.88 26.88 11.08
N ASP A 368 20.26 27.89 10.49
CA ASP A 368 19.90 27.89 9.08
C ASP A 368 20.93 28.70 8.30
N ILE A 369 21.78 28.01 7.54
CA ILE A 369 22.82 28.71 6.77
C ILE A 369 22.19 29.61 5.73
N GLY A 370 21.16 29.10 5.03
CA GLY A 370 20.44 29.93 4.07
C GLY A 370 21.18 30.07 2.75
N ILE A 371 20.94 31.20 2.09
CA ILE A 371 21.51 31.48 0.78
C ILE A 371 22.13 32.89 0.82
N PRO A 372 23.24 33.14 0.13
CA PRO A 372 23.81 34.48 0.12
C PRO A 372 22.96 35.45 -0.69
N ASP A 373 23.37 36.71 -0.65
CA ASP A 373 22.73 37.78 -1.39
C ASP A 373 23.79 38.49 -2.24
N ALA A 374 23.39 39.63 -2.84
CA ALA A 374 24.31 40.36 -3.70
C ALA A 374 25.64 40.62 -3.00
N THR A 375 25.60 41.05 -1.74
CA THR A 375 26.83 41.34 -1.02
C THR A 375 27.64 40.06 -0.78
N GLY A 376 26.97 39.00 -0.32
CA GLY A 376 27.66 37.75 -0.10
C GLY A 376 28.20 37.15 -1.39
N ARG A 377 27.41 37.21 -2.45
CA ARG A 377 27.88 36.72 -3.75
C ARG A 377 29.09 37.50 -4.22
N LEU A 378 29.06 38.82 -4.04
CA LEU A 378 30.22 39.63 -4.42
C LEU A 378 31.44 39.26 -3.60
N GLU A 379 31.26 39.02 -2.30
CA GLU A 379 32.40 38.63 -1.46
C GLU A 379 32.97 37.30 -1.92
N ILE A 380 32.10 36.32 -2.23
CA ILE A 380 32.57 35.04 -2.72
C ILE A 380 33.32 35.20 -4.04
N LEU A 381 32.79 36.05 -4.93
CA LEU A 381 33.50 36.31 -6.19
C LEU A 381 34.87 36.92 -5.93
N GLN A 382 34.95 37.87 -5.00
CA GLN A 382 36.23 38.51 -4.70
C GLN A 382 37.25 37.48 -4.21
N ILE A 383 36.85 36.62 -3.28
CA ILE A 383 37.80 35.62 -2.77
C ILE A 383 38.19 34.66 -3.87
N HIS A 384 37.23 34.20 -4.67
CA HIS A 384 37.53 33.19 -5.67
C HIS A 384 38.47 33.73 -6.76
N THR A 385 38.39 35.02 -7.05
CA THR A 385 39.19 35.63 -8.11
C THR A 385 40.36 36.44 -7.56
N LYS A 386 40.82 36.14 -6.34
CA LYS A 386 41.92 36.89 -5.77
C LYS A 386 43.19 36.74 -6.59
N ASN A 387 43.57 35.50 -6.91
CA ASN A 387 44.75 35.25 -7.72
C ASN A 387 44.44 35.21 -9.21
N MET A 388 43.17 35.29 -9.59
CA MET A 388 42.78 35.30 -11.00
C MET A 388 42.89 36.73 -11.53
N LYS A 389 43.88 36.98 -12.38
CA LYS A 389 44.09 38.32 -12.91
C LYS A 389 42.92 38.71 -13.80
N LEU A 390 42.38 39.90 -13.56
CA LEU A 390 41.31 40.47 -14.38
C LEU A 390 41.79 41.83 -14.88
N ALA A 391 41.87 41.98 -16.20
CA ALA A 391 42.47 43.17 -16.78
C ALA A 391 41.60 44.40 -16.55
N ASP A 392 40.39 44.40 -17.12
CA ASP A 392 39.56 45.59 -17.11
C ASP A 392 38.11 45.18 -17.34
N ASP A 393 37.21 46.13 -17.09
CA ASP A 393 35.78 45.95 -17.33
C ASP A 393 35.26 44.71 -16.63
N VAL A 394 35.66 44.53 -15.37
CA VAL A 394 35.15 43.48 -14.51
C VAL A 394 34.67 44.15 -13.23
N ASP A 395 33.39 44.56 -13.20
CA ASP A 395 32.86 45.27 -12.04
C ASP A 395 32.68 44.32 -10.86
N LEU A 396 32.11 43.14 -11.12
CA LEU A 396 31.73 42.14 -10.12
C LEU A 396 30.56 42.59 -9.26
N GLU A 397 30.07 43.82 -9.43
CA GLU A 397 28.81 44.24 -8.83
C GLU A 397 27.64 43.87 -9.72
N GLN A 398 27.79 44.08 -11.03
CA GLN A 398 26.75 43.63 -11.94
C GLN A 398 26.59 42.13 -11.83
N VAL A 399 27.70 41.39 -11.89
CA VAL A 399 27.63 39.93 -11.92
C VAL A 399 26.82 39.41 -10.73
N ALA A 400 26.97 40.03 -9.57
CA ALA A 400 26.23 39.61 -8.39
C ALA A 400 24.73 39.85 -8.54
N ASN A 401 24.32 40.71 -9.47
CA ASN A 401 22.91 41.04 -9.64
C ASN A 401 22.16 40.06 -10.53
N GLU A 402 22.85 39.46 -11.51
CA GLU A 402 22.23 38.53 -12.44
C GLU A 402 22.36 37.08 -12.00
N THR A 403 22.95 36.84 -10.84
CA THR A 403 23.11 35.49 -10.30
C THR A 403 22.02 35.28 -9.26
N HIS A 404 20.85 34.83 -9.71
CA HIS A 404 19.70 34.60 -8.85
C HIS A 404 19.47 33.09 -8.77
N GLY A 405 20.01 32.46 -7.73
CA GLY A 405 19.87 31.03 -7.53
C GLY A 405 21.19 30.30 -7.50
N HIS A 406 22.28 31.05 -7.35
CA HIS A 406 23.62 30.47 -7.30
C HIS A 406 24.10 30.39 -5.86
N VAL A 407 24.78 29.29 -5.53
CA VAL A 407 25.33 29.08 -4.20
C VAL A 407 26.77 28.59 -4.33
N GLY A 408 27.68 29.24 -3.62
CA GLY A 408 29.01 28.70 -3.41
C GLY A 408 29.66 28.11 -4.64
N ALA A 409 29.80 26.78 -4.62
CA ALA A 409 30.49 26.05 -5.69
C ALA A 409 30.17 26.60 -7.08
N ASP A 410 28.88 26.88 -7.35
CA ASP A 410 28.50 27.32 -8.68
C ASP A 410 29.33 28.50 -9.13
N LEU A 411 29.39 29.56 -8.30
CA LEU A 411 30.20 30.72 -8.64
C LEU A 411 31.64 30.30 -8.91
N ALA A 412 32.21 29.46 -8.05
CA ALA A 412 33.56 28.96 -8.31
C ALA A 412 33.65 28.37 -9.71
N ALA A 413 32.72 27.49 -10.06
CA ALA A 413 32.70 26.93 -11.41
C ALA A 413 32.68 28.05 -12.44
N LEU A 414 31.79 29.03 -12.25
CA LEU A 414 31.77 30.19 -13.13
C LEU A 414 33.17 30.77 -13.29
N CYS A 415 33.83 31.07 -12.17
CA CYS A 415 35.14 31.69 -12.24
C CYS A 415 36.10 30.85 -13.06
N SER A 416 36.00 29.52 -12.95
CA SER A 416 36.85 28.66 -13.76
C SER A 416 36.42 28.70 -15.22
N GLU A 417 35.11 28.56 -15.48
CA GLU A 417 34.65 28.42 -16.85
C GLU A 417 35.05 29.64 -17.67
N ALA A 418 34.74 30.84 -17.17
CA ALA A 418 35.15 32.04 -17.87
C ALA A 418 36.64 32.02 -18.16
N ALA A 419 37.45 31.62 -17.18
CA ALA A 419 38.89 31.55 -17.40
C ALA A 419 39.21 30.64 -18.57
N LEU A 420 38.57 29.47 -18.63
CA LEU A 420 38.77 28.59 -19.78
C LEU A 420 38.36 29.28 -21.07
N GLN A 421 37.24 29.99 -21.05
CA GLN A 421 36.80 30.70 -22.25
C GLN A 421 37.87 31.68 -22.72
N ALA A 422 38.72 32.15 -21.80
CA ALA A 422 39.79 33.06 -22.20
C ALA A 422 40.85 32.33 -23.02
N ILE A 423 41.22 31.12 -22.62
CA ILE A 423 42.31 30.41 -23.27
C ILE A 423 41.80 29.50 -24.37
N ARG A 424 40.65 28.86 -24.18
CA ARG A 424 40.17 27.89 -25.14
C ARG A 424 39.81 28.54 -26.47
N LYS A 425 39.41 29.82 -26.45
CA LYS A 425 38.90 30.44 -27.67
C LYS A 425 40.01 30.80 -28.65
N LYS A 426 41.15 31.29 -28.15
CA LYS A 426 42.22 31.79 -29.01
C LYS A 426 43.55 31.07 -28.82
N MET A 427 43.87 30.62 -27.61
CA MET A 427 45.08 29.86 -27.37
C MET A 427 44.94 28.38 -27.74
N ASP A 428 43.91 28.03 -28.53
CA ASP A 428 43.66 26.63 -28.84
C ASP A 428 44.85 26.02 -29.58
N LEU A 429 45.43 26.75 -30.54
CA LEU A 429 46.53 26.25 -31.34
C LEU A 429 47.86 26.93 -31.05
N ILE A 430 47.85 28.07 -30.35
CA ILE A 430 49.10 28.77 -30.07
C ILE A 430 49.99 27.96 -29.13
N ASP A 431 49.39 27.29 -28.15
CA ASP A 431 50.13 26.59 -27.11
C ASP A 431 50.38 25.12 -27.44
N LEU A 432 50.06 24.68 -28.65
CA LEU A 432 50.23 23.27 -28.99
C LEU A 432 51.70 22.89 -29.03
N GLU A 433 52.46 23.50 -29.94
CA GLU A 433 53.85 23.11 -30.17
C GLU A 433 54.83 24.26 -30.27
N ASP A 434 54.36 25.52 -30.35
CA ASP A 434 55.28 26.63 -30.53
C ASP A 434 56.22 26.77 -29.34
N GLU A 435 55.72 26.57 -28.14
CA GLU A 435 56.51 26.72 -26.93
C GLU A 435 56.12 25.67 -25.91
N THR A 436 56.99 25.47 -24.92
CA THR A 436 56.68 24.63 -23.78
C THR A 436 55.85 25.44 -22.79
N ILE A 437 55.67 24.92 -21.57
CA ILE A 437 54.92 25.65 -20.55
C ILE A 437 55.75 26.84 -20.09
N ASP A 438 55.12 28.01 -20.07
CA ASP A 438 55.78 29.24 -19.65
C ASP A 438 54.81 30.11 -18.88
N ALA A 439 55.36 31.00 -18.06
CA ALA A 439 54.56 31.93 -17.27
C ALA A 439 54.26 33.23 -17.98
N GLU A 440 55.13 33.66 -18.91
CA GLU A 440 54.90 34.90 -19.64
C GLU A 440 53.65 34.87 -20.49
N VAL A 441 53.10 33.68 -20.76
CA VAL A 441 51.80 33.58 -21.44
C VAL A 441 50.66 33.50 -20.44
N MET A 442 50.86 32.80 -19.32
CA MET A 442 49.79 32.63 -18.35
C MET A 442 49.50 33.92 -17.62
N ASN A 443 50.54 34.61 -17.14
CA ASN A 443 50.33 35.86 -16.41
C ASN A 443 49.92 36.99 -17.35
N SER A 444 50.51 37.05 -18.54
CA SER A 444 50.15 38.09 -19.49
C SER A 444 48.68 38.00 -19.90
N LEU A 445 48.13 36.78 -19.93
CA LEU A 445 46.74 36.61 -20.29
C LEU A 445 45.82 37.17 -19.21
N ALA A 446 44.63 37.60 -19.63
CA ALA A 446 43.67 38.25 -18.75
C ALA A 446 42.29 37.65 -18.96
N VAL A 447 41.33 38.14 -18.19
CA VAL A 447 39.93 37.70 -18.26
C VAL A 447 39.06 38.93 -18.41
N THR A 448 38.13 38.90 -19.36
CA THR A 448 37.29 40.04 -19.71
C THR A 448 35.86 39.79 -19.28
N MET A 449 34.99 40.77 -19.60
CA MET A 449 33.58 40.66 -19.25
C MET A 449 32.84 39.71 -20.18
N ASP A 450 33.25 39.65 -21.46
CA ASP A 450 32.56 38.78 -22.40
C ASP A 450 32.67 37.31 -21.98
N ASP A 451 33.82 36.91 -21.43
CA ASP A 451 33.96 35.55 -20.94
C ASP A 451 32.95 35.27 -19.82
N PHE A 452 32.81 36.21 -18.89
CA PHE A 452 31.84 36.04 -17.82
C PHE A 452 30.42 35.99 -18.36
N ARG A 453 30.12 36.81 -19.36
CA ARG A 453 28.78 36.80 -19.95
C ARG A 453 28.48 35.45 -20.60
N TRP A 454 29.43 34.93 -21.38
CA TRP A 454 29.22 33.64 -22.02
C TRP A 454 29.10 32.53 -20.99
N ALA A 455 29.89 32.58 -19.93
CA ALA A 455 29.83 31.53 -18.91
C ALA A 455 28.51 31.58 -18.14
N LEU A 456 28.06 32.80 -17.78
CA LEU A 456 26.84 32.93 -17.00
C LEU A 456 25.60 32.62 -17.83
N SER A 457 25.55 33.14 -19.06
CA SER A 457 24.35 32.98 -19.87
C SER A 457 24.23 31.57 -20.43
N GLN A 458 25.34 30.97 -20.82
CA GLN A 458 25.29 29.71 -21.56
C GLN A 458 25.10 28.51 -20.64
N SER A 459 26.03 28.28 -19.73
CA SER A 459 26.15 27.01 -19.02
C SER A 459 26.12 27.22 -17.51
N ASN A 460 25.11 27.95 -17.04
CA ASN A 460 24.88 28.13 -15.61
C ASN A 460 23.43 27.82 -15.28
N PRO A 461 23.05 26.53 -15.24
CA PRO A 461 21.74 26.15 -14.70
C PRO A 461 21.77 26.17 -13.17
N SER A 462 21.09 27.15 -12.59
CA SER A 462 21.08 27.27 -11.13
C SER A 462 20.44 26.05 -10.50
N ALA A 463 20.95 25.68 -9.33
CA ALA A 463 20.49 24.51 -8.59
C ALA A 463 19.47 24.85 -7.51
N LEU A 464 18.95 26.07 -7.50
CA LEU A 464 18.05 26.55 -6.45
C LEU A 464 16.67 26.79 -7.00
N ARG A 465 15.65 26.34 -6.26
CA ARG A 465 14.26 26.69 -6.52
C ARG A 465 13.51 26.99 -5.23
N GLU A 466 14.21 27.12 -4.10
CA GLU A 466 13.59 27.32 -2.81
C GLU A 466 13.27 28.80 -2.59
N THR A 467 12.51 29.07 -1.54
CA THR A 467 12.14 30.43 -1.19
C THR A 467 13.36 31.19 -0.66
N VAL A 468 13.26 32.52 -0.69
CA VAL A 468 14.35 33.39 -0.29
C VAL A 468 13.85 34.31 0.82
N VAL A 469 14.66 34.46 1.86
CA VAL A 469 14.36 35.33 3.00
C VAL A 469 15.50 36.33 3.08
N GLU A 470 15.29 37.53 2.54
CA GLU A 470 16.33 38.57 2.55
C GLU A 470 15.65 39.92 2.41
N VAL A 471 16.36 40.95 2.85
CA VAL A 471 15.82 42.32 2.79
C VAL A 471 15.81 42.79 1.34
N PRO A 472 14.76 43.46 0.88
CA PRO A 472 14.74 43.96 -0.50
C PRO A 472 15.50 45.29 -0.60
N GLN A 473 15.47 45.86 -1.80
CA GLN A 473 16.16 47.12 -2.08
C GLN A 473 15.20 48.28 -2.39
N VAL A 474 13.91 48.01 -2.54
CA VAL A 474 12.97 49.07 -2.92
C VAL A 474 12.86 50.08 -1.79
N THR A 475 13.03 51.36 -2.12
CA THR A 475 12.91 52.43 -1.16
C THR A 475 11.51 53.07 -1.25
N TRP A 476 11.23 53.95 -0.29
CA TRP A 476 9.93 54.64 -0.29
C TRP A 476 9.77 55.52 -1.53
N GLU A 477 10.87 56.15 -1.97
CA GLU A 477 10.77 57.11 -3.07
C GLU A 477 10.24 56.47 -4.34
N ASP A 478 10.48 55.18 -4.54
CA ASP A 478 9.99 54.52 -5.75
C ASP A 478 8.48 54.59 -5.84
N ILE A 479 7.79 54.67 -4.70
CA ILE A 479 6.34 54.78 -4.68
C ILE A 479 5.97 56.26 -4.64
N GLY A 480 4.78 56.57 -5.13
CA GLY A 480 4.31 57.94 -5.23
C GLY A 480 3.11 58.18 -4.33
N GLY A 481 3.15 59.29 -3.60
CA GLY A 481 2.06 59.68 -2.74
C GLY A 481 1.87 58.69 -1.60
N LEU A 482 0.62 58.63 -1.11
CA LEU A 482 0.23 57.72 -0.03
C LEU A 482 0.95 58.04 1.28
N GLU A 483 1.18 59.33 1.55
CA GLU A 483 1.91 59.71 2.76
C GLU A 483 1.18 59.21 4.01
N ASP A 484 -0.15 59.31 4.03
CA ASP A 484 -0.90 58.82 5.19
C ASP A 484 -0.72 57.31 5.34
N VAL A 485 -0.70 56.58 4.23
CA VAL A 485 -0.50 55.14 4.31
C VAL A 485 0.87 54.82 4.90
N LYS A 486 1.90 55.55 4.48
CA LYS A 486 3.24 55.32 5.02
C LYS A 486 3.29 55.67 6.50
N ARG A 487 2.63 56.75 6.91
CA ARG A 487 2.57 57.09 8.32
C ARG A 487 1.90 56.00 9.12
N GLU A 488 0.79 55.46 8.61
CA GLU A 488 0.11 54.36 9.29
C GLU A 488 1.01 53.13 9.39
N LEU A 489 1.72 52.81 8.31
CA LEU A 489 2.63 51.67 8.33
C LEU A 489 3.71 51.85 9.37
N GLN A 490 4.29 53.05 9.45
CA GLN A 490 5.29 53.31 10.48
C GLN A 490 4.70 53.18 11.87
N GLU A 491 3.47 53.67 12.06
CA GLU A 491 2.82 53.57 13.37
C GLU A 491 2.60 52.11 13.75
N LEU A 492 2.30 51.25 12.77
CA LEU A 492 1.97 49.87 13.06
C LEU A 492 3.22 49.01 13.22
N VAL A 493 4.11 49.03 12.24
CA VAL A 493 5.24 48.10 12.21
C VAL A 493 6.45 48.68 12.92
N GLN A 494 6.72 49.97 12.76
CA GLN A 494 7.98 50.55 13.25
C GLN A 494 7.92 50.99 14.70
N TYR A 495 6.75 51.43 15.18
CA TYR A 495 6.70 51.96 16.55
C TYR A 495 7.00 50.90 17.59
N PRO A 496 6.36 49.72 17.59
CA PRO A 496 6.56 48.78 18.71
C PRO A 496 8.00 48.33 18.89
N VAL A 497 8.76 48.19 17.81
CA VAL A 497 10.13 47.70 17.93
C VAL A 497 10.99 48.67 18.74
N GLU A 498 10.66 49.96 18.71
CA GLU A 498 11.45 50.97 19.37
C GLU A 498 10.92 51.35 20.75
N HIS A 499 9.62 51.19 21.00
CA HIS A 499 9.02 51.56 22.27
C HIS A 499 8.10 50.45 22.79
N PRO A 500 8.65 49.27 23.07
CA PRO A 500 7.83 48.23 23.71
C PRO A 500 7.34 48.65 25.08
N ASP A 501 8.16 49.39 25.84
CA ASP A 501 7.77 49.81 27.17
C ASP A 501 6.61 50.79 27.13
N LYS A 502 6.56 51.66 26.12
CA LYS A 502 5.43 52.58 25.99
C LYS A 502 4.13 51.80 25.72
N PHE A 503 4.19 50.78 24.86
CA PHE A 503 3.02 49.96 24.61
C PHE A 503 2.58 49.23 25.88
N LEU A 504 3.54 48.69 26.63
CA LEU A 504 3.20 47.98 27.87
C LEU A 504 2.60 48.93 28.90
N LYS A 505 3.10 50.17 28.95
CA LYS A 505 2.70 51.09 30.01
C LYS A 505 1.20 51.33 30.02
N PHE A 506 0.60 51.47 28.83
CA PHE A 506 -0.84 51.70 28.74
C PHE A 506 -1.64 50.40 28.73
N GLY A 507 -1.02 49.27 29.06
CA GLY A 507 -1.74 48.01 29.08
C GLY A 507 -2.29 47.63 27.73
N MET A 508 -1.45 47.73 26.70
CA MET A 508 -1.89 47.56 25.32
C MET A 508 -1.25 46.32 24.71
N THR A 509 -1.98 45.69 23.78
CA THR A 509 -1.49 44.57 23.00
C THR A 509 -1.51 44.94 21.52
N PRO A 510 -0.36 45.08 20.86
CA PRO A 510 -0.36 45.55 19.48
C PRO A 510 -0.95 44.53 18.52
N SER A 511 -1.47 45.03 17.41
CA SER A 511 -1.99 44.16 16.37
C SER A 511 -0.85 43.48 15.62
N LYS A 512 -1.20 42.41 14.88
CA LYS A 512 -0.21 41.62 14.16
C LYS A 512 -0.67 41.28 12.74
N GLY A 513 -1.51 42.13 12.14
CA GLY A 513 -1.98 41.86 10.79
C GLY A 513 -2.59 43.09 10.16
N VAL A 514 -2.68 43.05 8.84
CA VAL A 514 -3.29 44.13 8.06
C VAL A 514 -3.57 43.60 6.67
N LEU A 515 -4.66 44.09 6.08
CA LEU A 515 -5.12 43.62 4.78
C LEU A 515 -5.24 44.80 3.82
N PHE A 516 -4.62 44.67 2.65
CA PHE A 516 -4.74 45.65 1.59
C PHE A 516 -5.81 45.19 0.60
N TYR A 517 -6.68 46.13 0.21
CA TYR A 517 -7.70 45.84 -0.80
C TYR A 517 -7.85 47.04 -1.72
N GLY A 518 -7.86 46.78 -3.02
CA GLY A 518 -7.98 47.81 -4.01
C GLY A 518 -7.92 47.26 -5.42
N PRO A 519 -8.05 48.13 -6.42
CA PRO A 519 -8.03 47.68 -7.81
C PRO A 519 -6.64 47.18 -8.21
N PRO A 520 -6.55 46.38 -9.26
CA PRO A 520 -5.26 45.81 -9.64
C PRO A 520 -4.27 46.86 -10.11
N GLY A 521 -2.99 46.55 -9.93
CA GLY A 521 -1.93 47.41 -10.44
C GLY A 521 -1.93 48.82 -9.88
N CYS A 522 -2.13 48.95 -8.56
CA CYS A 522 -2.11 50.25 -7.90
C CYS A 522 -1.00 50.39 -6.88
N GLY A 523 -0.07 49.43 -6.82
CA GLY A 523 1.09 49.56 -5.96
C GLY A 523 0.92 48.96 -4.59
N LYS A 524 0.51 47.70 -4.52
CA LYS A 524 0.39 46.99 -3.25
C LYS A 524 1.57 46.07 -2.97
N THR A 525 2.22 45.55 -4.00
CA THR A 525 3.38 44.68 -3.80
C THR A 525 4.62 45.46 -3.40
N LEU A 526 4.70 46.75 -3.74
CA LEU A 526 5.90 47.53 -3.42
C LEU A 526 5.94 47.92 -1.96
N LEU A 527 4.78 48.19 -1.35
CA LEU A 527 4.76 48.64 0.03
C LEU A 527 5.34 47.59 0.97
N ALA A 528 5.01 46.32 0.74
CA ALA A 528 5.51 45.26 1.60
C ALA A 528 7.04 45.19 1.57
N LYS A 529 7.65 45.59 0.46
CA LYS A 529 9.11 45.61 0.36
C LYS A 529 9.70 46.90 0.89
N ALA A 530 9.03 48.04 0.65
CA ALA A 530 9.54 49.31 1.16
C ALA A 530 9.54 49.34 2.68
N ILE A 531 8.49 48.80 3.31
CA ILE A 531 8.43 48.80 4.77
C ILE A 531 9.58 47.98 5.34
N ALA A 532 9.85 46.81 4.74
CA ALA A 532 10.96 46.00 5.21
C ALA A 532 12.30 46.68 4.96
N ASN A 533 12.44 47.36 3.82
CA ASN A 533 13.67 48.07 3.53
C ASN A 533 13.94 49.15 4.57
N GLU A 534 12.89 49.85 5.00
CA GLU A 534 13.06 50.89 6.01
C GLU A 534 13.31 50.30 7.39
N CYS A 535 12.60 49.22 7.74
CA CYS A 535 12.75 48.58 9.05
C CYS A 535 13.99 47.70 9.14
N GLN A 536 14.67 47.41 8.03
CA GLN A 536 15.82 46.51 8.02
C GLN A 536 15.42 45.12 8.55
N ALA A 537 14.44 44.54 7.89
CA ALA A 537 13.93 43.22 8.25
C ALA A 537 13.76 42.38 6.99
N ASN A 538 13.87 41.06 7.15
CA ASN A 538 13.69 40.17 6.03
C ASN A 538 12.22 40.09 5.64
N ALA A 539 11.98 39.69 4.38
CA ALA A 539 10.63 39.60 3.85
C ALA A 539 10.48 38.31 3.06
N ILE A 540 9.27 37.75 3.11
CA ILE A 540 8.92 36.54 2.37
C ILE A 540 7.65 36.83 1.58
N SER A 541 7.66 36.45 0.30
CA SER A 541 6.55 36.69 -0.59
C SER A 541 6.01 35.36 -1.11
N ILE A 542 4.68 35.23 -1.11
CA ILE A 542 4.01 34.02 -1.57
C ILE A 542 2.91 34.41 -2.53
N LYS A 543 2.84 33.72 -3.67
CA LYS A 543 1.89 34.03 -4.73
C LYS A 543 0.69 33.08 -4.67
N GLY A 544 -0.39 33.49 -5.35
CA GLY A 544 -1.59 32.69 -5.44
C GLY A 544 -1.39 31.34 -6.09
N PRO A 545 -0.58 31.23 -7.15
CA PRO A 545 -0.31 29.90 -7.72
C PRO A 545 0.17 28.88 -6.70
N GLU A 546 0.95 29.29 -5.71
CA GLU A 546 1.36 28.35 -4.66
C GLU A 546 0.17 27.85 -3.86
N LEU A 547 -0.77 28.75 -3.53
CA LEU A 547 -1.96 28.34 -2.81
C LEU A 547 -2.80 27.36 -3.62
N LEU A 548 -2.91 27.59 -4.93
CA LEU A 548 -3.63 26.66 -5.78
C LEU A 548 -2.89 25.34 -5.91
N THR A 549 -1.56 25.36 -5.90
CA THR A 549 -0.80 24.11 -5.89
C THR A 549 -1.11 23.31 -4.63
N MET A 550 -1.16 23.99 -3.48
CA MET A 550 -1.53 23.29 -2.25
C MET A 550 -2.97 22.79 -2.30
N TRP A 551 -3.89 23.58 -2.86
CA TRP A 551 -5.29 23.18 -2.92
C TRP A 551 -5.49 21.95 -3.80
N PHE A 552 -4.88 21.94 -4.99
CA PHE A 552 -5.00 20.80 -5.88
C PHE A 552 -4.18 19.61 -5.38
N GLY A 553 -2.96 19.86 -4.91
CA GLY A 553 -2.15 18.80 -4.34
C GLY A 553 -2.58 18.36 -2.96
N GLU A 554 -3.49 19.11 -2.32
CA GLU A 554 -3.99 18.76 -1.00
C GLU A 554 -2.86 18.56 0.00
N SER A 555 -1.90 19.47 -0.04
CA SER A 555 -0.73 19.46 0.85
C SER A 555 -0.71 20.80 1.60
N GLU A 556 -1.43 20.85 2.72
CA GLU A 556 -1.43 22.04 3.57
C GLU A 556 -0.32 22.01 4.60
N ALA A 557 0.38 20.89 4.74
CA ALA A 557 1.48 20.84 5.71
C ALA A 557 2.56 21.85 5.38
N ASN A 558 2.75 22.15 4.10
CA ASN A 558 3.78 23.12 3.71
C ASN A 558 3.57 24.45 4.42
N VAL A 559 2.33 24.80 4.74
CA VAL A 559 2.07 26.06 5.44
C VAL A 559 2.91 26.14 6.70
N ARG A 560 2.95 25.05 7.47
CA ARG A 560 3.77 25.03 8.67
C ARG A 560 5.20 25.44 8.33
N GLU A 561 5.80 24.78 7.33
CA GLU A 561 7.16 25.13 6.93
C GLU A 561 7.27 26.62 6.66
N ILE A 562 6.29 27.18 5.96
CA ILE A 562 6.35 28.61 5.64
C ILE A 562 6.46 29.42 6.92
N PHE A 563 5.58 29.14 7.90
CA PHE A 563 5.65 29.88 9.15
C PHE A 563 6.94 29.60 9.89
N ASP A 564 7.50 28.39 9.72
CA ASP A 564 8.80 28.10 10.33
C ASP A 564 9.88 28.99 9.77
N LYS A 565 9.75 29.41 8.51
CA LYS A 565 10.70 30.35 7.93
C LYS A 565 10.46 31.78 8.38
N ALA A 566 9.32 32.06 9.01
CA ALA A 566 9.04 33.38 9.56
C ALA A 566 9.32 33.45 11.06
N ARG A 567 9.78 32.36 11.68
CA ARG A 567 10.10 32.34 13.09
C ARG A 567 11.60 32.33 13.36
N GLN A 568 12.40 31.73 12.47
CA GLN A 568 13.85 31.70 12.63
C GLN A 568 14.55 32.85 11.93
N ALA A 569 13.80 33.74 11.27
CA ALA A 569 14.38 34.89 10.58
C ALA A 569 13.81 36.20 11.12
N ALA A 570 13.38 36.20 12.38
CA ALA A 570 12.81 37.41 12.97
C ALA A 570 13.90 38.45 13.19
N PRO A 571 13.56 39.74 13.09
CA PRO A 571 12.25 40.30 12.70
C PRO A 571 12.03 40.20 11.19
N CYS A 572 10.80 40.00 10.74
CA CYS A 572 10.54 39.82 9.32
C CYS A 572 9.10 40.21 9.02
N VAL A 573 8.74 40.17 7.74
CA VAL A 573 7.39 40.47 7.28
C VAL A 573 6.94 39.34 6.37
N LEU A 574 5.73 38.85 6.59
CA LEU A 574 5.14 37.77 5.80
C LEU A 574 4.04 38.34 4.93
N PHE A 575 4.08 38.04 3.64
CA PHE A 575 3.17 38.63 2.66
C PHE A 575 2.40 37.54 1.93
N PHE A 576 1.08 37.65 1.96
CA PHE A 576 0.19 36.81 1.17
C PHE A 576 -0.57 37.70 0.20
N ASP A 577 -0.60 37.31 -1.07
CA ASP A 577 -1.31 38.07 -2.10
C ASP A 577 -2.16 37.11 -2.93
N GLU A 578 -3.08 37.69 -3.69
CA GLU A 578 -4.05 36.91 -4.46
C GLU A 578 -4.77 35.92 -3.56
N LEU A 579 -5.18 36.40 -2.38
CA LEU A 579 -5.85 35.53 -1.40
C LEU A 579 -7.19 35.03 -1.93
N ASP A 580 -7.81 35.77 -2.85
CA ASP A 580 -9.10 35.38 -3.39
C ASP A 580 -9.02 34.25 -4.40
N SER A 581 -7.82 33.80 -4.75
CA SER A 581 -7.67 32.83 -5.83
C SER A 581 -8.50 31.58 -5.59
N ILE A 582 -8.40 31.01 -4.39
CA ILE A 582 -9.13 29.78 -4.10
C ILE A 582 -10.64 30.02 -4.16
N ALA A 583 -11.11 31.11 -3.57
CA ALA A 583 -12.52 31.45 -3.66
C ALA A 583 -12.95 31.72 -5.08
N LYS A 584 -12.03 32.14 -5.95
CA LYS A 584 -12.34 32.33 -7.35
C LYS A 584 -12.46 31.00 -8.08
N ALA A 585 -11.60 30.04 -7.73
CA ALA A 585 -11.55 28.79 -8.48
C ALA A 585 -12.87 28.04 -8.42
N ARG A 586 -13.41 27.83 -7.21
CA ARG A 586 -14.66 27.09 -7.05
C ARG A 586 -15.82 28.07 -7.23
N GLY A 587 -16.43 28.03 -8.40
CA GLY A 587 -17.54 28.91 -8.71
C GLY A 587 -17.09 30.35 -8.84
N GLY A 588 -18.08 31.23 -9.05
CA GLY A 588 -17.81 32.65 -9.19
C GLY A 588 -17.54 33.32 -7.87
N ASN A 589 -17.97 34.58 -7.73
CA ASN A 589 -17.76 35.29 -6.47
C ASN A 589 -18.49 34.59 -5.33
N ILE A 590 -19.79 34.29 -5.51
CA ILE A 590 -20.52 33.53 -4.51
C ILE A 590 -19.99 32.12 -4.42
N GLY A 591 -19.58 31.54 -5.55
CA GLY A 591 -19.10 30.18 -5.57
C GLY A 591 -20.23 29.19 -5.77
N ASP A 592 -19.89 27.92 -5.57
CA ASP A 592 -20.88 26.85 -5.59
C ASP A 592 -21.65 26.89 -4.27
N GLY A 593 -22.44 25.85 -4.01
CA GLY A 593 -23.19 25.82 -2.75
C GLY A 593 -22.32 26.05 -1.55
N GLY A 594 -21.15 25.42 -1.51
CA GLY A 594 -20.21 25.58 -0.41
C GLY A 594 -20.02 27.01 0.02
N GLY A 595 -19.74 27.24 1.30
CA GLY A 595 -19.57 28.57 1.83
C GLY A 595 -18.24 29.19 1.45
N ALA A 596 -17.71 30.05 2.31
CA ALA A 596 -16.46 30.77 2.05
C ALA A 596 -15.27 30.11 2.72
N ALA A 597 -15.44 28.92 3.29
CA ALA A 597 -14.36 28.21 3.96
C ALA A 597 -13.74 27.17 3.04
N ASP A 598 -12.47 26.89 3.26
CA ASP A 598 -11.73 25.91 2.48
C ASP A 598 -10.70 25.24 3.38
N ARG A 599 -9.93 24.33 2.79
CA ARG A 599 -8.96 23.54 3.53
C ARG A 599 -7.59 24.19 3.62
N VAL A 600 -7.40 25.37 3.03
CA VAL A 600 -6.12 26.04 3.05
C VAL A 600 -6.14 27.31 3.91
N ILE A 601 -7.28 27.99 4.02
CA ILE A 601 -7.35 29.15 4.91
C ILE A 601 -7.55 28.71 6.35
N ASN A 602 -8.17 27.55 6.57
CA ASN A 602 -8.31 27.02 7.92
C ASN A 602 -6.95 26.81 8.56
N GLN A 603 -6.01 26.23 7.81
CA GLN A 603 -4.67 26.02 8.33
C GLN A 603 -3.98 27.35 8.61
N ILE A 604 -4.19 28.34 7.75
CA ILE A 604 -3.58 29.65 7.96
C ILE A 604 -4.08 30.26 9.26
N LEU A 605 -5.39 30.19 9.50
CA LEU A 605 -5.93 30.70 10.76
C LEU A 605 -5.38 29.92 11.95
N THR A 606 -5.28 28.60 11.82
CA THR A 606 -4.76 27.80 12.92
C THR A 606 -3.34 28.20 13.26
N GLU A 607 -2.50 28.42 12.24
CA GLU A 607 -1.12 28.84 12.50
C GLU A 607 -1.07 30.27 13.06
N MET A 608 -1.95 31.14 12.59
CA MET A 608 -1.96 32.51 13.09
C MET A 608 -2.30 32.56 14.57
N ASP A 609 -3.35 31.84 14.97
CA ASP A 609 -3.78 31.89 16.37
C ASP A 609 -2.75 31.30 17.31
N GLY A 610 -1.97 30.32 16.85
CA GLY A 610 -0.96 29.70 17.68
C GLY A 610 0.40 30.36 17.54
N MET A 611 0.46 31.68 17.71
CA MET A 611 1.68 32.43 17.53
C MET A 611 1.73 33.55 18.57
N SER A 612 2.91 33.72 19.18
CA SER A 612 3.08 34.74 20.20
C SER A 612 3.16 36.13 19.58
N THR A 613 2.75 37.13 20.35
CA THR A 613 2.89 38.51 19.88
C THR A 613 4.36 38.90 19.73
N LYS A 614 5.23 38.30 20.55
CA LYS A 614 6.64 38.59 20.47
C LYS A 614 7.24 38.01 19.19
N LYS A 615 8.55 38.19 19.03
CA LYS A 615 9.35 37.77 17.88
C LYS A 615 9.17 38.71 16.69
N ASN A 616 8.30 39.71 16.79
CA ASN A 616 8.18 40.75 15.78
C ASN A 616 7.97 40.16 14.38
N VAL A 617 6.89 39.39 14.24
CA VAL A 617 6.48 38.84 12.95
C VAL A 617 5.18 39.52 12.53
N PHE A 618 5.22 40.22 11.40
CA PHE A 618 4.07 40.91 10.86
C PHE A 618 3.55 40.19 9.63
N ILE A 619 2.24 40.26 9.42
CA ILE A 619 1.57 39.57 8.32
C ILE A 619 0.75 40.58 7.55
N ILE A 620 0.84 40.54 6.22
CA ILE A 620 0.12 41.43 5.33
C ILE A 620 -0.57 40.62 4.27
N GLY A 621 -1.84 40.94 4.01
CA GLY A 621 -2.61 40.29 2.97
C GLY A 621 -3.07 41.29 1.93
N ALA A 622 -3.18 40.82 0.69
CA ALA A 622 -3.61 41.67 -0.42
C ALA A 622 -4.67 40.95 -1.23
N THR A 623 -5.57 41.73 -1.82
CA THR A 623 -6.66 41.19 -2.62
C THR A 623 -7.34 42.33 -3.34
N ASN A 624 -8.26 41.98 -4.24
CA ASN A 624 -9.11 42.95 -4.92
C ASN A 624 -10.58 42.55 -4.89
N ARG A 625 -10.93 41.52 -4.14
CA ARG A 625 -12.31 41.05 -4.01
C ARG A 625 -12.61 40.81 -2.53
N PRO A 626 -12.72 41.87 -1.73
CA PRO A 626 -12.95 41.68 -0.29
C PRO A 626 -14.23 40.93 0.04
N ASP A 627 -15.26 41.07 -0.80
CA ASP A 627 -16.57 40.53 -0.45
C ASP A 627 -16.53 39.02 -0.27
N ILE A 628 -15.80 38.31 -1.15
CA ILE A 628 -15.83 36.86 -1.14
C ILE A 628 -14.98 36.28 -0.02
N ILE A 629 -14.04 37.05 0.52
CA ILE A 629 -13.14 36.50 1.53
C ILE A 629 -13.92 36.11 2.78
N ASP A 630 -13.44 35.07 3.46
CA ASP A 630 -14.11 34.57 4.65
C ASP A 630 -14.16 35.67 5.72
N PRO A 631 -15.33 36.00 6.26
CA PRO A 631 -15.38 37.03 7.32
C PRO A 631 -14.69 36.62 8.61
N ALA A 632 -14.37 35.34 8.78
CA ALA A 632 -13.73 34.88 10.00
C ALA A 632 -12.26 35.24 10.08
N ILE A 633 -11.66 35.72 8.98
CA ILE A 633 -10.26 36.11 8.99
C ILE A 633 -10.05 37.56 9.41
N LEU A 634 -11.13 38.33 9.57
CA LEU A 634 -11.06 39.71 10.01
C LEU A 634 -11.47 39.89 11.46
N ARG A 635 -11.58 38.78 12.21
CA ARG A 635 -11.81 38.84 13.64
C ARG A 635 -10.54 39.33 14.34
N PRO A 636 -10.66 39.77 15.61
CA PRO A 636 -9.47 40.26 16.30
C PRO A 636 -8.50 39.11 16.59
N GLY A 637 -7.22 39.45 16.65
CA GLY A 637 -6.19 38.43 16.60
C GLY A 637 -5.91 37.92 15.21
N ARG A 638 -6.48 38.57 14.19
CA ARG A 638 -6.29 38.20 12.79
C ARG A 638 -6.16 39.50 12.01
N LEU A 639 -6.30 39.44 10.69
CA LEU A 639 -6.12 40.62 9.85
C LEU A 639 -7.27 41.58 10.16
N ASP A 640 -7.11 42.28 11.29
CA ASP A 640 -8.18 43.14 11.78
C ASP A 640 -8.24 44.45 11.00
N GLN A 641 -7.09 45.09 10.77
CA GLN A 641 -7.06 46.41 10.17
C GLN A 641 -7.09 46.31 8.65
N LEU A 642 -7.87 47.19 8.03
CA LEU A 642 -8.06 47.23 6.59
C LEU A 642 -7.64 48.58 6.04
N ILE A 643 -7.00 48.56 4.88
CA ILE A 643 -6.54 49.77 4.20
C ILE A 643 -6.99 49.71 2.75
N TYR A 644 -7.44 50.85 2.23
CA TYR A 644 -7.95 50.96 0.86
C TYR A 644 -6.92 51.70 0.02
N ILE A 645 -6.33 51.00 -0.95
CA ILE A 645 -5.35 51.57 -1.86
C ILE A 645 -6.10 52.09 -3.09
N PRO A 646 -6.18 53.40 -3.31
CA PRO A 646 -6.92 53.92 -4.45
C PRO A 646 -6.03 54.16 -5.66
N LEU A 647 -6.68 54.50 -6.77
CA LEU A 647 -5.94 54.86 -7.97
C LEU A 647 -5.19 56.17 -7.75
N PRO A 648 -4.00 56.32 -8.34
CA PRO A 648 -3.21 57.54 -8.09
C PRO A 648 -3.87 58.77 -8.69
N ASP A 649 -3.61 59.91 -8.06
CA ASP A 649 -4.04 61.20 -8.56
C ASP A 649 -3.00 61.77 -9.53
N GLU A 650 -3.40 62.81 -10.25
CA GLU A 650 -2.53 63.37 -11.29
C GLU A 650 -1.15 63.69 -10.75
N LYS A 651 -1.07 64.27 -9.55
CA LYS A 651 0.23 64.52 -8.94
C LYS A 651 0.95 63.19 -8.68
N SER A 652 0.23 62.21 -8.14
CA SER A 652 0.81 60.87 -8.00
C SER A 652 1.18 60.31 -9.36
N ARG A 653 0.41 60.61 -10.41
CA ARG A 653 0.72 60.07 -11.73
C ARG A 653 2.05 60.61 -12.22
N VAL A 654 2.31 61.91 -12.06
CA VAL A 654 3.61 62.45 -12.45
C VAL A 654 4.71 61.86 -11.58
N ALA A 655 4.43 61.62 -10.30
CA ALA A 655 5.42 60.99 -9.45
C ALA A 655 5.80 59.59 -9.97
N ILE A 656 4.79 58.79 -10.33
CA ILE A 656 5.06 57.46 -10.86
C ILE A 656 5.80 57.54 -12.19
N LEU A 657 5.44 58.52 -13.03
CA LEU A 657 6.15 58.69 -14.28
C LEU A 657 7.62 58.96 -14.02
N LYS A 658 7.92 59.87 -13.10
CA LYS A 658 9.31 60.15 -12.77
C LYS A 658 10.01 58.89 -12.26
N ALA A 659 9.33 58.15 -11.37
CA ALA A 659 9.93 56.96 -10.79
C ALA A 659 10.31 55.96 -11.87
N ASN A 660 9.40 55.71 -12.81
CA ASN A 660 9.66 54.72 -13.85
C ASN A 660 10.72 55.23 -14.84
N LEU A 661 10.67 56.52 -15.19
CA LEU A 661 11.54 57.04 -16.24
C LEU A 661 12.94 57.38 -15.75
N ARG A 662 13.17 57.45 -14.43
CA ARG A 662 14.46 57.94 -13.95
C ARG A 662 15.64 57.10 -14.45
N LYS A 663 15.42 55.81 -14.74
CA LYS A 663 16.51 54.92 -15.10
C LYS A 663 16.64 54.73 -16.61
N SER A 664 16.34 55.76 -17.39
CA SER A 664 16.53 55.70 -18.84
C SER A 664 16.84 57.10 -19.35
N PRO A 665 17.56 57.22 -20.47
CA PRO A 665 17.73 58.54 -21.08
C PRO A 665 16.47 58.96 -21.82
N VAL A 666 15.71 59.90 -21.24
CA VAL A 666 14.38 60.21 -21.75
C VAL A 666 14.17 61.70 -21.87
N ALA A 667 15.25 62.49 -21.88
CA ALA A 667 15.12 63.93 -22.07
C ALA A 667 14.40 64.19 -23.38
N LYS A 668 13.38 65.05 -23.34
CA LYS A 668 12.47 65.19 -24.45
C LYS A 668 11.85 66.58 -24.45
N ASP A 669 11.31 66.96 -25.61
CA ASP A 669 10.55 68.20 -25.69
C ASP A 669 9.29 68.13 -24.86
N VAL A 670 8.60 66.98 -24.90
CA VAL A 670 7.38 66.82 -24.11
C VAL A 670 7.74 66.76 -22.63
N ASP A 671 6.72 66.95 -21.78
CA ASP A 671 6.87 66.94 -20.34
C ASP A 671 5.91 65.92 -19.73
N LEU A 672 6.37 65.26 -18.67
CA LEU A 672 5.52 64.26 -18.00
C LEU A 672 4.30 64.92 -17.37
N GLU A 673 4.45 66.17 -16.90
CA GLU A 673 3.30 66.90 -16.37
C GLU A 673 2.21 67.03 -17.42
N PHE A 674 2.59 67.21 -18.69
CA PHE A 674 1.61 67.23 -19.75
C PHE A 674 0.89 65.89 -19.87
N LEU A 675 1.64 64.79 -19.78
CA LEU A 675 1.04 63.47 -19.94
C LEU A 675 0.05 63.17 -18.82
N ALA A 676 0.42 63.50 -17.59
CA ALA A 676 -0.39 63.07 -16.44
C ALA A 676 -1.81 63.64 -16.51
N LYS A 677 -1.94 64.93 -16.82
CA LYS A 677 -3.26 65.55 -16.82
C LYS A 677 -4.16 64.91 -17.88
N MET A 678 -3.59 64.46 -18.98
CA MET A 678 -4.39 63.78 -20.01
C MET A 678 -4.89 62.44 -19.51
N THR A 679 -4.07 61.72 -18.74
CA THR A 679 -4.50 60.45 -18.17
C THR A 679 -5.59 60.67 -17.13
N ASN A 680 -6.54 59.75 -17.08
CA ASN A 680 -7.65 59.83 -16.14
C ASN A 680 -8.02 58.42 -15.72
N GLY A 681 -7.73 58.07 -14.47
CA GLY A 681 -8.00 56.74 -13.97
C GLY A 681 -6.96 55.70 -14.33
N PHE A 682 -5.90 56.08 -15.06
CA PHE A 682 -4.86 55.13 -15.42
C PHE A 682 -4.25 54.53 -14.17
N SER A 683 -4.16 53.20 -14.14
CA SER A 683 -3.53 52.51 -13.02
C SER A 683 -2.00 52.56 -13.19
N GLY A 684 -1.30 52.21 -12.10
CA GLY A 684 0.15 52.22 -12.14
C GLY A 684 0.72 51.29 -13.18
N ALA A 685 0.01 50.20 -13.49
CA ALA A 685 0.48 49.27 -14.52
C ALA A 685 0.55 49.93 -15.88
N ASP A 686 -0.43 50.78 -16.20
CA ASP A 686 -0.44 51.45 -17.50
C ASP A 686 0.71 52.42 -17.64
N LEU A 687 1.17 53.02 -16.54
CA LEU A 687 2.24 54.00 -16.58
C LEU A 687 3.62 53.38 -16.68
N THR A 688 3.75 52.07 -16.43
CA THR A 688 4.99 51.35 -16.69
C THR A 688 4.97 50.63 -18.02
N GLU A 689 3.94 50.86 -18.83
CA GLU A 689 3.82 50.29 -20.17
C GLU A 689 4.09 51.32 -21.27
N ILE A 690 3.76 52.59 -21.02
CA ILE A 690 4.05 53.63 -22.01
C ILE A 690 5.54 53.73 -22.25
N CYS A 691 6.32 53.76 -21.16
CA CYS A 691 7.76 53.87 -21.30
C CYS A 691 8.34 52.68 -22.05
N GLN A 692 7.86 51.48 -21.75
CA GLN A 692 8.34 50.29 -22.43
C GLN A 692 8.09 50.38 -23.93
N ARG A 693 6.88 50.76 -24.32
CA ARG A 693 6.55 50.84 -25.75
C ARG A 693 7.36 51.93 -26.44
N ALA A 694 7.50 53.09 -25.80
CA ALA A 694 8.28 54.18 -26.41
C ALA A 694 9.73 53.79 -26.59
N CYS A 695 10.32 53.17 -25.57
CA CYS A 695 11.70 52.72 -25.69
C CYS A 695 11.84 51.63 -26.75
N LYS A 696 10.81 50.78 -26.89
CA LYS A 696 10.84 49.78 -27.95
C LYS A 696 10.85 50.43 -29.32
N LEU A 697 10.02 51.45 -29.52
CA LEU A 697 10.04 52.18 -30.78
C LEU A 697 11.41 52.79 -31.03
N ALA A 698 11.98 53.42 -30.01
CA ALA A 698 13.27 54.08 -30.18
C ALA A 698 14.37 53.07 -30.52
N ILE A 699 14.39 51.94 -29.83
CA ILE A 699 15.42 50.94 -30.09
C ILE A 699 15.22 50.31 -31.46
N ARG A 700 13.98 50.11 -31.89
CA ARG A 700 13.76 49.60 -33.24
C ARG A 700 14.30 50.57 -34.28
N GLU A 701 14.04 51.87 -34.09
CA GLU A 701 14.57 52.86 -35.02
C GLU A 701 16.09 52.84 -35.03
N SER A 702 16.70 52.75 -33.84
CA SER A 702 18.15 52.71 -33.75
C SER A 702 18.72 51.49 -34.48
N ILE A 703 18.10 50.33 -34.28
CA ILE A 703 18.58 49.11 -34.92
C ILE A 703 18.46 49.22 -36.44
N GLU A 704 17.33 49.73 -36.92
CA GLU A 704 17.15 49.89 -38.36
C GLU A 704 18.20 50.84 -38.94
N SER A 705 18.44 51.97 -38.26
CA SER A 705 19.45 52.90 -38.73
C SER A 705 20.82 52.25 -38.76
N GLU A 706 21.17 51.50 -37.70
CA GLU A 706 22.48 50.87 -37.65
C GLU A 706 22.65 49.86 -38.76
N ILE A 707 21.64 49.02 -38.99
CA ILE A 707 21.78 48.02 -40.05
C ILE A 707 21.90 48.69 -41.41
N ARG A 708 21.06 49.70 -41.69
CA ARG A 708 21.15 50.37 -42.97
C ARG A 708 22.51 51.04 -43.16
N ARG A 709 23.03 51.69 -42.11
CA ARG A 709 24.32 52.36 -42.22
C ARG A 709 25.44 51.35 -42.44
N GLU A 710 25.46 50.26 -41.67
CA GLU A 710 26.49 49.25 -41.84
C GLU A 710 26.40 48.57 -43.20
N ARG A 711 25.21 48.51 -43.80
CA ARG A 711 25.06 47.86 -45.09
C ARG A 711 25.40 48.76 -46.26
N GLU A 712 25.06 50.05 -46.19
CA GLU A 712 25.13 50.91 -47.37
C GLU A 712 26.56 51.05 -47.90
N ARG A 713 27.50 51.42 -47.02
CA ARG A 713 28.82 51.78 -47.52
C ARG A 713 29.60 50.56 -48.02
N GLN A 714 29.34 49.38 -47.46
CA GLN A 714 30.03 48.18 -47.92
C GLN A 714 29.37 47.57 -49.14
N THR A 715 28.02 47.55 -49.19
CA THR A 715 27.34 47.16 -50.42
C THR A 715 27.66 48.15 -51.53
N ASN A 716 27.76 49.44 -51.20
CA ASN A 716 28.23 50.44 -52.13
C ASN A 716 29.75 50.33 -52.30
N PRO A 717 30.30 50.72 -53.47
CA PRO A 717 31.76 50.70 -53.61
C PRO A 717 32.45 51.80 -52.82
N SER A 718 32.25 51.81 -51.51
CA SER A 718 32.90 52.76 -50.61
C SER A 718 33.67 51.95 -49.56
N ALA A 719 34.99 51.98 -49.65
CA ALA A 719 35.82 51.12 -48.81
C ALA A 719 35.65 51.46 -47.33
N MET A 720 35.72 52.74 -46.98
CA MET A 720 35.72 53.15 -45.58
C MET A 720 34.98 54.46 -45.43
N GLU A 721 33.87 54.42 -44.69
CA GLU A 721 33.14 55.62 -44.28
C GLU A 721 32.79 55.48 -42.82
N VAL A 722 33.09 56.51 -42.03
CA VAL A 722 32.92 56.48 -40.58
C VAL A 722 31.95 57.58 -40.18
N GLU A 723 30.89 57.20 -39.47
CA GLU A 723 29.98 58.15 -38.85
C GLU A 723 29.15 57.41 -37.83
N GLU A 724 29.21 57.84 -36.56
CA GLU A 724 28.50 57.14 -35.49
C GLU A 724 27.86 58.12 -34.53
N ASP A 725 27.46 59.30 -35.01
CA ASP A 725 26.67 60.20 -34.18
C ASP A 725 25.35 59.51 -33.84
N ASP A 726 25.16 59.20 -32.57
CA ASP A 726 24.05 58.34 -32.14
C ASP A 726 22.72 58.88 -32.66
N PRO A 727 22.10 58.22 -33.64
CA PRO A 727 20.79 58.69 -34.12
C PRO A 727 19.70 58.63 -33.07
N VAL A 728 19.81 57.73 -32.09
CA VAL A 728 18.79 57.55 -31.07
C VAL A 728 19.46 57.57 -29.70
N PRO A 729 19.95 58.72 -29.24
CA PRO A 729 20.57 58.76 -27.91
C PRO A 729 19.57 58.87 -26.78
N GLU A 730 18.34 59.32 -27.04
CA GLU A 730 17.34 59.52 -26.01
C GLU A 730 15.97 59.26 -26.63
N ILE A 731 14.94 59.32 -25.79
CA ILE A 731 13.56 59.16 -26.22
C ILE A 731 13.00 60.55 -26.46
N ARG A 732 12.61 60.82 -27.70
CA ARG A 732 12.12 62.14 -28.09
C ARG A 732 10.60 62.18 -27.98
N ARG A 733 10.03 63.36 -28.27
CA ARG A 733 8.59 63.52 -28.13
C ARG A 733 7.83 62.62 -29.11
N ASP A 734 8.40 62.37 -30.28
CA ASP A 734 7.69 61.59 -31.29
C ASP A 734 7.39 60.18 -30.79
N HIS A 735 8.37 59.54 -30.15
CA HIS A 735 8.14 58.19 -29.64
C HIS A 735 7.01 58.17 -28.62
N PHE A 736 7.00 59.14 -27.70
CA PHE A 736 5.94 59.19 -26.70
C PHE A 736 4.59 59.45 -27.35
N GLU A 737 4.55 60.32 -28.36
CA GLU A 737 3.30 60.60 -29.05
C GLU A 737 2.76 59.35 -29.73
N GLU A 738 3.65 58.59 -30.38
CA GLU A 738 3.22 57.34 -31.01
C GLU A 738 2.72 56.34 -29.97
N ALA A 739 3.43 56.24 -28.85
CA ALA A 739 3.03 55.28 -27.82
C ALA A 739 1.70 55.66 -27.18
N MET A 740 1.42 56.95 -27.03
CA MET A 740 0.19 57.38 -26.37
C MET A 740 -1.05 56.89 -27.11
N ARG A 741 -0.94 56.63 -28.41
CA ARG A 741 -2.09 56.16 -29.18
C ARG A 741 -2.35 54.68 -29.00
N PHE A 742 -1.38 53.92 -28.49
CA PHE A 742 -1.50 52.48 -28.35
C PHE A 742 -1.94 52.04 -26.95
N ALA A 743 -2.21 52.99 -26.06
CA ALA A 743 -2.54 52.68 -24.67
C ALA A 743 -3.82 53.38 -24.26
N ARG A 744 -4.60 52.72 -23.42
CA ARG A 744 -5.84 53.27 -22.88
C ARG A 744 -6.01 52.77 -21.45
N ARG A 745 -7.17 53.01 -20.87
CA ARG A 745 -7.45 52.56 -19.52
C ARG A 745 -7.60 51.04 -19.48
N SER A 746 -7.38 50.47 -18.29
CA SER A 746 -7.46 49.03 -18.08
C SER A 746 -8.44 48.67 -16.96
N VAL A 747 -9.35 49.57 -16.62
CA VAL A 747 -10.35 49.33 -15.58
C VAL A 747 -11.66 49.97 -16.04
N SER A 748 -12.75 49.62 -15.33
CA SER A 748 -14.06 50.16 -15.63
C SER A 748 -14.59 50.91 -14.41
N ASP A 749 -15.47 51.87 -14.68
CA ASP A 749 -16.05 52.66 -13.59
C ASP A 749 -16.76 51.76 -12.58
N ASN A 750 -17.42 50.71 -13.06
CA ASN A 750 -18.18 49.84 -12.18
C ASN A 750 -17.32 49.30 -11.05
N ASP A 751 -16.05 48.99 -11.35
CA ASP A 751 -15.15 48.51 -10.31
C ASP A 751 -14.92 49.57 -9.25
N ILE A 752 -14.76 50.83 -9.66
CA ILE A 752 -14.58 51.91 -8.70
C ILE A 752 -15.84 52.09 -7.87
N ARG A 753 -17.01 51.95 -8.49
CA ARG A 753 -18.26 52.03 -7.75
C ARG A 753 -18.34 50.93 -6.69
N LYS A 754 -17.95 49.71 -7.07
CA LYS A 754 -17.93 48.62 -6.11
C LYS A 754 -16.98 48.92 -4.96
N TYR A 755 -15.79 49.43 -5.27
CA TYR A 755 -14.81 49.69 -4.23
C TYR A 755 -15.29 50.78 -3.27
N GLU A 756 -15.90 51.85 -3.80
CA GLU A 756 -16.40 52.89 -2.91
C GLU A 756 -17.61 52.43 -2.11
N MET A 757 -18.47 51.60 -2.71
CA MET A 757 -19.59 51.06 -1.97
C MET A 757 -19.12 50.19 -0.81
N PHE A 758 -18.04 49.43 -1.02
CA PHE A 758 -17.48 48.68 0.09
C PHE A 758 -16.80 49.59 1.10
N ALA A 759 -16.15 50.66 0.63
CA ALA A 759 -15.48 51.59 1.55
C ALA A 759 -16.47 52.33 2.43
N GLN A 760 -17.72 52.48 1.97
CA GLN A 760 -18.75 53.13 2.78
C GLN A 760 -19.55 52.12 3.59
N THR A 761 -19.90 50.97 3.01
CA THR A 761 -20.72 50.00 3.71
C THR A 761 -20.03 49.42 4.94
N LEU A 762 -18.71 49.60 5.06
CA LEU A 762 -18.03 49.21 6.28
C LEU A 762 -18.57 49.98 7.48
N GLN A 763 -19.22 51.12 7.25
CA GLN A 763 -19.87 51.89 8.30
C GLN A 763 -20.84 50.98 9.06
N GLN A 764 -20.55 50.72 10.33
CA GLN A 764 -21.38 49.85 11.17
C GLN A 764 -21.46 48.43 10.60
N SER A 765 -20.42 48.00 9.88
CA SER A 765 -20.37 46.67 9.31
C SER A 765 -19.63 45.66 10.17
N ARG A 766 -19.14 46.08 11.34
CA ARG A 766 -18.40 45.19 12.23
C ARG A 766 -19.26 44.00 12.64
N ASN B 21 53.86 26.40 -39.81
CA ASN B 21 55.09 26.97 -40.35
C ASN B 21 56.32 26.42 -39.62
N ARG B 22 56.10 25.49 -38.71
CA ARG B 22 57.19 24.89 -37.97
C ARG B 22 58.17 24.27 -38.96
N PRO B 23 59.48 24.51 -38.82
CA PRO B 23 60.43 24.02 -39.83
C PRO B 23 60.30 22.53 -40.09
N ASN B 24 59.96 21.75 -39.07
CA ASN B 24 59.74 20.32 -39.22
C ASN B 24 58.27 19.99 -39.46
N ARG B 25 57.52 20.95 -40.03
CA ARG B 25 56.12 20.77 -40.36
C ARG B 25 56.05 20.55 -41.87
N LEU B 26 55.89 19.30 -42.28
CA LEU B 26 55.82 18.93 -43.68
C LEU B 26 54.79 17.84 -43.87
N ILE B 27 54.18 17.81 -45.04
CA ILE B 27 53.13 16.85 -45.37
C ILE B 27 53.75 15.53 -45.80
N VAL B 28 52.93 14.49 -45.92
CA VAL B 28 53.34 13.20 -46.46
C VAL B 28 52.50 12.91 -47.70
N ASP B 29 53.13 12.23 -48.66
CA ASP B 29 52.49 11.97 -49.95
C ASP B 29 52.85 10.55 -50.38
N GLU B 30 52.57 10.23 -51.64
CA GLU B 30 52.61 8.85 -52.12
C GLU B 30 53.99 8.23 -51.90
N ALA B 31 54.05 6.92 -52.08
CA ALA B 31 55.29 6.16 -51.94
C ALA B 31 55.32 5.05 -52.98
N ILE B 32 56.54 4.60 -53.27
CA ILE B 32 56.75 3.61 -54.32
C ILE B 32 57.55 2.40 -53.86
N ASN B 33 58.34 2.48 -52.80
CA ASN B 33 59.02 1.32 -52.26
C ASN B 33 58.07 0.55 -51.34
N GLU B 34 57.91 -0.75 -51.61
CA GLU B 34 56.92 -1.56 -50.91
C GLU B 34 57.43 -2.12 -49.58
N ASP B 35 58.74 -2.14 -49.37
CA ASP B 35 59.31 -2.54 -48.08
C ASP B 35 59.30 -1.32 -47.17
N ASN B 36 58.29 -1.24 -46.29
CA ASN B 36 58.11 -0.05 -45.46
C ASN B 36 59.30 0.23 -44.57
N SER B 37 60.26 -0.70 -44.46
CA SER B 37 61.50 -0.41 -43.75
C SER B 37 62.10 0.91 -44.18
N VAL B 38 61.84 1.32 -45.43
CA VAL B 38 62.40 2.55 -45.94
C VAL B 38 61.71 3.75 -45.29
N VAL B 39 62.51 4.76 -44.97
CA VAL B 39 62.00 6.05 -44.53
C VAL B 39 62.59 7.11 -45.46
N SER B 40 61.75 8.03 -45.92
CA SER B 40 62.12 8.88 -47.04
C SER B 40 63.05 10.00 -46.59
N LEU B 41 63.31 10.92 -47.53
CA LEU B 41 64.12 12.10 -47.28
C LEU B 41 63.65 13.21 -48.21
N SER B 42 64.13 14.42 -47.94
CA SER B 42 63.91 15.56 -48.83
C SER B 42 65.06 16.52 -48.57
N GLN B 43 66.03 16.53 -49.48
CA GLN B 43 67.27 17.27 -49.30
C GLN B 43 67.00 18.68 -48.79
N PRO B 44 66.04 19.41 -49.37
CA PRO B 44 65.68 20.71 -48.78
C PRO B 44 65.29 20.62 -47.32
N LYS B 45 64.65 19.53 -46.92
CA LYS B 45 64.32 19.33 -45.51
C LYS B 45 65.44 18.68 -44.72
N MET B 46 66.22 17.81 -45.37
CA MET B 46 67.35 17.17 -44.68
C MET B 46 68.36 18.22 -44.22
N ASP B 47 68.70 19.16 -45.11
CA ASP B 47 69.65 20.21 -44.75
C ASP B 47 69.24 20.92 -43.47
N GLU B 48 67.95 21.12 -43.26
CA GLU B 48 67.47 21.67 -41.99
C GLU B 48 67.52 20.63 -40.88
N LEU B 49 67.61 19.34 -41.23
CA LEU B 49 67.66 18.26 -40.27
C LEU B 49 69.10 17.81 -40.04
N GLN B 50 69.27 16.99 -39.01
CA GLN B 50 70.51 16.25 -38.78
C GLN B 50 70.36 14.77 -39.11
N LEU B 51 69.39 14.43 -39.96
CA LEU B 51 69.09 13.03 -40.25
C LEU B 51 70.34 12.31 -40.77
N PHE B 52 70.69 11.23 -40.10
CA PHE B 52 71.78 10.35 -40.51
C PHE B 52 71.21 9.09 -41.14
N ARG B 53 72.05 8.43 -41.93
CA ARG B 53 71.68 7.17 -42.56
C ARG B 53 72.11 6.00 -41.67
N GLY B 54 71.31 4.94 -41.70
CA GLY B 54 71.60 3.79 -40.87
C GLY B 54 70.37 3.00 -40.48
N ASP B 55 70.19 2.80 -39.18
CA ASP B 55 69.16 1.90 -38.68
C ASP B 55 67.82 2.62 -38.50
N THR B 56 67.79 3.68 -37.71
CA THR B 56 66.56 4.16 -37.11
C THR B 56 66.48 5.68 -37.12
N VAL B 57 65.26 6.17 -37.32
CA VAL B 57 64.91 7.57 -37.08
C VAL B 57 63.60 7.58 -36.30
N LEU B 58 63.55 8.38 -35.24
CA LEU B 58 62.37 8.47 -34.40
C LEU B 58 61.39 9.44 -35.06
N LEU B 59 60.34 8.91 -35.67
CA LEU B 59 59.34 9.76 -36.31
C LEU B 59 58.06 9.74 -35.49
N LYS B 60 57.31 10.84 -35.61
CA LYS B 60 56.16 11.10 -34.76
C LYS B 60 55.00 11.56 -35.62
N GLY B 61 53.86 10.90 -35.47
CA GLY B 61 52.64 11.27 -36.17
C GLY B 61 51.54 11.70 -35.21
N LYS B 62 50.58 10.82 -34.96
CA LYS B 62 49.42 11.14 -34.13
C LYS B 62 49.13 10.06 -33.11
N LYS B 63 48.36 10.45 -32.09
CA LYS B 63 47.84 9.53 -31.07
C LYS B 63 48.91 8.57 -30.58
N ARG B 64 50.14 9.07 -30.47
CA ARG B 64 51.24 8.45 -29.74
C ARG B 64 51.85 7.25 -30.46
N ARG B 65 51.29 6.81 -31.59
CA ARG B 65 51.88 5.70 -32.33
C ARG B 65 53.06 6.20 -33.16
N GLU B 66 53.87 5.26 -33.63
CA GLU B 66 55.11 5.60 -34.33
C GLU B 66 55.50 4.44 -35.24
N ALA B 67 56.55 4.66 -36.04
CA ALA B 67 57.11 3.61 -36.89
C ALA B 67 58.54 4.04 -37.23
N VAL B 68 59.52 3.34 -36.69
CA VAL B 68 60.94 3.70 -36.82
C VAL B 68 61.65 2.61 -37.60
N CYS B 69 62.50 3.00 -38.54
CA CYS B 69 63.20 2.05 -39.39
C CYS B 69 64.23 2.80 -40.23
N ILE B 70 64.89 2.06 -41.12
CA ILE B 70 65.93 2.63 -41.96
C ILE B 70 65.36 3.77 -42.81
N VAL B 71 66.26 4.64 -43.29
CA VAL B 71 65.87 5.93 -43.82
C VAL B 71 66.57 6.20 -45.16
N LEU B 72 66.09 7.24 -45.83
CA LEU B 72 66.77 7.94 -46.92
C LEU B 72 66.77 7.20 -48.25
N SER B 73 65.81 6.33 -48.52
CA SER B 73 65.69 5.70 -49.84
C SER B 73 64.62 6.42 -50.67
N ASP B 74 64.88 7.69 -50.97
CA ASP B 74 63.89 8.56 -51.58
C ASP B 74 64.60 9.72 -52.27
N ASP B 75 63.86 10.81 -52.51
CA ASP B 75 64.31 11.96 -53.29
C ASP B 75 64.10 11.71 -54.78
N THR B 76 63.36 10.65 -55.12
CA THR B 76 62.89 10.49 -56.49
C THR B 76 61.88 11.56 -56.85
N CYS B 77 61.11 12.02 -55.86
CA CYS B 77 60.07 13.03 -56.08
C CYS B 77 60.57 14.40 -55.66
N SER B 78 59.68 15.39 -55.68
CA SER B 78 60.00 16.74 -55.28
C SER B 78 60.16 16.81 -53.77
N ASP B 79 60.35 18.03 -53.27
CA ASP B 79 60.52 18.30 -51.86
C ASP B 79 59.21 18.83 -51.27
N GLU B 80 59.29 19.30 -50.02
CA GLU B 80 58.17 19.83 -49.25
C GLU B 80 57.25 18.72 -48.74
N LYS B 81 57.50 17.47 -49.08
CA LYS B 81 56.68 16.36 -48.65
C LYS B 81 57.56 15.15 -48.40
N ILE B 82 57.07 14.24 -47.55
CA ILE B 82 57.80 13.05 -47.16
C ILE B 82 57.12 11.84 -47.81
N ARG B 83 57.93 10.88 -48.25
CA ARG B 83 57.43 9.65 -48.82
C ARG B 83 57.49 8.55 -47.78
N MET B 84 56.53 7.63 -47.84
CA MET B 84 56.51 6.51 -46.92
C MET B 84 55.52 5.45 -47.38
N ASN B 85 55.93 4.18 -47.34
CA ASN B 85 55.03 3.09 -47.70
C ASN B 85 53.64 3.32 -47.13
N ARG B 86 52.65 3.34 -48.01
CA ARG B 86 51.31 3.81 -47.65
C ARG B 86 50.76 3.15 -46.39
N VAL B 87 51.36 2.05 -45.93
CA VAL B 87 50.90 1.42 -44.71
C VAL B 87 50.90 2.37 -43.52
N VAL B 88 51.65 3.47 -43.60
CA VAL B 88 51.76 4.40 -42.48
C VAL B 88 50.55 5.32 -42.42
N ARG B 89 49.60 5.14 -43.33
CA ARG B 89 48.32 5.83 -43.23
C ARG B 89 47.31 5.04 -42.42
N ASN B 90 47.46 3.72 -42.34
CA ASN B 90 46.61 2.94 -41.46
C ASN B 90 47.25 2.79 -40.09
N ASN B 91 48.53 2.47 -40.05
CA ASN B 91 49.32 2.53 -38.82
C ASN B 91 49.98 3.90 -38.73
N LEU B 92 50.01 4.43 -37.51
CA LEU B 92 50.65 5.70 -37.15
C LEU B 92 49.88 6.91 -37.65
N ARG B 93 48.85 6.74 -38.46
CA ARG B 93 48.11 7.86 -39.04
C ARG B 93 46.79 7.32 -39.57
N VAL B 94 46.06 8.15 -40.31
CA VAL B 94 44.82 7.75 -40.94
C VAL B 94 44.85 8.08 -42.43
N ARG B 95 45.16 9.34 -42.76
CA ARG B 95 44.96 9.81 -44.12
C ARG B 95 45.85 11.04 -44.35
N LEU B 96 45.76 11.62 -45.55
CA LEU B 96 46.51 12.82 -45.90
C LEU B 96 46.20 13.96 -44.92
N GLY B 97 46.99 15.02 -45.03
CA GLY B 97 46.88 16.17 -44.18
C GLY B 97 47.73 16.12 -42.92
N ASP B 98 48.13 14.92 -42.50
CA ASP B 98 49.00 14.78 -41.34
C ASP B 98 50.36 15.40 -41.64
N VAL B 99 51.20 15.45 -40.61
CA VAL B 99 52.51 16.07 -40.72
C VAL B 99 53.50 15.21 -39.94
N ILE B 100 54.45 14.61 -40.65
CA ILE B 100 55.50 13.82 -40.02
C ILE B 100 56.39 14.73 -39.22
N SER B 101 56.88 14.24 -38.10
CA SER B 101 57.95 14.91 -37.36
C SER B 101 59.06 13.87 -37.14
N ILE B 102 60.07 13.90 -38.00
CA ILE B 102 61.09 12.86 -38.06
C ILE B 102 62.36 13.44 -37.47
N GLN B 103 62.66 13.06 -36.21
CA GLN B 103 63.90 13.41 -35.54
C GLN B 103 64.65 12.11 -35.26
N PRO B 104 65.92 11.98 -35.64
CA PRO B 104 66.60 10.70 -35.45
C PRO B 104 66.96 10.45 -33.98
N CYS B 105 67.07 9.17 -33.65
CA CYS B 105 67.57 8.73 -32.35
C CYS B 105 68.41 7.49 -32.57
N PRO B 106 69.51 7.61 -33.32
CA PRO B 106 70.24 6.41 -33.75
C PRO B 106 71.04 5.76 -32.64
N ASP B 107 71.84 4.76 -32.98
CA ASP B 107 72.66 4.02 -32.02
C ASP B 107 71.80 3.51 -30.87
N VAL B 108 70.82 2.69 -31.24
CA VAL B 108 69.93 2.07 -30.27
C VAL B 108 70.44 0.68 -29.95
N LYS B 109 70.10 0.18 -28.76
CA LYS B 109 70.58 -1.12 -28.33
C LYS B 109 70.08 -2.21 -29.29
N TYR B 110 70.66 -3.39 -29.14
CA TYR B 110 70.29 -4.58 -29.90
C TYR B 110 69.90 -5.67 -28.92
N GLY B 111 68.60 -5.87 -28.72
CA GLY B 111 68.13 -6.88 -27.80
C GLY B 111 68.43 -8.28 -28.30
N LYS B 112 67.81 -9.29 -27.70
CA LYS B 112 67.99 -10.65 -28.18
C LYS B 112 67.24 -10.85 -29.49
N ARG B 113 65.93 -10.72 -29.47
CA ARG B 113 65.15 -10.79 -30.70
C ARG B 113 63.86 -10.02 -30.48
N ILE B 114 63.30 -9.51 -31.56
CA ILE B 114 62.26 -8.49 -31.51
C ILE B 114 60.98 -9.09 -32.09
N HIS B 115 60.18 -9.70 -31.22
CA HIS B 115 58.77 -10.01 -31.43
C HIS B 115 58.49 -10.53 -32.85
N VAL B 116 59.01 -11.71 -33.12
CA VAL B 116 58.83 -12.35 -34.42
C VAL B 116 57.49 -13.07 -34.40
N LEU B 117 56.44 -12.43 -34.92
CA LEU B 117 55.16 -13.12 -35.12
C LEU B 117 54.26 -12.37 -36.09
N PRO B 118 53.82 -12.99 -37.17
CA PRO B 118 52.76 -12.42 -38.00
C PRO B 118 51.39 -12.65 -37.37
N ILE B 119 50.36 -12.14 -38.03
CA ILE B 119 49.03 -12.08 -37.43
C ILE B 119 47.92 -12.69 -38.28
N ASP B 120 47.74 -12.20 -39.51
CA ASP B 120 46.48 -12.44 -40.21
C ASP B 120 46.48 -13.71 -41.08
N ASP B 121 47.35 -13.76 -42.08
CA ASP B 121 47.23 -14.78 -43.12
C ASP B 121 48.15 -15.97 -42.92
N THR B 122 49.27 -15.79 -42.23
CA THR B 122 50.24 -16.88 -42.10
C THR B 122 49.65 -18.16 -41.56
N VAL B 123 48.44 -18.11 -40.99
CA VAL B 123 47.76 -19.34 -40.57
C VAL B 123 47.13 -20.05 -41.76
N GLU B 124 46.68 -19.31 -42.77
CA GLU B 124 46.01 -19.89 -43.92
C GLU B 124 47.03 -20.43 -44.90
N GLY B 125 47.00 -21.74 -45.12
CA GLY B 125 47.98 -22.40 -45.96
C GLY B 125 49.01 -23.15 -45.14
N ILE B 126 50.14 -23.44 -45.79
CA ILE B 126 51.25 -24.09 -45.10
C ILE B 126 51.78 -23.13 -44.04
N THR B 127 51.68 -23.54 -42.78
CA THR B 127 52.18 -22.72 -41.68
C THR B 127 53.68 -22.94 -41.45
N GLY B 128 54.14 -24.19 -41.56
CA GLY B 128 55.54 -24.47 -41.35
C GLY B 128 55.99 -24.04 -39.97
N ASN B 129 57.13 -23.36 -39.91
CA ASN B 129 57.65 -22.81 -38.66
C ASN B 129 57.37 -21.33 -38.50
N LEU B 130 56.79 -20.69 -39.52
CA LEU B 130 56.43 -19.27 -39.55
C LEU B 130 57.64 -18.35 -39.56
N PHE B 131 58.87 -18.88 -39.49
CA PHE B 131 60.08 -18.08 -39.59
C PHE B 131 60.89 -18.38 -40.85
N GLU B 132 61.25 -19.65 -41.05
CA GLU B 132 62.10 -20.07 -42.15
C GLU B 132 61.34 -20.27 -43.44
N VAL B 133 60.14 -19.73 -43.59
CA VAL B 133 59.31 -19.96 -44.78
C VAL B 133 59.21 -18.72 -45.65
N TYR B 134 58.87 -17.58 -45.06
CA TYR B 134 58.56 -16.38 -45.85
C TYR B 134 59.40 -15.16 -45.51
N LEU B 135 59.68 -14.90 -44.23
CA LEU B 135 60.30 -13.64 -43.84
C LEU B 135 61.83 -13.71 -43.83
N LYS B 136 62.42 -14.89 -43.85
CA LYS B 136 63.87 -15.00 -43.76
C LYS B 136 64.62 -14.21 -44.84
N PRO B 137 64.08 -13.98 -46.04
CA PRO B 137 64.81 -13.18 -47.03
C PRO B 137 64.70 -11.67 -46.84
N TYR B 138 64.21 -11.19 -45.69
CA TYR B 138 64.04 -9.77 -45.46
C TYR B 138 65.17 -9.17 -44.62
N PHE B 139 65.37 -9.69 -43.42
CA PHE B 139 66.39 -9.13 -42.52
C PHE B 139 67.74 -9.66 -42.96
N LEU B 140 68.36 -8.93 -43.90
CA LEU B 140 69.68 -9.28 -44.44
C LEU B 140 70.45 -7.96 -44.53
N GLU B 141 71.20 -7.67 -43.46
CA GLU B 141 71.88 -6.41 -43.22
C GLU B 141 70.92 -5.31 -42.79
N ALA B 142 69.61 -5.55 -42.83
CA ALA B 142 68.61 -4.71 -42.19
C ALA B 142 67.93 -5.59 -41.16
N TYR B 143 68.56 -5.71 -40.00
CA TYR B 143 68.11 -6.66 -38.98
C TYR B 143 67.02 -6.01 -38.12
N ARG B 144 65.86 -5.86 -38.73
CA ARG B 144 64.65 -5.42 -38.05
C ARG B 144 64.85 -4.13 -37.25
N PRO B 145 65.34 -3.05 -37.88
CA PRO B 145 65.24 -1.75 -37.22
C PRO B 145 63.79 -1.32 -37.23
N ILE B 146 63.12 -1.50 -36.09
CA ILE B 146 61.66 -1.51 -36.05
C ILE B 146 61.23 -1.11 -34.65
N ARG B 147 60.03 -0.54 -34.55
CA ARG B 147 59.42 -0.19 -33.28
C ARG B 147 58.35 -1.22 -32.93
N LYS B 148 57.96 -1.24 -31.66
CA LYS B 148 56.96 -2.18 -31.17
C LYS B 148 55.57 -1.58 -31.39
N GLY B 149 54.78 -2.27 -32.20
CA GLY B 149 53.50 -1.78 -32.68
C GLY B 149 53.46 -1.53 -34.16
N ASP B 150 54.59 -1.66 -34.85
CA ASP B 150 54.64 -1.41 -36.28
C ASP B 150 54.06 -2.58 -37.05
N ILE B 151 53.39 -2.28 -38.15
CA ILE B 151 52.72 -3.28 -38.97
C ILE B 151 52.90 -2.90 -40.44
N PHE B 152 53.34 -3.86 -41.25
CA PHE B 152 53.62 -3.60 -42.65
C PHE B 152 53.51 -4.91 -43.42
N LEU B 153 53.42 -4.78 -44.74
CA LEU B 153 53.19 -5.92 -45.63
C LEU B 153 54.52 -6.60 -45.94
N VAL B 154 54.59 -7.91 -45.67
CA VAL B 154 55.79 -8.69 -45.93
C VAL B 154 55.40 -10.13 -46.20
N ARG B 155 55.84 -10.68 -47.34
CA ARG B 155 55.57 -12.07 -47.65
C ARG B 155 56.62 -12.61 -48.62
N GLY B 156 56.70 -13.94 -48.66
CA GLY B 156 57.47 -14.65 -49.65
C GLY B 156 56.52 -15.26 -50.67
N GLY B 157 55.54 -14.46 -51.09
CA GLY B 157 54.37 -14.96 -51.78
C GLY B 157 53.57 -13.82 -52.37
N MET B 158 52.25 -13.82 -52.13
CA MET B 158 51.37 -12.80 -52.67
C MET B 158 51.81 -11.38 -52.30
N ARG B 159 52.76 -11.25 -51.38
CA ARG B 159 53.40 -9.98 -51.02
C ARG B 159 52.54 -9.10 -50.10
N ALA B 160 51.60 -9.67 -49.34
CA ALA B 160 50.75 -8.85 -48.48
C ALA B 160 50.33 -9.67 -47.26
N VAL B 161 51.07 -9.51 -46.16
CA VAL B 161 50.65 -10.02 -44.86
C VAL B 161 51.28 -9.13 -43.79
N GLU B 162 50.52 -8.90 -42.71
CA GLU B 162 50.92 -7.97 -41.68
C GLU B 162 51.88 -8.63 -40.70
N PHE B 163 52.35 -7.85 -39.74
CA PHE B 163 53.33 -8.31 -38.76
C PHE B 163 53.15 -7.49 -37.49
N LYS B 164 53.37 -8.13 -36.34
CA LYS B 164 52.98 -7.54 -35.06
C LYS B 164 54.02 -7.92 -34.01
N VAL B 165 53.65 -7.76 -32.74
CA VAL B 165 54.58 -7.78 -31.63
C VAL B 165 54.05 -8.69 -30.52
N VAL B 166 54.84 -9.68 -30.12
CA VAL B 166 54.55 -10.53 -28.96
C VAL B 166 55.70 -10.47 -27.96
N GLU B 167 56.92 -10.77 -28.41
CA GLU B 167 58.05 -10.88 -27.50
C GLU B 167 58.70 -9.52 -27.26
N THR B 168 59.17 -9.30 -26.03
CA THR B 168 59.89 -8.08 -25.69
C THR B 168 60.95 -8.45 -24.66
N ASP B 169 62.17 -8.73 -25.14
CA ASP B 169 63.28 -8.95 -24.22
C ASP B 169 63.77 -7.62 -23.65
N PRO B 170 64.16 -6.63 -24.45
CA PRO B 170 64.26 -5.27 -23.93
C PRO B 170 62.91 -4.57 -23.99
N SER B 171 62.77 -3.53 -23.18
CA SER B 171 61.53 -2.78 -23.12
C SER B 171 61.34 -1.90 -24.35
N PRO B 172 62.26 -0.97 -24.64
CA PRO B 172 62.06 -0.08 -25.78
C PRO B 172 62.37 -0.74 -27.11
N TYR B 173 62.23 0.01 -28.20
CA TYR B 173 62.56 -0.51 -29.52
C TYR B 173 64.06 -0.75 -29.62
N CYS B 174 64.43 -1.79 -30.36
CA CYS B 174 65.83 -2.16 -30.52
C CYS B 174 66.03 -2.68 -31.93
N ILE B 175 67.18 -3.33 -32.16
CA ILE B 175 67.51 -3.96 -33.43
C ILE B 175 67.98 -5.38 -33.14
N VAL B 176 67.71 -6.29 -34.06
CA VAL B 176 68.01 -7.69 -33.87
C VAL B 176 69.34 -8.00 -34.55
N ALA B 177 69.87 -9.19 -34.26
CA ALA B 177 71.12 -9.64 -34.86
C ALA B 177 71.07 -11.15 -34.95
N PRO B 178 71.93 -11.76 -35.76
CA PRO B 178 71.97 -13.22 -35.84
C PRO B 178 72.32 -13.85 -34.50
N ASP B 179 72.22 -15.19 -34.41
CA ASP B 179 72.53 -15.94 -33.21
C ASP B 179 71.53 -15.69 -32.10
N THR B 180 70.29 -15.37 -32.44
CA THR B 180 69.27 -15.02 -31.47
C THR B 180 68.14 -16.04 -31.52
N VAL B 181 67.41 -16.12 -30.42
CA VAL B 181 66.30 -17.07 -30.26
C VAL B 181 65.00 -16.34 -30.53
N ILE B 182 64.11 -16.99 -31.28
CA ILE B 182 62.80 -16.44 -31.59
C ILE B 182 61.75 -17.26 -30.86
N HIS B 183 60.66 -16.60 -30.50
CA HIS B 183 59.48 -17.26 -29.92
C HIS B 183 58.30 -16.89 -30.81
N CYS B 184 58.14 -17.66 -31.89
CA CYS B 184 57.03 -17.53 -32.81
C CYS B 184 56.13 -18.75 -32.78
N GLU B 185 56.42 -19.73 -31.91
CA GLU B 185 55.53 -20.87 -31.76
C GLU B 185 54.10 -20.43 -31.46
N GLY B 186 53.90 -19.19 -31.04
CA GLY B 186 52.57 -18.64 -30.90
C GLY B 186 51.82 -18.65 -32.22
N GLU B 187 50.51 -18.47 -32.10
CA GLU B 187 49.59 -18.56 -33.24
C GLU B 187 49.19 -17.17 -33.69
N PRO B 188 49.35 -16.82 -34.98
CA PRO B 188 48.82 -15.54 -35.46
C PRO B 188 47.34 -15.40 -35.13
N ILE B 189 46.81 -14.18 -35.10
CA ILE B 189 45.38 -13.99 -34.86
C ILE B 189 45.22 -12.53 -34.58
N LYS B 190 44.05 -12.14 -34.07
CA LYS B 190 43.89 -10.77 -33.66
C LYS B 190 44.54 -10.77 -32.30
N ARG B 191 45.63 -10.03 -32.15
CA ARG B 191 46.35 -10.00 -30.90
C ARG B 191 45.66 -9.01 -30.00
N GLU B 192 46.17 -8.81 -28.79
CA GLU B 192 45.59 -7.81 -27.92
C GLU B 192 45.71 -6.50 -28.68
N ASP B 193 46.85 -6.29 -29.33
CA ASP B 193 47.03 -5.08 -30.15
C ASP B 193 46.06 -5.00 -31.31
N GLU B 194 45.80 -6.12 -31.99
CA GLU B 194 44.84 -6.13 -33.11
C GLU B 194 43.41 -5.84 -32.70
N GLU B 195 42.96 -6.40 -31.59
CA GLU B 195 41.62 -6.10 -31.08
C GLU B 195 41.66 -4.63 -30.73
N GLU B 196 42.79 -4.18 -30.21
CA GLU B 196 42.96 -2.79 -29.85
C GLU B 196 42.86 -1.86 -31.07
N SER B 197 43.34 -2.31 -32.23
CA SER B 197 43.22 -1.52 -33.45
C SER B 197 41.78 -1.27 -33.93
N LEU B 198 40.92 -2.29 -33.91
CA LEU B 198 39.53 -2.05 -34.25
C LEU B 198 39.01 -1.17 -33.15
N ASN B 199 39.43 -1.48 -31.92
CA ASN B 199 39.02 -0.72 -30.75
C ASN B 199 39.53 0.67 -30.98
N GLU B 200 40.55 0.82 -31.82
CA GLU B 200 41.09 2.14 -32.16
C GLU B 200 40.11 2.67 -33.16
N VAL B 201 38.90 2.89 -32.70
CA VAL B 201 37.85 3.35 -33.56
C VAL B 201 38.02 4.73 -34.16
N GLY B 202 38.35 5.70 -33.34
CA GLY B 202 38.46 7.07 -33.84
C GLY B 202 37.11 7.81 -33.95
N TYR B 203 37.13 9.09 -34.36
CA TYR B 203 35.91 9.90 -34.45
C TYR B 203 35.11 9.68 -35.74
N ASP B 204 35.74 9.08 -36.76
CA ASP B 204 35.07 8.76 -38.01
C ASP B 204 33.95 7.75 -37.80
N ASP B 205 34.08 6.88 -36.80
CA ASP B 205 33.07 5.86 -36.55
C ASP B 205 31.77 6.45 -36.03
N ILE B 206 31.75 7.73 -35.64
CA ILE B 206 30.58 8.36 -35.05
C ILE B 206 30.07 9.42 -36.03
N GLY B 207 28.75 9.48 -36.17
CA GLY B 207 28.13 10.47 -37.03
C GLY B 207 26.74 10.81 -36.56
N GLY B 208 26.36 12.07 -36.73
CA GLY B 208 25.07 12.55 -36.29
C GLY B 208 25.06 13.32 -34.99
N CYS B 209 26.20 13.42 -34.31
CA CYS B 209 26.34 14.21 -33.09
C CYS B 209 27.52 15.15 -33.28
N ARG B 210 27.26 16.33 -33.84
CA ARG B 210 28.30 17.32 -34.09
C ARG B 210 28.57 18.20 -32.87
N LYS B 211 27.51 18.60 -32.15
CA LYS B 211 27.69 19.50 -31.01
C LYS B 211 28.22 18.76 -29.79
N GLN B 212 27.60 17.61 -29.45
CA GLN B 212 27.96 16.92 -28.23
C GLN B 212 29.41 16.47 -28.25
N LEU B 213 29.88 15.97 -29.39
CA LEU B 213 31.28 15.55 -29.50
C LEU B 213 32.22 16.72 -29.30
N ALA B 214 31.92 17.89 -29.86
CA ALA B 214 32.74 19.07 -29.62
C ALA B 214 32.69 19.48 -28.15
N GLN B 215 31.51 19.43 -27.54
CA GLN B 215 31.40 19.76 -26.12
C GLN B 215 32.27 18.86 -25.27
N ILE B 216 32.31 17.56 -25.60
CA ILE B 216 33.16 16.64 -24.86
C ILE B 216 34.63 16.92 -25.14
N LYS B 217 34.96 17.23 -26.40
CA LYS B 217 36.35 17.51 -26.74
C LYS B 217 36.88 18.69 -25.93
N GLU B 218 36.11 19.78 -25.88
CA GLU B 218 36.57 20.94 -25.12
C GLU B 218 36.65 20.64 -23.63
N MET B 219 35.81 19.74 -23.15
CA MET B 219 35.76 19.46 -21.72
C MET B 219 36.99 18.69 -21.25
N VAL B 220 37.33 17.60 -21.95
CA VAL B 220 38.42 16.71 -21.49
C VAL B 220 39.78 16.84 -22.17
N GLU B 221 39.88 17.58 -23.27
CA GLU B 221 41.15 17.64 -23.97
C GLU B 221 42.20 18.27 -23.07
N LEU B 222 41.87 19.38 -22.42
CA LEU B 222 42.89 20.05 -21.62
C LEU B 222 43.37 19.22 -20.44
N PRO B 223 42.45 18.61 -19.68
CA PRO B 223 43.03 17.86 -18.56
C PRO B 223 43.91 16.71 -18.93
N LEU B 224 43.60 15.77 -19.82
CA LEU B 224 44.32 14.59 -20.31
C LEU B 224 45.53 14.90 -21.18
N ARG B 225 45.36 15.77 -22.17
CA ARG B 225 46.46 16.15 -23.06
C ARG B 225 47.50 17.05 -22.41
N HIS B 226 47.07 18.00 -21.58
CA HIS B 226 47.99 18.98 -20.99
C HIS B 226 47.84 19.02 -19.48
N PRO B 227 48.26 17.96 -18.80
CA PRO B 227 48.21 18.01 -17.34
C PRO B 227 49.12 19.07 -16.75
N ALA B 228 50.32 19.27 -17.28
CA ALA B 228 51.30 20.21 -16.70
C ALA B 228 50.76 21.63 -16.48
N LEU B 229 50.03 22.18 -17.45
CA LEU B 229 49.43 23.50 -17.31
C LEU B 229 48.46 23.53 -16.14
N PHE B 230 47.66 22.48 -15.97
CA PHE B 230 46.74 22.42 -14.84
C PHE B 230 47.49 22.25 -13.53
N LYS B 231 48.63 21.55 -13.54
CA LYS B 231 49.44 21.45 -12.34
C LYS B 231 49.94 22.83 -11.90
N ALA B 232 50.37 23.66 -12.86
CA ALA B 232 50.98 24.94 -12.51
C ALA B 232 49.99 25.85 -11.80
N ILE B 233 48.73 25.88 -12.25
CA ILE B 233 47.74 26.81 -11.72
C ILE B 233 46.57 26.03 -11.14
N GLY B 234 45.58 26.74 -10.62
CA GLY B 234 44.41 26.11 -10.02
C GLY B 234 43.17 26.20 -10.89
N VAL B 235 42.80 25.08 -11.50
CA VAL B 235 41.57 24.98 -12.28
C VAL B 235 40.92 23.65 -11.96
N LYS B 236 39.59 23.60 -12.07
CA LYS B 236 38.85 22.41 -11.72
C LYS B 236 38.73 21.48 -12.93
N PRO B 237 39.15 20.23 -12.84
CA PRO B 237 38.96 19.30 -13.97
C PRO B 237 37.53 18.78 -14.00
N PRO B 238 37.14 18.07 -15.07
CA PRO B 238 35.79 17.50 -15.09
C PRO B 238 35.73 16.22 -14.28
N ARG B 239 35.11 16.28 -13.10
CA ARG B 239 35.07 15.10 -12.23
C ARG B 239 34.15 14.03 -12.78
N GLY B 240 32.95 14.42 -13.21
CA GLY B 240 31.97 13.47 -13.66
C GLY B 240 31.13 13.96 -14.82
N ILE B 241 31.09 13.18 -15.89
CA ILE B 241 30.28 13.46 -17.07
C ILE B 241 29.22 12.38 -17.16
N LEU B 242 27.96 12.78 -17.09
CA LEU B 242 26.83 11.86 -17.16
C LEU B 242 26.15 12.06 -18.51
N LEU B 243 26.24 11.06 -19.37
CA LEU B 243 25.63 11.09 -20.70
C LEU B 243 24.30 10.36 -20.63
N TYR B 244 23.20 11.08 -20.78
CA TYR B 244 21.88 10.45 -20.73
C TYR B 244 21.21 10.54 -22.10
N GLY B 245 20.68 9.41 -22.56
CA GLY B 245 19.97 9.31 -23.80
C GLY B 245 19.40 7.93 -24.01
N PRO B 246 18.52 7.77 -24.99
CA PRO B 246 17.91 6.46 -25.23
C PRO B 246 18.94 5.44 -25.68
N PRO B 247 18.64 4.15 -25.58
CA PRO B 247 19.62 3.13 -25.92
C PRO B 247 19.93 3.10 -27.41
N GLY B 248 21.06 2.51 -27.74
CA GLY B 248 21.48 2.39 -29.13
C GLY B 248 21.82 3.72 -29.78
N THR B 249 22.52 4.60 -29.06
CA THR B 249 22.92 5.90 -29.60
C THR B 249 24.44 6.07 -29.57
N GLY B 250 25.20 4.99 -29.42
CA GLY B 250 26.64 5.05 -29.52
C GLY B 250 27.29 5.88 -28.43
N LYS B 251 27.23 5.41 -27.18
CA LYS B 251 27.83 6.10 -26.05
C LYS B 251 29.17 5.51 -25.65
N THR B 252 29.23 4.20 -25.38
CA THR B 252 30.51 3.57 -25.11
C THR B 252 31.45 3.74 -26.29
N LEU B 253 30.91 3.73 -27.50
CA LEU B 253 31.74 3.99 -28.68
C LEU B 253 32.35 5.39 -28.62
N ILE B 254 31.57 6.37 -28.18
CA ILE B 254 32.10 7.73 -28.04
C ILE B 254 33.23 7.76 -27.02
N ALA B 255 33.05 7.07 -25.89
CA ALA B 255 34.09 7.04 -24.87
C ALA B 255 35.38 6.43 -25.42
N ARG B 256 35.26 5.30 -26.14
CA ARG B 256 36.45 4.67 -26.69
C ARG B 256 37.10 5.56 -27.73
N ALA B 257 36.30 6.22 -28.58
CA ALA B 257 36.87 7.10 -29.60
C ALA B 257 37.60 8.28 -28.97
N VAL B 258 37.04 8.86 -27.90
CA VAL B 258 37.69 10.00 -27.26
C VAL B 258 38.96 9.56 -26.55
N ALA B 259 38.92 8.43 -25.85
CA ALA B 259 40.10 7.98 -25.11
C ALA B 259 41.26 7.68 -26.06
N ASN B 260 40.98 7.00 -27.18
CA ASN B 260 42.04 6.65 -28.11
C ASN B 260 42.62 7.87 -28.80
N GLU B 261 41.77 8.84 -29.16
CA GLU B 261 42.23 9.98 -29.94
C GLU B 261 43.12 10.91 -29.13
N THR B 262 43.11 10.80 -27.80
CA THR B 262 44.04 11.54 -26.95
C THR B 262 45.13 10.66 -26.36
N GLY B 263 45.11 9.36 -26.66
CA GLY B 263 46.14 8.46 -26.16
C GLY B 263 45.99 8.07 -24.71
N ALA B 264 44.87 8.38 -24.08
CA ALA B 264 44.67 8.05 -22.67
C ALA B 264 44.15 6.62 -22.51
N PHE B 265 44.59 5.97 -21.44
CA PHE B 265 44.14 4.61 -21.14
C PHE B 265 42.64 4.62 -20.83
N PHE B 266 41.97 3.55 -21.25
CA PHE B 266 40.52 3.42 -21.11
C PHE B 266 40.19 2.13 -20.40
N PHE B 267 39.35 2.23 -19.37
CA PHE B 267 38.89 1.08 -18.59
C PHE B 267 37.38 1.02 -18.61
N LEU B 268 36.83 -0.16 -18.82
CA LEU B 268 35.39 -0.36 -18.96
C LEU B 268 34.85 -1.21 -17.81
N ILE B 269 33.71 -0.77 -17.26
CA ILE B 269 33.01 -1.49 -16.21
C ILE B 269 31.54 -1.58 -16.59
N ASN B 270 30.91 -2.70 -16.27
CA ASN B 270 29.49 -2.92 -16.58
C ASN B 270 28.75 -3.33 -15.32
N GLY B 271 27.50 -2.88 -15.23
CA GLY B 271 26.68 -3.07 -14.06
C GLY B 271 26.36 -4.52 -13.74
N PRO B 272 25.90 -5.28 -14.73
CA PRO B 272 25.52 -6.67 -14.45
C PRO B 272 26.64 -7.51 -13.86
N GLU B 273 27.88 -7.32 -14.31
CA GLU B 273 28.98 -8.10 -13.76
C GLU B 273 29.35 -7.67 -12.34
N ILE B 274 28.81 -6.55 -11.85
CA ILE B 274 29.02 -6.13 -10.49
C ILE B 274 27.91 -6.61 -9.56
N MET B 275 26.69 -6.79 -10.07
CA MET B 275 25.57 -7.26 -9.29
C MET B 275 25.30 -8.75 -9.48
N SER B 276 26.17 -9.46 -10.19
CA SER B 276 26.06 -10.91 -10.38
C SER B 276 27.13 -11.65 -9.60
N LYS B 277 27.61 -11.05 -8.51
CA LYS B 277 28.67 -11.61 -7.68
C LYS B 277 28.15 -11.81 -6.27
N LEU B 278 29.05 -12.24 -5.39
CA LEU B 278 28.74 -12.38 -3.97
C LEU B 278 29.08 -11.08 -3.24
N ALA B 279 28.52 -10.94 -2.04
CA ALA B 279 28.47 -9.66 -1.34
C ALA B 279 29.79 -8.90 -1.40
N GLY B 280 30.85 -9.44 -0.81
CA GLY B 280 32.10 -8.71 -0.71
C GLY B 280 32.89 -8.67 -2.00
N GLU B 281 32.68 -9.65 -2.88
CA GLU B 281 33.48 -9.73 -4.10
C GLU B 281 33.15 -8.58 -5.05
N SER B 282 31.91 -8.10 -5.06
CA SER B 282 31.58 -6.97 -5.91
C SER B 282 32.35 -5.72 -5.49
N GLU B 283 32.38 -5.43 -4.19
CA GLU B 283 33.14 -4.29 -3.70
C GLU B 283 34.63 -4.47 -3.97
N SER B 284 35.13 -5.71 -3.79
CA SER B 284 36.54 -5.96 -4.08
C SER B 284 36.85 -5.69 -5.55
N ASN B 285 35.97 -6.12 -6.44
CA ASN B 285 36.18 -5.89 -7.87
C ASN B 285 36.14 -4.41 -8.20
N LEU B 286 35.22 -3.67 -7.57
CA LEU B 286 35.16 -2.22 -7.80
C LEU B 286 36.44 -1.54 -7.33
N ARG B 287 36.96 -1.94 -6.17
CA ARG B 287 38.20 -1.37 -5.68
C ARG B 287 39.36 -1.70 -6.62
N LYS B 288 39.42 -2.94 -7.10
CA LYS B 288 40.49 -3.32 -8.03
C LYS B 288 40.40 -2.51 -9.32
N ALA B 289 39.18 -2.31 -9.82
CA ALA B 289 39.01 -1.53 -11.04
C ALA B 289 39.48 -0.09 -10.84
N PHE B 290 39.13 0.51 -9.70
CA PHE B 290 39.57 1.87 -9.44
C PHE B 290 41.10 1.94 -9.29
N GLU B 291 41.69 0.92 -8.67
CA GLU B 291 43.16 0.90 -8.55
C GLU B 291 43.82 0.77 -9.91
N GLU B 292 43.28 -0.07 -10.79
CA GLU B 292 43.87 -0.33 -12.10
C GLU B 292 43.75 0.87 -13.05
N ALA B 293 43.16 1.97 -12.60
CA ALA B 293 43.07 3.18 -13.41
C ALA B 293 43.98 4.30 -12.93
N GLU B 294 44.47 4.25 -11.69
CA GLU B 294 45.37 5.27 -11.18
C GLU B 294 46.83 5.01 -11.52
N LYS B 295 47.18 3.78 -11.91
CA LYS B 295 48.55 3.44 -12.27
C LYS B 295 48.80 3.51 -13.77
N ASN B 296 47.80 3.91 -14.56
CA ASN B 296 47.97 4.14 -15.99
C ASN B 296 47.61 5.57 -16.38
N ALA B 297 47.72 6.50 -15.44
CA ALA B 297 47.28 7.86 -15.69
C ALA B 297 48.13 8.51 -16.79
N PRO B 298 47.54 9.38 -17.62
CA PRO B 298 46.14 9.82 -17.60
C PRO B 298 45.21 8.77 -18.20
N ALA B 299 44.16 8.38 -17.50
CA ALA B 299 43.27 7.31 -17.91
C ALA B 299 41.82 7.75 -17.74
N ILE B 300 40.90 6.90 -18.22
CA ILE B 300 39.48 7.17 -18.16
C ILE B 300 38.77 5.90 -17.71
N ILE B 301 37.79 6.06 -16.83
CA ILE B 301 36.93 4.97 -16.36
C ILE B 301 35.53 5.21 -16.89
N PHE B 302 34.95 4.20 -17.53
CA PHE B 302 33.62 4.30 -18.11
C PHE B 302 32.72 3.25 -17.49
N ILE B 303 31.54 3.69 -17.03
CA ILE B 303 30.52 2.81 -16.47
C ILE B 303 29.26 2.97 -17.30
N ASP B 304 28.74 1.86 -17.80
CA ASP B 304 27.51 1.85 -18.59
C ASP B 304 26.38 1.25 -17.78
N GLU B 305 25.16 1.60 -18.19
CA GLU B 305 23.93 1.21 -17.49
C GLU B 305 24.11 1.29 -15.99
N LEU B 306 24.39 2.52 -15.53
CA LEU B 306 24.52 2.79 -14.11
C LEU B 306 23.22 2.55 -13.35
N ASP B 307 22.08 2.56 -14.05
CA ASP B 307 20.80 2.36 -13.38
C ASP B 307 20.72 0.98 -12.74
N ALA B 308 21.56 0.03 -13.15
CA ALA B 308 21.56 -1.30 -12.55
C ALA B 308 22.32 -1.36 -11.24
N ILE B 309 23.23 -0.43 -11.00
CA ILE B 309 24.05 -0.44 -9.79
C ILE B 309 23.47 0.48 -8.73
N ALA B 310 23.12 1.71 -9.10
CA ALA B 310 22.68 2.74 -8.15
C ALA B 310 21.31 3.26 -8.59
N PRO B 311 20.22 2.56 -8.26
CA PRO B 311 18.89 3.07 -8.60
C PRO B 311 18.41 4.08 -7.57
N LYS B 312 17.17 4.53 -7.70
CA LYS B 312 16.61 5.46 -6.73
C LYS B 312 16.63 4.84 -5.34
N ARG B 313 16.89 5.67 -4.32
CA ARG B 313 17.03 5.15 -2.96
C ARG B 313 15.76 4.43 -2.53
N GLU B 314 14.59 5.01 -2.80
CA GLU B 314 13.35 4.34 -2.46
C GLU B 314 13.21 3.02 -3.22
N LYS B 315 13.59 3.01 -4.50
CA LYS B 315 13.53 1.77 -5.27
C LYS B 315 14.45 0.71 -4.66
N THR B 316 15.65 1.10 -4.27
CA THR B 316 16.61 0.16 -3.70
C THR B 316 16.04 -0.49 -2.45
N HIS B 317 15.82 -1.81 -2.52
CA HIS B 317 15.31 -2.58 -1.40
C HIS B 317 16.31 -3.68 -1.08
N GLY B 318 16.68 -3.77 0.20
CA GLY B 318 17.73 -4.66 0.64
C GLY B 318 18.86 -3.91 1.32
N GLU B 319 19.79 -4.70 1.86
CA GLU B 319 20.94 -4.17 2.58
C GLU B 319 22.21 -4.13 1.73
N VAL B 320 22.54 -5.24 1.06
CA VAL B 320 23.77 -5.29 0.27
C VAL B 320 23.69 -4.38 -0.95
N GLU B 321 22.49 -3.97 -1.36
CA GLU B 321 22.35 -3.08 -2.50
C GLU B 321 22.62 -1.62 -2.15
N ARG B 322 22.65 -1.28 -0.87
CA ARG B 322 23.11 0.04 -0.44
C ARG B 322 24.58 0.04 -0.04
N ARG B 323 25.11 -1.11 0.37
CA ARG B 323 26.53 -1.21 0.64
C ARG B 323 27.37 -1.02 -0.61
N ILE B 324 26.77 -1.15 -1.79
CA ILE B 324 27.46 -0.96 -3.05
C ILE B 324 27.28 0.43 -3.62
N VAL B 325 26.42 1.26 -3.02
CA VAL B 325 26.19 2.62 -3.48
C VAL B 325 27.02 3.57 -2.63
N SER B 326 27.08 3.30 -1.32
CA SER B 326 27.93 4.11 -0.45
C SER B 326 29.40 3.90 -0.77
N GLN B 327 29.79 2.67 -1.11
CA GLN B 327 31.16 2.40 -1.51
C GLN B 327 31.56 3.22 -2.72
N LEU B 328 30.68 3.30 -3.73
CA LEU B 328 30.97 4.07 -4.92
C LEU B 328 31.10 5.56 -4.58
N LEU B 329 30.22 6.09 -3.74
CA LEU B 329 30.31 7.49 -3.37
C LEU B 329 31.61 7.78 -2.64
N THR B 330 32.02 6.89 -1.73
CA THR B 330 33.29 7.07 -1.03
C THR B 330 34.46 7.04 -2.00
N LEU B 331 34.42 6.12 -2.98
CA LEU B 331 35.51 6.04 -3.95
C LEU B 331 35.57 7.30 -4.81
N MET B 332 34.41 7.87 -5.15
CA MET B 332 34.40 9.07 -5.98
C MET B 332 35.10 10.23 -5.28
N ASP B 333 34.83 10.42 -3.99
CA ASP B 333 35.40 11.54 -3.24
C ASP B 333 36.89 11.35 -2.97
N GLY B 334 37.45 10.17 -3.22
CA GLY B 334 38.87 9.95 -3.02
C GLY B 334 39.69 10.33 -4.24
N LEU B 335 39.18 11.26 -5.04
CA LEU B 335 39.85 11.69 -6.26
C LEU B 335 40.16 13.18 -6.29
N LYS B 336 39.78 13.94 -5.26
CA LYS B 336 40.12 15.36 -5.24
C LYS B 336 41.63 15.57 -5.31
N GLN B 337 42.40 14.66 -4.72
CA GLN B 337 43.86 14.79 -4.76
C GLN B 337 44.39 14.62 -6.19
N ARG B 338 43.78 13.73 -6.97
CA ARG B 338 44.25 13.40 -8.31
C ARG B 338 43.30 14.02 -9.33
N ALA B 339 43.85 14.88 -10.19
CA ALA B 339 43.08 15.56 -11.23
C ALA B 339 43.24 14.92 -12.60
N HIS B 340 43.88 13.75 -12.68
CA HIS B 340 44.16 13.10 -13.95
C HIS B 340 43.35 11.83 -14.15
N VAL B 341 42.31 11.61 -13.34
CA VAL B 341 41.41 10.48 -13.48
C VAL B 341 40.01 11.02 -13.69
N ILE B 342 39.35 10.56 -14.76
CA ILE B 342 38.03 11.05 -15.14
C ILE B 342 37.09 9.86 -15.23
N VAL B 343 35.83 10.10 -14.86
CA VAL B 343 34.80 9.07 -14.84
C VAL B 343 33.63 9.53 -15.69
N MET B 344 33.18 8.68 -16.61
CA MET B 344 32.02 8.95 -17.44
C MET B 344 31.02 7.82 -17.27
N ALA B 345 29.75 8.18 -17.13
CA ALA B 345 28.67 7.22 -16.92
C ALA B 345 27.66 7.33 -18.05
N ALA B 346 26.74 6.37 -18.10
CA ALA B 346 25.71 6.33 -19.13
C ALA B 346 24.41 5.84 -18.53
N THR B 347 23.33 6.56 -18.80
CA THR B 347 22.00 6.16 -18.35
C THR B 347 20.98 6.65 -19.39
N ASN B 348 19.70 6.42 -19.10
CA ASN B 348 18.63 6.87 -19.96
C ASN B 348 18.14 8.27 -19.57
N ARG B 349 17.80 8.46 -18.31
CA ARG B 349 17.36 9.75 -17.79
C ARG B 349 18.08 10.01 -16.47
N PRO B 350 18.22 11.29 -16.09
CA PRO B 350 18.98 11.61 -14.88
C PRO B 350 18.21 11.32 -13.60
N ASN B 351 16.89 11.39 -13.65
CA ASN B 351 16.06 11.16 -12.49
C ASN B 351 15.85 9.68 -12.17
N SER B 352 16.63 8.79 -12.79
CA SER B 352 16.55 7.36 -12.52
C SER B 352 17.62 6.90 -11.54
N ILE B 353 18.42 7.81 -10.99
CA ILE B 353 19.49 7.46 -10.07
C ILE B 353 19.43 8.36 -8.84
N ASP B 354 20.13 7.93 -7.80
CA ASP B 354 20.13 8.68 -6.56
C ASP B 354 20.70 10.08 -6.78
N PRO B 355 20.04 11.13 -6.28
CA PRO B 355 20.60 12.49 -6.46
C PRO B 355 21.96 12.67 -5.81
N ALA B 356 22.31 11.85 -4.81
CA ALA B 356 23.60 12.00 -4.16
C ALA B 356 24.75 11.94 -5.16
N LEU B 357 24.61 11.15 -6.22
CA LEU B 357 25.62 11.15 -7.26
C LEU B 357 25.71 12.49 -7.96
N ARG B 358 24.57 13.14 -8.19
CA ARG B 358 24.54 14.47 -8.76
C ARG B 358 24.86 15.47 -7.67
N ARG B 359 26.09 15.97 -7.65
CA ARG B 359 26.56 16.84 -6.59
C ARG B 359 27.72 17.67 -7.13
N PHE B 360 28.38 18.39 -6.24
CA PHE B 360 29.56 19.19 -6.59
C PHE B 360 30.79 18.41 -6.14
N GLY B 361 31.23 17.47 -6.97
CA GLY B 361 32.40 16.68 -6.67
C GLY B 361 32.26 15.23 -7.08
N ARG B 362 31.06 14.81 -7.48
CA ARG B 362 30.82 13.44 -7.93
C ARG B 362 30.40 13.39 -9.39
N PHE B 363 29.32 14.08 -9.76
CA PHE B 363 28.85 14.12 -11.15
C PHE B 363 28.23 15.49 -11.38
N ASP B 364 29.04 16.41 -11.90
CA ASP B 364 28.62 17.80 -12.08
C ASP B 364 28.31 18.15 -13.52
N ARG B 365 28.92 17.48 -14.49
CA ARG B 365 28.68 17.77 -15.90
C ARG B 365 27.72 16.76 -16.48
N GLU B 366 26.75 17.24 -17.27
CA GLU B 366 25.75 16.40 -17.88
C GLU B 366 25.67 16.70 -19.37
N VAL B 367 25.43 15.65 -20.16
CA VAL B 367 25.33 15.77 -21.61
C VAL B 367 24.14 14.93 -22.07
N ASP B 368 23.39 15.46 -23.03
CA ASP B 368 22.24 14.78 -23.62
C ASP B 368 22.61 14.40 -25.06
N ILE B 369 22.82 13.09 -25.27
CA ILE B 369 23.16 12.63 -26.62
C ILE B 369 22.03 12.91 -27.59
N GLY B 370 20.79 12.68 -27.15
CA GLY B 370 19.65 13.00 -27.99
C GLY B 370 19.47 12.01 -29.13
N ILE B 371 18.89 12.50 -30.21
CA ILE B 371 18.55 11.67 -31.37
C ILE B 371 19.14 12.33 -32.62
N PRO B 372 19.56 11.56 -33.62
CA PRO B 372 20.04 12.19 -34.86
C PRO B 372 18.90 12.72 -35.73
N ASP B 373 19.26 13.40 -36.82
CA ASP B 373 18.27 13.94 -37.74
C ASP B 373 18.58 13.44 -39.14
N ALA B 374 17.91 14.00 -40.16
CA ALA B 374 18.12 13.55 -41.53
C ALA B 374 19.60 13.55 -41.88
N THR B 375 20.32 14.60 -41.51
CA THR B 375 21.75 14.66 -41.80
C THR B 375 22.52 13.58 -41.03
N GLY B 376 22.25 13.46 -39.73
CA GLY B 376 22.92 12.43 -38.96
C GLY B 376 22.55 11.03 -39.41
N ARG B 377 21.28 10.82 -39.75
CA ARG B 377 20.87 9.51 -40.25
C ARG B 377 21.57 9.18 -41.56
N LEU B 378 21.70 10.16 -42.44
CA LEU B 378 22.43 9.95 -43.69
C LEU B 378 23.89 9.63 -43.43
N GLU B 379 24.52 10.33 -42.47
CA GLU B 379 25.91 10.04 -42.15
C GLU B 379 26.07 8.62 -41.61
N ILE B 380 25.15 8.20 -40.74
CA ILE B 380 25.20 6.84 -40.21
C ILE B 380 25.03 5.83 -41.34
N LEU B 381 24.11 6.10 -42.26
CA LEU B 381 23.92 5.21 -43.40
C LEU B 381 25.19 5.12 -44.24
N GLN B 382 25.85 6.25 -44.46
CA GLN B 382 27.09 6.26 -45.24
C GLN B 382 28.16 5.42 -44.55
N ILE B 383 28.31 5.58 -43.24
CA ILE B 383 29.34 4.83 -42.53
C ILE B 383 29.03 3.34 -42.55
N HIS B 384 27.76 2.98 -42.34
CA HIS B 384 27.41 1.56 -42.29
C HIS B 384 27.56 0.89 -43.64
N THR B 385 27.32 1.61 -44.74
CA THR B 385 27.37 1.05 -46.08
C THR B 385 28.67 1.36 -46.79
N LYS B 386 29.77 1.52 -46.05
CA LYS B 386 31.06 1.80 -46.66
C LYS B 386 31.50 0.65 -47.57
N ASN B 387 31.50 -0.57 -47.03
CA ASN B 387 31.92 -1.75 -47.78
C ASN B 387 30.77 -2.48 -48.45
N MET B 388 29.54 -1.99 -48.29
CA MET B 388 28.37 -2.61 -48.92
C MET B 388 28.20 -2.01 -50.31
N LYS B 389 28.39 -2.83 -51.33
CA LYS B 389 28.29 -2.35 -52.71
C LYS B 389 26.83 -2.10 -53.06
N LEU B 390 26.55 -0.89 -53.54
CA LEU B 390 25.22 -0.50 -53.98
C LEU B 390 25.31 -0.08 -55.44
N ALA B 391 24.67 -0.85 -56.32
CA ALA B 391 24.88 -0.67 -57.76
C ALA B 391 24.34 0.67 -58.24
N ASP B 392 23.09 0.98 -57.92
CA ASP B 392 22.43 2.15 -58.49
C ASP B 392 21.13 2.39 -57.75
N ASP B 393 20.51 3.54 -58.03
CA ASP B 393 19.21 3.92 -57.47
C ASP B 393 19.21 3.73 -55.95
N VAL B 394 20.29 4.20 -55.32
CA VAL B 394 20.38 4.24 -53.85
C VAL B 394 20.77 5.67 -53.50
N ASP B 395 19.76 6.51 -53.28
CA ASP B 395 20.02 7.91 -52.96
C ASP B 395 20.52 8.08 -51.53
N LEU B 396 19.93 7.33 -50.60
CA LEU B 396 20.18 7.41 -49.17
C LEU B 396 19.69 8.71 -48.56
N GLU B 397 19.15 9.63 -49.36
CA GLU B 397 18.53 10.84 -48.84
C GLU B 397 17.05 10.64 -48.55
N GLN B 398 16.34 9.95 -49.46
CA GLN B 398 14.95 9.62 -49.19
C GLN B 398 14.84 8.62 -48.05
N VAL B 399 15.83 7.74 -47.88
CA VAL B 399 15.82 6.81 -46.76
C VAL B 399 15.87 7.58 -45.44
N ALA B 400 16.75 8.59 -45.36
CA ALA B 400 16.83 9.40 -44.16
C ALA B 400 15.52 10.15 -43.91
N ASN B 401 14.81 10.52 -44.98
CA ASN B 401 13.56 11.24 -44.82
C ASN B 401 12.44 10.33 -44.34
N GLU B 402 12.50 9.04 -44.65
CA GLU B 402 11.45 8.09 -44.33
C GLU B 402 11.72 7.32 -43.05
N THR B 403 12.80 7.63 -42.33
CA THR B 403 13.16 6.94 -41.09
C THR B 403 12.94 7.92 -39.94
N HIS B 404 11.72 7.91 -39.41
CA HIS B 404 11.32 8.76 -38.29
C HIS B 404 11.15 7.87 -37.06
N GLY B 405 12.09 7.96 -36.13
CA GLY B 405 12.05 7.17 -34.93
C GLY B 405 13.13 6.11 -34.86
N HIS B 406 14.10 6.18 -35.77
CA HIS B 406 15.21 5.25 -35.81
C HIS B 406 16.43 5.84 -35.13
N VAL B 407 17.15 5.01 -34.38
CA VAL B 407 18.36 5.44 -33.68
C VAL B 407 19.44 4.38 -33.90
N GLY B 408 20.61 4.81 -34.37
CA GLY B 408 21.79 3.98 -34.36
C GLY B 408 21.57 2.57 -34.86
N ALA B 409 21.66 1.61 -33.93
CA ALA B 409 21.60 0.19 -34.27
C ALA B 409 20.53 -0.14 -35.30
N ASP B 410 19.34 0.45 -35.16
CA ASP B 410 18.25 0.12 -36.07
C ASP B 410 18.69 0.24 -37.52
N LEU B 411 19.28 1.39 -37.88
CA LEU B 411 19.73 1.57 -39.26
C LEU B 411 20.71 0.47 -39.66
N ALA B 412 21.65 0.15 -38.78
CA ALA B 412 22.56 -0.97 -39.06
C ALA B 412 21.76 -2.21 -39.43
N ALA B 413 20.78 -2.56 -38.60
CA ALA B 413 19.93 -3.70 -38.93
C ALA B 413 19.35 -3.56 -40.33
N LEU B 414 18.77 -2.39 -40.61
CA LEU B 414 18.29 -2.09 -41.95
C LEU B 414 19.34 -2.49 -42.99
N CYS B 415 20.55 -1.93 -42.84
CA CYS B 415 21.59 -2.19 -43.83
C CYS B 415 21.81 -3.68 -44.02
N SER B 416 21.77 -4.45 -42.94
CA SER B 416 21.92 -5.89 -43.07
C SER B 416 20.70 -6.51 -43.73
N GLU B 417 19.50 -6.16 -43.25
CA GLU B 417 18.31 -6.87 -43.70
C GLU B 417 18.13 -6.74 -45.20
N ALA B 418 18.19 -5.51 -45.73
CA ALA B 418 18.10 -5.33 -47.17
C ALA B 418 19.13 -6.19 -47.88
N ALA B 419 20.38 -6.20 -47.39
CA ALA B 419 21.40 -7.04 -48.00
C ALA B 419 20.96 -8.49 -48.04
N LEU B 420 20.42 -8.99 -46.93
CA LEU B 420 19.90 -10.35 -46.93
C LEU B 420 18.81 -10.51 -47.97
N GLN B 421 17.90 -9.55 -48.06
CA GLN B 421 16.84 -9.63 -49.06
C GLN B 421 17.42 -9.72 -50.46
N ALA B 422 18.64 -9.23 -50.67
CA ALA B 422 19.26 -9.32 -51.98
C ALA B 422 19.62 -10.76 -52.31
N ILE B 423 20.12 -11.51 -51.32
CA ILE B 423 20.62 -12.86 -51.60
C ILE B 423 19.53 -13.91 -51.37
N ARG B 424 18.72 -13.75 -50.33
CA ARG B 424 17.72 -14.77 -50.00
C ARG B 424 16.68 -14.91 -51.11
N LYS B 425 16.27 -13.80 -51.72
CA LYS B 425 15.13 -13.84 -52.63
C LYS B 425 15.41 -14.72 -53.84
N LYS B 426 16.62 -14.67 -54.39
CA LYS B 426 16.92 -15.38 -55.61
C LYS B 426 18.09 -16.35 -55.47
N MET B 427 19.10 -16.04 -54.65
CA MET B 427 20.24 -16.94 -54.48
C MET B 427 19.91 -18.13 -53.60
N ASP B 428 18.64 -18.39 -53.30
CA ASP B 428 18.30 -19.43 -52.34
C ASP B 428 18.82 -20.80 -52.78
N LEU B 429 18.64 -21.12 -54.06
CA LEU B 429 19.04 -22.43 -54.59
C LEU B 429 20.30 -22.37 -55.46
N ILE B 430 20.74 -21.18 -55.87
CA ILE B 430 21.92 -21.10 -56.72
C ILE B 430 23.18 -21.47 -55.95
N ASP B 431 23.27 -21.04 -54.68
CA ASP B 431 24.47 -21.24 -53.88
C ASP B 431 24.42 -22.50 -53.03
N LEU B 432 23.40 -23.34 -53.21
CA LEU B 432 23.28 -24.55 -52.39
C LEU B 432 24.40 -25.52 -52.70
N GLU B 433 24.46 -26.01 -53.93
CA GLU B 433 25.46 -27.01 -54.31
C GLU B 433 26.16 -26.74 -55.63
N ASP B 434 25.75 -25.72 -56.39
CA ASP B 434 26.36 -25.48 -57.69
C ASP B 434 27.84 -25.16 -57.56
N GLU B 435 28.21 -24.35 -56.57
CA GLU B 435 29.60 -23.96 -56.36
C GLU B 435 29.89 -23.87 -54.87
N THR B 436 31.18 -23.85 -54.54
CA THR B 436 31.62 -23.61 -53.18
C THR B 436 31.57 -22.10 -52.91
N ILE B 437 32.17 -21.67 -51.80
CA ILE B 437 32.20 -20.24 -51.49
C ILE B 437 33.18 -19.55 -52.44
N ASP B 438 32.71 -18.47 -53.06
CA ASP B 438 33.52 -17.70 -54.00
C ASP B 438 33.22 -16.23 -53.83
N ALA B 439 34.16 -15.39 -54.28
CA ALA B 439 33.99 -13.95 -54.24
C ALA B 439 33.40 -13.36 -55.51
N GLU B 440 33.54 -14.06 -56.64
CA GLU B 440 32.94 -13.58 -57.88
C GLU B 440 31.42 -13.48 -57.77
N VAL B 441 30.81 -14.22 -56.85
CA VAL B 441 29.37 -14.09 -56.61
C VAL B 441 29.08 -12.98 -55.60
N MET B 442 29.92 -12.85 -54.57
CA MET B 442 29.67 -11.84 -53.55
C MET B 442 29.86 -10.42 -54.10
N ASN B 443 30.94 -10.19 -54.83
CA ASN B 443 31.23 -8.85 -55.33
C ASN B 443 30.35 -8.50 -56.53
N SER B 444 30.10 -9.47 -57.41
CA SER B 444 29.22 -9.22 -58.53
C SER B 444 27.81 -8.88 -58.06
N LEU B 445 27.43 -9.34 -56.87
CA LEU B 445 26.13 -9.02 -56.31
C LEU B 445 26.07 -7.57 -55.88
N ALA B 446 24.87 -7.00 -55.91
CA ALA B 446 24.65 -5.61 -55.53
C ALA B 446 23.36 -5.51 -54.72
N VAL B 447 23.05 -4.31 -54.27
CA VAL B 447 21.86 -4.02 -53.46
C VAL B 447 21.09 -2.90 -54.15
N THR B 448 19.77 -3.07 -54.26
CA THR B 448 18.92 -2.15 -55.00
C THR B 448 17.98 -1.42 -54.05
N MET B 449 17.12 -0.58 -54.63
CA MET B 449 16.20 0.23 -53.82
C MET B 449 15.07 -0.61 -53.26
N ASP B 450 14.57 -1.57 -54.03
CA ASP B 450 13.43 -2.37 -53.57
C ASP B 450 13.77 -3.14 -52.30
N ASP B 451 15.02 -3.58 -52.15
CA ASP B 451 15.42 -4.25 -50.92
C ASP B 451 15.30 -3.31 -49.73
N PHE B 452 15.77 -2.06 -49.89
CA PHE B 452 15.65 -1.09 -48.81
C PHE B 452 14.19 -0.79 -48.50
N ARG B 453 13.36 -0.67 -49.54
CA ARG B 453 11.94 -0.42 -49.33
C ARG B 453 11.29 -1.55 -48.55
N TRP B 454 11.60 -2.80 -48.93
CA TRP B 454 11.02 -3.93 -48.21
C TRP B 454 11.50 -3.97 -46.76
N ALA B 455 12.79 -3.71 -46.53
CA ALA B 455 13.30 -3.72 -45.17
C ALA B 455 12.64 -2.64 -44.33
N LEU B 456 12.65 -1.40 -44.81
CA LEU B 456 12.06 -0.30 -44.07
C LEU B 456 10.56 -0.48 -43.89
N SER B 457 9.88 -0.94 -44.92
CA SER B 457 8.42 -1.03 -44.87
C SER B 457 7.95 -2.18 -43.99
N GLN B 458 8.61 -3.32 -44.09
CA GLN B 458 8.05 -4.55 -43.52
C GLN B 458 8.39 -4.71 -42.05
N SER B 459 9.68 -4.76 -41.72
CA SER B 459 10.14 -5.26 -40.42
C SER B 459 10.99 -4.22 -39.71
N ASN B 460 10.48 -2.99 -39.61
CA ASN B 460 11.17 -1.91 -38.90
C ASN B 460 10.20 -1.23 -37.94
N PRO B 461 9.91 -1.85 -36.80
CA PRO B 461 9.19 -1.14 -35.73
C PRO B 461 10.13 -0.21 -34.99
N SER B 462 9.94 1.09 -35.19
CA SER B 462 10.82 2.07 -34.56
C SER B 462 10.72 1.98 -33.04
N ALA B 463 11.86 2.16 -32.37
CA ALA B 463 11.96 2.02 -30.93
C ALA B 463 11.88 3.37 -30.22
N LEU B 464 11.31 4.39 -30.85
CA LEU B 464 11.26 5.72 -30.29
C LEU B 464 9.84 6.26 -30.26
N ARG B 465 9.44 6.78 -29.10
CA ARG B 465 8.21 7.54 -28.96
C ARG B 465 8.44 8.84 -28.20
N GLU B 466 9.70 9.19 -27.93
CA GLU B 466 10.06 10.37 -27.16
C GLU B 466 9.95 11.63 -28.01
N THR B 467 9.80 12.76 -27.33
CA THR B 467 9.75 14.05 -28.02
C THR B 467 11.07 14.32 -28.73
N VAL B 468 10.98 15.13 -29.79
CA VAL B 468 12.13 15.46 -30.63
C VAL B 468 12.38 16.96 -30.55
N VAL B 469 13.65 17.32 -30.41
CA VAL B 469 14.08 18.72 -30.35
C VAL B 469 15.08 18.91 -31.48
N GLU B 470 14.62 19.50 -32.59
CA GLU B 470 15.48 19.70 -33.75
C GLU B 470 14.91 20.83 -34.59
N VAL B 471 15.78 21.42 -35.39
CA VAL B 471 15.37 22.54 -36.25
C VAL B 471 14.48 22.02 -37.38
N PRO B 472 13.39 22.68 -37.71
CA PRO B 472 12.54 22.25 -38.82
C PRO B 472 13.10 22.75 -40.16
N GLN B 473 12.37 22.43 -41.23
CA GLN B 473 12.79 22.78 -42.58
C GLN B 473 11.87 23.80 -43.25
N VAL B 474 10.80 24.21 -42.59
CA VAL B 474 9.84 25.12 -43.21
C VAL B 474 10.45 26.51 -43.32
N THR B 475 10.35 27.09 -44.52
CA THR B 475 10.82 28.44 -44.77
C THR B 475 9.65 29.41 -44.83
N TRP B 476 9.97 30.71 -44.84
CA TRP B 476 8.94 31.73 -44.88
C TRP B 476 8.14 31.68 -46.18
N GLU B 477 8.77 31.28 -47.28
CA GLU B 477 8.10 31.28 -48.57
C GLU B 477 6.92 30.32 -48.60
N ASP B 478 6.86 29.37 -47.67
CA ASP B 478 5.73 28.44 -47.62
C ASP B 478 4.47 29.09 -47.09
N ILE B 479 4.54 30.31 -46.59
CA ILE B 479 3.39 31.03 -46.05
C ILE B 479 2.96 32.07 -47.07
N GLY B 480 1.67 32.06 -47.43
CA GLY B 480 1.20 32.93 -48.49
C GLY B 480 1.32 34.41 -48.15
N GLY B 481 0.88 34.79 -46.96
CA GLY B 481 0.78 36.19 -46.59
C GLY B 481 1.33 36.44 -45.20
N LEU B 482 0.63 37.30 -44.47
CA LEU B 482 1.03 37.71 -43.12
C LEU B 482 2.40 38.40 -43.16
N GLU B 483 2.55 39.36 -44.07
CA GLU B 483 3.82 40.06 -44.22
C GLU B 483 4.16 40.85 -42.96
N ASP B 484 3.18 41.55 -42.38
CA ASP B 484 3.44 42.36 -41.21
C ASP B 484 3.80 41.50 -40.00
N VAL B 485 3.20 40.31 -39.89
CA VAL B 485 3.45 39.47 -38.73
C VAL B 485 4.92 39.05 -38.67
N LYS B 486 5.51 38.73 -39.82
CA LYS B 486 6.89 38.27 -39.83
C LYS B 486 7.85 39.34 -39.33
N ARG B 487 7.59 40.61 -39.66
CA ARG B 487 8.41 41.69 -39.12
C ARG B 487 8.35 41.73 -37.61
N GLU B 488 7.15 41.59 -37.04
CA GLU B 488 7.01 41.57 -35.59
C GLU B 488 7.72 40.38 -34.99
N LEU B 489 7.62 39.21 -35.61
CA LEU B 489 8.31 38.03 -35.11
C LEU B 489 9.82 38.26 -35.10
N GLN B 490 10.36 38.83 -36.18
CA GLN B 490 11.77 39.16 -36.20
C GLN B 490 12.12 40.08 -35.04
N GLU B 491 11.38 41.19 -34.90
CA GLU B 491 11.65 42.15 -33.84
C GLU B 491 11.69 41.46 -32.48
N LEU B 492 10.70 40.61 -32.20
CA LEU B 492 10.58 40.02 -30.88
C LEU B 492 11.67 38.99 -30.61
N VAL B 493 11.94 38.12 -31.59
CA VAL B 493 12.77 36.96 -31.34
C VAL B 493 14.23 37.21 -31.67
N GLN B 494 14.52 37.69 -32.89
CA GLN B 494 15.90 37.71 -33.36
C GLN B 494 16.71 38.84 -32.72
N TYR B 495 16.08 39.99 -32.47
CA TYR B 495 16.84 41.15 -32.01
C TYR B 495 17.54 40.92 -30.68
N PRO B 496 16.89 40.38 -29.64
CA PRO B 496 17.61 40.19 -28.37
C PRO B 496 18.88 39.37 -28.50
N VAL B 497 18.86 38.31 -29.30
CA VAL B 497 20.08 37.55 -29.52
C VAL B 497 21.01 38.29 -30.46
N GLU B 498 20.45 39.02 -31.43
CA GLU B 498 21.28 39.71 -32.41
C GLU B 498 21.98 40.92 -31.80
N HIS B 499 21.26 41.73 -31.03
CA HIS B 499 21.77 43.00 -30.49
C HIS B 499 21.40 43.12 -29.02
N PRO B 500 22.01 42.31 -28.14
CA PRO B 500 21.73 42.45 -26.70
C PRO B 500 22.15 43.80 -26.14
N ASP B 501 23.25 44.36 -26.65
CA ASP B 501 23.78 45.59 -26.07
C ASP B 501 22.80 46.74 -26.20
N LYS B 502 22.14 46.86 -27.35
CA LYS B 502 21.16 47.92 -27.54
C LYS B 502 20.00 47.78 -26.55
N PHE B 503 19.54 46.54 -26.33
CA PHE B 503 18.47 46.32 -25.36
C PHE B 503 18.91 46.74 -23.97
N LEU B 504 20.14 46.40 -23.58
CA LEU B 504 20.61 46.77 -22.24
C LEU B 504 20.82 48.27 -22.11
N LYS B 505 21.21 48.94 -23.19
CA LYS B 505 21.57 50.35 -23.09
C LYS B 505 20.38 51.20 -22.64
N PHE B 506 19.19 50.91 -23.17
CA PHE B 506 18.00 51.69 -22.87
C PHE B 506 17.30 51.24 -21.60
N GLY B 507 17.95 50.39 -20.80
CA GLY B 507 17.35 49.92 -19.56
C GLY B 507 16.05 49.17 -19.80
N MET B 508 16.06 48.24 -20.76
CA MET B 508 14.86 47.56 -21.20
C MET B 508 14.98 46.07 -20.98
N THR B 509 13.86 45.45 -20.61
CA THR B 509 13.77 44.00 -20.40
C THR B 509 12.87 43.41 -21.46
N PRO B 510 13.39 42.58 -22.38
CA PRO B 510 12.55 42.08 -23.47
C PRO B 510 11.49 41.10 -23.00
N SER B 511 10.42 41.02 -23.78
CA SER B 511 9.35 40.07 -23.50
C SER B 511 9.80 38.65 -23.84
N LYS B 512 9.12 37.67 -23.24
CA LYS B 512 9.44 36.27 -23.43
C LYS B 512 8.21 35.42 -23.76
N GLY B 513 7.17 36.04 -24.30
CA GLY B 513 5.96 35.30 -24.62
C GLY B 513 5.12 36.02 -25.66
N VAL B 514 4.32 35.23 -26.36
CA VAL B 514 3.40 35.75 -27.38
C VAL B 514 2.31 34.72 -27.58
N LEU B 515 1.09 35.21 -27.84
CA LEU B 515 -0.08 34.36 -27.98
C LEU B 515 -0.75 34.65 -29.31
N PHE B 516 -0.99 33.59 -30.10
CA PHE B 516 -1.74 33.70 -31.35
C PHE B 516 -3.19 33.33 -31.11
N TYR B 517 -4.10 34.08 -31.73
CA TYR B 517 -5.52 33.74 -31.70
C TYR B 517 -6.14 34.05 -33.05
N GLY B 518 -6.97 33.12 -33.54
CA GLY B 518 -7.62 33.26 -34.81
C GLY B 518 -8.44 32.04 -35.16
N PRO B 519 -9.13 32.07 -36.30
CA PRO B 519 -9.96 30.94 -36.70
C PRO B 519 -9.11 29.74 -37.08
N PRO B 520 -9.68 28.54 -37.04
CA PRO B 520 -8.88 27.34 -37.32
C PRO B 520 -8.40 27.29 -38.77
N GLY B 521 -7.27 26.63 -38.96
CA GLY B 521 -6.73 26.42 -40.31
C GLY B 521 -6.37 27.69 -41.04
N CYS B 522 -5.68 28.61 -40.36
CA CYS B 522 -5.23 29.85 -40.98
C CYS B 522 -3.72 29.99 -40.99
N GLY B 523 -2.98 28.96 -40.58
CA GLY B 523 -1.54 28.98 -40.68
C GLY B 523 -0.84 29.49 -39.44
N LYS B 524 -1.17 28.93 -38.28
CA LYS B 524 -0.54 29.31 -37.02
C LYS B 524 0.55 28.35 -36.59
N THR B 525 0.43 27.06 -36.94
CA THR B 525 1.45 26.09 -36.57
C THR B 525 2.72 26.26 -37.40
N LEU B 526 2.60 26.78 -38.61
CA LEU B 526 3.76 26.89 -39.50
C LEU B 526 4.70 28.00 -39.05
N LEU B 527 4.16 29.10 -38.54
CA LEU B 527 5.01 30.24 -38.16
C LEU B 527 6.01 29.83 -37.09
N ALA B 528 5.58 29.01 -36.13
CA ALA B 528 6.49 28.58 -35.08
C ALA B 528 7.71 27.85 -35.64
N LYS B 529 7.55 27.18 -36.77
CA LYS B 529 8.66 26.48 -37.40
C LYS B 529 9.47 27.39 -38.32
N ALA B 530 8.80 28.29 -39.04
CA ALA B 530 9.51 29.21 -39.93
C ALA B 530 10.41 30.14 -39.14
N ILE B 531 9.93 30.63 -37.99
CA ILE B 531 10.75 31.53 -37.19
C ILE B 531 12.01 30.82 -36.69
N ALA B 532 11.86 29.57 -36.23
CA ALA B 532 13.02 28.81 -35.79
C ALA B 532 13.97 28.53 -36.94
N ASN B 533 13.43 28.22 -38.12
CA ASN B 533 14.28 28.00 -39.28
C ASN B 533 15.10 29.24 -39.61
N GLU B 534 14.46 30.41 -39.56
CA GLU B 534 15.19 31.65 -39.84
C GLU B 534 16.23 31.92 -38.76
N CYS B 535 15.90 31.66 -37.50
CA CYS B 535 16.78 31.96 -36.39
C CYS B 535 17.76 30.84 -36.06
N GLN B 536 17.63 29.68 -36.71
CA GLN B 536 18.51 28.53 -36.46
C GLN B 536 18.49 28.14 -34.98
N ALA B 537 17.31 27.75 -34.52
CA ALA B 537 17.11 27.32 -33.15
C ALA B 537 16.19 26.11 -33.12
N ASN B 538 16.37 25.28 -32.10
CA ASN B 538 15.53 24.10 -31.95
C ASN B 538 14.11 24.50 -31.56
N ALA B 539 13.16 23.61 -31.87
CA ALA B 539 11.76 23.86 -31.58
C ALA B 539 11.13 22.62 -30.99
N ILE B 540 10.19 22.83 -30.05
CA ILE B 540 9.44 21.76 -29.41
C ILE B 540 7.96 22.06 -29.56
N SER B 541 7.19 21.04 -29.94
CA SER B 541 5.76 21.17 -30.17
C SER B 541 5.01 20.24 -29.21
N ILE B 542 4.01 20.79 -28.52
CA ILE B 542 3.19 20.04 -27.58
C ILE B 542 1.73 20.25 -27.95
N LYS B 543 0.99 19.16 -28.13
CA LYS B 543 -0.37 19.22 -28.60
C LYS B 543 -1.36 19.26 -27.43
N GLY B 544 -2.63 19.46 -27.77
CA GLY B 544 -3.70 19.46 -26.81
C GLY B 544 -3.92 18.10 -26.17
N PRO B 545 -3.89 17.04 -26.98
CA PRO B 545 -4.07 15.69 -26.40
C PRO B 545 -3.12 15.38 -25.25
N GLU B 546 -1.87 15.85 -25.31
CA GLU B 546 -0.97 15.63 -24.18
C GLU B 546 -1.44 16.35 -22.93
N LEU B 547 -1.99 17.56 -23.08
CA LEU B 547 -2.51 18.28 -21.92
C LEU B 547 -3.69 17.53 -21.30
N LEU B 548 -4.58 16.97 -22.12
CA LEU B 548 -5.67 16.19 -21.58
C LEU B 548 -5.18 14.90 -20.95
N THR B 549 -4.12 14.30 -21.50
CA THR B 549 -3.53 13.12 -20.88
C THR B 549 -3.02 13.46 -19.49
N MET B 550 -2.34 14.60 -19.35
CA MET B 550 -1.87 15.01 -18.03
C MET B 550 -3.04 15.32 -17.10
N TRP B 551 -4.10 15.93 -17.62
CA TRP B 551 -5.25 16.26 -16.79
C TRP B 551 -5.92 15.01 -16.24
N PHE B 552 -6.26 14.06 -17.13
CA PHE B 552 -6.90 12.83 -16.69
C PHE B 552 -5.97 12.00 -15.83
N GLY B 553 -4.70 11.91 -16.22
CA GLY B 553 -3.72 11.17 -15.43
C GLY B 553 -3.28 11.90 -14.17
N GLU B 554 -3.62 13.17 -14.02
CA GLU B 554 -3.24 13.96 -12.84
C GLU B 554 -1.73 13.94 -12.63
N SER B 555 -0.98 14.06 -13.73
CA SER B 555 0.48 14.03 -13.71
C SER B 555 0.97 15.37 -14.27
N GLU B 556 1.10 16.37 -13.41
CA GLU B 556 1.60 17.67 -13.80
C GLU B 556 3.11 17.79 -13.68
N ALA B 557 3.78 16.82 -13.05
CA ALA B 557 5.23 16.87 -12.94
C ALA B 557 5.90 16.83 -14.30
N ASN B 558 5.28 16.15 -15.28
CA ASN B 558 5.86 16.07 -16.61
C ASN B 558 6.14 17.45 -17.18
N VAL B 559 5.36 18.45 -16.79
CA VAL B 559 5.58 19.81 -17.29
C VAL B 559 7.01 20.24 -17.00
N ARG B 560 7.48 19.98 -15.78
CA ARG B 560 8.86 20.29 -15.45
C ARG B 560 9.80 19.66 -16.46
N GLU B 561 9.64 18.36 -16.72
CA GLU B 561 10.51 17.68 -17.66
C GLU B 561 10.53 18.37 -19.01
N ILE B 562 9.42 19.00 -19.40
CA ILE B 562 9.41 19.76 -20.65
C ILE B 562 10.36 20.94 -20.54
N PHE B 563 10.13 21.80 -19.55
CA PHE B 563 10.90 23.04 -19.47
C PHE B 563 12.38 22.75 -19.30
N ASP B 564 12.73 21.76 -18.47
CA ASP B 564 14.12 21.37 -18.35
C ASP B 564 14.73 21.09 -19.71
N LYS B 565 14.03 20.31 -20.54
CA LYS B 565 14.53 20.03 -21.88
C LYS B 565 14.75 21.34 -22.64
N ALA B 566 13.79 22.25 -22.56
CA ALA B 566 13.93 23.53 -23.26
C ALA B 566 15.16 24.27 -22.78
N ARG B 567 15.52 24.11 -21.50
CA ARG B 567 16.71 24.79 -20.99
C ARG B 567 17.99 24.12 -21.49
N GLN B 568 17.93 22.83 -21.81
CA GLN B 568 19.14 22.13 -22.24
C GLN B 568 19.49 22.45 -23.69
N ALA B 569 18.48 22.69 -24.54
CA ALA B 569 18.70 22.92 -25.96
C ALA B 569 18.61 24.40 -26.32
N ALA B 570 19.02 25.28 -25.42
CA ALA B 570 18.97 26.71 -25.72
C ALA B 570 19.99 27.06 -26.81
N PRO B 571 19.65 27.98 -27.72
CA PRO B 571 18.38 28.70 -27.87
C PRO B 571 17.30 27.83 -28.49
N CYS B 572 16.04 28.00 -28.12
CA CYS B 572 14.97 27.17 -28.65
C CYS B 572 13.64 27.90 -28.50
N VAL B 573 12.62 27.36 -29.16
CA VAL B 573 11.28 27.91 -29.14
C VAL B 573 10.33 26.84 -28.63
N LEU B 574 9.49 27.21 -27.67
CA LEU B 574 8.53 26.29 -27.05
C LEU B 574 7.13 26.67 -27.50
N PHE B 575 6.39 25.69 -28.03
CA PHE B 575 5.10 25.92 -28.64
C PHE B 575 4.02 25.12 -27.93
N PHE B 576 2.95 25.80 -27.53
CA PHE B 576 1.75 25.18 -27.00
C PHE B 576 0.57 25.58 -27.88
N ASP B 577 -0.23 24.60 -28.29
CA ASP B 577 -1.43 24.86 -29.07
C ASP B 577 -2.60 24.09 -28.47
N GLU B 578 -3.80 24.48 -28.88
CA GLU B 578 -5.04 23.94 -28.31
C GLU B 578 -5.04 24.16 -26.79
N LEU B 579 -4.61 25.35 -26.37
CA LEU B 579 -4.60 25.67 -24.94
C LEU B 579 -6.00 25.66 -24.35
N ASP B 580 -7.02 25.92 -25.18
CA ASP B 580 -8.40 25.95 -24.71
C ASP B 580 -8.99 24.56 -24.49
N SER B 581 -8.23 23.50 -24.74
CA SER B 581 -8.79 22.16 -24.69
C SER B 581 -9.32 21.82 -23.30
N ILE B 582 -8.55 22.13 -22.26
CA ILE B 582 -8.97 21.79 -20.90
C ILE B 582 -10.20 22.59 -20.50
N ALA B 583 -10.19 23.90 -20.79
CA ALA B 583 -11.37 24.71 -20.53
C ALA B 583 -12.58 24.25 -21.34
N LYS B 584 -12.34 23.61 -22.49
CA LYS B 584 -13.42 23.05 -23.29
C LYS B 584 -13.98 21.77 -22.67
N ALA B 585 -13.11 20.95 -22.08
CA ALA B 585 -13.54 19.66 -21.57
C ALA B 585 -14.58 19.81 -20.47
N ARG B 586 -14.32 20.70 -19.50
CA ARG B 586 -15.23 20.89 -18.37
C ARG B 586 -16.28 21.94 -18.75
N GLY B 587 -17.19 21.54 -19.62
CA GLY B 587 -18.28 22.39 -20.03
C GLY B 587 -17.84 23.46 -21.03
N GLY B 588 -18.70 24.46 -21.19
CA GLY B 588 -18.43 25.57 -22.09
C GLY B 588 -17.58 26.63 -21.41
N ASN B 589 -17.67 27.84 -21.96
CA ASN B 589 -16.94 28.96 -21.37
C ASN B 589 -17.41 29.21 -19.94
N ILE B 590 -18.71 29.17 -19.71
CA ILE B 590 -19.23 29.20 -18.34
C ILE B 590 -18.78 27.96 -17.59
N GLY B 591 -18.82 26.81 -18.26
CA GLY B 591 -18.37 25.57 -17.66
C GLY B 591 -19.44 24.90 -16.82
N ASP B 592 -19.32 23.58 -16.68
CA ASP B 592 -20.22 22.86 -15.78
C ASP B 592 -20.02 23.32 -14.34
N GLY B 593 -18.78 23.59 -13.95
CA GLY B 593 -18.49 24.09 -12.62
C GLY B 593 -17.10 24.66 -12.55
N GLY B 594 -16.85 25.45 -11.52
CA GLY B 594 -15.55 26.05 -11.31
C GLY B 594 -15.36 27.31 -12.13
N GLY B 595 -14.15 27.84 -12.04
CA GLY B 595 -13.78 29.03 -12.78
C GLY B 595 -12.93 28.73 -14.00
N ALA B 596 -12.02 29.64 -14.34
CA ALA B 596 -11.15 29.49 -15.49
C ALA B 596 -9.81 28.86 -15.15
N ALA B 597 -9.60 28.48 -13.89
CA ALA B 597 -8.34 27.89 -13.46
C ALA B 597 -8.44 26.37 -13.42
N ASP B 598 -7.28 25.72 -13.49
CA ASP B 598 -7.19 24.27 -13.44
C ASP B 598 -5.82 23.90 -12.90
N ARG B 599 -5.59 22.59 -12.76
CA ARG B 599 -4.38 22.08 -12.13
C ARG B 599 -3.21 21.97 -13.10
N VAL B 600 -3.40 22.27 -14.39
CA VAL B 600 -2.35 22.14 -15.38
C VAL B 600 -1.82 23.49 -15.85
N ILE B 601 -2.64 24.53 -15.87
CA ILE B 601 -2.13 25.86 -16.23
C ILE B 601 -1.41 26.49 -15.04
N ASN B 602 -1.83 26.17 -13.82
CA ASN B 602 -1.13 26.69 -12.65
C ASN B 602 0.33 26.27 -12.64
N GLN B 603 0.59 25.00 -12.95
CA GLN B 603 1.97 24.53 -13.02
C GLN B 603 2.72 25.23 -14.14
N ILE B 604 2.07 25.46 -15.28
CA ILE B 604 2.72 26.16 -16.39
C ILE B 604 3.15 27.55 -15.96
N LEU B 605 2.26 28.27 -15.28
CA LEU B 605 2.62 29.61 -14.80
C LEU B 605 3.75 29.52 -13.78
N THR B 606 3.72 28.52 -12.89
CA THR B 606 4.78 28.38 -11.91
C THR B 606 6.13 28.20 -12.59
N GLU B 607 6.19 27.35 -13.62
CA GLU B 607 7.45 27.18 -14.35
C GLU B 607 7.85 28.45 -15.09
N MET B 608 6.87 29.15 -15.68
CA MET B 608 7.19 30.35 -16.45
C MET B 608 7.82 31.41 -15.57
N ASP B 609 7.20 31.70 -14.42
CA ASP B 609 7.70 32.77 -13.57
C ASP B 609 9.10 32.49 -13.06
N GLY B 610 9.39 31.23 -12.74
CA GLY B 610 10.71 30.86 -12.27
C GLY B 610 11.66 30.54 -13.40
N MET B 611 11.83 31.49 -14.33
CA MET B 611 12.71 31.30 -15.47
C MET B 611 13.33 32.63 -15.84
N SER B 612 14.65 32.63 -16.02
CA SER B 612 15.37 33.87 -16.31
C SER B 612 15.14 34.33 -17.74
N THR B 613 15.28 35.64 -17.96
CA THR B 613 15.22 36.18 -19.31
C THR B 613 16.38 35.68 -20.15
N LYS B 614 17.46 35.24 -19.52
CA LYS B 614 18.61 34.74 -20.25
C LYS B 614 18.30 33.34 -20.79
N LYS B 615 19.24 32.80 -21.55
CA LYS B 615 19.18 31.50 -22.21
C LYS B 615 18.33 31.55 -23.47
N ASN B 616 17.70 32.68 -23.78
CA ASN B 616 17.02 32.88 -25.05
C ASN B 616 16.00 31.76 -25.32
N VAL B 617 15.08 31.57 -24.39
CA VAL B 617 13.97 30.63 -24.55
C VAL B 617 12.71 31.42 -24.78
N PHE B 618 12.06 31.20 -25.93
CA PHE B 618 10.83 31.88 -26.30
C PHE B 618 9.66 30.90 -26.20
N ILE B 619 8.50 31.44 -25.83
CA ILE B 619 7.29 30.65 -25.64
C ILE B 619 6.18 31.24 -26.49
N ILE B 620 5.47 30.37 -27.21
CA ILE B 620 4.38 30.76 -28.09
C ILE B 620 3.14 29.96 -27.74
N GLY B 621 1.98 30.60 -27.77
CA GLY B 621 0.73 29.93 -27.51
C GLY B 621 -0.27 30.20 -28.62
N ALA B 622 -1.12 29.21 -28.88
CA ALA B 622 -2.12 29.29 -29.92
C ALA B 622 -3.46 28.80 -29.39
N THR B 623 -4.53 29.41 -29.90
CA THR B 623 -5.89 29.04 -29.52
C THR B 623 -6.86 29.73 -30.47
N ASN B 624 -8.13 29.32 -30.38
CA ASN B 624 -9.20 29.96 -31.14
C ASN B 624 -10.35 30.40 -30.23
N ARG B 625 -10.21 30.27 -28.92
CA ARG B 625 -11.23 30.69 -27.96
C ARG B 625 -10.56 31.45 -26.83
N PRO B 626 -10.05 32.65 -27.10
CA PRO B 626 -9.34 33.40 -26.06
C PRO B 626 -10.22 33.86 -24.92
N ASP B 627 -11.55 33.84 -25.09
CA ASP B 627 -12.43 34.29 -24.02
C ASP B 627 -12.41 33.33 -22.84
N ILE B 628 -12.15 32.04 -23.08
CA ILE B 628 -12.23 31.06 -22.01
C ILE B 628 -10.88 30.77 -21.35
N ILE B 629 -9.77 31.17 -21.97
CA ILE B 629 -8.47 30.89 -21.37
C ILE B 629 -8.29 31.75 -20.12
N ASP B 630 -7.41 31.30 -19.23
CA ASP B 630 -7.22 31.96 -17.95
C ASP B 630 -6.63 33.34 -18.16
N PRO B 631 -7.22 34.39 -17.58
CA PRO B 631 -6.63 35.74 -17.74
C PRO B 631 -5.25 35.87 -17.14
N ALA B 632 -4.91 35.04 -16.15
CA ALA B 632 -3.61 35.16 -15.49
C ALA B 632 -2.46 34.94 -16.46
N ILE B 633 -2.69 34.22 -17.56
CA ILE B 633 -1.62 34.00 -18.54
C ILE B 633 -1.36 35.21 -19.41
N LEU B 634 -2.21 36.24 -19.33
CA LEU B 634 -2.06 37.44 -20.14
C LEU B 634 -1.53 38.63 -19.34
N ARG B 635 -1.10 38.41 -18.11
CA ARG B 635 -0.59 39.49 -17.28
C ARG B 635 0.80 39.89 -17.75
N PRO B 636 1.30 41.04 -17.31
CA PRO B 636 2.68 41.40 -17.63
C PRO B 636 3.64 40.28 -17.23
N GLY B 637 4.60 40.02 -18.09
CA GLY B 637 5.29 38.74 -18.06
C GLY B 637 4.45 37.69 -18.76
N ARG B 638 4.87 36.43 -18.63
CA ARG B 638 4.14 35.32 -19.22
C ARG B 638 3.96 35.64 -20.71
N LEU B 639 2.74 35.59 -21.25
CA LEU B 639 2.46 36.01 -22.62
C LEU B 639 1.64 37.28 -22.58
N ASP B 640 2.27 38.40 -22.92
CA ASP B 640 1.59 39.70 -22.90
C ASP B 640 1.29 40.26 -24.28
N GLN B 641 1.91 39.73 -25.33
CA GLN B 641 1.66 40.20 -26.68
C GLN B 641 0.65 39.29 -27.37
N LEU B 642 -0.40 39.89 -27.94
CA LEU B 642 -1.46 39.17 -28.61
C LEU B 642 -1.47 39.54 -30.08
N ILE B 643 -1.55 38.53 -30.95
CA ILE B 643 -1.57 38.72 -32.39
C ILE B 643 -2.79 38.02 -32.96
N TYR B 644 -3.43 38.66 -33.94
CA TYR B 644 -4.66 38.15 -34.56
C TYR B 644 -4.32 37.67 -35.96
N ILE B 645 -4.48 36.37 -36.20
CA ILE B 645 -4.23 35.76 -37.50
C ILE B 645 -5.56 35.72 -38.25
N PRO B 646 -5.74 36.50 -39.31
CA PRO B 646 -7.02 36.53 -40.01
C PRO B 646 -7.05 35.55 -41.18
N LEU B 647 -8.23 35.44 -41.79
CA LEU B 647 -8.36 34.63 -42.99
C LEU B 647 -7.55 35.27 -44.13
N PRO B 648 -6.96 34.47 -45.00
CA PRO B 648 -6.14 35.05 -46.07
C PRO B 648 -6.98 35.80 -47.08
N ASP B 649 -6.35 36.79 -47.72
CA ASP B 649 -6.99 37.54 -48.79
C ASP B 649 -6.78 36.84 -50.13
N GLU B 650 -7.44 37.36 -51.16
CA GLU B 650 -7.38 36.73 -52.48
C GLU B 650 -5.94 36.56 -52.95
N LYS B 651 -5.12 37.60 -52.79
CA LYS B 651 -3.70 37.46 -53.11
C LYS B 651 -3.03 36.42 -52.23
N SER B 652 -3.32 36.45 -50.93
CA SER B 652 -2.83 35.39 -50.06
C SER B 652 -3.34 34.03 -50.51
N ARG B 653 -4.56 33.97 -51.06
CA ARG B 653 -5.10 32.69 -51.48
C ARG B 653 -4.36 32.15 -52.70
N VAL B 654 -4.06 33.01 -53.68
CA VAL B 654 -3.26 32.55 -54.81
C VAL B 654 -1.89 32.11 -54.30
N ALA B 655 -1.31 32.83 -53.34
CA ALA B 655 0.00 32.47 -52.82
C ALA B 655 -0.03 31.09 -52.17
N ILE B 656 -1.05 30.82 -51.35
CA ILE B 656 -1.16 29.50 -50.72
C ILE B 656 -1.36 28.44 -51.80
N LEU B 657 -2.10 28.75 -52.85
CA LEU B 657 -2.30 27.77 -53.92
C LEU B 657 -0.97 27.42 -54.58
N LYS B 658 -0.15 28.43 -54.89
CA LYS B 658 1.16 28.12 -55.49
C LYS B 658 2.01 27.31 -54.52
N ALA B 659 2.01 27.68 -53.24
CA ALA B 659 2.82 26.96 -52.27
C ALA B 659 2.41 25.49 -52.19
N ASN B 660 1.09 25.23 -52.19
CA ASN B 660 0.62 23.86 -52.09
C ASN B 660 0.87 23.07 -53.37
N LEU B 661 0.80 23.73 -54.53
CA LEU B 661 0.95 23.05 -55.81
C LEU B 661 2.39 23.03 -56.30
N ARG B 662 3.35 23.50 -55.49
CA ARG B 662 4.74 23.58 -55.90
C ARG B 662 5.41 22.22 -56.03
N LYS B 663 4.78 21.15 -55.56
CA LYS B 663 5.40 19.81 -55.57
C LYS B 663 4.53 18.81 -56.31
N SER B 664 3.89 19.20 -57.40
CA SER B 664 3.11 18.29 -58.22
C SER B 664 3.08 18.82 -59.65
N PRO B 665 3.06 17.93 -60.65
CA PRO B 665 2.91 18.38 -62.04
C PRO B 665 1.46 18.75 -62.33
N VAL B 666 1.17 20.04 -62.39
CA VAL B 666 -0.21 20.52 -62.47
C VAL B 666 -0.39 21.54 -63.58
N ALA B 667 0.53 21.62 -64.52
CA ALA B 667 0.37 22.51 -65.66
C ALA B 667 -0.99 22.29 -66.30
N LYS B 668 -1.78 23.35 -66.40
CA LYS B 668 -3.19 23.22 -66.72
C LYS B 668 -3.67 24.45 -67.49
N ASP B 669 -4.79 24.27 -68.20
CA ASP B 669 -5.43 25.39 -68.87
C ASP B 669 -5.96 26.39 -67.85
N VAL B 670 -6.56 25.91 -66.77
CA VAL B 670 -7.10 26.81 -65.75
C VAL B 670 -5.95 27.53 -65.05
N ASP B 671 -6.29 28.64 -64.39
CA ASP B 671 -5.33 29.50 -63.73
C ASP B 671 -5.71 29.67 -62.27
N LEU B 672 -4.74 29.47 -61.38
CA LEU B 672 -5.01 29.55 -59.95
C LEU B 672 -5.56 30.92 -59.56
N GLU B 673 -5.11 31.97 -60.25
CA GLU B 673 -5.67 33.30 -60.02
C GLU B 673 -7.18 33.30 -60.23
N PHE B 674 -7.66 32.54 -61.22
CA PHE B 674 -9.10 32.42 -61.41
C PHE B 674 -9.76 31.77 -60.20
N LEU B 675 -9.17 30.70 -59.68
CA LEU B 675 -9.76 30.01 -58.53
C LEU B 675 -9.84 30.92 -57.32
N ALA B 676 -8.77 31.66 -57.04
CA ALA B 676 -8.70 32.40 -55.78
C ALA B 676 -9.83 33.41 -55.65
N LYS B 677 -10.09 34.18 -56.70
CA LYS B 677 -11.13 35.20 -56.62
C LYS B 677 -12.50 34.57 -56.40
N MET B 678 -12.74 33.40 -56.99
CA MET B 678 -14.00 32.71 -56.76
C MET B 678 -14.18 32.34 -55.30
N THR B 679 -13.08 32.02 -54.60
CA THR B 679 -13.15 31.72 -53.18
C THR B 679 -13.44 32.98 -52.38
N ASN B 680 -14.20 32.81 -51.30
CA ASN B 680 -14.53 33.92 -50.42
C ASN B 680 -14.65 33.38 -49.01
N GLY B 681 -13.69 33.72 -48.15
CA GLY B 681 -13.67 33.22 -46.79
C GLY B 681 -13.07 31.84 -46.64
N PHE B 682 -12.58 31.23 -47.71
CA PHE B 682 -11.94 29.93 -47.60
C PHE B 682 -10.69 30.01 -46.73
N SER B 683 -10.57 29.08 -45.80
CA SER B 683 -9.39 29.01 -44.95
C SER B 683 -8.26 28.28 -45.67
N GLY B 684 -7.08 28.28 -45.05
CA GLY B 684 -5.95 27.59 -45.64
C GLY B 684 -6.16 26.09 -45.75
N ALA B 685 -6.88 25.50 -44.79
CA ALA B 685 -7.13 24.07 -44.84
C ALA B 685 -7.92 23.69 -46.08
N ASP B 686 -8.91 24.52 -46.44
CA ASP B 686 -9.72 24.22 -47.62
C ASP B 686 -8.88 24.22 -48.90
N LEU B 687 -7.86 25.08 -48.97
CA LEU B 687 -7.04 25.17 -50.16
C LEU B 687 -6.04 24.03 -50.29
N THR B 688 -5.78 23.28 -49.20
CA THR B 688 -4.94 22.10 -49.26
C THR B 688 -5.76 20.83 -49.46
N GLU B 689 -7.08 20.95 -49.60
CA GLU B 689 -7.96 19.83 -49.86
C GLU B 689 -8.40 19.72 -51.31
N ILE B 690 -8.53 20.85 -52.01
CA ILE B 690 -8.90 20.83 -53.42
C ILE B 690 -7.81 20.12 -54.22
N CYS B 691 -6.54 20.44 -53.95
CA CYS B 691 -5.46 19.81 -54.68
C CYS B 691 -5.46 18.30 -54.46
N GLN B 692 -5.66 17.87 -53.21
CA GLN B 692 -5.67 16.44 -52.92
C GLN B 692 -6.80 15.74 -53.67
N ARG B 693 -7.99 16.33 -53.68
CA ARG B 693 -9.11 15.71 -54.38
C ARG B 693 -8.87 15.65 -55.89
N ALA B 694 -8.37 16.74 -56.47
CA ALA B 694 -8.11 16.74 -57.90
C ALA B 694 -7.06 15.71 -58.26
N CYS B 695 -5.98 15.62 -57.48
CA CYS B 695 -4.97 14.61 -57.74
C CYS B 695 -5.53 13.21 -57.53
N LYS B 696 -6.45 13.03 -56.60
CA LYS B 696 -7.11 11.74 -56.42
C LYS B 696 -7.87 11.34 -57.67
N LEU B 697 -8.62 12.28 -58.24
CA LEU B 697 -9.34 11.99 -59.48
C LEU B 697 -8.37 11.64 -60.59
N ALA B 698 -7.28 12.40 -60.71
CA ALA B 698 -6.31 12.15 -61.77
C ALA B 698 -5.68 10.77 -61.63
N ILE B 699 -5.28 10.40 -60.41
CA ILE B 699 -4.64 9.11 -60.21
C ILE B 699 -5.63 7.98 -60.43
N ARG B 700 -6.89 8.16 -60.03
CA ARG B 700 -7.89 7.14 -60.30
C ARG B 700 -8.06 6.92 -61.79
N GLU B 701 -8.14 8.01 -62.56
CA GLU B 701 -8.25 7.87 -64.01
C GLU B 701 -7.02 7.17 -64.58
N SER B 702 -5.83 7.54 -64.11
CA SER B 702 -4.61 6.91 -64.61
C SER B 702 -4.61 5.42 -64.32
N ILE B 703 -5.00 5.02 -63.11
CA ILE B 703 -4.99 3.61 -62.74
C ILE B 703 -6.03 2.84 -63.55
N GLU B 704 -7.21 3.43 -63.76
CA GLU B 704 -8.22 2.77 -64.59
C GLU B 704 -7.70 2.57 -66.01
N SER B 705 -7.09 3.60 -66.58
CA SER B 705 -6.55 3.48 -67.92
C SER B 705 -5.47 2.40 -67.98
N GLU B 706 -4.58 2.37 -67.00
CA GLU B 706 -3.50 1.39 -67.03
C GLU B 706 -4.05 -0.03 -66.91
N ILE B 707 -5.01 -0.26 -66.01
CA ILE B 707 -5.54 -1.61 -65.87
C ILE B 707 -6.26 -2.03 -67.16
N ARG B 708 -7.06 -1.13 -67.74
CA ARG B 708 -7.76 -1.49 -68.97
C ARG B 708 -6.78 -1.78 -70.10
N ARG B 709 -5.72 -0.97 -70.22
CA ARG B 709 -4.75 -1.18 -71.29
C ARG B 709 -3.99 -2.49 -71.09
N GLU B 710 -3.55 -2.76 -69.86
CA GLU B 710 -2.82 -4.01 -69.60
C GLU B 710 -3.71 -5.22 -69.79
N ARG B 711 -5.02 -5.06 -69.60
CA ARG B 711 -5.94 -6.19 -69.73
C ARG B 711 -6.36 -6.45 -71.17
N GLU B 712 -6.58 -5.40 -71.96
CA GLU B 712 -7.22 -5.57 -73.27
C GLU B 712 -6.39 -6.45 -74.20
N ARG B 713 -5.11 -6.12 -74.37
CA ARG B 713 -4.33 -6.79 -75.41
C ARG B 713 -4.04 -8.25 -75.07
N GLN B 714 -3.91 -8.56 -73.77
CA GLN B 714 -3.66 -9.95 -73.39
C GLN B 714 -4.95 -10.76 -73.36
N THR B 715 -6.05 -10.18 -72.87
CA THR B 715 -7.34 -10.86 -72.99
C THR B 715 -7.72 -11.02 -74.45
N ASN B 716 -7.47 -9.99 -75.26
CA ASN B 716 -7.63 -10.08 -76.70
C ASN B 716 -6.53 -10.98 -77.29
N PRO B 717 -6.80 -11.65 -78.42
CA PRO B 717 -5.74 -12.45 -79.05
C PRO B 717 -4.67 -11.60 -79.73
N SER B 718 -4.07 -10.67 -78.98
CA SER B 718 -2.96 -9.84 -79.46
C SER B 718 -1.77 -10.10 -78.56
N ALA B 719 -0.73 -10.73 -79.12
CA ALA B 719 0.39 -11.18 -78.30
C ALA B 719 1.15 -9.99 -77.70
N MET B 720 1.53 -9.03 -78.54
CA MET B 720 2.39 -7.94 -78.10
C MET B 720 1.90 -6.63 -78.71
N GLU B 721 1.47 -5.70 -77.85
CA GLU B 721 1.14 -4.35 -78.25
C GLU B 721 1.72 -3.39 -77.22
N VAL B 722 2.45 -2.39 -77.69
CA VAL B 722 3.18 -1.47 -76.82
C VAL B 722 2.68 -0.05 -77.06
N GLU B 723 2.25 0.60 -75.99
CA GLU B 723 1.93 2.02 -76.02
C GLU B 723 1.86 2.51 -74.58
N GLU B 724 2.68 3.51 -74.24
CA GLU B 724 2.74 4.00 -72.87
C GLU B 724 2.83 5.52 -72.83
N ASP B 725 2.26 6.20 -73.82
CA ASP B 725 2.13 7.65 -73.73
C ASP B 725 1.28 7.99 -72.53
N ASP B 726 1.89 8.64 -71.53
CA ASP B 726 1.24 8.85 -70.23
C ASP B 726 -0.12 9.51 -70.42
N PRO B 727 -1.22 8.79 -70.22
CA PRO B 727 -2.54 9.43 -70.35
C PRO B 727 -2.76 10.54 -69.35
N VAL B 728 -2.16 10.46 -68.17
CA VAL B 728 -2.38 11.43 -67.11
C VAL B 728 -1.03 11.93 -66.60
N PRO B 729 -0.31 12.75 -67.38
CA PRO B 729 0.98 13.27 -66.89
C PRO B 729 0.85 14.45 -65.96
N GLU B 730 -0.28 15.16 -66.00
CA GLU B 730 -0.48 16.35 -65.20
C GLU B 730 -1.97 16.47 -64.86
N ILE B 731 -2.29 17.43 -64.00
CA ILE B 731 -3.66 17.67 -63.57
C ILE B 731 -4.25 18.72 -64.50
N ARG B 732 -5.17 18.30 -65.36
CA ARG B 732 -5.77 19.21 -66.32
C ARG B 732 -6.91 20.00 -65.68
N ARG B 733 -7.46 20.95 -66.45
CA ARG B 733 -8.52 21.81 -65.91
C ARG B 733 -9.75 20.99 -65.52
N ASP B 734 -9.98 19.86 -66.18
CA ASP B 734 -11.17 19.08 -65.89
C ASP B 734 -11.17 18.58 -64.44
N HIS B 735 -10.02 18.10 -63.97
CA HIS B 735 -9.95 17.60 -62.59
C HIS B 735 -10.26 18.70 -61.58
N PHE B 736 -9.69 19.89 -61.79
CA PHE B 736 -9.96 20.99 -60.88
C PHE B 736 -11.42 21.43 -60.97
N GLU B 737 -12.01 21.37 -62.16
CA GLU B 737 -13.42 21.70 -62.30
C GLU B 737 -14.29 20.73 -61.50
N GLU B 738 -13.97 19.43 -61.57
CA GLU B 738 -14.70 18.45 -60.77
C GLU B 738 -14.51 18.71 -59.29
N ALA B 739 -13.27 18.99 -58.86
CA ALA B 739 -13.00 19.16 -57.44
C ALA B 739 -13.66 20.41 -56.88
N MET B 740 -13.75 21.48 -57.67
CA MET B 740 -14.33 22.72 -57.18
C MET B 740 -15.77 22.52 -56.70
N ARG B 741 -16.49 21.57 -57.30
CA ARG B 741 -17.86 21.31 -56.89
C ARG B 741 -17.95 20.58 -55.56
N PHE B 742 -16.90 19.88 -55.15
CA PHE B 742 -16.91 19.08 -53.94
C PHE B 742 -16.40 19.83 -52.71
N ALA B 743 -15.96 21.07 -52.86
CA ALA B 743 -15.37 21.84 -51.78
C ALA B 743 -16.15 23.13 -51.57
N ARG B 744 -16.35 23.48 -50.30
CA ARG B 744 -17.06 24.71 -49.93
C ARG B 744 -16.35 25.31 -48.71
N ARG B 745 -16.97 26.34 -48.14
CA ARG B 745 -16.42 26.98 -46.95
C ARG B 745 -16.54 26.06 -45.73
N SER B 746 -15.71 26.32 -44.73
CA SER B 746 -15.70 25.53 -43.50
C SER B 746 -15.81 26.40 -42.26
N VAL B 747 -16.34 27.62 -42.39
CA VAL B 747 -16.52 28.54 -41.28
C VAL B 747 -17.80 29.34 -41.51
N SER B 748 -18.20 30.09 -40.49
CA SER B 748 -19.39 30.91 -40.54
C SER B 748 -19.05 32.35 -40.21
N ASP B 749 -19.85 33.28 -40.72
CA ASP B 749 -19.61 34.69 -40.47
C ASP B 749 -19.74 35.03 -38.98
N ASN B 750 -20.44 34.19 -38.21
CA ASN B 750 -20.57 34.46 -36.78
C ASN B 750 -19.24 34.31 -36.06
N ASP B 751 -18.43 33.32 -36.45
CA ASP B 751 -17.11 33.18 -35.86
C ASP B 751 -16.25 34.40 -36.17
N ILE B 752 -16.31 34.87 -37.41
CA ILE B 752 -15.54 36.05 -37.80
C ILE B 752 -16.02 37.27 -37.04
N ARG B 753 -17.34 37.39 -36.82
CA ARG B 753 -17.86 38.51 -36.05
C ARG B 753 -17.37 38.45 -34.61
N LYS B 754 -17.33 37.25 -34.03
CA LYS B 754 -16.81 37.11 -32.67
C LYS B 754 -15.35 37.53 -32.60
N TYR B 755 -14.55 37.09 -33.57
CA TYR B 755 -13.13 37.45 -33.58
C TYR B 755 -12.96 38.96 -33.74
N GLU B 756 -13.75 39.58 -34.62
CA GLU B 756 -13.67 41.03 -34.79
C GLU B 756 -14.09 41.76 -33.52
N MET B 757 -15.14 41.26 -32.85
CA MET B 757 -15.58 41.89 -31.61
C MET B 757 -14.50 41.80 -30.55
N PHE B 758 -13.79 40.68 -30.47
CA PHE B 758 -12.67 40.61 -29.52
C PHE B 758 -11.55 41.54 -29.94
N ALA B 759 -11.26 41.63 -31.24
CA ALA B 759 -10.19 42.51 -31.71
C ALA B 759 -10.52 43.98 -31.46
N GLN B 760 -11.80 44.31 -31.35
CA GLN B 760 -12.21 45.70 -31.12
C GLN B 760 -12.34 46.01 -29.63
N THR B 761 -12.92 45.09 -28.85
CA THR B 761 -13.15 45.34 -27.44
C THR B 761 -11.86 45.40 -26.64
N LEU B 762 -10.75 44.89 -27.18
CA LEU B 762 -9.49 44.92 -26.44
C LEU B 762 -9.09 46.35 -26.11
N GLN B 763 -9.52 47.33 -26.90
CA GLN B 763 -9.20 48.73 -26.65
C GLN B 763 -9.86 49.20 -25.36
N ASN C 21 24.21 -26.22 -67.07
CA ASN C 21 25.22 -26.71 -66.14
C ASN C 21 24.76 -27.99 -65.47
N ARG C 22 24.72 -29.08 -66.24
CA ARG C 22 24.33 -30.38 -65.73
C ARG C 22 22.94 -30.34 -65.14
N PRO C 23 21.90 -30.25 -65.95
CA PRO C 23 20.53 -30.31 -65.41
C PRO C 23 20.15 -31.71 -64.96
N ASN C 24 21.04 -32.35 -64.21
CA ASN C 24 20.81 -33.65 -63.59
C ASN C 24 20.78 -33.54 -62.08
N ARG C 25 21.79 -32.92 -61.50
CA ARG C 25 21.73 -32.59 -60.08
C ARG C 25 20.49 -31.76 -59.80
N LEU C 26 20.06 -31.76 -58.54
CA LEU C 26 18.88 -30.98 -58.23
C LEU C 26 18.75 -30.83 -56.72
N ILE C 27 18.01 -29.81 -56.32
CA ILE C 27 17.95 -29.40 -54.93
C ILE C 27 16.67 -29.95 -54.32
N VAL C 28 16.60 -29.92 -53.01
CA VAL C 28 15.52 -30.55 -52.27
C VAL C 28 14.44 -29.53 -51.96
N ASP C 29 13.26 -30.05 -51.62
CA ASP C 29 12.17 -29.24 -51.11
C ASP C 29 11.18 -30.18 -50.45
N GLU C 30 10.14 -29.60 -49.86
CA GLU C 30 9.15 -30.39 -49.16
C GLU C 30 8.28 -31.16 -50.16
N ALA C 31 7.31 -31.89 -49.63
CA ALA C 31 6.48 -32.78 -50.42
C ALA C 31 5.04 -32.68 -49.96
N ILE C 32 4.13 -33.11 -50.84
CA ILE C 32 2.71 -33.15 -50.56
C ILE C 32 2.20 -34.57 -50.45
N ASN C 33 2.45 -35.39 -51.45
CA ASN C 33 2.02 -36.78 -51.41
C ASN C 33 2.46 -37.43 -50.12
N GLU C 34 1.58 -38.24 -49.56
CA GLU C 34 1.86 -38.95 -48.32
C GLU C 34 2.46 -40.32 -48.56
N ASP C 35 2.29 -40.85 -49.77
CA ASP C 35 2.88 -42.12 -50.11
C ASP C 35 4.40 -42.06 -49.99
N ASN C 36 5.00 -43.20 -49.71
CA ASN C 36 6.43 -43.31 -49.52
C ASN C 36 7.11 -43.67 -50.83
N SER C 37 8.39 -43.31 -50.93
CA SER C 37 9.17 -43.54 -52.13
C SER C 37 8.47 -42.97 -53.36
N VAL C 38 7.95 -41.76 -53.21
CA VAL C 38 7.25 -41.08 -54.30
C VAL C 38 7.69 -39.63 -54.35
N VAL C 39 7.64 -39.06 -55.54
CA VAL C 39 8.20 -37.76 -55.82
C VAL C 39 7.30 -37.04 -56.83
N SER C 40 7.68 -35.82 -57.17
CA SER C 40 7.01 -35.06 -58.20
C SER C 40 7.93 -33.94 -58.63
N LEU C 41 7.89 -33.64 -59.93
CA LEU C 41 8.79 -32.64 -60.50
C LEU C 41 7.99 -31.72 -61.42
N SER C 42 8.58 -30.57 -61.68
CA SER C 42 7.95 -29.61 -62.58
C SER C 42 7.71 -30.26 -63.94
N GLN C 43 6.77 -29.71 -64.68
CA GLN C 43 6.34 -30.27 -65.96
C GLN C 43 7.38 -30.15 -67.07
N PRO C 44 8.20 -29.09 -67.11
CA PRO C 44 9.07 -28.93 -68.27
C PRO C 44 10.26 -29.87 -68.23
N LYS C 45 10.74 -30.18 -67.03
CA LYS C 45 11.89 -31.05 -66.87
C LYS C 45 11.49 -32.51 -66.80
N MET C 46 10.68 -32.92 -67.77
CA MET C 46 10.36 -34.32 -67.99
C MET C 46 10.97 -34.85 -69.27
N ASP C 47 11.24 -33.98 -70.23
CA ASP C 47 11.99 -34.32 -71.42
C ASP C 47 13.47 -34.02 -71.26
N GLU C 48 13.78 -33.02 -70.44
CA GLU C 48 15.18 -32.71 -70.14
C GLU C 48 15.89 -33.95 -69.63
N LEU C 49 15.24 -34.68 -68.72
CA LEU C 49 15.69 -36.00 -68.34
C LEU C 49 15.01 -37.10 -69.14
N GLN C 50 13.91 -36.77 -69.81
CA GLN C 50 13.28 -37.67 -70.77
C GLN C 50 12.85 -38.98 -70.10
N LEU C 51 11.90 -38.84 -69.18
CA LEU C 51 11.37 -39.99 -68.47
C LEU C 51 10.10 -39.57 -67.76
N PHE C 52 9.15 -40.50 -67.66
CA PHE C 52 7.82 -40.21 -67.19
C PHE C 52 7.57 -40.84 -65.82
N ARG C 53 6.37 -40.57 -65.30
CA ARG C 53 6.05 -40.91 -63.91
C ARG C 53 6.31 -42.39 -63.64
N GLY C 54 5.72 -43.27 -64.45
CA GLY C 54 5.93 -44.68 -64.26
C GLY C 54 7.38 -45.09 -64.28
N ASP C 55 8.24 -44.30 -64.92
CA ASP C 55 9.65 -44.61 -64.93
C ASP C 55 10.18 -44.64 -63.51
N THR C 56 10.65 -45.80 -63.08
CA THR C 56 11.29 -45.93 -61.78
C THR C 56 12.69 -45.35 -61.88
N VAL C 57 13.02 -44.43 -60.99
CA VAL C 57 14.23 -43.64 -61.10
C VAL C 57 15.01 -43.73 -59.81
N LEU C 58 16.33 -43.83 -59.94
CA LEU C 58 17.23 -43.89 -58.79
C LEU C 58 17.76 -42.49 -58.50
N LEU C 59 17.98 -42.23 -57.22
CA LEU C 59 18.48 -40.96 -56.74
C LEU C 59 19.66 -41.20 -55.81
N LYS C 60 20.65 -40.33 -55.90
CA LYS C 60 21.89 -40.46 -55.17
C LYS C 60 21.82 -39.68 -53.87
N GLY C 61 22.71 -40.04 -52.95
CA GLY C 61 22.77 -39.38 -51.67
C GLY C 61 24.00 -39.79 -50.90
N LYS C 62 24.32 -38.96 -49.92
CA LYS C 62 25.60 -39.03 -49.22
C LYS C 62 25.78 -40.35 -48.48
N LYS C 63 26.93 -40.51 -47.83
CA LYS C 63 27.38 -41.79 -47.29
C LYS C 63 27.30 -42.89 -48.34
N ARG C 64 27.27 -42.51 -49.62
CA ARG C 64 27.19 -43.48 -50.71
C ARG C 64 25.96 -44.36 -50.56
N ARG C 65 24.80 -43.73 -50.68
CA ARG C 65 23.55 -44.48 -50.71
C ARG C 65 22.66 -43.90 -51.80
N GLU C 66 22.04 -44.79 -52.55
CA GLU C 66 21.16 -44.40 -53.63
C GLU C 66 19.89 -45.23 -53.55
N ALA C 67 18.75 -44.56 -53.65
CA ALA C 67 17.46 -45.21 -53.46
C ALA C 67 16.61 -44.98 -54.70
N VAL C 68 15.87 -46.01 -55.09
CA VAL C 68 15.01 -45.94 -56.26
C VAL C 68 13.60 -45.66 -55.79
N CYS C 69 12.87 -44.91 -56.61
CA CYS C 69 11.50 -44.56 -56.28
C CYS C 69 10.72 -44.34 -57.56
N ILE C 70 9.40 -44.28 -57.41
CA ILE C 70 8.51 -43.91 -58.50
C ILE C 70 8.73 -42.43 -58.79
N VAL C 71 8.17 -41.96 -59.89
CA VAL C 71 8.34 -40.58 -60.30
C VAL C 71 6.99 -40.01 -60.72
N LEU C 72 6.93 -38.68 -60.76
CA LEU C 72 5.74 -37.99 -61.25
C LEU C 72 6.14 -36.59 -61.69
N SER C 73 5.27 -35.99 -62.49
CA SER C 73 5.45 -34.63 -62.97
C SER C 73 4.35 -33.75 -62.39
N ASP C 74 4.73 -32.76 -61.60
CA ASP C 74 3.80 -31.80 -61.04
C ASP C 74 4.14 -30.41 -61.56
N ASP C 75 3.54 -29.40 -60.95
CA ASP C 75 3.70 -28.02 -61.37
C ASP C 75 4.28 -27.13 -60.28
N THR C 76 3.80 -27.26 -59.05
CA THR C 76 4.15 -26.30 -58.01
C THR C 76 5.66 -26.22 -57.81
N CYS C 77 6.31 -27.37 -57.69
CA CYS C 77 7.74 -27.37 -57.42
C CYS C 77 8.49 -26.79 -58.60
N SER C 78 9.47 -25.94 -58.30
CA SER C 78 10.24 -25.30 -59.35
C SER C 78 11.12 -26.31 -60.08
N ASP C 79 11.55 -25.92 -61.28
CA ASP C 79 12.40 -26.78 -62.09
C ASP C 79 13.62 -27.24 -61.31
N GLU C 80 14.12 -26.41 -60.41
CA GLU C 80 15.37 -26.71 -59.71
C GLU C 80 15.16 -27.49 -58.42
N LYS C 81 13.95 -27.96 -58.15
CA LYS C 81 13.63 -28.47 -56.82
C LYS C 81 12.78 -29.72 -56.90
N ILE C 82 13.03 -30.62 -55.96
CA ILE C 82 12.37 -31.91 -55.90
C ILE C 82 11.49 -31.92 -54.67
N ARG C 83 10.57 -32.88 -54.62
CA ARG C 83 9.70 -33.07 -53.48
C ARG C 83 9.82 -34.50 -52.97
N MET C 84 9.93 -34.64 -51.65
CA MET C 84 9.98 -35.95 -51.04
C MET C 84 9.71 -35.81 -49.55
N ASN C 85 9.70 -36.93 -48.86
CA ASN C 85 9.29 -37.00 -47.46
C ASN C 85 10.39 -37.61 -46.60
N ARG C 86 10.20 -37.49 -45.29
CA ARG C 86 11.21 -37.94 -44.35
C ARG C 86 11.51 -39.43 -44.52
N VAL C 87 10.50 -40.21 -44.91
CA VAL C 87 10.66 -41.65 -44.97
C VAL C 87 11.85 -42.00 -45.85
N VAL C 88 12.02 -41.24 -46.93
CA VAL C 88 13.07 -41.50 -47.90
C VAL C 88 14.33 -40.73 -47.59
N ARG C 89 14.17 -39.50 -47.14
CA ARG C 89 15.33 -38.66 -46.87
C ARG C 89 16.16 -39.23 -45.72
N ASN C 90 15.50 -39.88 -44.76
CA ASN C 90 16.24 -40.51 -43.67
C ASN C 90 17.20 -41.56 -44.20
N ASN C 91 16.66 -42.57 -44.88
CA ASN C 91 17.53 -43.60 -45.44
C ASN C 91 18.55 -42.98 -46.39
N LEU C 92 18.17 -41.90 -47.06
CA LEU C 92 19.10 -41.22 -47.93
C LEU C 92 20.11 -40.37 -47.17
N ARG C 93 19.88 -40.13 -45.89
CA ARG C 93 20.83 -39.41 -45.06
C ARG C 93 21.04 -37.99 -45.59
N VAL C 94 19.98 -37.41 -46.11
CA VAL C 94 20.02 -36.10 -46.76
C VAL C 94 18.99 -35.19 -46.12
N ARG C 95 19.31 -33.90 -46.12
CA ARG C 95 18.44 -32.87 -45.58
C ARG C 95 18.13 -31.85 -46.65
N LEU C 96 17.28 -30.89 -46.29
CA LEU C 96 16.85 -29.88 -47.23
C LEU C 96 18.01 -28.97 -47.60
N GLY C 97 17.89 -28.34 -48.76
CA GLY C 97 18.94 -27.46 -49.24
C GLY C 97 20.03 -28.23 -49.94
N ASP C 98 20.24 -29.49 -49.52
CA ASP C 98 21.21 -30.35 -50.15
C ASP C 98 20.82 -30.59 -51.61
N VAL C 99 21.71 -31.26 -52.36
CA VAL C 99 21.50 -31.46 -53.79
C VAL C 99 21.89 -32.89 -54.14
N ILE C 100 21.20 -33.45 -55.13
CA ILE C 100 21.37 -34.84 -55.52
C ILE C 100 21.30 -34.97 -57.03
N SER C 101 21.79 -36.09 -57.51
CA SER C 101 21.67 -36.46 -58.91
C SER C 101 20.40 -37.29 -59.12
N ILE C 102 20.31 -37.93 -60.28
CA ILE C 102 19.12 -38.69 -60.65
C ILE C 102 19.44 -39.47 -61.91
N GLN C 103 18.85 -40.67 -62.01
CA GLN C 103 19.00 -41.44 -63.24
C GLN C 103 17.84 -42.41 -63.42
N PRO C 104 17.22 -42.46 -64.60
CA PRO C 104 16.16 -43.44 -64.81
C PRO C 104 16.70 -44.85 -64.79
N CYS C 105 15.86 -45.77 -64.30
CA CYS C 105 16.21 -47.19 -64.21
C CYS C 105 15.06 -48.02 -64.74
N PRO C 106 14.77 -47.94 -66.04
CA PRO C 106 13.79 -48.84 -66.64
C PRO C 106 14.17 -50.31 -66.53
N ASP C 107 15.43 -50.60 -66.21
CA ASP C 107 15.92 -51.95 -65.99
C ASP C 107 15.40 -52.56 -64.73
N VAL C 108 14.52 -51.88 -63.99
CA VAL C 108 14.02 -52.45 -62.76
C VAL C 108 13.31 -53.76 -63.04
N LYS C 109 13.18 -54.56 -62.00
CA LYS C 109 12.68 -55.92 -62.10
C LYS C 109 11.42 -56.10 -61.27
N TYR C 110 10.56 -57.00 -61.73
CA TYR C 110 9.46 -57.50 -60.90
C TYR C 110 10.05 -58.42 -59.86
N GLY C 111 10.36 -57.87 -58.70
CA GLY C 111 11.09 -58.63 -57.71
C GLY C 111 10.27 -59.76 -57.11
N LYS C 112 10.98 -60.82 -56.77
CA LYS C 112 10.39 -61.93 -56.03
C LYS C 112 10.60 -61.69 -54.54
N ARG C 113 10.39 -62.72 -53.73
CA ARG C 113 10.51 -62.62 -52.29
C ARG C 113 11.74 -61.80 -51.91
N ILE C 114 11.51 -60.74 -51.15
CA ILE C 114 12.55 -59.80 -50.75
C ILE C 114 12.39 -59.62 -49.25
N HIS C 115 13.33 -60.16 -48.48
CA HIS C 115 13.12 -60.36 -47.06
C HIS C 115 13.09 -59.03 -46.32
N VAL C 116 12.21 -58.95 -45.32
CA VAL C 116 12.06 -57.76 -44.50
C VAL C 116 12.04 -58.13 -43.03
N LEU C 117 12.02 -57.12 -42.18
CA LEU C 117 11.96 -57.34 -40.74
C LEU C 117 11.69 -56.03 -40.03
N PRO C 118 10.87 -56.01 -38.97
CA PRO C 118 10.60 -54.74 -38.28
C PRO C 118 11.83 -54.29 -37.51
N ILE C 119 12.22 -53.03 -37.73
CA ILE C 119 13.44 -52.52 -37.12
C ILE C 119 13.11 -51.36 -36.19
N ASP C 120 12.79 -51.69 -34.94
CA ASP C 120 12.52 -50.68 -33.93
C ASP C 120 12.11 -51.39 -32.65
N ASP C 121 11.91 -50.59 -31.62
CA ASP C 121 11.17 -51.01 -30.44
C ASP C 121 9.68 -50.74 -30.58
N THR C 122 9.25 -50.12 -31.68
CA THR C 122 7.82 -49.94 -31.92
C THR C 122 7.05 -51.21 -31.67
N VAL C 123 7.68 -52.35 -31.95
CA VAL C 123 7.04 -53.64 -31.71
C VAL C 123 6.79 -53.88 -30.23
N GLU C 124 7.36 -53.04 -29.37
CA GLU C 124 7.19 -53.23 -27.94
C GLU C 124 5.71 -53.20 -27.58
N GLY C 125 5.29 -54.24 -26.87
CA GLY C 125 3.91 -54.31 -26.41
C GLY C 125 2.90 -54.49 -27.52
N ILE C 126 3.12 -55.45 -28.41
CA ILE C 126 2.25 -55.70 -29.54
C ILE C 126 2.03 -57.19 -29.69
N THR C 127 0.98 -57.54 -30.43
CA THR C 127 0.60 -58.93 -30.66
C THR C 127 -0.04 -59.02 -32.04
N GLY C 128 -0.74 -60.12 -32.29
CA GLY C 128 -1.45 -60.31 -33.55
C GLY C 128 -0.52 -60.49 -34.73
N ASN C 129 -1.03 -61.10 -35.80
CA ASN C 129 -0.24 -61.30 -37.02
C ASN C 129 -0.17 -59.98 -37.79
N LEU C 130 0.68 -59.11 -37.28
CA LEU C 130 0.91 -57.81 -37.91
C LEU C 130 1.23 -57.95 -39.39
N PHE C 131 1.92 -59.02 -39.78
CA PHE C 131 2.38 -59.14 -41.16
C PHE C 131 1.27 -58.76 -42.12
N GLU C 132 0.22 -59.56 -42.13
CA GLU C 132 -0.85 -59.40 -43.09
C GLU C 132 -1.46 -58.01 -42.99
N VAL C 133 -2.08 -57.77 -41.84
CA VAL C 133 -2.89 -56.58 -41.61
C VAL C 133 -2.12 -55.32 -42.01
N TYR C 134 -0.84 -55.26 -41.64
CA TYR C 134 -0.10 -54.02 -41.83
C TYR C 134 0.47 -53.90 -43.23
N LEU C 135 0.94 -55.00 -43.82
CA LEU C 135 1.70 -54.92 -45.05
C LEU C 135 0.82 -55.15 -46.27
N LYS C 136 0.11 -56.26 -46.31
CA LYS C 136 -0.61 -56.62 -47.53
C LYS C 136 -1.40 -55.47 -48.12
N PRO C 137 -2.16 -54.70 -47.34
CA PRO C 137 -2.92 -53.61 -47.94
C PRO C 137 -2.02 -52.52 -48.51
N TYR C 138 -0.85 -52.32 -47.91
CA TYR C 138 0.08 -51.35 -48.46
C TYR C 138 0.76 -51.89 -49.70
N PHE C 139 1.25 -53.12 -49.63
CA PHE C 139 1.83 -53.76 -50.80
C PHE C 139 0.77 -54.18 -51.79
N LEU C 140 -0.50 -53.88 -51.51
CA LEU C 140 -1.57 -54.23 -52.42
C LEU C 140 -1.44 -53.46 -53.73
N GLU C 141 -1.28 -54.19 -54.83
CA GLU C 141 -1.30 -53.63 -56.18
C GLU C 141 -0.43 -52.38 -56.27
N ALA C 142 0.58 -52.28 -55.41
CA ALA C 142 1.40 -51.09 -55.35
C ALA C 142 2.49 -51.09 -56.41
N TYR C 143 3.18 -52.20 -56.59
CA TYR C 143 4.42 -52.22 -57.37
C TYR C 143 5.39 -51.19 -56.84
N ARG C 144 5.30 -50.95 -55.53
CA ARG C 144 6.21 -50.08 -54.80
C ARG C 144 7.63 -50.55 -55.05
N PRO C 145 8.42 -49.83 -55.84
CA PRO C 145 9.81 -50.24 -56.04
C PRO C 145 10.55 -50.25 -54.72
N ILE C 146 11.43 -51.22 -54.56
CA ILE C 146 12.18 -51.41 -53.33
C ILE C 146 13.64 -51.63 -53.68
N ARG C 147 14.52 -51.11 -52.84
CA ARG C 147 15.92 -51.45 -52.85
C ARG C 147 16.33 -51.87 -51.45
N LYS C 148 17.30 -52.78 -51.38
CA LYS C 148 17.79 -53.23 -50.08
C LYS C 148 18.12 -52.03 -49.20
N GLY C 149 17.94 -52.21 -47.91
CA GLY C 149 18.23 -51.16 -46.95
C GLY C 149 17.11 -50.18 -46.72
N ASP C 150 16.00 -50.31 -47.45
CA ASP C 150 14.87 -49.42 -47.25
C ASP C 150 14.38 -49.48 -45.82
N ILE C 151 13.77 -48.39 -45.36
CA ILE C 151 13.24 -48.29 -44.01
C ILE C 151 11.78 -47.90 -44.07
N PHE C 152 11.08 -48.36 -45.10
CA PHE C 152 9.70 -47.98 -45.33
C PHE C 152 8.87 -48.17 -44.08
N LEU C 153 7.69 -47.55 -44.04
CA LEU C 153 6.90 -47.45 -42.83
C LEU C 153 5.44 -47.62 -43.16
N VAL C 154 4.68 -48.05 -42.15
CA VAL C 154 3.23 -48.22 -42.26
C VAL C 154 2.63 -47.99 -40.89
N ARG C 155 1.38 -47.54 -40.87
CA ARG C 155 0.72 -47.14 -39.64
C ARG C 155 -0.69 -47.70 -39.57
N GLY C 156 -1.13 -47.98 -38.35
CA GLY C 156 -2.47 -48.48 -38.10
C GLY C 156 -2.64 -48.75 -36.63
N GLY C 157 -3.90 -48.93 -36.23
CA GLY C 157 -4.21 -49.25 -34.86
C GLY C 157 -3.58 -48.29 -33.87
N MET C 158 -3.78 -47.00 -34.07
CA MET C 158 -3.27 -45.97 -33.17
C MET C 158 -1.77 -46.11 -32.95
N ARG C 159 -1.09 -46.77 -33.87
CA ARG C 159 0.35 -46.95 -33.77
C ARG C 159 0.95 -46.80 -35.15
N ALA C 160 2.27 -46.72 -35.20
CA ALA C 160 2.99 -46.62 -36.46
C ALA C 160 4.31 -47.36 -36.31
N VAL C 161 4.64 -48.17 -37.31
CA VAL C 161 5.81 -49.04 -37.23
C VAL C 161 6.41 -49.16 -38.62
N GLU C 162 7.70 -49.48 -38.66
CA GLU C 162 8.44 -49.56 -39.90
C GLU C 162 9.16 -50.90 -39.99
N PHE C 163 9.61 -51.21 -41.20
CA PHE C 163 10.36 -52.43 -41.45
C PHE C 163 11.49 -52.13 -42.41
N LYS C 164 12.60 -52.82 -42.23
CA LYS C 164 13.72 -52.75 -43.15
C LYS C 164 13.72 -53.95 -44.07
N VAL C 165 13.98 -53.70 -45.35
CA VAL C 165 14.19 -54.78 -46.30
C VAL C 165 15.62 -55.28 -46.13
N VAL C 166 15.76 -56.44 -45.50
CA VAL C 166 17.08 -56.99 -45.24
C VAL C 166 17.63 -57.70 -46.46
N GLU C 167 16.76 -58.23 -47.32
CA GLU C 167 17.18 -59.02 -48.45
C GLU C 167 16.30 -58.70 -49.65
N THR C 168 16.93 -58.71 -50.82
CA THR C 168 16.23 -58.59 -52.10
C THR C 168 16.68 -59.77 -52.95
N ASP C 169 15.83 -60.79 -53.04
CA ASP C 169 16.15 -62.01 -53.80
C ASP C 169 16.81 -61.64 -55.12
N PRO C 170 16.21 -60.77 -55.94
CA PRO C 170 17.00 -60.03 -56.90
C PRO C 170 17.43 -58.70 -56.30
N SER C 171 18.64 -58.30 -56.64
CA SER C 171 19.26 -57.14 -56.02
C SER C 171 19.74 -56.14 -57.07
N PRO C 172 19.95 -54.88 -56.68
CA PRO C 172 19.74 -54.39 -55.32
C PRO C 172 18.32 -53.91 -55.11
N TYR C 173 17.64 -53.61 -56.21
CA TYR C 173 16.31 -53.04 -56.18
C TYR C 173 15.41 -53.77 -57.15
N CYS C 174 14.12 -53.82 -56.81
CA CYS C 174 13.15 -54.54 -57.60
C CYS C 174 11.78 -53.92 -57.39
N ILE C 175 10.81 -54.47 -58.09
CA ILE C 175 9.41 -54.09 -57.93
C ILE C 175 8.70 -55.18 -57.15
N VAL C 176 7.68 -54.80 -56.43
CA VAL C 176 6.79 -55.73 -55.75
C VAL C 176 5.69 -56.13 -56.70
N ALA C 177 5.23 -57.37 -56.56
CA ALA C 177 4.11 -57.85 -57.35
C ALA C 177 3.09 -58.51 -56.43
N PRO C 178 1.81 -58.38 -56.72
CA PRO C 178 0.80 -59.05 -55.90
C PRO C 178 1.00 -60.55 -55.83
N ASP C 179 1.77 -61.11 -56.76
CA ASP C 179 2.02 -62.55 -56.76
C ASP C 179 3.20 -62.92 -55.88
N THR C 180 4.17 -62.02 -55.73
CA THR C 180 5.36 -62.34 -54.97
C THR C 180 5.00 -62.85 -53.58
N VAL C 181 5.85 -63.73 -53.06
CA VAL C 181 5.62 -64.35 -51.77
C VAL C 181 6.25 -63.51 -50.67
N ILE C 182 5.79 -63.74 -49.45
CA ILE C 182 6.38 -63.13 -48.26
C ILE C 182 6.52 -64.23 -47.22
N HIS C 183 7.70 -64.83 -47.12
CA HIS C 183 8.07 -65.59 -45.93
C HIS C 183 8.71 -64.59 -44.97
N CYS C 184 7.87 -63.96 -44.16
CA CYS C 184 8.27 -62.88 -43.27
C CYS C 184 8.42 -63.44 -41.86
N GLU C 185 9.65 -63.48 -41.36
CA GLU C 185 9.93 -64.02 -40.05
C GLU C 185 11.03 -63.19 -39.40
N GLY C 186 11.51 -63.67 -38.26
CA GLY C 186 12.53 -62.98 -37.50
C GLY C 186 11.94 -62.19 -36.34
N GLU C 187 12.83 -61.52 -35.62
CA GLU C 187 12.48 -60.71 -34.48
C GLU C 187 12.92 -59.27 -34.71
N PRO C 188 12.38 -58.32 -33.94
CA PRO C 188 12.73 -56.91 -34.16
C PRO C 188 14.21 -56.66 -33.94
N ILE C 189 14.85 -56.04 -34.93
CA ILE C 189 16.26 -55.72 -34.85
C ILE C 189 16.43 -54.23 -34.62
N LYS C 190 17.66 -53.81 -34.39
CA LYS C 190 17.93 -52.53 -33.77
C LYS C 190 18.29 -51.48 -34.82
N ARG C 191 17.89 -50.26 -34.52
CA ARG C 191 18.21 -49.12 -35.38
C ARG C 191 19.68 -48.78 -35.20
N GLU C 192 20.47 -49.00 -36.25
CA GLU C 192 21.86 -48.59 -36.21
C GLU C 192 21.95 -47.11 -35.82
N ASP C 193 23.09 -46.73 -35.26
CA ASP C 193 23.23 -45.37 -34.75
C ASP C 193 23.24 -44.32 -35.84
N GLU C 194 23.11 -44.71 -37.11
CA GLU C 194 23.16 -43.73 -38.20
C GLU C 194 21.83 -43.00 -38.33
N GLU C 195 20.76 -43.72 -38.65
CA GLU C 195 19.48 -43.09 -38.86
C GLU C 195 18.85 -42.66 -37.54
N GLU C 196 17.78 -41.88 -37.61
CA GLU C 196 17.14 -41.37 -36.41
C GLU C 196 15.77 -41.98 -36.18
N SER C 197 15.16 -41.66 -35.04
CA SER C 197 13.84 -42.21 -34.71
C SER C 197 12.70 -41.64 -35.53
N LEU C 198 11.65 -42.42 -35.72
CA LEU C 198 10.45 -41.94 -36.42
C LEU C 198 9.84 -40.80 -35.63
N ASN C 199 9.92 -40.89 -34.31
CA ASN C 199 9.32 -39.87 -33.43
C ASN C 199 9.88 -38.46 -33.60
N GLU C 200 11.11 -38.34 -34.11
CA GLU C 200 11.74 -37.03 -34.21
C GLU C 200 10.87 -36.08 -35.04
N VAL C 201 10.74 -34.84 -34.58
CA VAL C 201 9.84 -33.89 -35.23
C VAL C 201 10.30 -33.27 -36.56
N GLY C 202 9.35 -32.94 -37.43
CA GLY C 202 9.67 -32.28 -38.67
C GLY C 202 8.61 -31.26 -39.00
N TYR C 203 8.85 -30.51 -40.09
CA TYR C 203 7.89 -29.48 -40.49
C TYR C 203 6.52 -30.06 -40.82
N ASP C 204 6.46 -31.35 -41.16
CA ASP C 204 5.18 -31.98 -41.48
C ASP C 204 4.34 -32.25 -40.25
N ASP C 205 4.87 -32.05 -39.04
CA ASP C 205 4.19 -32.37 -37.80
C ASP C 205 3.58 -31.15 -37.13
N ILE C 206 3.49 -30.02 -37.83
CA ILE C 206 2.94 -28.78 -37.27
C ILE C 206 2.06 -28.12 -38.31
N GLY C 207 0.92 -27.60 -37.87
CA GLY C 207 0.00 -26.94 -38.76
C GLY C 207 -0.60 -25.72 -38.10
N GLY C 208 -0.90 -24.71 -38.92
CA GLY C 208 -1.43 -23.46 -38.43
C GLY C 208 -0.40 -22.42 -38.09
N CYS C 209 0.89 -22.74 -38.19
CA CYS C 209 1.98 -21.81 -37.93
C CYS C 209 2.89 -21.72 -39.15
N ARG C 210 2.30 -21.68 -40.35
CA ARG C 210 3.08 -21.72 -41.57
C ARG C 210 3.88 -20.43 -41.77
N LYS C 211 3.26 -19.28 -41.53
CA LYS C 211 3.92 -18.01 -41.83
C LYS C 211 5.12 -17.78 -40.93
N GLN C 212 4.94 -17.94 -39.62
CA GLN C 212 6.06 -17.74 -38.71
C GLN C 212 7.11 -18.84 -38.87
N LEU C 213 6.69 -20.05 -39.22
CA LEU C 213 7.66 -21.10 -39.53
C LEU C 213 8.52 -20.70 -40.71
N ALA C 214 7.92 -20.15 -41.76
CA ALA C 214 8.69 -19.67 -42.90
C ALA C 214 9.62 -18.54 -42.49
N GLN C 215 9.13 -17.63 -41.64
CA GLN C 215 9.98 -16.55 -41.15
C GLN C 215 11.22 -17.11 -40.47
N ILE C 216 11.03 -18.04 -39.54
CA ILE C 216 12.17 -18.59 -38.81
C ILE C 216 13.11 -19.33 -39.75
N LYS C 217 12.56 -20.12 -40.67
CA LYS C 217 13.40 -20.87 -41.60
C LYS C 217 14.27 -19.95 -42.44
N GLU C 218 13.66 -18.90 -43.00
CA GLU C 218 14.43 -17.96 -43.80
C GLU C 218 15.42 -17.18 -42.96
N MET C 219 15.10 -16.96 -41.67
CA MET C 219 15.99 -16.19 -40.81
C MET C 219 17.24 -16.97 -40.44
N VAL C 220 17.09 -18.25 -40.08
CA VAL C 220 18.19 -19.00 -39.48
C VAL C 220 18.61 -20.20 -40.33
N GLU C 221 18.36 -20.15 -41.65
CA GLU C 221 18.82 -21.23 -42.51
C GLU C 221 20.28 -21.03 -42.93
N LEU C 222 20.73 -19.78 -43.03
CA LEU C 222 22.06 -19.48 -43.54
C LEU C 222 23.15 -19.71 -42.50
N PRO C 223 23.01 -19.22 -41.27
CA PRO C 223 24.11 -19.35 -40.30
C PRO C 223 24.48 -20.79 -39.98
N LEU C 224 23.60 -21.75 -40.21
CA LEU C 224 23.88 -23.15 -39.92
C LEU C 224 24.28 -23.95 -41.14
N ARG C 225 23.68 -23.68 -42.30
CA ARG C 225 24.08 -24.31 -43.54
C ARG C 225 25.15 -23.52 -44.29
N HIS C 226 25.46 -22.31 -43.85
CA HIS C 226 26.45 -21.48 -44.53
C HIS C 226 27.20 -20.60 -43.53
N PRO C 227 27.84 -21.18 -42.52
CA PRO C 227 28.60 -20.34 -41.57
C PRO C 227 29.84 -19.73 -42.19
N ALA C 228 30.58 -20.49 -43.00
CA ALA C 228 31.74 -19.93 -43.68
C ALA C 228 31.34 -18.75 -44.55
N LEU C 229 30.14 -18.78 -45.11
CA LEU C 229 29.64 -17.63 -45.86
C LEU C 229 29.59 -16.40 -44.97
N PHE C 230 29.04 -16.54 -43.75
CA PHE C 230 29.00 -15.41 -42.83
C PHE C 230 30.40 -14.94 -42.49
N LYS C 231 31.32 -15.86 -42.27
CA LYS C 231 32.71 -15.47 -42.05
C LYS C 231 33.33 -14.83 -43.29
N ALA C 232 32.71 -14.98 -44.45
CA ALA C 232 33.20 -14.37 -45.68
C ALA C 232 32.61 -12.98 -45.94
N ILE C 233 31.62 -12.55 -45.16
CA ILE C 233 31.02 -11.22 -45.31
C ILE C 233 30.98 -10.55 -43.95
N GLY C 234 31.03 -9.22 -43.96
CA GLY C 234 30.86 -8.47 -42.73
C GLY C 234 29.42 -8.10 -42.51
N VAL C 235 28.71 -8.92 -41.72
CA VAL C 235 27.30 -8.69 -41.43
C VAL C 235 27.02 -9.24 -40.04
N LYS C 236 26.00 -8.68 -39.39
CA LYS C 236 25.67 -9.06 -38.01
C LYS C 236 24.42 -9.92 -38.02
N PRO C 237 24.52 -11.23 -37.81
CA PRO C 237 23.32 -12.06 -37.76
C PRO C 237 22.63 -11.95 -36.41
N PRO C 238 21.40 -12.44 -36.29
CA PRO C 238 20.73 -12.41 -34.98
C PRO C 238 21.37 -13.42 -34.03
N ARG C 239 21.41 -13.04 -32.75
CA ARG C 239 21.95 -13.90 -31.70
C ARG C 239 20.98 -14.00 -30.54
N GLY C 240 19.69 -13.91 -30.82
CA GLY C 240 18.66 -14.03 -29.81
C GLY C 240 17.28 -13.86 -30.40
N ILE C 241 16.35 -14.74 -30.03
CA ILE C 241 14.99 -14.72 -30.57
C ILE C 241 14.02 -14.97 -29.43
N LEU C 242 12.90 -14.25 -29.44
CA LEU C 242 11.84 -14.42 -28.46
C LEU C 242 10.55 -14.82 -29.16
N LEU C 243 9.84 -15.78 -28.59
CA LEU C 243 8.54 -16.23 -29.11
C LEU C 243 7.52 -16.06 -28.00
N TYR C 244 6.45 -15.30 -28.28
CA TYR C 244 5.43 -15.06 -27.28
C TYR C 244 4.07 -15.52 -27.79
N GLY C 245 3.32 -16.19 -26.90
CA GLY C 245 2.00 -16.67 -27.21
C GLY C 245 1.44 -17.46 -26.04
N PRO C 246 0.15 -17.79 -26.09
CA PRO C 246 -0.47 -18.55 -24.99
C PRO C 246 0.09 -19.96 -24.93
N PRO C 247 -0.06 -20.64 -23.79
CA PRO C 247 0.48 -22.00 -23.66
C PRO C 247 -0.23 -22.98 -24.58
N GLY C 248 0.47 -24.08 -24.87
CA GLY C 248 -0.07 -25.08 -25.77
C GLY C 248 -0.21 -24.61 -27.20
N THR C 249 0.80 -23.92 -27.73
CA THR C 249 0.78 -23.44 -29.10
C THR C 249 1.87 -24.03 -29.97
N GLY C 250 2.77 -24.84 -29.40
CA GLY C 250 3.79 -25.51 -30.19
C GLY C 250 5.07 -24.74 -30.33
N LYS C 251 5.58 -24.17 -29.24
CA LYS C 251 6.81 -23.40 -29.30
C LYS C 251 8.03 -24.29 -29.15
N THR C 252 8.12 -25.04 -28.05
CA THR C 252 9.19 -26.02 -27.92
C THR C 252 9.13 -27.04 -29.04
N LEU C 253 7.94 -27.39 -29.50
CA LEU C 253 7.80 -28.27 -30.65
C LEU C 253 8.45 -27.67 -31.89
N ILE C 254 8.21 -26.38 -32.14
CA ILE C 254 8.81 -25.71 -33.28
C ILE C 254 10.33 -25.70 -33.15
N ALA C 255 10.84 -25.40 -31.95
CA ALA C 255 12.28 -25.33 -31.75
C ALA C 255 12.92 -26.68 -32.01
N ARG C 256 12.33 -27.76 -31.48
CA ARG C 256 12.90 -29.08 -31.69
C ARG C 256 12.82 -29.50 -33.15
N ALA C 257 11.72 -29.14 -33.83
CA ALA C 257 11.61 -29.45 -35.25
C ALA C 257 12.70 -28.74 -36.04
N VAL C 258 12.93 -27.47 -35.74
CA VAL C 258 13.97 -26.71 -36.45
C VAL C 258 15.34 -27.32 -36.18
N ALA C 259 15.60 -27.72 -34.93
CA ALA C 259 16.87 -28.36 -34.61
C ALA C 259 17.05 -29.66 -35.39
N ASN C 260 15.98 -30.45 -35.48
CA ASN C 260 16.09 -31.74 -36.17
C ASN C 260 16.24 -31.57 -37.67
N GLU C 261 15.68 -30.50 -38.24
CA GLU C 261 15.67 -30.33 -39.69
C GLU C 261 16.92 -29.65 -40.22
N THR C 262 17.94 -29.41 -39.38
CA THR C 262 19.20 -28.85 -39.82
C THR C 262 20.43 -29.58 -39.27
N GLY C 263 20.26 -30.53 -38.37
CA GLY C 263 21.38 -31.24 -37.80
C GLY C 263 22.10 -30.49 -36.70
N ALA C 264 21.65 -29.30 -36.35
CA ALA C 264 22.30 -28.52 -35.31
C ALA C 264 22.02 -29.11 -33.94
N PHE C 265 23.03 -29.09 -33.07
CA PHE C 265 22.88 -29.63 -31.73
C PHE C 265 21.81 -28.84 -30.98
N PHE C 266 21.03 -29.55 -30.17
CA PHE C 266 19.92 -28.97 -29.42
C PHE C 266 20.17 -29.13 -27.93
N PHE C 267 19.97 -28.04 -27.19
CA PHE C 267 20.10 -28.04 -25.74
C PHE C 267 18.85 -27.42 -25.13
N LEU C 268 18.41 -27.98 -24.00
CA LEU C 268 17.17 -27.58 -23.35
C LEU C 268 17.44 -27.09 -21.94
N ILE C 269 16.72 -26.04 -21.55
CA ILE C 269 16.76 -25.49 -20.20
C ILE C 269 15.34 -25.29 -19.72
N ASN C 270 15.07 -25.66 -18.48
CA ASN C 270 13.76 -25.50 -17.86
C ASN C 270 13.90 -24.55 -16.68
N GLY C 271 13.04 -23.55 -16.63
CA GLY C 271 13.09 -22.53 -15.61
C GLY C 271 13.05 -23.09 -14.20
N PRO C 272 12.02 -23.88 -13.88
CA PRO C 272 11.91 -24.39 -12.50
C PRO C 272 13.12 -25.18 -12.05
N GLU C 273 13.73 -25.97 -12.93
CA GLU C 273 14.91 -26.73 -12.56
C GLU C 273 16.03 -25.84 -12.05
N ILE C 274 16.06 -24.58 -12.47
CA ILE C 274 17.06 -23.64 -11.95
C ILE C 274 16.58 -23.02 -10.65
N MET C 275 15.28 -22.77 -10.52
CA MET C 275 14.74 -22.14 -9.32
C MET C 275 14.55 -23.12 -8.18
N SER C 276 14.66 -24.42 -8.43
CA SER C 276 14.55 -25.44 -7.40
C SER C 276 15.88 -25.81 -6.78
N LYS C 277 16.87 -24.91 -6.85
CA LYS C 277 18.21 -25.19 -6.34
C LYS C 277 18.73 -24.01 -5.53
N LEU C 278 20.00 -24.05 -5.18
CA LEU C 278 20.67 -22.95 -4.51
C LEU C 278 21.51 -22.15 -5.51
N ALA C 279 22.04 -21.02 -5.04
CA ALA C 279 22.72 -20.09 -5.93
C ALA C 279 23.87 -20.76 -6.67
N GLY C 280 24.75 -21.45 -5.93
CA GLY C 280 25.92 -22.03 -6.57
C GLY C 280 25.56 -23.03 -7.65
N GLU C 281 24.67 -23.97 -7.32
CA GLU C 281 24.30 -24.99 -8.30
C GLU C 281 23.59 -24.38 -9.50
N SER C 282 22.69 -23.42 -9.27
CA SER C 282 21.93 -22.82 -10.36
C SER C 282 22.87 -22.06 -11.32
N GLU C 283 23.69 -21.18 -10.77
CA GLU C 283 24.58 -20.35 -11.58
C GLU C 283 25.83 -21.08 -12.01
N SER C 284 26.00 -22.34 -11.60
CA SER C 284 26.95 -23.22 -12.26
C SER C 284 26.32 -24.00 -13.41
N ASN C 285 25.08 -24.47 -13.22
CA ASN C 285 24.40 -25.18 -14.29
C ASN C 285 24.17 -24.29 -15.51
N LEU C 286 23.82 -23.02 -15.28
CA LEU C 286 23.61 -22.12 -16.40
C LEU C 286 24.89 -21.96 -17.22
N ARG C 287 26.01 -21.70 -16.55
CA ARG C 287 27.27 -21.55 -17.25
C ARG C 287 27.68 -22.83 -17.96
N LYS C 288 27.49 -23.98 -17.30
CA LYS C 288 27.85 -25.24 -17.94
C LYS C 288 27.02 -25.48 -19.18
N ALA C 289 25.72 -25.15 -19.14
CA ALA C 289 24.89 -25.28 -20.32
C ALA C 289 25.40 -24.40 -21.45
N PHE C 290 25.74 -23.15 -21.14
CA PHE C 290 26.26 -22.26 -22.18
C PHE C 290 27.56 -22.79 -22.77
N GLU C 291 28.47 -23.28 -21.92
CA GLU C 291 29.72 -23.83 -22.42
C GLU C 291 29.49 -25.05 -23.30
N GLU C 292 28.61 -25.95 -22.88
CA GLU C 292 28.33 -27.13 -23.67
C GLU C 292 27.71 -26.76 -25.01
N ALA C 293 26.82 -25.77 -25.02
CA ALA C 293 26.28 -25.30 -26.29
C ALA C 293 27.38 -24.74 -27.19
N GLU C 294 28.33 -24.01 -26.59
CA GLU C 294 29.44 -23.48 -27.39
C GLU C 294 30.27 -24.60 -27.99
N LYS C 295 30.56 -25.64 -27.20
CA LYS C 295 31.47 -26.68 -27.67
C LYS C 295 30.89 -27.41 -28.89
N ASN C 296 29.60 -27.70 -28.88
CA ASN C 296 28.96 -28.47 -29.94
C ASN C 296 28.43 -27.59 -31.07
N ALA C 297 29.02 -26.42 -31.28
CA ALA C 297 28.56 -25.54 -32.34
C ALA C 297 28.73 -26.20 -33.70
N PRO C 298 27.82 -25.95 -34.65
CA PRO C 298 26.66 -25.05 -34.57
C PRO C 298 25.52 -25.66 -33.77
N ALA C 299 25.04 -24.97 -32.74
CA ALA C 299 24.04 -25.50 -31.82
C ALA C 299 22.96 -24.47 -31.57
N ILE C 300 21.97 -24.85 -30.78
CA ILE C 300 20.85 -23.97 -30.44
C ILE C 300 20.50 -24.20 -28.98
N ILE C 301 20.14 -23.12 -28.29
CA ILE C 301 19.69 -23.17 -26.90
C ILE C 301 18.23 -22.73 -26.86
N PHE C 302 17.41 -23.46 -26.12
CA PHE C 302 16.01 -23.13 -25.94
C PHE C 302 15.70 -22.96 -24.47
N ILE C 303 14.97 -21.89 -24.15
CA ILE C 303 14.56 -21.58 -22.79
C ILE C 303 13.05 -21.41 -22.75
N ASP C 304 12.41 -22.03 -21.76
CA ASP C 304 10.98 -21.89 -21.54
C ASP C 304 10.74 -21.42 -20.12
N GLU C 305 9.55 -20.87 -19.89
CA GLU C 305 9.22 -20.26 -18.61
C GLU C 305 10.24 -19.18 -18.25
N LEU C 306 10.52 -18.32 -19.23
CA LEU C 306 11.47 -17.23 -19.00
C LEU C 306 10.99 -16.30 -17.89
N ASP C 307 9.69 -16.03 -17.85
CA ASP C 307 9.14 -15.18 -16.81
C ASP C 307 9.44 -15.73 -15.42
N ALA C 308 9.47 -17.05 -15.28
CA ALA C 308 9.78 -17.65 -13.98
C ALA C 308 11.20 -17.34 -13.54
N ILE C 309 12.08 -16.94 -14.46
CA ILE C 309 13.46 -16.60 -14.13
C ILE C 309 13.64 -15.09 -14.01
N ALA C 310 13.19 -14.33 -15.02
CA ALA C 310 13.50 -12.91 -15.14
C ALA C 310 12.22 -12.11 -15.35
N PRO C 311 11.42 -11.94 -14.31
CA PRO C 311 10.33 -10.97 -14.35
C PRO C 311 10.85 -9.58 -14.01
N LYS C 312 9.99 -8.58 -14.16
CA LYS C 312 10.40 -7.22 -13.88
C LYS C 312 10.81 -7.07 -12.42
N ARG C 313 11.79 -6.19 -12.17
CA ARG C 313 12.36 -6.06 -10.84
C ARG C 313 11.31 -5.69 -9.80
N GLU C 314 10.21 -5.06 -10.22
CA GLU C 314 9.18 -4.68 -9.28
C GLU C 314 8.61 -5.91 -8.55
N LYS C 315 8.51 -7.04 -9.24
CA LYS C 315 8.00 -8.26 -8.66
C LYS C 315 9.07 -9.12 -8.01
N THR C 316 10.34 -8.74 -8.11
CA THR C 316 11.44 -9.49 -7.52
C THR C 316 11.85 -8.83 -6.21
N HIS C 317 11.98 -9.64 -5.17
CA HIS C 317 12.40 -9.17 -3.85
C HIS C 317 13.66 -9.86 -3.33
N GLY C 318 13.76 -11.17 -3.53
CA GLY C 318 14.96 -11.88 -3.11
C GLY C 318 16.19 -11.38 -3.81
N GLU C 319 17.28 -11.19 -3.07
CA GLU C 319 18.53 -10.73 -3.67
C GLU C 319 19.05 -11.76 -4.67
N VAL C 320 18.90 -13.05 -4.35
CA VAL C 320 19.36 -14.10 -5.27
C VAL C 320 18.61 -14.01 -6.59
N GLU C 321 17.33 -13.65 -6.55
CA GLU C 321 16.57 -13.51 -7.78
C GLU C 321 17.19 -12.45 -8.69
N ARG C 322 17.63 -11.34 -8.13
CA ARG C 322 18.32 -10.32 -8.90
C ARG C 322 19.74 -10.73 -9.27
N ARG C 323 20.34 -11.65 -8.53
CA ARG C 323 21.66 -12.16 -8.85
C ARG C 323 21.65 -13.27 -9.89
N ILE C 324 20.46 -13.74 -10.29
CA ILE C 324 20.35 -14.73 -11.35
C ILE C 324 20.02 -14.09 -12.69
N VAL C 325 19.53 -12.85 -12.70
CA VAL C 325 19.24 -12.15 -13.94
C VAL C 325 20.51 -11.55 -14.54
N SER C 326 21.36 -10.95 -13.70
CA SER C 326 22.57 -10.32 -14.21
C SER C 326 23.49 -11.33 -14.89
N GLN C 327 23.61 -12.53 -14.31
CA GLN C 327 24.44 -13.56 -14.93
C GLN C 327 23.96 -13.85 -16.34
N LEU C 328 22.64 -13.94 -16.54
CA LEU C 328 22.12 -14.21 -17.87
C LEU C 328 22.47 -13.09 -18.83
N LEU C 329 22.38 -11.83 -18.38
CA LEU C 329 22.73 -10.72 -19.25
C LEU C 329 24.20 -10.76 -19.63
N THR C 330 25.08 -11.07 -18.67
CA THR C 330 26.50 -11.18 -19.00
C THR C 330 26.75 -12.29 -20.00
N LEU C 331 26.09 -13.43 -19.82
CA LEU C 331 26.26 -14.53 -20.78
C LEU C 331 25.78 -14.14 -22.17
N MET C 332 24.64 -13.45 -22.25
CA MET C 332 24.14 -13.01 -23.55
C MET C 332 25.11 -12.02 -24.21
N ASP C 333 25.68 -11.10 -23.42
CA ASP C 333 26.64 -10.16 -23.97
C ASP C 333 27.87 -10.89 -24.49
N GLY C 334 28.36 -11.88 -23.73
CA GLY C 334 29.51 -12.65 -24.18
C GLY C 334 29.24 -13.47 -25.41
N LEU C 335 28.02 -13.96 -25.57
CA LEU C 335 27.71 -14.86 -26.68
C LEU C 335 28.09 -14.26 -28.03
N LYS C 336 27.85 -12.96 -28.21
CA LYS C 336 28.15 -12.34 -29.50
C LYS C 336 29.61 -12.54 -29.90
N GLN C 337 30.51 -12.64 -28.93
CA GLN C 337 31.92 -12.78 -29.22
C GLN C 337 32.29 -14.20 -29.66
N ARG C 338 31.59 -15.22 -29.17
CA ARG C 338 32.04 -16.60 -29.28
C ARG C 338 31.05 -17.44 -30.07
N ALA C 339 31.58 -18.25 -31.00
CA ALA C 339 30.86 -19.38 -31.57
C ALA C 339 29.64 -18.98 -32.37
N HIS C 340 28.87 -19.99 -32.83
CA HIS C 340 27.67 -19.80 -33.63
C HIS C 340 26.40 -20.11 -32.85
N VAL C 341 26.46 -20.08 -31.52
CA VAL C 341 25.33 -20.49 -30.70
C VAL C 341 24.18 -19.50 -30.88
N ILE C 342 22.99 -20.01 -31.14
CA ILE C 342 21.78 -19.21 -31.22
C ILE C 342 20.95 -19.48 -29.98
N VAL C 343 20.18 -18.48 -29.56
CA VAL C 343 19.39 -18.55 -28.34
C VAL C 343 17.93 -18.24 -28.69
N MET C 344 17.01 -19.08 -28.22
CA MET C 344 15.59 -18.87 -28.42
C MET C 344 14.90 -19.02 -27.07
N ALA C 345 14.00 -18.08 -26.76
CA ALA C 345 13.27 -18.08 -25.51
C ALA C 345 11.78 -18.02 -25.78
N ALA C 346 11.00 -18.57 -24.86
CA ALA C 346 9.55 -18.63 -24.97
C ALA C 346 8.93 -17.93 -23.77
N THR C 347 7.96 -17.06 -24.04
CA THR C 347 7.25 -16.35 -22.98
C THR C 347 5.77 -16.27 -23.34
N ASN C 348 4.97 -15.81 -22.39
CA ASN C 348 3.53 -15.68 -22.63
C ASN C 348 3.21 -14.34 -23.30
N ARG C 349 3.73 -13.24 -22.74
CA ARG C 349 3.51 -11.91 -23.27
C ARG C 349 4.82 -11.14 -23.24
N PRO C 350 5.03 -10.23 -24.20
CA PRO C 350 6.29 -9.48 -24.22
C PRO C 350 6.53 -8.65 -22.97
N ASN C 351 5.47 -8.10 -22.38
CA ASN C 351 5.62 -7.16 -21.28
C ASN C 351 5.82 -7.84 -19.92
N SER C 352 5.76 -9.18 -19.88
CA SER C 352 5.86 -9.86 -18.59
C SER C 352 7.28 -9.88 -18.05
N ILE C 353 8.28 -9.75 -18.92
CA ILE C 353 9.67 -9.90 -18.52
C ILE C 353 10.35 -8.53 -18.47
N ASP C 354 11.57 -8.51 -17.97
CA ASP C 354 12.38 -7.30 -17.86
C ASP C 354 12.49 -6.61 -19.22
N PRO C 355 12.69 -5.30 -19.25
CA PRO C 355 12.94 -4.61 -20.53
C PRO C 355 14.40 -4.55 -20.92
N ALA C 356 15.31 -4.92 -20.02
CA ALA C 356 16.74 -4.89 -20.34
C ALA C 356 17.14 -5.99 -21.31
N LEU C 357 16.36 -7.06 -21.42
CA LEU C 357 16.67 -8.12 -22.36
C LEU C 357 16.32 -7.72 -23.79
N ARG C 358 15.34 -6.85 -23.98
CA ARG C 358 14.87 -6.47 -25.32
C ARG C 358 15.73 -5.34 -25.88
N ARG C 359 17.02 -5.61 -25.98
CA ARG C 359 18.00 -4.65 -26.46
C ARG C 359 18.69 -5.19 -27.72
N PHE C 360 19.63 -4.42 -28.23
CA PHE C 360 20.36 -4.76 -29.45
C PHE C 360 21.53 -5.65 -29.06
N GLY C 361 21.41 -6.94 -29.33
CA GLY C 361 22.44 -7.92 -29.02
C GLY C 361 22.01 -9.04 -28.11
N ARG C 362 20.85 -8.94 -27.46
CA ARG C 362 20.38 -9.98 -26.55
C ARG C 362 19.13 -10.68 -27.06
N PHE C 363 18.04 -9.94 -27.26
CA PHE C 363 16.78 -10.52 -27.72
C PHE C 363 16.11 -9.58 -28.71
N ASP C 364 16.89 -9.07 -29.68
CA ASP C 364 16.36 -8.07 -30.60
C ASP C 364 15.14 -8.59 -31.36
N ARG C 365 15.17 -9.83 -31.82
CA ARG C 365 14.12 -10.36 -32.68
C ARG C 365 13.00 -11.00 -31.87
N GLU C 366 11.77 -10.69 -32.26
CA GLU C 366 10.57 -11.09 -31.53
C GLU C 366 9.53 -11.63 -32.50
N VAL C 367 8.75 -12.60 -32.04
CA VAL C 367 7.79 -13.30 -32.89
C VAL C 367 6.55 -13.66 -32.09
N ASP C 368 5.41 -13.71 -32.78
CA ASP C 368 4.13 -14.11 -32.22
C ASP C 368 3.64 -15.37 -32.92
N ILE C 369 2.98 -16.25 -32.17
CA ILE C 369 2.42 -17.48 -32.73
C ILE C 369 0.92 -17.32 -32.93
N GLY C 370 0.30 -16.50 -32.08
CA GLY C 370 -1.13 -16.27 -32.23
C GLY C 370 -1.92 -17.56 -32.05
N ILE C 371 -2.93 -17.74 -32.90
CA ILE C 371 -3.86 -18.86 -32.75
C ILE C 371 -4.16 -19.42 -34.12
N PRO C 372 -4.33 -20.74 -34.21
CA PRO C 372 -4.73 -21.35 -35.48
C PRO C 372 -6.16 -20.99 -35.85
N ASP C 373 -6.43 -21.04 -37.16
CA ASP C 373 -7.75 -20.79 -37.71
C ASP C 373 -8.43 -22.11 -38.02
N ALA C 374 -9.57 -22.05 -38.70
CA ALA C 374 -10.28 -23.27 -39.08
C ALA C 374 -9.38 -24.21 -39.85
N THR C 375 -8.61 -23.67 -40.81
CA THR C 375 -7.69 -24.50 -41.56
C THR C 375 -6.62 -25.10 -40.65
N GLY C 376 -6.08 -24.30 -39.72
CA GLY C 376 -5.08 -24.81 -38.80
C GLY C 376 -5.64 -25.89 -37.89
N ARG C 377 -6.84 -25.68 -37.36
CA ARG C 377 -7.45 -26.70 -36.51
C ARG C 377 -7.69 -27.99 -37.28
N LEU C 378 -8.19 -27.87 -38.52
CA LEU C 378 -8.38 -29.06 -39.34
C LEU C 378 -7.05 -29.78 -39.57
N GLU C 379 -5.99 -29.02 -39.85
CA GLU C 379 -4.68 -29.63 -40.06
C GLU C 379 -4.21 -30.36 -38.81
N ILE C 380 -4.40 -29.76 -37.64
CA ILE C 380 -3.99 -30.41 -36.40
C ILE C 380 -4.78 -31.71 -36.20
N LEU C 381 -6.07 -31.68 -36.51
CA LEU C 381 -6.86 -32.91 -36.43
C LEU C 381 -6.30 -33.98 -37.36
N GLN C 382 -5.92 -33.59 -38.58
CA GLN C 382 -5.31 -34.55 -39.50
C GLN C 382 -4.03 -35.11 -38.92
N ILE C 383 -3.20 -34.27 -38.30
CA ILE C 383 -1.95 -34.74 -37.71
C ILE C 383 -2.24 -35.77 -36.63
N HIS C 384 -3.23 -35.50 -35.78
CA HIS C 384 -3.51 -36.35 -34.65
C HIS C 384 -4.41 -37.54 -34.99
N THR C 385 -4.89 -37.65 -36.22
CA THR C 385 -5.76 -38.74 -36.63
C THR C 385 -5.12 -39.68 -37.65
N LYS C 386 -3.80 -39.63 -37.81
CA LYS C 386 -3.15 -40.47 -38.82
C LYS C 386 -3.33 -41.95 -38.53
N ASN C 387 -2.74 -42.41 -37.42
CA ASN C 387 -2.72 -43.84 -37.13
C ASN C 387 -4.05 -44.36 -36.59
N MET C 388 -4.98 -43.48 -36.24
CA MET C 388 -6.28 -43.91 -35.76
C MET C 388 -7.17 -44.30 -36.93
N LYS C 389 -8.09 -45.22 -36.67
CA LYS C 389 -9.07 -45.66 -37.66
C LYS C 389 -10.34 -44.85 -37.48
N LEU C 390 -10.85 -44.28 -38.57
CA LEU C 390 -12.02 -43.42 -38.53
C LEU C 390 -13.06 -43.91 -39.53
N ALA C 391 -14.32 -43.62 -39.23
CA ALA C 391 -15.44 -44.05 -40.05
C ALA C 391 -15.67 -43.06 -41.18
N ASP C 392 -16.80 -43.20 -41.88
CA ASP C 392 -17.15 -42.33 -43.00
C ASP C 392 -18.00 -41.14 -42.60
N ASP C 393 -18.29 -40.98 -41.30
CA ASP C 393 -19.13 -39.90 -40.80
C ASP C 393 -18.32 -38.88 -39.99
N VAL C 394 -17.05 -38.67 -40.36
CA VAL C 394 -16.19 -37.81 -39.56
C VAL C 394 -16.50 -36.34 -39.82
N ASP C 395 -16.50 -35.92 -41.09
CA ASP C 395 -16.74 -34.53 -41.48
C ASP C 395 -15.99 -33.59 -40.55
N LEU C 396 -14.65 -33.69 -40.58
CA LEU C 396 -13.82 -32.88 -39.70
C LEU C 396 -14.03 -31.39 -39.91
N GLU C 397 -14.56 -30.99 -41.07
CA GLU C 397 -14.79 -29.56 -41.31
C GLU C 397 -15.76 -28.98 -40.30
N GLN C 398 -16.85 -29.71 -40.02
CA GLN C 398 -17.82 -29.24 -39.03
C GLN C 398 -17.20 -29.14 -37.65
N VAL C 399 -16.38 -30.13 -37.27
CA VAL C 399 -15.72 -30.09 -35.97
C VAL C 399 -14.80 -28.88 -35.88
N ALA C 400 -14.06 -28.60 -36.96
CA ALA C 400 -13.21 -27.42 -36.96
C ALA C 400 -14.02 -26.14 -36.83
N ASN C 401 -15.17 -26.09 -37.51
CA ASN C 401 -16.03 -24.91 -37.40
C ASN C 401 -16.53 -24.73 -35.97
N GLU C 402 -16.93 -25.83 -35.32
CA GLU C 402 -17.43 -25.76 -33.95
C GLU C 402 -16.31 -25.66 -32.92
N THR C 403 -15.05 -25.82 -33.33
CA THR C 403 -13.92 -25.80 -32.41
C THR C 403 -13.36 -24.39 -32.37
N HIS C 404 -14.00 -23.55 -31.56
CA HIS C 404 -13.63 -22.13 -31.41
C HIS C 404 -13.00 -21.94 -30.04
N GLY C 405 -11.73 -21.54 -30.03
CA GLY C 405 -11.00 -21.24 -28.81
C GLY C 405 -9.99 -22.31 -28.43
N HIS C 406 -10.10 -23.50 -29.01
CA HIS C 406 -9.18 -24.57 -28.66
C HIS C 406 -7.83 -24.36 -29.33
N VAL C 407 -6.82 -25.04 -28.79
CA VAL C 407 -5.46 -25.04 -29.31
C VAL C 407 -5.01 -26.48 -29.49
N GLY C 408 -3.75 -26.66 -29.89
CA GLY C 408 -3.28 -27.98 -30.25
C GLY C 408 -3.44 -29.00 -29.14
N ALA C 409 -3.08 -28.62 -27.91
CA ALA C 409 -3.23 -29.54 -26.79
C ALA C 409 -4.69 -29.89 -26.57
N ASP C 410 -5.59 -28.90 -26.71
CA ASP C 410 -7.00 -29.16 -26.55
C ASP C 410 -7.50 -30.17 -27.59
N LEU C 411 -7.06 -30.01 -28.85
CA LEU C 411 -7.48 -30.94 -29.89
C LEU C 411 -6.94 -32.33 -29.62
N ALA C 412 -5.69 -32.44 -29.17
CA ALA C 412 -5.14 -33.76 -28.85
C ALA C 412 -5.94 -34.41 -27.74
N ALA C 413 -6.27 -33.65 -26.69
CA ALA C 413 -7.06 -34.20 -25.59
C ALA C 413 -8.43 -34.63 -26.07
N LEU C 414 -9.06 -33.82 -26.94
CA LEU C 414 -10.37 -34.16 -27.47
C LEU C 414 -10.32 -35.47 -28.25
N CYS C 415 -9.32 -35.60 -29.14
CA CYS C 415 -9.20 -36.83 -29.92
C CYS C 415 -9.00 -38.03 -29.01
N SER C 416 -8.13 -37.90 -28.02
CA SER C 416 -7.89 -39.00 -27.09
C SER C 416 -9.18 -39.40 -26.37
N GLU C 417 -9.89 -38.42 -25.82
CA GLU C 417 -11.09 -38.74 -25.05
C GLU C 417 -12.17 -39.36 -25.92
N ALA C 418 -12.33 -38.87 -27.15
CA ALA C 418 -13.29 -39.46 -28.06
C ALA C 418 -12.93 -40.91 -28.34
N ALA C 419 -11.64 -41.20 -28.53
CA ALA C 419 -11.23 -42.59 -28.72
C ALA C 419 -11.51 -43.42 -27.47
N LEU C 420 -11.21 -42.86 -26.28
CA LEU C 420 -11.34 -43.62 -25.04
C LEU C 420 -12.78 -44.03 -24.79
N GLN C 421 -13.74 -43.13 -25.05
CA GLN C 421 -15.15 -43.50 -24.87
C GLN C 421 -15.44 -44.84 -25.54
N ALA C 422 -15.26 -44.90 -26.87
CA ALA C 422 -15.61 -46.08 -27.62
C ALA C 422 -14.79 -47.29 -27.18
N ILE C 423 -13.46 -47.12 -27.03
CA ILE C 423 -12.64 -48.28 -26.70
C ILE C 423 -13.02 -48.85 -25.35
N ARG C 424 -13.21 -47.99 -24.35
CA ARG C 424 -13.55 -48.47 -23.02
C ARG C 424 -14.91 -49.16 -23.02
N LYS C 425 -15.88 -48.63 -23.75
CA LYS C 425 -17.16 -49.30 -23.82
C LYS C 425 -17.05 -50.63 -24.55
N LYS C 426 -16.56 -50.60 -25.78
CA LYS C 426 -16.57 -51.80 -26.61
C LYS C 426 -15.65 -52.88 -26.05
N MET C 427 -14.41 -52.51 -25.72
CA MET C 427 -13.41 -53.52 -25.39
C MET C 427 -13.82 -54.34 -24.17
N ASP C 428 -14.14 -53.67 -23.07
CA ASP C 428 -14.41 -54.39 -21.82
C ASP C 428 -15.46 -55.47 -22.04
N LEU C 429 -16.65 -55.07 -22.48
CA LEU C 429 -17.74 -56.00 -22.71
C LEU C 429 -17.29 -57.17 -23.58
N ILE C 430 -16.60 -56.88 -24.67
CA ILE C 430 -16.25 -57.91 -25.64
C ILE C 430 -15.27 -58.92 -25.03
N ASP C 431 -14.23 -58.43 -24.35
CA ASP C 431 -13.01 -59.20 -24.19
C ASP C 431 -12.49 -59.37 -22.77
N LEU C 432 -13.15 -58.81 -21.75
CA LEU C 432 -12.58 -58.95 -20.41
C LEU C 432 -12.50 -60.40 -19.97
N GLU C 433 -13.30 -61.28 -20.58
CA GLU C 433 -13.27 -62.70 -20.27
C GLU C 433 -12.95 -63.58 -21.48
N ASP C 434 -13.24 -63.11 -22.70
CA ASP C 434 -13.11 -63.97 -23.87
C ASP C 434 -11.68 -64.46 -24.06
N GLU C 435 -10.71 -63.54 -24.01
CA GLU C 435 -9.33 -63.88 -24.29
C GLU C 435 -8.46 -62.66 -24.03
N THR C 436 -7.17 -62.89 -23.81
CA THR C 436 -6.22 -61.80 -23.68
C THR C 436 -6.26 -60.98 -24.97
N ILE C 437 -6.71 -59.73 -24.87
CA ILE C 437 -6.93 -58.92 -26.06
C ILE C 437 -5.68 -58.91 -26.94
N ASP C 438 -5.88 -59.06 -28.24
CA ASP C 438 -4.81 -59.14 -29.21
C ASP C 438 -4.96 -58.02 -30.23
N ALA C 439 -3.92 -57.85 -31.06
CA ALA C 439 -3.86 -56.72 -31.97
C ALA C 439 -5.06 -56.68 -32.90
N GLU C 440 -5.54 -57.84 -33.34
CA GLU C 440 -6.66 -57.87 -34.28
C GLU C 440 -7.89 -57.18 -33.68
N VAL C 441 -8.29 -57.60 -32.49
CA VAL C 441 -9.45 -56.98 -31.85
C VAL C 441 -9.11 -55.57 -31.39
N MET C 442 -7.85 -55.31 -31.03
CA MET C 442 -7.45 -53.96 -30.64
C MET C 442 -7.74 -52.97 -31.75
N ASN C 443 -7.30 -53.29 -32.98
CA ASN C 443 -7.43 -52.36 -34.10
C ASN C 443 -8.72 -52.54 -34.89
N SER C 444 -9.51 -53.58 -34.60
CA SER C 444 -10.78 -53.74 -35.30
C SER C 444 -11.73 -52.58 -35.00
N LEU C 445 -11.65 -52.02 -33.80
CA LEU C 445 -12.56 -50.95 -33.41
C LEU C 445 -12.29 -49.71 -34.25
N ALA C 446 -13.35 -49.08 -34.72
CA ALA C 446 -13.30 -47.81 -35.42
C ALA C 446 -13.77 -46.70 -34.48
N VAL C 447 -13.90 -45.49 -35.02
CA VAL C 447 -14.36 -44.34 -34.27
C VAL C 447 -15.53 -43.71 -35.02
N THR C 448 -16.41 -43.05 -34.26
CA THR C 448 -17.62 -42.46 -34.82
C THR C 448 -17.74 -41.03 -34.36
N MET C 449 -18.42 -40.21 -35.17
CA MET C 449 -18.55 -38.79 -34.89
C MET C 449 -19.43 -38.50 -33.70
N ASP C 450 -20.29 -39.43 -33.29
CA ASP C 450 -21.06 -39.26 -32.07
C ASP C 450 -20.14 -39.21 -30.85
N ASP C 451 -19.12 -40.07 -30.83
CA ASP C 451 -18.12 -40.01 -29.78
C ASP C 451 -17.41 -38.66 -29.77
N PHE C 452 -17.11 -38.14 -30.96
CA PHE C 452 -16.50 -36.81 -31.05
C PHE C 452 -17.43 -35.75 -30.47
N ARG C 453 -18.71 -35.83 -30.78
CA ARG C 453 -19.66 -34.85 -30.25
C ARG C 453 -19.72 -34.93 -28.73
N TRP C 454 -19.72 -36.14 -28.17
CA TRP C 454 -19.72 -36.25 -26.71
C TRP C 454 -18.46 -35.66 -26.12
N ALA C 455 -17.29 -36.06 -26.65
CA ALA C 455 -16.04 -35.57 -26.09
C ALA C 455 -15.85 -34.08 -26.29
N LEU C 456 -16.58 -33.48 -27.23
CA LEU C 456 -16.50 -32.05 -27.46
C LEU C 456 -17.51 -31.26 -26.64
N SER C 457 -18.68 -31.83 -26.35
CA SER C 457 -19.69 -31.13 -25.58
C SER C 457 -19.47 -31.31 -24.08
N GLN C 458 -19.37 -32.56 -23.63
CA GLN C 458 -19.15 -32.80 -22.20
C GLN C 458 -17.83 -32.18 -21.76
N SER C 459 -16.77 -32.37 -22.54
CA SER C 459 -15.45 -31.81 -22.24
C SER C 459 -15.20 -30.67 -23.23
N ASN C 460 -15.51 -29.45 -22.80
CA ASN C 460 -15.22 -28.25 -23.59
C ASN C 460 -14.50 -27.23 -22.72
N PRO C 461 -13.34 -27.59 -22.16
CA PRO C 461 -12.52 -26.61 -21.44
C PRO C 461 -11.72 -25.72 -22.37
N SER C 462 -12.42 -24.92 -23.17
CA SER C 462 -11.75 -23.99 -24.06
C SER C 462 -10.82 -23.08 -23.26
N ALA C 463 -9.57 -22.99 -23.71
CA ALA C 463 -8.54 -22.24 -23.01
C ALA C 463 -8.23 -20.90 -23.68
N LEU C 464 -9.24 -20.28 -24.30
CA LEU C 464 -9.03 -19.05 -25.04
C LEU C 464 -10.27 -18.16 -24.93
N ARG C 465 -10.09 -16.98 -24.35
CA ARG C 465 -11.16 -15.98 -24.30
C ARG C 465 -10.63 -14.59 -24.61
N GLU C 466 -9.41 -14.46 -25.13
CA GLU C 466 -8.83 -13.17 -25.48
C GLU C 466 -9.23 -12.78 -26.90
N THR C 467 -8.58 -11.76 -27.44
CA THR C 467 -8.90 -11.27 -28.77
C THR C 467 -8.55 -12.31 -29.83
N VAL C 468 -8.81 -11.97 -31.09
CA VAL C 468 -8.60 -12.89 -32.21
C VAL C 468 -8.21 -12.09 -33.43
N VAL C 469 -7.34 -12.66 -34.25
CA VAL C 469 -6.92 -12.08 -35.52
C VAL C 469 -6.94 -13.17 -36.58
N GLU C 470 -7.63 -12.91 -37.69
CA GLU C 470 -7.70 -13.87 -38.78
C GLU C 470 -8.40 -13.23 -39.96
N VAL C 471 -8.23 -13.83 -41.13
CA VAL C 471 -8.89 -13.37 -42.35
C VAL C 471 -10.33 -13.87 -42.33
N PRO C 472 -11.34 -13.00 -42.49
CA PRO C 472 -12.73 -13.47 -42.44
C PRO C 472 -13.15 -14.24 -43.68
N GLN C 473 -14.40 -14.68 -43.72
CA GLN C 473 -14.94 -15.44 -44.84
C GLN C 473 -16.05 -14.70 -45.59
N VAL C 474 -16.56 -13.60 -45.04
CA VAL C 474 -17.65 -12.89 -45.70
C VAL C 474 -17.17 -12.33 -47.03
N THR C 475 -18.02 -12.43 -48.04
CA THR C 475 -17.71 -11.99 -49.39
C THR C 475 -18.67 -10.87 -49.81
N TRP C 476 -18.37 -10.26 -50.94
CA TRP C 476 -19.24 -9.21 -51.47
C TRP C 476 -20.62 -9.76 -51.77
N GLU C 477 -20.71 -10.99 -52.28
CA GLU C 477 -22.00 -11.58 -52.58
C GLU C 477 -22.89 -11.66 -51.35
N ASP C 478 -22.30 -11.85 -50.17
CA ASP C 478 -23.09 -11.80 -48.94
C ASP C 478 -23.74 -10.43 -48.77
N ILE C 479 -23.02 -9.37 -49.12
CA ILE C 479 -23.58 -8.03 -49.04
C ILE C 479 -24.61 -7.84 -50.16
N GLY C 480 -25.70 -7.14 -49.83
CA GLY C 480 -26.72 -6.84 -50.81
C GLY C 480 -26.75 -5.38 -51.18
N GLY C 481 -26.45 -5.06 -52.43
CA GLY C 481 -26.41 -3.68 -52.88
C GLY C 481 -25.13 -2.98 -52.44
N LEU C 482 -25.24 -1.65 -52.34
CA LEU C 482 -24.12 -0.81 -51.92
C LEU C 482 -22.92 -0.98 -52.85
N GLU C 483 -23.19 -1.13 -54.15
CA GLU C 483 -22.11 -1.33 -55.11
C GLU C 483 -21.20 -0.10 -55.20
N ASP C 484 -21.80 1.09 -55.23
CA ASP C 484 -20.99 2.31 -55.31
C ASP C 484 -20.08 2.42 -54.09
N VAL C 485 -20.56 1.98 -52.93
CA VAL C 485 -19.70 1.98 -51.74
C VAL C 485 -18.56 0.99 -51.92
N LYS C 486 -18.81 -0.16 -52.58
CA LYS C 486 -17.72 -1.09 -52.86
C LYS C 486 -16.66 -0.43 -53.74
N ARG C 487 -17.10 0.26 -54.79
CA ARG C 487 -16.14 0.95 -55.65
C ARG C 487 -15.36 2.01 -54.88
N GLU C 488 -16.06 2.78 -54.04
CA GLU C 488 -15.42 3.83 -53.26
C GLU C 488 -14.51 3.27 -52.19
N LEU C 489 -14.70 2.01 -51.80
CA LEU C 489 -13.87 1.37 -50.79
C LEU C 489 -12.62 0.75 -51.40
N GLN C 490 -12.74 0.07 -52.54
CA GLN C 490 -11.58 -0.55 -53.15
C GLN C 490 -10.50 0.48 -53.47
N GLU C 491 -10.92 1.69 -53.86
CA GLU C 491 -9.95 2.71 -54.23
C GLU C 491 -9.08 3.10 -53.04
N LEU C 492 -9.67 3.18 -51.85
CA LEU C 492 -8.92 3.63 -50.69
C LEU C 492 -7.89 2.62 -50.23
N VAL C 493 -8.18 1.33 -50.37
CA VAL C 493 -7.38 0.26 -49.79
C VAL C 493 -6.59 -0.50 -50.86
N GLN C 494 -7.27 -0.99 -51.89
CA GLN C 494 -6.59 -1.81 -52.89
C GLN C 494 -5.52 -1.02 -53.64
N TYR C 495 -5.85 0.20 -54.06
CA TYR C 495 -4.94 0.96 -54.90
C TYR C 495 -3.62 1.27 -54.21
N PRO C 496 -3.60 1.80 -52.98
CA PRO C 496 -2.30 2.08 -52.34
C PRO C 496 -1.41 0.85 -52.22
N VAL C 497 -1.95 -0.28 -51.77
CA VAL C 497 -1.13 -1.47 -51.62
C VAL C 497 -0.63 -1.96 -52.97
N GLU C 498 -1.51 -1.95 -53.97
CA GLU C 498 -1.14 -2.49 -55.28
C GLU C 498 -0.21 -1.55 -56.05
N HIS C 499 -0.50 -0.25 -56.05
CA HIS C 499 0.20 0.71 -56.91
C HIS C 499 0.71 1.89 -56.09
N PRO C 500 1.91 1.78 -55.51
CA PRO C 500 2.49 2.94 -54.79
C PRO C 500 3.15 3.95 -55.71
N ASP C 501 3.77 3.46 -56.79
CA ASP C 501 4.51 4.34 -57.69
C ASP C 501 3.60 5.37 -58.33
N LYS C 502 2.32 5.05 -58.53
CA LYS C 502 1.39 6.03 -59.09
C LYS C 502 1.18 7.19 -58.12
N PHE C 503 1.05 6.89 -56.83
CA PHE C 503 0.99 7.96 -55.84
C PHE C 503 2.29 8.75 -55.80
N LEU C 504 3.43 8.05 -55.91
CA LEU C 504 4.70 8.75 -55.90
C LEU C 504 4.83 9.73 -57.07
N LYS C 505 4.35 9.32 -58.25
CA LYS C 505 4.43 10.21 -59.40
C LYS C 505 3.70 11.52 -59.14
N PHE C 506 2.52 11.46 -58.53
CA PHE C 506 1.79 12.64 -58.11
C PHE C 506 2.16 12.96 -56.66
N GLY C 507 1.42 13.88 -56.04
CA GLY C 507 1.74 14.34 -54.70
C GLY C 507 0.82 13.88 -53.59
N MET C 508 -0.21 13.09 -53.90
CA MET C 508 -1.20 12.73 -52.87
C MET C 508 -0.77 11.53 -52.05
N THR C 509 -0.91 11.61 -50.73
CA THR C 509 -0.57 10.50 -49.84
C THR C 509 -1.91 9.92 -49.41
N PRO C 510 -2.09 8.60 -49.54
CA PRO C 510 -3.41 8.08 -49.23
C PRO C 510 -3.79 8.29 -47.78
N SER C 511 -5.04 8.66 -47.52
CA SER C 511 -5.51 8.85 -46.15
C SER C 511 -5.94 7.52 -45.58
N LYS C 512 -5.51 7.21 -44.38
CA LYS C 512 -5.90 5.97 -43.71
C LYS C 512 -6.85 6.30 -42.58
N GLY C 513 -8.12 5.94 -42.71
CA GLY C 513 -9.10 6.33 -41.72
C GLY C 513 -10.43 6.64 -42.39
N VAL C 514 -11.47 5.83 -42.12
CA VAL C 514 -12.80 6.11 -42.66
C VAL C 514 -13.83 5.89 -41.56
N LEU C 515 -14.96 6.58 -41.66
CA LEU C 515 -16.02 6.51 -40.67
C LEU C 515 -17.35 6.27 -41.38
N PHE C 516 -18.11 5.30 -40.87
CA PHE C 516 -19.45 5.00 -41.35
C PHE C 516 -20.46 5.54 -40.36
N TYR C 517 -21.45 6.27 -40.86
CA TYR C 517 -22.53 6.79 -40.03
C TYR C 517 -23.86 6.45 -40.69
N GLY C 518 -24.79 5.91 -39.92
CA GLY C 518 -26.10 5.64 -40.46
C GLY C 518 -27.07 4.91 -39.56
N PRO C 519 -28.27 4.66 -40.08
CA PRO C 519 -29.28 3.96 -39.28
C PRO C 519 -28.81 2.57 -38.92
N PRO C 520 -29.27 2.03 -37.79
CA PRO C 520 -28.79 0.73 -37.34
C PRO C 520 -29.25 -0.40 -38.24
N GLY C 521 -28.47 -1.49 -38.23
CA GLY C 521 -28.85 -2.69 -38.94
C GLY C 521 -28.81 -2.58 -40.45
N CYS C 522 -27.87 -1.81 -40.99
CA CYS C 522 -27.75 -1.63 -42.43
C CYS C 522 -26.49 -2.29 -43.00
N GLY C 523 -25.84 -3.17 -42.24
CA GLY C 523 -24.73 -3.93 -42.76
C GLY C 523 -23.36 -3.29 -42.61
N LYS C 524 -23.19 -2.36 -41.68
CA LYS C 524 -21.89 -1.70 -41.51
C LYS C 524 -20.82 -2.71 -41.12
N THR C 525 -21.13 -3.62 -40.20
CA THR C 525 -20.13 -4.55 -39.70
C THR C 525 -19.64 -5.50 -40.78
N LEU C 526 -20.46 -5.76 -41.80
CA LEU C 526 -20.10 -6.76 -42.80
C LEU C 526 -19.05 -6.24 -43.78
N LEU C 527 -19.06 -4.96 -44.09
CA LEU C 527 -18.11 -4.42 -45.08
C LEU C 527 -16.68 -4.50 -44.56
N ALA C 528 -16.48 -4.25 -43.26
CA ALA C 528 -15.14 -4.27 -42.70
C ALA C 528 -14.48 -5.64 -42.87
N LYS C 529 -15.28 -6.70 -42.91
CA LYS C 529 -14.76 -8.04 -43.13
C LYS C 529 -14.76 -8.43 -44.60
N ALA C 530 -15.71 -7.90 -45.38
CA ALA C 530 -15.70 -8.18 -46.82
C ALA C 530 -14.44 -7.60 -47.46
N ILE C 531 -14.03 -6.41 -47.05
CA ILE C 531 -12.81 -5.81 -47.60
C ILE C 531 -11.61 -6.69 -47.27
N ALA C 532 -11.51 -7.15 -46.02
CA ALA C 532 -10.39 -7.98 -45.63
C ALA C 532 -10.37 -9.28 -46.41
N ASN C 533 -11.54 -9.91 -46.59
CA ASN C 533 -11.60 -11.14 -47.37
C ASN C 533 -11.18 -10.89 -48.81
N GLU C 534 -11.62 -9.77 -49.39
CA GLU C 534 -11.22 -9.45 -50.76
C GLU C 534 -9.71 -9.30 -50.88
N CYS C 535 -9.11 -8.52 -49.98
CA CYS C 535 -7.69 -8.24 -50.06
C CYS C 535 -6.83 -9.23 -49.28
N GLN C 536 -7.44 -10.24 -48.66
CA GLN C 536 -6.71 -11.27 -47.92
C GLN C 536 -5.78 -10.64 -46.89
N ALA C 537 -6.38 -9.84 -46.01
CA ALA C 537 -5.65 -9.17 -44.93
C ALA C 537 -6.33 -9.46 -43.61
N ASN C 538 -5.54 -9.45 -42.54
CA ASN C 538 -6.08 -9.72 -41.22
C ASN C 538 -7.14 -8.69 -40.85
N ALA C 539 -7.90 -8.99 -39.80
CA ALA C 539 -8.97 -8.12 -39.35
C ALA C 539 -9.10 -8.21 -37.84
N ILE C 540 -9.43 -7.08 -37.22
CA ILE C 540 -9.62 -6.99 -35.78
C ILE C 540 -10.87 -6.18 -35.51
N SER C 541 -11.68 -6.64 -34.55
CA SER C 541 -12.92 -5.96 -34.19
C SER C 541 -12.98 -5.79 -32.68
N ILE C 542 -13.22 -4.55 -32.24
CA ILE C 542 -13.40 -4.23 -30.83
C ILE C 542 -14.79 -3.65 -30.67
N LYS C 543 -15.57 -4.23 -29.77
CA LYS C 543 -16.95 -3.83 -29.57
C LYS C 543 -17.04 -2.79 -28.44
N GLY C 544 -18.17 -2.07 -28.40
CA GLY C 544 -18.39 -1.03 -27.43
C GLY C 544 -18.31 -1.46 -25.97
N PRO C 545 -18.80 -2.66 -25.63
CA PRO C 545 -18.62 -3.14 -24.26
C PRO C 545 -17.16 -3.12 -23.81
N GLU C 546 -16.22 -3.41 -24.69
CA GLU C 546 -14.81 -3.34 -24.32
C GLU C 546 -14.41 -1.91 -24.00
N LEU C 547 -14.87 -0.94 -24.79
CA LEU C 547 -14.56 0.46 -24.52
C LEU C 547 -15.13 0.88 -23.16
N LEU C 548 -16.36 0.48 -22.87
CA LEU C 548 -16.95 0.84 -21.57
C LEU C 548 -16.22 0.15 -20.43
N THR C 549 -15.78 -1.09 -20.64
CA THR C 549 -15.00 -1.77 -19.61
C THR C 549 -13.70 -1.03 -19.33
N MET C 550 -13.03 -0.57 -20.38
CA MET C 550 -11.82 0.24 -20.18
C MET C 550 -12.14 1.55 -19.47
N TRP C 551 -13.26 2.18 -19.81
CA TRP C 551 -13.62 3.45 -19.20
C TRP C 551 -13.86 3.29 -17.70
N PHE C 552 -14.72 2.34 -17.32
CA PHE C 552 -15.02 2.15 -15.90
C PHE C 552 -13.79 1.70 -15.12
N GLY C 553 -13.01 0.79 -15.69
CA GLY C 553 -11.78 0.36 -15.05
C GLY C 553 -10.65 1.36 -15.14
N GLU C 554 -10.80 2.41 -15.95
CA GLU C 554 -9.76 3.42 -16.12
C GLU C 554 -8.46 2.79 -16.59
N SER C 555 -8.57 1.78 -17.44
CA SER C 555 -7.42 1.06 -17.99
C SER C 555 -7.25 1.48 -19.44
N GLU C 556 -6.51 2.57 -19.64
CA GLU C 556 -6.26 3.10 -20.97
C GLU C 556 -5.03 2.48 -21.63
N ALA C 557 -4.10 1.95 -20.83
CA ALA C 557 -2.89 1.39 -21.41
C ALA C 557 -3.20 0.29 -22.42
N ASN C 558 -4.26 -0.48 -22.18
CA ASN C 558 -4.57 -1.60 -23.06
C ASN C 558 -4.65 -1.16 -24.51
N VAL C 559 -5.17 0.04 -24.75
CA VAL C 559 -5.26 0.56 -26.12
C VAL C 559 -3.95 0.34 -26.86
N ARG C 560 -2.84 0.74 -26.23
CA ARG C 560 -1.55 0.62 -26.90
C ARG C 560 -1.34 -0.78 -27.43
N GLU C 561 -1.54 -1.79 -26.57
CA GLU C 561 -1.28 -3.17 -26.97
C GLU C 561 -1.99 -3.48 -28.29
N ILE C 562 -3.26 -3.07 -28.41
CA ILE C 562 -4.02 -3.37 -29.62
C ILE C 562 -3.22 -2.95 -30.84
N PHE C 563 -2.77 -1.70 -30.87
CA PHE C 563 -2.04 -1.21 -32.03
C PHE C 563 -0.79 -2.04 -32.27
N ASP C 564 -0.05 -2.38 -31.21
CA ASP C 564 1.10 -3.25 -31.39
C ASP C 564 0.72 -4.50 -32.16
N LYS C 565 -0.36 -5.16 -31.73
CA LYS C 565 -0.80 -6.36 -32.44
C LYS C 565 -0.99 -6.05 -33.92
N ALA C 566 -1.73 -4.97 -34.22
CA ALA C 566 -1.91 -4.59 -35.61
C ALA C 566 -0.58 -4.38 -36.30
N ARG C 567 0.35 -3.68 -35.64
CA ARG C 567 1.65 -3.42 -36.24
C ARG C 567 2.34 -4.72 -36.60
N GLN C 568 2.16 -5.77 -35.78
CA GLN C 568 2.80 -7.04 -36.05
C GLN C 568 1.95 -7.96 -36.93
N ALA C 569 0.71 -7.58 -37.23
CA ALA C 569 -0.15 -8.35 -38.10
C ALA C 569 -0.39 -7.67 -39.44
N ALA C 570 0.41 -6.66 -39.76
CA ALA C 570 0.21 -5.91 -40.99
C ALA C 570 0.52 -6.79 -42.20
N PRO C 571 -0.20 -6.60 -43.33
CA PRO C 571 -1.29 -5.63 -43.54
C PRO C 571 -2.56 -6.09 -42.81
N CYS C 572 -3.31 -5.15 -42.24
CA CYS C 572 -4.45 -5.50 -41.41
C CYS C 572 -5.45 -4.35 -41.41
N VAL C 573 -6.65 -4.63 -40.90
CA VAL C 573 -7.73 -3.67 -40.83
C VAL C 573 -8.24 -3.61 -39.39
N LEU C 574 -8.44 -2.41 -38.88
CA LEU C 574 -8.91 -2.18 -37.52
C LEU C 574 -10.34 -1.62 -37.55
N PHE C 575 -11.20 -2.18 -36.72
CA PHE C 575 -12.62 -1.84 -36.73
C PHE C 575 -13.05 -1.40 -35.33
N PHE C 576 -13.91 -0.38 -35.28
CA PHE C 576 -14.49 0.10 -34.04
C PHE C 576 -15.96 0.39 -34.27
N ASP C 577 -16.82 -0.12 -33.38
CA ASP C 577 -18.26 0.13 -33.44
C ASP C 577 -18.73 0.63 -32.07
N GLU C 578 -19.95 1.15 -32.06
CA GLU C 578 -20.51 1.76 -30.85
C GLU C 578 -19.60 2.88 -30.34
N LEU C 579 -18.95 3.58 -31.27
CA LEU C 579 -18.01 4.63 -30.90
C LEU C 579 -18.69 5.77 -30.15
N ASP C 580 -20.00 5.89 -30.26
CA ASP C 580 -20.77 6.89 -29.52
C ASP C 580 -21.25 6.36 -28.17
N SER C 581 -20.84 5.16 -27.78
CA SER C 581 -21.35 4.56 -26.55
C SER C 581 -20.98 5.36 -25.33
N ILE C 582 -19.74 5.84 -25.26
CA ILE C 582 -19.29 6.57 -24.07
C ILE C 582 -20.08 7.87 -23.92
N ALA C 583 -20.24 8.61 -25.02
CA ALA C 583 -21.03 9.83 -24.96
C ALA C 583 -22.45 9.55 -24.51
N LYS C 584 -23.02 8.44 -24.95
CA LYS C 584 -24.37 8.07 -24.51
C LYS C 584 -24.38 7.73 -23.03
N ALA C 585 -23.29 7.15 -22.50
CA ALA C 585 -23.26 6.75 -21.10
C ALA C 585 -23.40 7.95 -20.18
N ARG C 586 -22.57 8.97 -20.38
CA ARG C 586 -22.62 10.19 -19.57
C ARG C 586 -23.64 11.16 -20.17
N GLY C 587 -24.91 10.78 -20.05
CA GLY C 587 -25.99 11.57 -20.58
C GLY C 587 -26.22 11.32 -22.07
N GLY C 588 -27.27 11.93 -22.57
CA GLY C 588 -27.66 11.81 -23.97
C GLY C 588 -27.08 12.90 -24.84
N ASN C 589 -27.85 13.34 -25.83
CA ASN C 589 -27.39 14.41 -26.70
C ASN C 589 -27.13 15.68 -25.91
N ILE C 590 -28.03 16.02 -24.98
CA ILE C 590 -27.74 17.09 -24.04
C ILE C 590 -26.54 16.73 -23.18
N GLY C 591 -26.46 15.48 -22.75
CA GLY C 591 -25.31 14.99 -22.03
C GLY C 591 -25.21 15.53 -20.63
N ASP C 592 -24.25 14.99 -19.88
CA ASP C 592 -23.92 15.51 -18.57
C ASP C 592 -23.07 16.77 -18.70
N GLY C 593 -22.99 17.53 -17.61
CA GLY C 593 -22.16 18.71 -17.60
C GLY C 593 -20.72 18.37 -17.94
N GLY C 594 -20.27 18.80 -19.12
CA GLY C 594 -18.94 18.46 -19.57
C GLY C 594 -18.81 18.77 -21.06
N GLY C 595 -17.86 18.05 -21.69
CA GLY C 595 -17.59 18.25 -23.10
C GLY C 595 -17.53 16.93 -23.84
N ALA C 596 -17.37 17.04 -25.15
CA ALA C 596 -17.34 15.84 -26.00
C ALA C 596 -16.17 14.95 -25.67
N ALA C 597 -15.07 15.51 -25.16
CA ALA C 597 -13.88 14.73 -24.92
C ALA C 597 -14.02 13.84 -23.70
N ASP C 598 -13.41 12.66 -23.76
CA ASP C 598 -13.33 11.74 -22.63
C ASP C 598 -11.91 11.20 -22.58
N ARG C 599 -11.68 10.20 -21.71
CA ARG C 599 -10.33 9.68 -21.55
C ARG C 599 -9.88 8.88 -22.77
N VAL C 600 -10.71 7.97 -23.24
CA VAL C 600 -10.24 6.94 -24.17
C VAL C 600 -9.94 7.55 -25.54
N ILE C 601 -10.84 8.39 -26.05
CA ILE C 601 -10.65 8.92 -27.39
C ILE C 601 -9.38 9.75 -27.46
N ASN C 602 -8.99 10.39 -26.36
CA ASN C 602 -7.71 11.11 -26.34
C ASN C 602 -6.57 10.15 -26.60
N GLN C 603 -6.58 8.99 -25.95
CA GLN C 603 -5.55 7.99 -26.19
C GLN C 603 -5.59 7.49 -27.63
N ILE C 604 -6.79 7.29 -28.16
CA ILE C 604 -6.92 6.81 -29.54
C ILE C 604 -6.30 7.81 -30.51
N LEU C 605 -6.57 9.09 -30.31
CA LEU C 605 -5.97 10.12 -31.16
C LEU C 605 -4.45 10.14 -30.99
N THR C 606 -3.98 10.01 -29.75
CA THR C 606 -2.54 10.01 -29.52
C THR C 606 -1.87 8.87 -30.27
N GLU C 607 -2.49 7.70 -30.28
CA GLU C 607 -1.91 6.56 -30.99
C GLU C 607 -2.02 6.74 -32.51
N MET C 608 -3.15 7.27 -32.98
CA MET C 608 -3.33 7.44 -34.42
C MET C 608 -2.33 8.44 -35.00
N ASP C 609 -2.11 9.56 -34.30
CA ASP C 609 -1.18 10.56 -34.81
C ASP C 609 0.24 9.99 -34.89
N GLY C 610 0.64 9.21 -33.90
CA GLY C 610 1.97 8.64 -33.87
C GLY C 610 2.04 7.28 -34.55
N MET C 611 1.57 7.21 -35.79
CA MET C 611 1.60 5.97 -36.56
C MET C 611 2.06 6.27 -37.98
N SER C 612 2.94 5.41 -38.50
CA SER C 612 3.50 5.61 -39.82
C SER C 612 2.54 5.11 -40.90
N THR C 613 2.52 5.82 -42.03
CA THR C 613 1.65 5.42 -43.13
C THR C 613 2.10 4.10 -43.75
N LYS C 614 3.41 3.87 -43.85
CA LYS C 614 3.92 2.71 -44.57
C LYS C 614 3.49 1.40 -43.94
N LYS C 615 3.12 1.39 -42.67
CA LYS C 615 2.75 0.13 -42.01
C LYS C 615 1.50 -0.48 -42.63
N ASN C 616 0.70 0.29 -43.35
CA ASN C 616 -0.48 -0.22 -44.05
C ASN C 616 -1.47 -0.86 -43.07
N VAL C 617 -1.94 -0.06 -42.12
CA VAL C 617 -2.94 -0.47 -41.16
C VAL C 617 -4.10 0.51 -41.28
N PHE C 618 -5.16 0.09 -41.98
CA PHE C 618 -6.33 0.93 -42.17
C PHE C 618 -7.18 0.94 -40.90
N ILE C 619 -8.00 1.98 -40.76
CA ILE C 619 -8.84 2.19 -39.58
C ILE C 619 -10.26 2.51 -40.04
N ILE C 620 -11.23 1.84 -39.44
CA ILE C 620 -12.64 2.02 -39.76
C ILE C 620 -13.40 2.26 -38.46
N GLY C 621 -14.26 3.27 -38.45
CA GLY C 621 -15.15 3.52 -37.34
C GLY C 621 -16.60 3.42 -37.78
N ALA C 622 -17.52 3.19 -36.86
CA ALA C 622 -18.92 3.02 -37.21
C ALA C 622 -19.81 3.62 -36.12
N THR C 623 -20.93 4.22 -36.53
CA THR C 623 -21.84 4.82 -35.56
C THR C 623 -23.18 5.14 -36.21
N ASN C 624 -24.14 5.47 -35.35
CA ASN C 624 -25.46 5.92 -35.78
C ASN C 624 -25.85 7.25 -35.15
N ARG C 625 -24.96 7.87 -34.39
CA ARG C 625 -25.19 9.19 -33.80
C ARG C 625 -23.94 10.03 -34.00
N PRO C 626 -23.63 10.39 -35.25
CA PRO C 626 -22.40 11.16 -35.50
C PRO C 626 -22.43 12.56 -34.89
N ASP C 627 -23.61 13.09 -34.55
CA ASP C 627 -23.68 14.46 -34.07
C ASP C 627 -22.88 14.65 -32.78
N ILE C 628 -22.93 13.67 -31.88
CA ILE C 628 -22.29 13.81 -30.57
C ILE C 628 -20.87 13.28 -30.55
N ILE C 629 -20.32 12.88 -31.71
CA ILE C 629 -18.92 12.47 -31.76
C ILE C 629 -18.04 13.71 -31.66
N ASP C 630 -16.92 13.57 -30.95
CA ASP C 630 -16.02 14.71 -30.77
C ASP C 630 -15.46 15.14 -32.12
N PRO C 631 -15.55 16.42 -32.47
CA PRO C 631 -15.08 16.84 -33.81
C PRO C 631 -13.59 16.62 -34.03
N ALA C 632 -12.80 16.56 -32.96
CA ALA C 632 -11.35 16.46 -33.13
C ALA C 632 -10.93 15.19 -33.85
N ILE C 633 -11.77 14.15 -33.85
CA ILE C 633 -11.44 12.92 -34.54
C ILE C 633 -11.80 12.95 -36.02
N LEU C 634 -12.50 13.98 -36.48
CA LEU C 634 -12.82 14.15 -37.89
C LEU C 634 -11.85 15.08 -38.61
N ARG C 635 -10.82 15.57 -37.93
CA ARG C 635 -9.88 16.49 -38.55
C ARG C 635 -8.96 15.76 -39.52
N PRO C 636 -8.33 16.48 -40.45
CA PRO C 636 -7.39 15.83 -41.36
C PRO C 636 -6.23 15.19 -40.60
N GLY C 637 -5.74 14.08 -41.14
CA GLY C 637 -4.79 13.25 -40.45
C GLY C 637 -5.41 12.19 -39.57
N ARG C 638 -6.72 12.28 -39.33
CA ARG C 638 -7.48 11.26 -38.63
C ARG C 638 -8.64 10.88 -39.54
N LEU C 639 -9.63 10.14 -39.03
CA LEU C 639 -10.82 9.85 -39.80
C LEU C 639 -11.32 11.12 -40.48
N ASP C 640 -11.31 11.12 -41.82
CA ASP C 640 -11.71 12.31 -42.56
C ASP C 640 -12.70 11.98 -43.68
N GLN C 641 -12.72 10.73 -44.13
CA GLN C 641 -13.69 10.31 -45.14
C GLN C 641 -14.90 9.70 -44.43
N LEU C 642 -16.09 10.21 -44.74
CA LEU C 642 -17.32 9.75 -44.14
C LEU C 642 -18.23 9.20 -45.22
N ILE C 643 -18.79 8.01 -44.97
CA ILE C 643 -19.69 7.34 -45.90
C ILE C 643 -21.02 7.12 -45.21
N TYR C 644 -22.09 7.20 -45.99
CA TYR C 644 -23.45 7.04 -45.49
C TYR C 644 -24.02 5.72 -45.99
N ILE C 645 -24.55 4.91 -45.08
CA ILE C 645 -25.18 3.64 -45.39
C ILE C 645 -26.69 3.83 -45.27
N PRO C 646 -27.44 3.85 -46.37
CA PRO C 646 -28.88 4.08 -46.28
C PRO C 646 -29.65 2.77 -46.12
N LEU C 647 -30.95 2.91 -45.85
CA LEU C 647 -31.81 1.75 -45.71
C LEU C 647 -31.91 1.01 -47.04
N PRO C 648 -31.97 -0.32 -47.03
CA PRO C 648 -32.04 -1.05 -48.30
C PRO C 648 -33.29 -0.71 -49.08
N ASP C 649 -33.16 -0.70 -50.40
CA ASP C 649 -34.27 -0.49 -51.30
C ASP C 649 -34.74 -1.83 -51.87
N GLU C 650 -35.84 -1.78 -52.64
CA GLU C 650 -36.45 -3.00 -53.15
C GLU C 650 -35.45 -3.87 -53.88
N LYS C 651 -34.70 -3.28 -54.81
CA LYS C 651 -33.68 -4.03 -55.54
C LYS C 651 -32.62 -4.58 -54.60
N SER C 652 -32.30 -3.83 -53.54
CA SER C 652 -31.38 -4.33 -52.53
C SER C 652 -32.04 -5.39 -51.67
N ARG C 653 -33.30 -5.15 -51.26
CA ARG C 653 -33.97 -6.06 -50.35
C ARG C 653 -34.13 -7.45 -50.94
N VAL C 654 -34.43 -7.54 -52.25
CA VAL C 654 -34.51 -8.85 -52.88
C VAL C 654 -33.18 -9.58 -52.76
N ALA C 655 -32.08 -8.86 -52.96
CA ALA C 655 -30.76 -9.46 -52.82
C ALA C 655 -30.51 -9.93 -51.39
N ILE C 656 -30.95 -9.14 -50.41
CA ILE C 656 -30.77 -9.55 -49.01
C ILE C 656 -31.55 -10.83 -48.75
N LEU C 657 -32.79 -10.89 -49.22
CA LEU C 657 -33.60 -12.09 -49.00
C LEU C 657 -32.94 -13.30 -49.63
N LYS C 658 -32.47 -13.17 -50.87
CA LYS C 658 -31.82 -14.30 -51.52
C LYS C 658 -30.55 -14.71 -50.78
N ALA C 659 -29.77 -13.74 -50.32
CA ALA C 659 -28.53 -14.04 -49.61
C ALA C 659 -28.81 -14.79 -48.31
N ASN C 660 -29.82 -14.34 -47.55
CA ASN C 660 -30.13 -15.02 -46.30
C ASN C 660 -30.73 -16.40 -46.54
N LEU C 661 -31.51 -16.56 -47.60
CA LEU C 661 -32.23 -17.81 -47.85
C LEU C 661 -31.46 -18.79 -48.71
N ARG C 662 -30.22 -18.49 -49.08
CA ARG C 662 -29.40 -19.42 -49.85
C ARG C 662 -28.79 -20.53 -49.01
N LYS C 663 -29.21 -20.66 -47.75
CA LYS C 663 -28.68 -21.68 -46.84
C LYS C 663 -29.77 -22.59 -46.28
N SER C 664 -31.02 -22.42 -46.68
CA SER C 664 -32.13 -23.22 -46.17
C SER C 664 -32.95 -23.79 -47.32
N PRO C 665 -33.58 -24.95 -47.12
CA PRO C 665 -34.45 -25.50 -48.17
C PRO C 665 -35.76 -24.73 -48.23
N VAL C 666 -36.12 -24.28 -49.43
CA VAL C 666 -37.33 -23.48 -49.64
C VAL C 666 -38.09 -24.03 -50.83
N ALA C 667 -39.40 -23.78 -50.84
CA ALA C 667 -40.26 -24.19 -51.94
C ALA C 667 -40.27 -23.09 -53.01
N LYS C 668 -41.15 -23.22 -53.99
CA LYS C 668 -41.18 -22.33 -55.14
C LYS C 668 -42.44 -21.48 -55.25
N ASP C 669 -43.48 -21.79 -54.48
CA ASP C 669 -44.68 -20.96 -54.51
C ASP C 669 -44.42 -19.55 -53.99
N VAL C 670 -43.34 -19.36 -53.24
CA VAL C 670 -43.03 -18.04 -52.69
C VAL C 670 -42.89 -17.02 -53.82
N ASP C 671 -43.09 -15.76 -53.47
CA ASP C 671 -42.91 -14.63 -54.37
C ASP C 671 -42.00 -13.64 -53.66
N LEU C 672 -40.69 -13.79 -53.83
CA LEU C 672 -39.74 -12.97 -53.10
C LEU C 672 -39.89 -11.50 -53.46
N GLU C 673 -40.09 -11.21 -54.75
CA GLU C 673 -40.28 -9.82 -55.17
C GLU C 673 -41.50 -9.21 -54.51
N PHE C 674 -42.57 -9.99 -54.36
CA PHE C 674 -43.77 -9.49 -53.69
C PHE C 674 -43.46 -9.10 -52.26
N LEU C 675 -42.73 -9.94 -51.53
CA LEU C 675 -42.36 -9.61 -50.16
C LEU C 675 -41.48 -8.37 -50.12
N ALA C 676 -40.50 -8.29 -51.02
CA ALA C 676 -39.60 -7.14 -51.02
C ALA C 676 -40.36 -5.84 -51.27
N LYS C 677 -41.29 -5.85 -52.23
CA LYS C 677 -42.10 -4.67 -52.47
C LYS C 677 -43.01 -4.36 -51.28
N MET C 678 -43.51 -5.39 -50.61
CA MET C 678 -44.39 -5.19 -49.47
C MET C 678 -43.66 -4.58 -48.27
N THR C 679 -42.34 -4.57 -48.27
CA THR C 679 -41.55 -4.01 -47.18
C THR C 679 -41.03 -2.63 -47.56
N ASN C 680 -41.17 -1.68 -46.65
CA ASN C 680 -40.69 -0.33 -46.86
C ASN C 680 -40.11 0.19 -45.55
N GLY C 681 -38.93 0.80 -45.62
CA GLY C 681 -38.28 1.29 -44.41
C GLY C 681 -37.90 0.20 -43.44
N PHE C 682 -37.35 -0.90 -43.95
CA PHE C 682 -36.93 -2.03 -43.14
C PHE C 682 -35.41 -2.09 -43.06
N SER C 683 -34.92 -2.99 -42.21
CA SER C 683 -33.50 -3.23 -42.03
C SER C 683 -33.17 -4.66 -42.42
N GLY C 684 -31.89 -4.90 -42.69
CA GLY C 684 -31.45 -6.25 -43.03
C GLY C 684 -31.75 -7.24 -41.93
N ALA C 685 -31.63 -6.81 -40.67
CA ALA C 685 -31.90 -7.72 -39.55
C ALA C 685 -33.37 -8.14 -39.51
N ASP C 686 -34.28 -7.25 -39.92
CA ASP C 686 -35.70 -7.59 -39.86
C ASP C 686 -36.04 -8.77 -40.77
N LEU C 687 -35.49 -8.80 -41.97
CA LEU C 687 -35.79 -9.86 -42.92
C LEU C 687 -35.16 -11.19 -42.51
N THR C 688 -33.93 -11.15 -41.97
CA THR C 688 -33.34 -12.35 -41.41
C THR C 688 -34.17 -12.86 -40.24
N GLU C 689 -34.70 -11.94 -39.42
CA GLU C 689 -35.58 -12.35 -38.33
C GLU C 689 -36.85 -13.02 -38.86
N ILE C 690 -37.41 -12.47 -39.94
CA ILE C 690 -38.57 -13.09 -40.57
C ILE C 690 -38.24 -14.51 -41.00
N CYS C 691 -37.09 -14.69 -41.64
CA CYS C 691 -36.68 -16.02 -42.08
C CYS C 691 -36.53 -16.96 -40.89
N GLN C 692 -35.91 -16.48 -39.81
CA GLN C 692 -35.72 -17.32 -38.62
C GLN C 692 -37.07 -17.71 -38.01
N ARG C 693 -38.02 -16.78 -37.97
CA ARG C 693 -39.34 -17.10 -37.43
C ARG C 693 -40.06 -18.12 -38.29
N ALA C 694 -39.96 -18.00 -39.61
CA ALA C 694 -40.58 -18.99 -40.50
C ALA C 694 -39.94 -20.36 -40.29
N CYS C 695 -38.62 -20.40 -40.17
CA CYS C 695 -37.95 -21.67 -39.92
C CYS C 695 -38.37 -22.26 -38.59
N LYS C 696 -38.54 -21.42 -37.56
CA LYS C 696 -39.02 -21.89 -36.27
C LYS C 696 -40.41 -22.52 -36.39
N LEU C 697 -41.31 -21.86 -37.13
CA LEU C 697 -42.63 -22.43 -37.33
C LEU C 697 -42.53 -23.78 -38.04
N ALA C 698 -41.69 -23.88 -39.07
CA ALA C 698 -41.56 -25.13 -39.80
C ALA C 698 -41.05 -26.25 -38.90
N ILE C 699 -40.02 -25.97 -38.09
CA ILE C 699 -39.47 -27.00 -37.23
C ILE C 699 -40.48 -27.42 -36.17
N ARG C 700 -41.23 -26.46 -35.62
CA ARG C 700 -42.25 -26.81 -34.64
C ARG C 700 -43.31 -27.72 -35.25
N GLU C 701 -43.78 -27.37 -36.46
CA GLU C 701 -44.76 -28.22 -37.11
C GLU C 701 -44.22 -29.61 -37.36
N SER C 702 -42.96 -29.70 -37.83
CA SER C 702 -42.36 -31.00 -38.09
C SER C 702 -42.26 -31.83 -36.81
N ILE C 703 -41.83 -31.20 -35.72
CA ILE C 703 -41.68 -31.92 -34.46
C ILE C 703 -43.03 -32.44 -33.99
N GLU C 704 -44.05 -31.59 -34.03
CA GLU C 704 -45.38 -32.01 -33.58
C GLU C 704 -45.90 -33.17 -34.42
N SER C 705 -45.78 -33.05 -35.75
CA SER C 705 -46.25 -34.12 -36.62
C SER C 705 -45.51 -35.42 -36.35
N GLU C 706 -44.18 -35.35 -36.22
CA GLU C 706 -43.40 -36.57 -36.01
C GLU C 706 -43.74 -37.22 -34.68
N ILE C 707 -43.85 -36.44 -33.61
CA ILE C 707 -44.13 -37.03 -32.30
C ILE C 707 -45.54 -37.62 -32.29
N ARG C 708 -46.51 -36.92 -32.88
CA ARG C 708 -47.86 -37.47 -32.94
C ARG C 708 -47.90 -38.77 -33.74
N ARG C 709 -47.20 -38.81 -34.88
CA ARG C 709 -47.15 -40.03 -35.67
C ARG C 709 -46.53 -41.17 -34.89
N GLU C 710 -45.42 -40.89 -34.20
CA GLU C 710 -44.75 -41.94 -33.43
C GLU C 710 -45.65 -42.45 -32.31
N ARG C 711 -46.37 -41.55 -31.64
CA ARG C 711 -47.17 -41.95 -30.49
C ARG C 711 -48.45 -42.68 -30.90
N GLU C 712 -49.04 -42.34 -32.05
CA GLU C 712 -50.34 -42.91 -32.38
C GLU C 712 -50.25 -44.40 -32.67
N ARG C 713 -49.25 -44.82 -33.46
CA ARG C 713 -49.21 -46.21 -33.90
C ARG C 713 -48.56 -47.14 -32.88
N GLN C 714 -47.90 -46.61 -31.85
CA GLN C 714 -47.31 -47.49 -30.85
C GLN C 714 -48.38 -48.28 -30.10
N THR C 715 -49.54 -47.67 -29.88
CA THR C 715 -50.65 -48.42 -29.29
C THR C 715 -51.11 -49.54 -30.21
N ASN C 716 -51.17 -49.26 -31.52
CA ASN C 716 -51.53 -50.26 -32.51
C ASN C 716 -50.33 -51.18 -32.75
N PRO C 717 -50.36 -52.43 -32.28
CA PRO C 717 -49.16 -53.26 -32.35
C PRO C 717 -48.86 -53.74 -33.77
N SER C 718 -48.59 -52.82 -34.68
CA SER C 718 -48.20 -53.15 -36.04
C SER C 718 -46.67 -53.14 -36.11
N ALA C 719 -46.08 -54.34 -36.20
CA ALA C 719 -44.63 -54.45 -36.19
C ALA C 719 -44.00 -53.81 -37.41
N MET C 720 -44.77 -53.57 -38.48
CA MET C 720 -44.23 -53.03 -39.73
C MET C 720 -45.22 -52.00 -40.25
N GLU C 721 -44.93 -50.72 -39.97
CA GLU C 721 -45.77 -49.62 -40.45
C GLU C 721 -44.88 -48.39 -40.59
N VAL C 722 -44.45 -48.12 -41.82
CA VAL C 722 -43.62 -46.95 -42.09
C VAL C 722 -44.11 -46.24 -43.35
N GLU C 723 -44.91 -45.20 -43.17
CA GLU C 723 -45.22 -44.26 -44.25
C GLU C 723 -44.25 -43.09 -44.24
N GLU C 724 -42.96 -43.42 -44.25
CA GLU C 724 -41.92 -42.43 -44.04
C GLU C 724 -41.91 -41.38 -45.14
N ASP C 725 -42.29 -40.16 -44.80
CA ASP C 725 -42.20 -39.01 -45.70
C ASP C 725 -41.84 -37.80 -44.87
N ASP C 726 -40.89 -37.01 -45.36
CA ASP C 726 -40.54 -35.78 -44.68
C ASP C 726 -41.80 -34.94 -44.55
N PRO C 727 -42.35 -34.74 -43.35
CA PRO C 727 -43.63 -34.04 -43.25
C PRO C 727 -43.61 -32.66 -43.90
N VAL C 728 -42.54 -31.90 -43.73
CA VAL C 728 -42.39 -30.60 -44.36
C VAL C 728 -40.91 -30.33 -44.60
N PRO C 729 -40.29 -30.94 -45.61
CA PRO C 729 -38.87 -30.65 -45.87
C PRO C 729 -38.62 -29.20 -46.21
N GLU C 730 -39.57 -28.53 -46.87
CA GLU C 730 -39.42 -27.15 -47.31
C GLU C 730 -40.65 -26.36 -46.92
N ILE C 731 -40.49 -25.04 -46.89
CA ILE C 731 -41.52 -24.13 -46.40
C ILE C 731 -42.26 -23.54 -47.60
N ARG C 732 -43.49 -23.10 -47.33
CA ARG C 732 -44.38 -22.55 -48.34
C ARG C 732 -44.81 -21.15 -47.91
N ARG C 733 -45.68 -20.53 -48.72
CA ARG C 733 -46.11 -19.16 -48.45
C ARG C 733 -46.93 -19.04 -47.18
N ASP C 734 -47.48 -20.15 -46.67
CA ASP C 734 -48.31 -20.07 -45.46
C ASP C 734 -47.51 -19.57 -44.28
N HIS C 735 -46.37 -20.20 -44.00
CA HIS C 735 -45.55 -19.79 -42.86
C HIS C 735 -45.00 -18.38 -43.06
N PHE C 736 -44.59 -18.04 -44.28
CA PHE C 736 -44.04 -16.71 -44.52
C PHE C 736 -45.08 -15.63 -44.33
N GLU C 737 -46.32 -15.86 -44.78
CA GLU C 737 -47.39 -14.90 -44.56
C GLU C 737 -47.81 -14.85 -43.11
N GLU C 738 -47.71 -15.97 -42.38
CA GLU C 738 -47.97 -15.95 -40.95
C GLU C 738 -46.95 -15.09 -40.22
N ALA C 739 -45.67 -15.26 -40.56
CA ALA C 739 -44.62 -14.44 -39.96
C ALA C 739 -44.74 -12.98 -40.38
N MET C 740 -45.40 -12.71 -41.51
CA MET C 740 -45.61 -11.33 -41.94
C MET C 740 -46.46 -10.54 -40.94
N ARG C 741 -47.23 -11.23 -40.09
CA ARG C 741 -48.06 -10.54 -39.11
C ARG C 741 -47.20 -9.83 -38.07
N PHE C 742 -46.24 -10.55 -37.49
CA PHE C 742 -45.36 -9.94 -36.49
C PHE C 742 -44.28 -9.08 -37.13
N ALA C 743 -44.01 -9.25 -38.43
CA ALA C 743 -43.01 -8.46 -39.10
C ALA C 743 -43.48 -7.02 -39.22
N ARG C 744 -42.71 -6.09 -38.66
CA ARG C 744 -43.04 -4.67 -38.74
C ARG C 744 -41.75 -3.87 -38.75
N ARG C 745 -41.89 -2.56 -38.95
CA ARG C 745 -40.76 -1.68 -39.06
C ARG C 745 -40.01 -1.57 -37.73
N SER C 746 -38.73 -1.21 -37.82
CA SER C 746 -37.87 -1.05 -36.66
C SER C 746 -37.39 0.38 -36.48
N VAL C 747 -36.86 1.00 -37.52
CA VAL C 747 -36.30 2.34 -37.44
C VAL C 747 -37.40 3.35 -37.73
N SER C 748 -37.50 4.37 -36.87
CA SER C 748 -38.51 5.40 -37.04
C SER C 748 -38.16 6.32 -38.20
N ASP C 749 -39.19 6.77 -38.92
CA ASP C 749 -38.97 7.71 -40.02
C ASP C 749 -38.30 8.99 -39.53
N ASN C 750 -38.56 9.38 -38.28
CA ASN C 750 -37.92 10.56 -37.72
C ASN C 750 -36.40 10.39 -37.70
N ASP C 751 -35.93 9.20 -37.34
CA ASP C 751 -34.49 8.94 -37.36
C ASP C 751 -33.94 9.09 -38.77
N ILE C 752 -34.68 8.62 -39.78
CA ILE C 752 -34.21 8.76 -41.15
C ILE C 752 -34.12 10.22 -41.54
N ARG C 753 -35.11 11.03 -41.13
CA ARG C 753 -35.05 12.46 -41.40
C ARG C 753 -33.84 13.09 -40.72
N LYS C 754 -33.55 12.68 -39.48
CA LYS C 754 -32.37 13.21 -38.79
C LYS C 754 -31.10 12.86 -39.54
N TYR C 755 -31.00 11.61 -40.01
CA TYR C 755 -29.80 11.20 -40.74
C TYR C 755 -29.65 12.00 -42.03
N GLU C 756 -30.75 12.20 -42.76
CA GLU C 756 -30.66 12.96 -44.01
C GLU C 756 -30.30 14.41 -43.73
N MET C 757 -30.85 14.99 -42.65
CA MET C 757 -30.52 16.36 -42.30
C MET C 757 -29.04 16.49 -41.97
N PHE C 758 -28.48 15.54 -41.23
CA PHE C 758 -27.05 15.57 -40.96
C PHE C 758 -26.24 15.38 -42.23
N ALA C 759 -26.75 14.56 -43.17
CA ALA C 759 -26.04 14.31 -44.42
C ALA C 759 -26.13 15.49 -45.38
N GLN C 760 -27.07 16.42 -45.19
CA GLN C 760 -27.18 17.60 -46.02
C GLN C 760 -26.48 18.81 -45.42
N THR C 761 -26.56 19.00 -44.10
CA THR C 761 -25.97 20.18 -43.49
C THR C 761 -24.46 20.23 -43.64
N LEU C 762 -23.82 19.10 -43.96
CA LEU C 762 -22.37 19.05 -44.15
C LEU C 762 -21.90 20.16 -45.09
N ASN D 21 -19.87 -68.70 -26.21
CA ASN D 21 -18.49 -68.60 -25.78
C ASN D 21 -18.37 -68.88 -24.28
N ARG D 22 -19.05 -69.93 -23.83
CA ARG D 22 -18.98 -70.34 -22.43
C ARG D 22 -19.46 -69.23 -21.50
N PRO D 23 -20.76 -68.93 -21.48
CA PRO D 23 -21.25 -67.92 -20.53
C PRO D 23 -21.48 -68.50 -19.14
N ASN D 24 -20.53 -69.32 -18.68
CA ASN D 24 -20.54 -69.76 -17.30
C ASN D 24 -20.25 -68.60 -16.37
N ARG D 25 -19.12 -67.93 -16.60
CA ARG D 25 -18.69 -66.84 -15.73
C ARG D 25 -19.54 -65.60 -15.97
N LEU D 26 -19.37 -64.62 -15.09
CA LEU D 26 -20.06 -63.35 -15.25
C LEU D 26 -19.39 -62.30 -14.39
N ILE D 27 -19.64 -61.04 -14.74
CA ILE D 27 -18.91 -59.91 -14.19
C ILE D 27 -19.59 -59.41 -12.92
N VAL D 28 -18.85 -58.63 -12.16
CA VAL D 28 -19.31 -58.11 -10.89
C VAL D 28 -19.91 -56.72 -11.09
N ASP D 29 -20.76 -56.34 -10.13
CA ASP D 29 -21.28 -54.99 -10.06
C ASP D 29 -21.70 -54.74 -8.61
N GLU D 30 -21.85 -53.47 -8.28
CA GLU D 30 -22.27 -53.10 -6.93
C GLU D 30 -23.62 -53.73 -6.62
N ALA D 31 -23.83 -54.02 -5.33
CA ALA D 31 -25.04 -54.70 -4.86
C ALA D 31 -25.92 -53.72 -4.08
N ILE D 32 -27.22 -53.92 -4.20
CA ILE D 32 -28.18 -53.09 -3.47
C ILE D 32 -28.61 -53.75 -2.17
N ASN D 33 -29.15 -54.96 -2.26
CA ASN D 33 -29.61 -55.66 -1.06
C ASN D 33 -28.42 -55.92 -0.15
N GLU D 34 -28.51 -55.43 1.09
CA GLU D 34 -27.41 -55.53 2.03
C GLU D 34 -27.34 -56.88 2.71
N ASP D 35 -28.40 -57.67 2.63
CA ASP D 35 -28.38 -59.04 3.15
C ASP D 35 -27.13 -59.76 2.72
N ASN D 36 -26.35 -60.20 3.70
CA ASN D 36 -25.10 -60.88 3.43
C ASN D 36 -25.35 -62.23 2.78
N SER D 37 -24.42 -62.66 1.94
CA SER D 37 -24.53 -63.93 1.24
C SER D 37 -25.78 -63.94 0.35
N VAL D 38 -26.03 -62.81 -0.30
CA VAL D 38 -27.19 -62.66 -1.17
C VAL D 38 -26.77 -61.92 -2.42
N VAL D 39 -27.48 -62.18 -3.50
CA VAL D 39 -27.15 -61.62 -4.80
C VAL D 39 -28.43 -61.22 -5.53
N SER D 40 -28.25 -60.62 -6.69
CA SER D 40 -29.34 -60.22 -7.55
C SER D 40 -28.87 -60.27 -9.00
N LEU D 41 -29.83 -60.35 -9.92
CA LEU D 41 -29.51 -60.43 -11.33
C LEU D 41 -30.68 -59.93 -12.15
N SER D 42 -30.38 -59.60 -13.41
CA SER D 42 -31.43 -59.29 -14.35
C SER D 42 -32.39 -60.48 -14.46
N GLN D 43 -33.58 -60.21 -14.97
CA GLN D 43 -34.65 -61.20 -14.98
C GLN D 43 -34.46 -62.32 -16.02
N PRO D 44 -33.87 -62.05 -17.19
CA PRO D 44 -33.92 -63.09 -18.22
C PRO D 44 -33.03 -64.28 -17.92
N LYS D 45 -31.83 -64.04 -17.40
CA LYS D 45 -30.86 -65.11 -17.27
C LYS D 45 -31.23 -66.03 -16.11
N MET D 46 -32.37 -66.69 -16.22
CA MET D 46 -32.77 -67.76 -15.32
C MET D 46 -32.63 -69.13 -15.95
N ASP D 47 -33.02 -69.23 -17.23
CA ASP D 47 -32.86 -70.48 -17.96
C ASP D 47 -31.41 -70.72 -18.31
N GLU D 48 -30.68 -69.67 -18.71
CA GLU D 48 -29.27 -69.83 -19.03
C GLU D 48 -28.53 -70.46 -17.86
N LEU D 49 -28.99 -70.21 -16.64
CA LEU D 49 -28.47 -70.86 -15.45
C LEU D 49 -29.46 -71.86 -14.86
N GLN D 50 -30.74 -71.74 -15.20
CA GLN D 50 -31.76 -72.74 -14.89
C GLN D 50 -31.83 -72.99 -13.37
N LEU D 51 -32.27 -71.96 -12.67
CA LEU D 51 -32.42 -72.04 -11.23
C LEU D 51 -33.34 -70.92 -10.76
N PHE D 52 -33.85 -71.07 -9.55
CA PHE D 52 -34.78 -70.12 -8.97
C PHE D 52 -34.16 -69.39 -7.79
N ARG D 53 -34.77 -68.25 -7.46
CA ARG D 53 -34.22 -67.39 -6.43
C ARG D 53 -33.89 -68.16 -5.16
N GLY D 54 -34.86 -68.91 -4.64
CA GLY D 54 -34.62 -69.66 -3.43
C GLY D 54 -33.48 -70.65 -3.56
N ASP D 55 -33.05 -70.96 -4.78
CA ASP D 55 -32.00 -71.93 -4.98
C ASP D 55 -30.70 -71.45 -4.33
N THR D 56 -29.86 -72.41 -3.98
CA THR D 56 -28.54 -72.13 -3.42
C THR D 56 -27.49 -72.43 -4.48
N VAL D 57 -26.55 -71.52 -4.65
CA VAL D 57 -25.61 -71.58 -5.76
C VAL D 57 -24.22 -71.24 -5.26
N LEU D 58 -23.23 -71.97 -5.74
CA LEU D 58 -21.84 -71.72 -5.42
C LEU D 58 -21.21 -70.82 -6.46
N LEU D 59 -20.21 -70.06 -6.03
CA LEU D 59 -19.57 -69.06 -6.86
C LEU D 59 -18.08 -69.11 -6.59
N LYS D 60 -17.29 -69.20 -7.65
CA LYS D 60 -15.87 -69.44 -7.50
C LYS D 60 -15.11 -68.13 -7.34
N GLY D 61 -13.86 -68.25 -6.92
CA GLY D 61 -13.03 -67.10 -6.66
C GLY D 61 -11.59 -67.51 -6.58
N LYS D 62 -10.72 -66.50 -6.66
CA LYS D 62 -9.29 -66.70 -6.79
C LYS D 62 -8.72 -67.42 -5.58
N LYS D 63 -7.43 -67.70 -5.62
CA LYS D 63 -6.75 -68.50 -4.59
C LYS D 63 -7.51 -69.79 -4.31
N ARG D 64 -8.29 -70.24 -5.29
CA ARG D 64 -9.09 -71.45 -5.16
C ARG D 64 -10.03 -71.35 -3.95
N ARG D 65 -10.95 -70.39 -4.05
CA ARG D 65 -11.99 -70.22 -3.07
C ARG D 65 -13.35 -70.36 -3.73
N GLU D 66 -14.36 -70.63 -2.92
CA GLU D 66 -15.74 -70.64 -3.39
C GLU D 66 -16.64 -70.24 -2.24
N ALA D 67 -17.77 -69.61 -2.59
CA ALA D 67 -18.73 -69.14 -1.61
C ALA D 67 -20.12 -69.42 -2.14
N VAL D 68 -20.98 -69.96 -1.28
CA VAL D 68 -22.33 -70.34 -1.65
C VAL D 68 -23.30 -69.32 -1.10
N CYS D 69 -24.36 -69.04 -1.85
CA CYS D 69 -25.31 -68.03 -1.44
C CYS D 69 -26.67 -68.32 -2.06
N ILE D 70 -27.68 -67.62 -1.55
CA ILE D 70 -28.95 -67.54 -2.22
C ILE D 70 -28.77 -66.82 -3.55
N VAL D 71 -29.78 -66.95 -4.40
CA VAL D 71 -29.83 -66.25 -5.66
C VAL D 71 -31.14 -65.47 -5.74
N LEU D 72 -31.15 -64.45 -6.59
CA LEU D 72 -32.35 -63.66 -6.80
C LEU D 72 -32.26 -62.99 -8.17
N SER D 73 -33.44 -62.57 -8.66
CA SER D 73 -33.54 -61.95 -9.97
C SER D 73 -34.31 -60.65 -9.84
N ASP D 74 -33.73 -59.57 -10.38
CA ASP D 74 -34.42 -58.30 -10.55
C ASP D 74 -34.46 -57.97 -12.04
N ASP D 75 -34.88 -56.75 -12.35
CA ASP D 75 -34.98 -56.30 -13.74
C ASP D 75 -34.01 -55.19 -14.09
N THR D 76 -33.35 -54.59 -13.09
CA THR D 76 -32.54 -53.42 -13.34
C THR D 76 -31.19 -53.80 -13.96
N CYS D 77 -30.43 -54.63 -13.26
CA CYS D 77 -29.09 -54.97 -13.71
C CYS D 77 -29.13 -55.56 -15.11
N SER D 78 -27.99 -55.50 -15.79
CA SER D 78 -27.86 -56.14 -17.10
C SER D 78 -27.72 -57.65 -16.94
N ASP D 79 -28.10 -58.37 -17.99
CA ASP D 79 -28.03 -59.82 -17.95
C ASP D 79 -26.61 -60.30 -17.68
N GLU D 80 -25.61 -59.62 -18.24
CA GLU D 80 -24.24 -60.07 -18.21
C GLU D 80 -23.48 -59.63 -16.97
N LYS D 81 -24.17 -59.26 -15.90
CA LYS D 81 -23.51 -58.70 -14.73
C LYS D 81 -24.15 -59.24 -13.45
N ILE D 82 -23.33 -59.28 -12.40
CA ILE D 82 -23.75 -59.73 -11.09
C ILE D 82 -23.68 -58.57 -10.12
N ARG D 83 -24.37 -58.73 -8.99
CA ARG D 83 -24.44 -57.70 -7.95
C ARG D 83 -24.19 -58.34 -6.61
N MET D 84 -23.06 -58.02 -5.98
CA MET D 84 -22.70 -58.55 -4.68
C MET D 84 -21.96 -57.49 -3.89
N ASN D 85 -21.96 -57.65 -2.57
CA ASN D 85 -21.48 -56.63 -1.65
C ASN D 85 -20.11 -56.96 -1.09
N ARG D 86 -19.49 -55.95 -0.49
CA ARG D 86 -18.10 -56.06 -0.04
C ARG D 86 -17.90 -57.28 0.84
N VAL D 87 -18.89 -57.60 1.67
CA VAL D 87 -18.73 -58.70 2.63
C VAL D 87 -18.23 -59.94 1.91
N VAL D 88 -18.84 -60.26 0.77
CA VAL D 88 -18.49 -61.47 0.06
C VAL D 88 -17.33 -61.24 -0.86
N ARG D 89 -17.26 -60.06 -1.47
CA ARG D 89 -16.18 -59.77 -2.39
C ARG D 89 -14.84 -59.73 -1.68
N ASN D 90 -14.84 -59.69 -0.35
CA ASN D 90 -13.60 -59.73 0.41
C ASN D 90 -13.10 -61.15 0.56
N ASN D 91 -13.97 -62.05 1.04
CA ASN D 91 -13.55 -63.44 1.20
C ASN D 91 -13.13 -64.03 -0.14
N LEU D 92 -13.93 -63.80 -1.19
CA LEU D 92 -13.60 -64.31 -2.51
C LEU D 92 -12.32 -63.72 -3.07
N ARG D 93 -11.75 -62.71 -2.42
CA ARG D 93 -10.51 -62.10 -2.91
C ARG D 93 -10.73 -61.47 -4.27
N VAL D 94 -11.82 -60.73 -4.41
CA VAL D 94 -12.28 -60.22 -5.69
C VAL D 94 -12.56 -58.73 -5.58
N ARG D 95 -12.49 -58.05 -6.73
CA ARG D 95 -12.72 -56.63 -6.83
C ARG D 95 -13.62 -56.36 -8.02
N LEU D 96 -14.16 -55.15 -8.07
CA LEU D 96 -15.08 -54.79 -9.14
C LEU D 96 -14.38 -54.86 -10.49
N GLY D 97 -15.18 -55.04 -11.53
CA GLY D 97 -14.65 -55.24 -12.86
C GLY D 97 -14.14 -56.63 -13.13
N ASP D 98 -13.96 -57.45 -12.10
CA ASP D 98 -13.48 -58.81 -12.27
C ASP D 98 -14.64 -59.73 -12.63
N VAL D 99 -14.33 -61.01 -12.82
CA VAL D 99 -15.31 -62.00 -13.26
C VAL D 99 -15.08 -63.30 -12.54
N ILE D 100 -16.17 -64.02 -12.27
CA ILE D 100 -16.13 -65.26 -11.52
C ILE D 100 -17.01 -66.29 -12.21
N SER D 101 -16.93 -67.52 -11.73
CA SER D 101 -17.77 -68.60 -12.20
C SER D 101 -18.93 -68.83 -11.23
N ILE D 102 -19.90 -69.60 -11.69
CA ILE D 102 -21.13 -69.88 -10.96
C ILE D 102 -21.57 -71.31 -11.23
N GLN D 103 -22.22 -71.91 -10.24
CA GLN D 103 -22.66 -73.28 -10.37
C GLN D 103 -23.82 -73.56 -9.44
N PRO D 104 -24.98 -73.96 -9.94
CA PRO D 104 -26.10 -74.25 -9.05
C PRO D 104 -25.78 -75.48 -8.20
N CYS D 105 -26.03 -75.36 -6.90
CA CYS D 105 -25.78 -76.43 -5.93
C CYS D 105 -27.04 -76.71 -5.14
N PRO D 106 -28.10 -77.20 -5.80
CA PRO D 106 -29.26 -77.72 -5.05
C PRO D 106 -28.91 -78.87 -4.13
N ASP D 107 -27.68 -79.40 -4.21
CA ASP D 107 -27.21 -80.43 -3.29
C ASP D 107 -26.79 -79.88 -1.94
N VAL D 108 -27.21 -78.65 -1.63
CA VAL D 108 -26.89 -78.06 -0.34
C VAL D 108 -27.47 -78.91 0.78
N LYS D 109 -26.96 -78.68 1.99
CA LYS D 109 -27.27 -79.52 3.13
C LYS D 109 -27.74 -78.66 4.31
N TYR D 110 -28.74 -79.16 5.04
CA TYR D 110 -29.08 -78.62 6.35
C TYR D 110 -28.00 -79.02 7.34
N GLY D 111 -27.24 -78.05 7.83
CA GLY D 111 -26.08 -78.32 8.65
C GLY D 111 -26.39 -78.23 10.14
N LYS D 112 -25.66 -79.04 10.91
CA LYS D 112 -25.68 -78.99 12.36
C LYS D 112 -24.75 -77.90 12.86
N ARG D 113 -24.41 -77.95 14.14
CA ARG D 113 -23.38 -77.08 14.70
C ARG D 113 -22.26 -76.83 13.72
N ILE D 114 -21.91 -75.55 13.56
CA ILE D 114 -20.85 -75.13 12.65
C ILE D 114 -20.03 -74.08 13.37
N HIS D 115 -18.84 -74.46 13.83
CA HIS D 115 -18.10 -73.65 14.78
C HIS D 115 -17.71 -72.32 14.17
N VAL D 116 -18.00 -71.23 14.89
CA VAL D 116 -17.68 -69.88 14.45
C VAL D 116 -16.78 -69.24 15.50
N LEU D 117 -16.32 -68.03 15.23
CA LEU D 117 -15.34 -67.42 16.12
C LEU D 117 -15.19 -65.92 15.83
N PRO D 118 -15.17 -65.07 16.85
CA PRO D 118 -15.06 -63.62 16.60
C PRO D 118 -13.65 -63.26 16.16
N ILE D 119 -13.52 -62.66 14.99
CA ILE D 119 -12.22 -62.46 14.37
C ILE D 119 -12.01 -60.95 14.22
N ASP D 120 -11.48 -60.31 15.27
CA ASP D 120 -11.05 -58.92 15.17
C ASP D 120 -10.51 -58.40 16.49
N ASP D 121 -10.04 -57.15 16.46
CA ASP D 121 -9.90 -56.38 17.68
C ASP D 121 -11.23 -55.80 18.13
N THR D 122 -12.20 -55.72 17.23
CA THR D 122 -13.54 -55.26 17.58
C THR D 122 -14.04 -55.91 18.85
N VAL D 123 -13.62 -57.14 19.09
CA VAL D 123 -13.94 -57.86 20.30
C VAL D 123 -13.59 -56.99 21.50
N GLU D 124 -12.62 -56.10 21.31
CA GLU D 124 -12.19 -55.21 22.37
C GLU D 124 -13.35 -54.34 22.84
N GLY D 125 -13.31 -53.98 24.12
CA GLY D 125 -14.28 -53.06 24.68
C GLY D 125 -15.69 -53.59 24.68
N ILE D 126 -15.88 -54.82 25.14
CA ILE D 126 -17.19 -55.46 25.12
C ILE D 126 -17.36 -56.27 26.40
N THR D 127 -18.62 -56.56 26.72
CA THR D 127 -18.95 -57.36 27.88
C THR D 127 -20.34 -57.96 27.69
N GLY D 128 -20.48 -59.22 28.08
CA GLY D 128 -21.76 -59.92 28.00
C GLY D 128 -21.80 -60.94 26.88
N ASN D 129 -22.94 -61.62 26.80
CA ASN D 129 -23.20 -62.55 25.71
C ASN D 129 -23.78 -61.74 24.54
N LEU D 130 -22.88 -61.03 23.86
CA LEU D 130 -23.23 -60.46 22.57
C LEU D 130 -23.71 -61.54 21.62
N PHE D 131 -23.26 -62.78 21.85
CA PHE D 131 -23.65 -63.90 20.99
C PHE D 131 -25.14 -63.85 20.68
N GLU D 132 -25.95 -63.89 21.72
CA GLU D 132 -27.39 -64.01 21.57
C GLU D 132 -27.95 -62.88 20.72
N VAL D 133 -27.86 -61.67 21.23
CA VAL D 133 -28.49 -60.53 20.57
C VAL D 133 -27.97 -60.38 19.16
N TYR D 134 -26.67 -60.57 18.97
CA TYR D 134 -26.05 -60.25 17.69
C TYR D 134 -26.28 -61.31 16.63
N LEU D 135 -26.48 -62.57 17.03
CA LEU D 135 -26.50 -63.66 16.08
C LEU D 135 -27.85 -64.33 15.96
N LYS D 136 -28.56 -64.53 17.07
CA LYS D 136 -29.86 -65.16 17.02
C LYS D 136 -30.78 -64.54 15.97
N PRO D 137 -30.88 -63.22 15.87
CA PRO D 137 -31.75 -62.65 14.83
C PRO D 137 -31.16 -62.82 13.45
N TYR D 138 -29.86 -62.54 13.31
CA TYR D 138 -29.23 -62.62 12.01
C TYR D 138 -29.34 -64.01 11.41
N PHE D 139 -29.44 -65.02 12.25
CA PHE D 139 -29.65 -66.39 11.81
C PHE D 139 -31.12 -66.79 11.81
N LEU D 140 -32.01 -65.83 11.98
CA LEU D 140 -33.41 -66.13 12.24
C LEU D 140 -34.22 -66.15 10.96
N GLU D 141 -34.95 -67.25 10.74
CA GLU D 141 -35.96 -67.37 9.69
C GLU D 141 -35.43 -66.94 8.33
N ALA D 142 -34.14 -67.14 8.07
CA ALA D 142 -33.54 -66.80 6.80
C ALA D 142 -32.88 -67.99 6.11
N TYR D 143 -32.57 -69.05 6.84
CA TYR D 143 -31.84 -70.18 6.29
C TYR D 143 -30.60 -69.69 5.55
N ARG D 144 -29.96 -68.68 6.13
CA ARG D 144 -28.74 -68.09 5.61
C ARG D 144 -27.70 -69.18 5.41
N PRO D 145 -27.41 -69.56 4.16
CA PRO D 145 -26.42 -70.63 3.94
C PRO D 145 -25.04 -70.19 4.37
N ILE D 146 -24.20 -71.17 4.65
CA ILE D 146 -22.86 -70.93 5.18
C ILE D 146 -21.90 -71.96 4.63
N ARG D 147 -20.72 -71.51 4.25
CA ARG D 147 -19.58 -72.37 3.94
C ARG D 147 -18.46 -72.08 4.92
N LYS D 148 -17.58 -73.07 5.08
CA LYS D 148 -16.44 -72.93 5.96
C LYS D 148 -15.59 -71.74 5.56
N GLY D 149 -15.18 -70.95 6.56
CA GLY D 149 -14.33 -69.80 6.32
C GLY D 149 -15.06 -68.50 6.04
N ASP D 150 -16.39 -68.51 6.06
CA ASP D 150 -17.15 -67.29 5.82
C ASP D 150 -16.76 -66.21 6.83
N ILE D 151 -16.89 -64.96 6.40
CA ILE D 151 -16.43 -63.81 7.17
C ILE D 151 -17.58 -62.84 7.40
N PHE D 152 -18.78 -63.38 7.59
CA PHE D 152 -19.97 -62.58 7.78
C PHE D 152 -19.82 -61.61 8.95
N LEU D 153 -20.77 -60.71 9.11
CA LEU D 153 -20.66 -59.69 10.15
C LEU D 153 -22.05 -59.17 10.49
N VAL D 154 -22.16 -58.56 11.68
CA VAL D 154 -23.38 -57.91 12.13
C VAL D 154 -23.02 -56.66 12.92
N ARG D 155 -23.96 -55.71 12.95
CA ARG D 155 -23.78 -54.44 13.61
C ARG D 155 -24.87 -54.20 14.65
N GLY D 156 -24.49 -53.54 15.74
CA GLY D 156 -25.43 -53.16 16.77
C GLY D 156 -24.72 -52.36 17.83
N GLY D 157 -25.52 -51.61 18.60
CA GLY D 157 -25.00 -50.86 19.72
C GLY D 157 -23.78 -50.03 19.39
N MET D 158 -23.86 -49.25 18.31
CA MET D 158 -22.79 -48.35 17.93
C MET D 158 -21.50 -49.10 17.61
N ARG D 159 -21.61 -50.34 17.18
CA ARG D 159 -20.42 -51.12 16.91
C ARG D 159 -20.74 -52.17 15.86
N ALA D 160 -19.69 -52.80 15.34
CA ALA D 160 -19.81 -53.89 14.39
C ALA D 160 -18.89 -55.01 14.82
N VAL D 161 -19.17 -56.22 14.34
CA VAL D 161 -18.40 -57.37 14.75
C VAL D 161 -18.69 -58.52 13.80
N GLU D 162 -17.64 -59.27 13.48
CA GLU D 162 -17.72 -60.41 12.58
C GLU D 162 -17.27 -61.67 13.28
N PHE D 163 -17.63 -62.81 12.70
CA PHE D 163 -17.14 -64.09 13.18
C PHE D 163 -16.71 -64.92 11.98
N LYS D 164 -15.94 -65.96 12.26
CA LYS D 164 -15.40 -66.84 11.24
C LYS D 164 -15.88 -68.26 11.47
N VAL D 165 -16.66 -68.78 10.53
CA VAL D 165 -17.09 -70.17 10.61
C VAL D 165 -15.89 -71.05 10.27
N VAL D 166 -15.24 -71.58 11.29
CA VAL D 166 -14.08 -72.43 11.07
C VAL D 166 -14.52 -73.84 10.72
N GLU D 167 -15.65 -74.28 11.26
CA GLU D 167 -16.11 -75.65 11.10
C GLU D 167 -17.53 -75.66 10.54
N THR D 168 -17.71 -76.43 9.48
CA THR D 168 -19.02 -76.77 8.95
C THR D 168 -19.20 -78.26 9.15
N ASP D 169 -19.96 -78.64 10.19
CA ASP D 169 -20.08 -80.04 10.59
C ASP D 169 -20.25 -80.91 9.34
N PRO D 170 -21.24 -80.67 8.49
CA PRO D 170 -21.08 -81.08 7.09
C PRO D 170 -20.42 -79.96 6.30
N SER D 171 -19.57 -80.34 5.37
CA SER D 171 -18.73 -79.41 4.64
C SER D 171 -18.88 -79.65 3.14
N PRO D 172 -18.47 -78.69 2.31
CA PRO D 172 -17.90 -77.40 2.70
C PRO D 172 -18.92 -76.42 3.28
N TYR D 173 -20.20 -76.65 3.00
CA TYR D 173 -21.23 -75.68 3.36
C TYR D 173 -22.49 -76.40 3.79
N CYS D 174 -23.38 -75.63 4.42
CA CYS D 174 -24.68 -76.12 4.81
C CYS D 174 -25.65 -74.94 4.92
N ILE D 175 -26.91 -75.28 5.15
CA ILE D 175 -27.90 -74.28 5.52
C ILE D 175 -27.94 -74.14 7.04
N VAL D 176 -28.43 -73.00 7.48
CA VAL D 176 -28.67 -72.74 8.89
C VAL D 176 -30.13 -73.06 9.17
N ALA D 177 -30.37 -74.03 10.02
CA ALA D 177 -31.73 -74.41 10.32
C ALA D 177 -32.18 -73.79 11.63
N PRO D 178 -33.43 -73.33 11.72
CA PRO D 178 -33.90 -72.70 12.97
C PRO D 178 -33.74 -73.61 14.18
N ASP D 179 -33.55 -74.91 13.93
CA ASP D 179 -33.34 -75.87 14.99
C ASP D 179 -31.88 -76.10 15.32
N THR D 180 -30.99 -75.86 14.36
CA THR D 180 -29.59 -76.23 14.54
C THR D 180 -29.03 -75.60 15.81
N VAL D 181 -28.06 -76.28 16.39
CA VAL D 181 -27.42 -75.86 17.62
C VAL D 181 -26.25 -74.95 17.29
N ILE D 182 -26.03 -73.95 18.14
CA ILE D 182 -24.86 -73.11 18.05
C ILE D 182 -24.28 -72.90 19.44
N HIS D 183 -23.29 -73.70 19.80
CA HIS D 183 -22.56 -73.51 21.05
C HIS D 183 -21.35 -72.64 20.77
N CYS D 184 -21.32 -71.46 21.39
CA CYS D 184 -20.39 -70.40 21.05
C CYS D 184 -19.30 -70.32 22.10
N GLU D 185 -18.07 -70.61 21.67
CA GLU D 185 -16.92 -70.63 22.58
C GLU D 185 -15.70 -70.17 21.81
N GLY D 186 -14.53 -70.34 22.42
CA GLY D 186 -13.27 -69.98 21.80
C GLY D 186 -12.92 -68.51 22.00
N GLU D 187 -11.68 -68.19 21.66
CA GLU D 187 -11.16 -66.84 21.76
C GLU D 187 -10.87 -66.28 20.37
N PRO D 188 -10.85 -64.97 20.22
CA PRO D 188 -10.66 -64.39 18.89
C PRO D 188 -9.32 -64.79 18.30
N ILE D 189 -9.32 -65.01 16.99
CA ILE D 189 -8.11 -65.36 16.27
C ILE D 189 -7.57 -64.12 15.59
N LYS D 190 -6.36 -64.23 15.07
CA LYS D 190 -5.65 -63.10 14.49
C LYS D 190 -5.98 -63.01 13.01
N ARG D 191 -6.60 -61.91 12.60
CA ARG D 191 -6.92 -61.70 11.21
C ARG D 191 -5.67 -61.86 10.36
N GLU D 192 -5.68 -62.83 9.45
CA GLU D 192 -4.55 -63.08 8.60
C GLU D 192 -4.29 -61.86 7.71
N ASP D 193 -3.17 -61.91 7.00
CA ASP D 193 -2.79 -60.81 6.11
C ASP D 193 -3.56 -60.81 4.80
N GLU D 194 -4.26 -61.90 4.47
CA GLU D 194 -4.96 -61.98 3.19
C GLU D 194 -6.05 -60.92 3.10
N GLU D 195 -7.05 -61.00 3.95
CA GLU D 195 -8.20 -60.12 3.87
C GLU D 195 -7.89 -58.76 4.48
N GLU D 196 -8.91 -57.93 4.65
CA GLU D 196 -8.68 -56.58 5.15
C GLU D 196 -9.45 -56.24 6.41
N SER D 197 -9.95 -55.01 6.48
CA SER D 197 -10.65 -54.58 7.70
C SER D 197 -11.92 -53.80 7.40
N LEU D 198 -12.82 -53.73 8.38
CA LEU D 198 -14.06 -52.98 8.23
C LEU D 198 -13.77 -51.49 8.02
N ASN D 199 -12.66 -51.02 8.58
CA ASN D 199 -12.30 -49.61 8.49
C ASN D 199 -12.14 -49.13 7.05
N GLU D 200 -11.61 -49.98 6.18
CA GLU D 200 -11.41 -49.58 4.78
C GLU D 200 -12.75 -49.19 4.18
N VAL D 201 -12.77 -48.11 3.41
CA VAL D 201 -14.05 -47.62 2.87
C VAL D 201 -14.35 -48.06 1.44
N GLY D 202 -15.60 -47.85 1.00
CA GLY D 202 -15.99 -48.25 -0.33
C GLY D 202 -17.04 -47.31 -0.85
N TYR D 203 -17.48 -47.57 -2.09
CA TYR D 203 -18.47 -46.70 -2.71
C TYR D 203 -19.78 -46.67 -1.93
N ASP D 204 -20.08 -47.73 -1.16
CA ASP D 204 -21.29 -47.72 -0.36
C ASP D 204 -21.25 -46.66 0.73
N ASP D 205 -20.04 -46.30 1.19
CA ASP D 205 -19.92 -45.36 2.29
C ASP D 205 -20.15 -43.91 1.85
N ILE D 206 -20.25 -43.66 0.55
CA ILE D 206 -20.34 -42.29 0.02
C ILE D 206 -21.61 -42.20 -0.81
N GLY D 207 -22.47 -41.24 -0.48
CA GLY D 207 -23.66 -40.97 -1.26
C GLY D 207 -23.91 -39.49 -1.35
N GLY D 208 -24.51 -39.08 -2.47
CA GLY D 208 -24.73 -37.68 -2.75
C GLY D 208 -23.73 -37.06 -3.71
N CYS D 209 -22.72 -37.80 -4.13
CA CYS D 209 -21.75 -37.37 -5.13
C CYS D 209 -21.66 -38.41 -6.24
N ARG D 210 -22.82 -38.92 -6.67
CA ARG D 210 -22.84 -40.02 -7.62
C ARG D 210 -22.22 -39.63 -8.95
N LYS D 211 -22.52 -38.43 -9.45
CA LYS D 211 -22.05 -38.05 -10.78
C LYS D 211 -20.53 -37.92 -10.82
N GLN D 212 -19.97 -37.21 -9.84
CA GLN D 212 -18.51 -37.02 -9.82
C GLN D 212 -17.80 -38.34 -9.57
N LEU D 213 -18.35 -39.18 -8.69
CA LEU D 213 -17.75 -40.49 -8.45
C LEU D 213 -17.76 -41.33 -9.72
N ALA D 214 -18.87 -41.30 -10.47
CA ALA D 214 -18.93 -42.03 -11.73
C ALA D 214 -17.91 -41.49 -12.72
N GLN D 215 -17.77 -40.15 -12.78
CA GLN D 215 -16.76 -39.55 -13.65
C GLN D 215 -15.38 -40.08 -13.31
N ILE D 216 -15.01 -40.05 -12.03
CA ILE D 216 -13.67 -40.48 -11.63
C ILE D 216 -13.48 -41.96 -11.94
N LYS D 217 -14.50 -42.78 -11.66
CA LYS D 217 -14.38 -44.20 -11.94
C LYS D 217 -14.15 -44.47 -13.42
N GLU D 218 -14.98 -43.86 -14.27
CA GLU D 218 -14.82 -44.09 -15.71
C GLU D 218 -13.49 -43.54 -16.21
N MET D 219 -12.97 -42.50 -15.57
CA MET D 219 -11.72 -41.91 -16.03
C MET D 219 -10.51 -42.74 -15.63
N VAL D 220 -10.53 -43.35 -14.44
CA VAL D 220 -9.33 -43.99 -13.91
C VAL D 220 -9.51 -45.50 -13.72
N GLU D 221 -10.53 -46.09 -14.33
CA GLU D 221 -10.64 -47.55 -14.27
C GLU D 221 -9.57 -48.21 -15.14
N LEU D 222 -9.31 -47.66 -16.33
CA LEU D 222 -8.41 -48.33 -17.26
C LEU D 222 -6.95 -48.21 -16.83
N PRO D 223 -6.42 -47.01 -16.53
CA PRO D 223 -4.99 -46.94 -16.18
C PRO D 223 -4.61 -47.78 -14.97
N LEU D 224 -5.51 -47.90 -13.98
CA LEU D 224 -5.17 -48.57 -12.74
C LEU D 224 -5.26 -50.09 -12.88
N ARG D 225 -6.32 -50.59 -13.52
CA ARG D 225 -6.56 -52.03 -13.58
C ARG D 225 -6.18 -52.65 -14.92
N HIS D 226 -5.92 -51.85 -15.94
CA HIS D 226 -5.46 -52.34 -17.25
C HIS D 226 -4.27 -51.52 -17.72
N PRO D 227 -3.14 -51.62 -17.01
CA PRO D 227 -1.96 -50.84 -17.44
C PRO D 227 -1.37 -51.30 -18.76
N ALA D 228 -1.44 -52.59 -19.06
CA ALA D 228 -0.83 -53.11 -20.28
C ALA D 228 -1.53 -52.56 -21.52
N LEU D 229 -2.86 -52.44 -21.48
CA LEU D 229 -3.60 -51.99 -22.65
C LEU D 229 -3.09 -50.65 -23.15
N PHE D 230 -2.85 -49.70 -22.24
CA PHE D 230 -2.38 -48.39 -22.66
C PHE D 230 -1.07 -48.49 -23.44
N LYS D 231 -0.25 -49.50 -23.13
CA LYS D 231 0.95 -49.76 -23.92
C LYS D 231 0.65 -50.40 -25.25
N ALA D 232 -0.58 -50.88 -25.47
CA ALA D 232 -0.99 -51.48 -26.73
C ALA D 232 -1.64 -50.49 -27.67
N ILE D 233 -1.75 -49.22 -27.27
CA ILE D 233 -2.35 -48.19 -28.10
C ILE D 233 -1.67 -46.87 -27.81
N GLY D 234 -1.59 -46.01 -28.82
CA GLY D 234 -0.99 -44.70 -28.66
C GLY D 234 -2.00 -43.67 -28.21
N VAL D 235 -2.02 -43.36 -26.92
CA VAL D 235 -2.99 -42.44 -26.36
C VAL D 235 -2.43 -41.89 -25.06
N LYS D 236 -2.81 -40.66 -24.73
CA LYS D 236 -2.27 -39.97 -23.57
C LYS D 236 -3.29 -40.02 -22.42
N PRO D 237 -3.03 -40.73 -21.34
CA PRO D 237 -3.96 -40.72 -20.21
C PRO D 237 -3.73 -39.52 -19.32
N PRO D 238 -4.65 -39.23 -18.40
CA PRO D 238 -4.41 -38.18 -17.41
C PRO D 238 -3.52 -38.67 -16.28
N ARG D 239 -2.64 -37.79 -15.82
CA ARG D 239 -1.74 -38.08 -14.71
C ARG D 239 -1.74 -36.94 -13.70
N GLY D 240 -2.85 -36.22 -13.61
CA GLY D 240 -3.02 -35.17 -12.64
C GLY D 240 -4.47 -34.71 -12.57
N ILE D 241 -5.02 -34.67 -11.37
CA ILE D 241 -6.43 -34.33 -11.18
C ILE D 241 -6.54 -33.39 -10.00
N LEU D 242 -7.46 -32.43 -10.11
CA LEU D 242 -7.71 -31.46 -9.06
C LEU D 242 -9.16 -31.58 -8.62
N LEU D 243 -9.41 -31.49 -7.31
CA LEU D 243 -10.75 -31.54 -6.76
C LEU D 243 -10.94 -30.29 -5.92
N TYR D 244 -11.94 -29.48 -6.26
CA TYR D 244 -12.18 -28.22 -5.55
C TYR D 244 -13.57 -28.24 -4.93
N GLY D 245 -13.64 -27.84 -3.66
CA GLY D 245 -14.88 -27.78 -2.92
C GLY D 245 -14.61 -27.39 -1.48
N PRO D 246 -15.66 -27.01 -0.75
CA PRO D 246 -15.49 -26.57 0.64
C PRO D 246 -15.00 -27.71 1.51
N PRO D 247 -14.43 -27.40 2.68
CA PRO D 247 -13.95 -28.46 3.56
C PRO D 247 -15.09 -29.29 4.12
N GLY D 248 -14.73 -30.49 4.59
CA GLY D 248 -15.71 -31.40 5.13
C GLY D 248 -16.68 -31.94 4.09
N THR D 249 -16.18 -32.30 2.91
CA THR D 249 -17.00 -32.87 1.86
C THR D 249 -16.62 -34.29 1.47
N GLY D 250 -15.50 -34.81 1.97
CA GLY D 250 -15.14 -36.19 1.73
C GLY D 250 -14.27 -36.38 0.50
N LYS D 251 -13.24 -35.54 0.34
CA LYS D 251 -12.35 -35.67 -0.80
C LYS D 251 -11.28 -36.73 -0.56
N THR D 252 -10.57 -36.65 0.58
CA THR D 252 -9.65 -37.71 0.95
C THR D 252 -10.39 -39.03 1.14
N LEU D 253 -11.64 -38.97 1.63
CA LEU D 253 -12.44 -40.18 1.72
C LEU D 253 -12.67 -40.79 0.34
N ILE D 254 -12.99 -39.96 -0.65
CA ILE D 254 -13.18 -40.46 -2.01
C ILE D 254 -11.88 -41.07 -2.54
N ALA D 255 -10.76 -40.39 -2.31
CA ALA D 255 -9.49 -40.91 -2.79
C ALA D 255 -9.18 -42.28 -2.19
N ARG D 256 -9.35 -42.41 -0.88
CA ARG D 256 -9.06 -43.68 -0.24
C ARG D 256 -10.03 -44.77 -0.69
N ALA D 257 -11.31 -44.42 -0.88
CA ALA D 257 -12.26 -45.40 -1.37
C ALA D 257 -11.87 -45.90 -2.74
N VAL D 258 -11.48 -44.98 -3.63
CA VAL D 258 -11.06 -45.38 -4.98
C VAL D 258 -9.83 -46.26 -4.91
N ALA D 259 -8.87 -45.89 -4.05
CA ALA D 259 -7.66 -46.71 -3.93
C ALA D 259 -7.99 -48.12 -3.45
N ASN D 260 -8.89 -48.23 -2.47
CA ASN D 260 -9.22 -49.56 -1.94
C ASN D 260 -10.05 -50.38 -2.91
N GLU D 261 -10.84 -49.72 -3.76
CA GLU D 261 -11.72 -50.43 -4.69
C GLU D 261 -10.99 -50.98 -5.91
N THR D 262 -9.71 -50.66 -6.07
CA THR D 262 -8.93 -51.14 -7.20
C THR D 262 -7.64 -51.84 -6.82
N GLY D 263 -7.26 -51.83 -5.54
CA GLY D 263 -6.04 -52.49 -5.09
C GLY D 263 -4.77 -51.70 -5.35
N ALA D 264 -4.86 -50.51 -5.94
CA ALA D 264 -3.69 -49.71 -6.19
C ALA D 264 -3.09 -49.18 -4.89
N PHE D 265 -1.77 -49.06 -4.87
CA PHE D 265 -1.07 -48.54 -3.70
C PHE D 265 -1.47 -47.08 -3.46
N PHE D 266 -1.59 -46.70 -2.20
CA PHE D 266 -2.03 -45.37 -1.81
C PHE D 266 -0.96 -44.70 -0.97
N PHE D 267 -0.69 -43.43 -1.25
CA PHE D 267 0.28 -42.63 -0.51
C PHE D 267 -0.36 -41.30 -0.15
N LEU D 268 -0.06 -40.82 1.06
CA LEU D 268 -0.67 -39.60 1.60
C LEU D 268 0.40 -38.56 1.88
N ILE D 269 0.08 -37.31 1.59
CA ILE D 269 0.94 -36.17 1.87
C ILE D 269 0.09 -35.09 2.54
N ASN D 270 0.66 -34.45 3.56
CA ASN D 270 -0.03 -33.38 4.29
C ASN D 270 0.78 -32.10 4.14
N GLY D 271 0.10 -31.03 3.72
CA GLY D 271 0.74 -29.76 3.52
C GLY D 271 1.59 -29.31 4.69
N PRO D 272 0.96 -29.13 5.86
CA PRO D 272 1.73 -28.62 7.02
C PRO D 272 2.94 -29.46 7.35
N GLU D 273 2.86 -30.80 7.23
CA GLU D 273 4.00 -31.64 7.56
C GLU D 273 5.23 -31.30 6.72
N ILE D 274 5.05 -30.68 5.56
CA ILE D 274 6.18 -30.21 4.76
C ILE D 274 6.62 -28.82 5.18
N MET D 275 5.68 -27.95 5.56
CA MET D 275 6.01 -26.60 5.97
C MET D 275 6.53 -26.52 7.40
N SER D 276 6.37 -27.59 8.18
CA SER D 276 6.87 -27.64 9.55
C SER D 276 8.32 -28.07 9.64
N LYS D 277 9.06 -28.05 8.53
CA LYS D 277 10.44 -28.51 8.47
C LYS D 277 11.29 -27.44 7.78
N LEU D 278 12.57 -27.75 7.60
CA LEU D 278 13.50 -26.88 6.90
C LEU D 278 13.56 -27.28 5.42
N ALA D 279 14.26 -26.46 4.64
CA ALA D 279 14.25 -26.61 3.19
C ALA D 279 14.73 -27.99 2.76
N GLY D 280 15.90 -28.40 3.22
CA GLY D 280 16.42 -29.70 2.81
C GLY D 280 15.49 -30.83 3.19
N GLU D 281 14.97 -30.80 4.42
CA GLU D 281 14.08 -31.86 4.87
C GLU D 281 12.80 -31.91 4.05
N SER D 282 12.21 -30.74 3.75
CA SER D 282 10.98 -30.72 2.96
C SER D 282 11.21 -31.26 1.56
N GLU D 283 12.28 -30.81 0.90
CA GLU D 283 12.56 -31.30 -0.45
C GLU D 283 12.83 -32.80 -0.43
N SER D 284 13.59 -33.27 0.56
CA SER D 284 13.87 -34.70 0.66
C SER D 284 12.57 -35.48 0.87
N ASN D 285 11.67 -34.98 1.71
CA ASN D 285 10.41 -35.68 1.94
C ASN D 285 9.59 -35.76 0.66
N LEU D 286 9.51 -34.65 -0.09
CA LEU D 286 8.73 -34.67 -1.32
C LEU D 286 9.32 -35.66 -2.33
N ARG D 287 10.65 -35.61 -2.51
CA ARG D 287 11.28 -36.53 -3.46
C ARG D 287 11.12 -37.98 -3.02
N LYS D 288 11.25 -38.24 -1.72
CA LYS D 288 11.09 -39.59 -1.21
C LYS D 288 9.68 -40.11 -1.43
N ALA D 289 8.68 -39.25 -1.20
CA ALA D 289 7.30 -39.65 -1.43
C ALA D 289 7.09 -40.02 -2.90
N PHE D 290 7.57 -39.17 -3.80
CA PHE D 290 7.39 -39.47 -5.22
C PHE D 290 8.12 -40.76 -5.61
N GLU D 291 9.34 -40.96 -5.11
CA GLU D 291 10.09 -42.16 -5.45
C GLU D 291 9.40 -43.41 -4.92
N GLU D 292 8.91 -43.39 -3.69
CA GLU D 292 8.21 -44.54 -3.14
C GLU D 292 6.92 -44.81 -3.90
N ALA D 293 6.23 -43.75 -4.35
CA ALA D 293 5.06 -43.96 -5.20
C ALA D 293 5.46 -44.64 -6.50
N GLU D 294 6.57 -44.23 -7.10
CA GLU D 294 7.03 -44.85 -8.34
C GLU D 294 7.34 -46.33 -8.13
N LYS D 295 8.04 -46.65 -7.04
CA LYS D 295 8.52 -48.01 -6.84
C LYS D 295 7.37 -49.01 -6.77
N ASN D 296 6.30 -48.64 -6.06
CA ASN D 296 5.17 -49.54 -5.85
C ASN D 296 4.06 -49.36 -6.89
N ALA D 297 4.40 -48.86 -8.08
CA ALA D 297 3.39 -48.66 -9.10
C ALA D 297 2.77 -49.99 -9.50
N PRO D 298 1.48 -50.02 -9.89
CA PRO D 298 0.54 -48.89 -10.02
C PRO D 298 0.14 -48.31 -8.66
N ALA D 299 0.31 -46.99 -8.48
CA ALA D 299 0.07 -46.36 -7.19
C ALA D 299 -0.63 -45.03 -7.42
N ILE D 300 -1.11 -44.44 -6.32
CA ILE D 300 -1.80 -43.17 -6.33
C ILE D 300 -1.19 -42.26 -5.27
N ILE D 301 -1.17 -40.96 -5.56
CA ILE D 301 -0.68 -39.95 -4.64
C ILE D 301 -1.81 -38.96 -4.38
N PHE D 302 -2.01 -38.62 -3.10
CA PHE D 302 -3.01 -37.66 -2.70
C PHE D 302 -2.34 -36.53 -1.93
N ILE D 303 -2.73 -35.29 -2.25
CA ILE D 303 -2.19 -34.11 -1.60
C ILE D 303 -3.36 -33.27 -1.10
N ASP D 304 -3.30 -32.86 0.16
CA ASP D 304 -4.31 -32.01 0.77
C ASP D 304 -3.67 -30.70 1.22
N GLU D 305 -4.51 -29.67 1.38
CA GLU D 305 -4.03 -28.35 1.74
C GLU D 305 -3.01 -27.85 0.74
N LEU D 306 -3.31 -28.03 -0.54
CA LEU D 306 -2.37 -27.60 -1.59
C LEU D 306 -2.12 -26.11 -1.53
N ASP D 307 -3.16 -25.31 -1.26
CA ASP D 307 -2.98 -23.86 -1.16
C ASP D 307 -1.94 -23.51 -0.10
N ALA D 308 -1.82 -24.32 0.95
CA ALA D 308 -0.81 -24.07 1.96
C ALA D 308 0.61 -24.21 1.42
N ILE D 309 0.80 -24.91 0.32
CA ILE D 309 2.11 -25.10 -0.28
C ILE D 309 2.36 -24.12 -1.41
N ALA D 310 1.45 -24.04 -2.38
CA ALA D 310 1.64 -23.28 -3.61
C ALA D 310 0.45 -22.36 -3.83
N PRO D 311 0.39 -21.23 -3.14
CA PRO D 311 -0.65 -20.23 -3.41
C PRO D 311 -0.23 -19.34 -4.58
N LYS D 312 -1.06 -18.34 -4.86
CA LYS D 312 -0.82 -17.46 -6.00
C LYS D 312 0.54 -16.77 -5.86
N ARG D 313 1.15 -16.47 -7.02
CA ARG D 313 2.49 -15.90 -7.01
C ARG D 313 2.54 -14.57 -6.27
N GLU D 314 1.46 -13.78 -6.36
CA GLU D 314 1.43 -12.50 -5.66
C GLU D 314 1.40 -12.69 -4.14
N LYS D 315 0.86 -13.80 -3.66
CA LYS D 315 0.78 -14.02 -2.22
C LYS D 315 2.14 -14.40 -1.64
N THR D 316 2.89 -15.26 -2.32
CA THR D 316 4.14 -15.77 -1.77
C THR D 316 5.12 -14.63 -1.54
N HIS D 317 5.85 -14.71 -0.44
CA HIS D 317 6.84 -13.71 -0.06
C HIS D 317 8.22 -14.30 0.23
N GLY D 318 8.28 -15.49 0.84
CA GLY D 318 9.54 -16.07 1.18
C GLY D 318 10.23 -16.74 0.00
N GLU D 319 11.55 -16.87 0.11
CA GLU D 319 12.33 -17.53 -0.93
C GLU D 319 12.16 -19.05 -0.90
N VAL D 320 12.13 -19.62 0.32
CA VAL D 320 12.00 -21.07 0.44
C VAL D 320 10.65 -21.53 -0.09
N GLU D 321 9.60 -20.74 0.09
CA GLU D 321 8.30 -21.08 -0.47
C GLU D 321 8.37 -21.17 -1.99
N ARG D 322 9.02 -20.19 -2.62
CA ARG D 322 9.17 -20.25 -4.07
C ARG D 322 10.00 -21.46 -4.50
N ARG D 323 11.04 -21.79 -3.74
CA ARG D 323 11.84 -22.96 -4.07
C ARG D 323 11.01 -24.23 -4.00
N ILE D 324 10.17 -24.36 -2.97
CA ILE D 324 9.31 -25.55 -2.86
C ILE D 324 8.32 -25.59 -4.01
N VAL D 325 7.74 -24.45 -4.38
CA VAL D 325 6.80 -24.42 -5.50
C VAL D 325 7.50 -24.86 -6.78
N SER D 326 8.72 -24.36 -7.01
CA SER D 326 9.46 -24.77 -8.19
C SER D 326 9.78 -26.26 -8.17
N GLN D 327 10.14 -26.79 -6.99
CA GLN D 327 10.41 -28.21 -6.87
C GLN D 327 9.18 -29.04 -7.22
N LEU D 328 8.00 -28.58 -6.80
CA LEU D 328 6.78 -29.34 -7.04
C LEU D 328 6.41 -29.44 -8.52
N LEU D 329 7.02 -28.64 -9.38
CA LEU D 329 6.70 -28.67 -10.80
C LEU D 329 7.57 -29.63 -11.59
N THR D 330 8.86 -29.70 -11.25
CA THR D 330 9.75 -30.62 -11.96
C THR D 330 9.35 -32.06 -11.73
N LEU D 331 8.87 -32.38 -10.53
CA LEU D 331 8.40 -33.73 -10.26
C LEU D 331 7.21 -34.08 -11.14
N MET D 332 6.26 -33.15 -11.30
CA MET D 332 5.12 -33.40 -12.18
C MET D 332 5.58 -33.55 -13.62
N ASP D 333 6.53 -32.72 -14.06
CA ASP D 333 7.02 -32.82 -15.43
C ASP D 333 7.69 -34.17 -15.68
N GLY D 334 8.49 -34.64 -14.73
CA GLY D 334 9.15 -35.93 -14.88
C GLY D 334 8.24 -37.12 -14.66
N LEU D 335 7.10 -36.91 -14.01
CA LEU D 335 6.15 -38.00 -13.83
C LEU D 335 5.68 -38.55 -15.18
N LYS D 336 5.59 -37.67 -16.19
CA LYS D 336 5.22 -38.14 -17.52
C LYS D 336 6.25 -39.10 -18.08
N GLN D 337 7.54 -38.81 -17.86
CA GLN D 337 8.59 -39.68 -18.37
C GLN D 337 8.46 -41.09 -17.80
N ARG D 338 8.26 -41.20 -16.49
CA ARG D 338 7.95 -42.48 -15.89
C ARG D 338 6.45 -42.77 -16.04
N ALA D 339 6.03 -43.95 -15.62
CA ALA D 339 4.70 -44.44 -15.90
C ALA D 339 4.05 -45.02 -14.65
N HIS D 340 2.72 -45.07 -14.68
CA HIS D 340 1.68 -45.64 -13.82
C HIS D 340 1.64 -44.98 -12.45
N VAL D 341 1.60 -43.64 -12.43
CA VAL D 341 1.35 -42.88 -11.21
C VAL D 341 0.41 -41.73 -11.57
N ILE D 342 -0.63 -41.55 -10.76
CA ILE D 342 -1.60 -40.47 -10.93
C ILE D 342 -1.68 -39.70 -9.63
N VAL D 343 -1.64 -38.37 -9.72
CA VAL D 343 -1.62 -37.49 -8.56
C VAL D 343 -2.94 -36.75 -8.50
N MET D 344 -3.61 -36.82 -7.35
CA MET D 344 -4.85 -36.10 -7.10
C MET D 344 -4.62 -35.10 -5.98
N ALA D 345 -5.02 -33.85 -6.23
CA ALA D 345 -4.86 -32.77 -5.27
C ALA D 345 -6.23 -32.21 -4.88
N ALA D 346 -6.29 -31.62 -3.70
CA ALA D 346 -7.53 -31.08 -3.14
C ALA D 346 -7.32 -29.62 -2.77
N THR D 347 -8.26 -28.76 -3.17
CA THR D 347 -8.20 -27.35 -2.85
C THR D 347 -9.60 -26.82 -2.57
N ASN D 348 -9.67 -25.68 -1.88
CA ASN D 348 -10.96 -25.07 -1.58
C ASN D 348 -11.58 -24.44 -2.82
N ARG D 349 -10.79 -23.68 -3.58
CA ARG D 349 -11.27 -23.02 -4.78
C ARG D 349 -10.19 -23.08 -5.84
N PRO D 350 -10.57 -23.11 -7.12
CA PRO D 350 -9.55 -23.22 -8.19
C PRO D 350 -8.61 -22.03 -8.25
N ASN D 351 -9.08 -20.82 -7.94
CA ASN D 351 -8.29 -19.62 -8.14
C ASN D 351 -7.31 -19.34 -7.00
N SER D 352 -7.29 -20.15 -5.95
CA SER D 352 -6.43 -19.88 -4.81
C SER D 352 -4.98 -20.27 -5.06
N ILE D 353 -4.71 -21.13 -6.05
CA ILE D 353 -3.38 -21.65 -6.29
C ILE D 353 -2.80 -21.02 -7.54
N ASP D 354 -1.51 -21.29 -7.78
CA ASP D 354 -0.83 -20.74 -8.93
C ASP D 354 -1.47 -21.25 -10.22
N PRO D 355 -1.42 -20.47 -11.30
CA PRO D 355 -1.93 -20.95 -12.59
C PRO D 355 -0.93 -21.76 -13.40
N ALA D 356 0.34 -21.81 -12.97
CA ALA D 356 1.32 -22.63 -13.67
C ALA D 356 1.04 -24.12 -13.53
N LEU D 357 0.29 -24.52 -12.49
CA LEU D 357 -0.08 -25.92 -12.35
C LEU D 357 -1.21 -26.31 -13.30
N ARG D 358 -2.07 -25.37 -13.65
CA ARG D 358 -3.21 -25.64 -14.53
C ARG D 358 -2.77 -25.58 -15.99
N ARG D 359 -1.85 -26.47 -16.34
CA ARG D 359 -1.31 -26.57 -17.69
C ARG D 359 -1.49 -28.01 -18.19
N PHE D 360 -1.05 -28.24 -19.42
CA PHE D 360 -1.22 -29.53 -20.08
C PHE D 360 -0.09 -30.45 -19.65
N GLY D 361 -0.41 -31.41 -18.77
CA GLY D 361 0.57 -32.35 -18.28
C GLY D 361 0.72 -32.37 -16.77
N ARG D 362 0.18 -31.38 -16.04
CA ARG D 362 0.31 -31.31 -14.60
C ARG D 362 -1.01 -31.50 -13.87
N PHE D 363 -1.99 -30.63 -14.11
CA PHE D 363 -3.28 -30.69 -13.43
C PHE D 363 -4.41 -30.33 -14.39
N ASP D 364 -4.38 -30.93 -15.58
CA ASP D 364 -5.34 -30.57 -16.62
C ASP D 364 -6.78 -30.73 -16.15
N ARG D 365 -7.10 -31.87 -15.54
CA ARG D 365 -8.49 -32.19 -15.20
C ARG D 365 -8.87 -31.66 -13.83
N GLU D 366 -10.08 -31.10 -13.74
CA GLU D 366 -10.59 -30.54 -12.50
C GLU D 366 -12.03 -31.03 -12.28
N VAL D 367 -12.39 -31.20 -11.00
CA VAL D 367 -13.69 -31.72 -10.61
C VAL D 367 -14.24 -30.89 -9.44
N ASP D 368 -15.56 -30.89 -9.33
CA ASP D 368 -16.30 -30.15 -8.31
C ASP D 368 -17.10 -31.13 -7.48
N ILE D 369 -16.68 -31.35 -6.23
CA ILE D 369 -17.41 -32.26 -5.35
C ILE D 369 -18.79 -31.69 -5.03
N GLY D 370 -18.88 -30.37 -4.89
CA GLY D 370 -20.17 -29.75 -4.65
C GLY D 370 -20.63 -29.88 -3.22
N ILE D 371 -21.95 -29.92 -3.04
CA ILE D 371 -22.56 -29.93 -1.71
C ILE D 371 -23.72 -30.92 -1.72
N PRO D 372 -23.97 -31.63 -0.62
CA PRO D 372 -25.10 -32.57 -0.61
C PRO D 372 -26.44 -31.86 -0.77
N ASP D 373 -27.38 -32.56 -1.39
CA ASP D 373 -28.75 -32.12 -1.51
C ASP D 373 -29.62 -32.92 -0.55
N ALA D 374 -30.93 -32.71 -0.61
CA ALA D 374 -31.84 -33.42 0.29
C ALA D 374 -31.59 -34.92 0.24
N THR D 375 -31.56 -35.50 -0.96
CA THR D 375 -31.28 -36.92 -1.08
C THR D 375 -29.91 -37.27 -0.51
N GLY D 376 -28.89 -36.50 -0.89
CA GLY D 376 -27.55 -36.79 -0.39
C GLY D 376 -27.47 -36.68 1.12
N ARG D 377 -28.09 -35.66 1.70
CA ARG D 377 -28.12 -35.54 3.14
C ARG D 377 -28.76 -36.76 3.76
N LEU D 378 -29.91 -37.18 3.22
CA LEU D 378 -30.59 -38.34 3.76
C LEU D 378 -29.70 -39.59 3.70
N GLU D 379 -28.99 -39.77 2.58
CA GLU D 379 -28.09 -40.91 2.46
C GLU D 379 -26.98 -40.84 3.49
N ILE D 380 -26.45 -39.65 3.74
CA ILE D 380 -25.40 -39.51 4.75
C ILE D 380 -25.94 -39.90 6.13
N LEU D 381 -27.16 -39.46 6.45
CA LEU D 381 -27.76 -39.85 7.72
C LEU D 381 -27.90 -41.36 7.82
N GLN D 382 -28.38 -42.00 6.75
CA GLN D 382 -28.48 -43.46 6.77
C GLN D 382 -27.11 -44.10 6.95
N ILE D 383 -26.08 -43.54 6.33
CA ILE D 383 -24.73 -44.08 6.47
C ILE D 383 -24.29 -44.03 7.92
N HIS D 384 -24.54 -42.91 8.58
CA HIS D 384 -24.07 -42.70 9.95
C HIS D 384 -25.01 -43.27 11.00
N THR D 385 -26.15 -43.82 10.61
CA THR D 385 -27.11 -44.39 11.56
C THR D 385 -27.24 -45.91 11.44
N LYS D 386 -26.26 -46.57 10.83
CA LYS D 386 -26.34 -48.02 10.65
C LYS D 386 -26.34 -48.76 11.99
N ASN D 387 -25.25 -48.67 12.73
CA ASN D 387 -25.13 -49.41 13.98
C ASN D 387 -25.93 -48.79 15.12
N MET D 388 -26.46 -47.60 14.93
CA MET D 388 -27.22 -46.92 15.98
C MET D 388 -28.66 -47.43 15.98
N LYS D 389 -29.24 -47.56 17.18
CA LYS D 389 -30.61 -47.98 17.36
C LYS D 389 -31.50 -46.75 17.42
N LEU D 390 -32.44 -46.64 16.49
CA LEU D 390 -33.33 -45.50 16.40
C LEU D 390 -34.76 -45.97 16.65
N ALA D 391 -35.62 -45.01 17.00
CA ALA D 391 -37.02 -45.29 17.31
C ALA D 391 -37.85 -45.20 16.04
N ASP D 392 -39.17 -45.22 16.19
CA ASP D 392 -40.11 -45.16 15.08
C ASP D 392 -40.54 -43.74 14.74
N ASP D 393 -39.99 -42.74 15.43
CA ASP D 393 -40.32 -41.34 15.18
C ASP D 393 -39.22 -40.62 14.40
N VAL D 394 -38.37 -41.36 13.70
CA VAL D 394 -37.21 -40.74 13.07
C VAL D 394 -37.63 -39.85 11.91
N ASP D 395 -38.33 -40.41 10.93
CA ASP D 395 -38.79 -39.66 9.77
C ASP D 395 -37.68 -38.72 9.28
N LEU D 396 -36.57 -39.33 8.85
CA LEU D 396 -35.38 -38.55 8.52
C LEU D 396 -35.63 -37.58 7.38
N GLU D 397 -36.72 -37.75 6.63
CA GLU D 397 -37.01 -36.84 5.53
C GLU D 397 -37.14 -35.40 6.02
N GLN D 398 -37.84 -35.21 7.15
CA GLN D 398 -38.00 -33.85 7.68
C GLN D 398 -36.66 -33.26 8.11
N VAL D 399 -35.80 -34.07 8.73
CA VAL D 399 -34.49 -33.58 9.13
C VAL D 399 -33.70 -33.15 7.89
N ALA D 400 -33.73 -33.96 6.84
CA ALA D 400 -33.04 -33.59 5.62
C ALA D 400 -33.61 -32.30 5.04
N ASN D 401 -34.94 -32.14 5.07
CA ASN D 401 -35.55 -30.90 4.61
C ASN D 401 -35.13 -29.73 5.49
N GLU D 402 -35.12 -29.92 6.80
CA GLU D 402 -34.72 -28.86 7.72
C GLU D 402 -33.21 -28.68 7.78
N THR D 403 -32.44 -29.64 7.28
CA THR D 403 -30.98 -29.57 7.28
C THR D 403 -30.56 -28.84 6.01
N HIS D 404 -30.44 -27.52 6.09
CA HIS D 404 -30.07 -26.68 4.96
C HIS D 404 -28.74 -26.01 5.25
N GLY D 405 -27.70 -26.43 4.55
CA GLY D 405 -26.37 -25.86 4.66
C GLY D 405 -25.34 -26.82 5.24
N HIS D 406 -25.79 -27.80 6.01
CA HIS D 406 -24.86 -28.73 6.65
C HIS D 406 -24.18 -29.60 5.61
N VAL D 407 -23.04 -30.16 6.01
CA VAL D 407 -22.26 -31.09 5.19
C VAL D 407 -22.01 -32.35 6.00
N GLY D 408 -21.27 -33.29 5.42
CA GLY D 408 -21.13 -34.59 6.04
C GLY D 408 -20.61 -34.53 7.45
N ALA D 409 -19.57 -33.73 7.68
CA ALA D 409 -19.03 -33.59 9.03
C ALA D 409 -20.09 -33.03 9.97
N ASP D 410 -20.87 -32.05 9.51
CA ASP D 410 -21.93 -31.49 10.34
C ASP D 410 -22.96 -32.55 10.70
N LEU D 411 -23.34 -33.38 9.74
CA LEU D 411 -24.33 -34.42 10.02
C LEU D 411 -23.79 -35.45 11.00
N ALA D 412 -22.53 -35.85 10.85
CA ALA D 412 -21.94 -36.79 11.79
C ALA D 412 -21.91 -36.19 13.19
N ALA D 413 -21.53 -34.91 13.30
CA ALA D 413 -21.52 -34.25 14.60
C ALA D 413 -22.93 -34.19 15.19
N LEU D 414 -23.93 -33.92 14.35
CA LEU D 414 -25.31 -33.88 14.82
C LEU D 414 -25.73 -35.23 15.38
N CYS D 415 -25.43 -36.31 14.64
CA CYS D 415 -25.81 -37.64 15.12
C CYS D 415 -25.13 -37.96 16.45
N SER D 416 -23.83 -37.68 16.55
CA SER D 416 -23.11 -37.95 17.79
C SER D 416 -23.67 -37.13 18.94
N GLU D 417 -23.98 -35.86 18.70
CA GLU D 417 -24.51 -35.01 19.75
C GLU D 417 -25.88 -35.48 20.21
N ALA D 418 -26.74 -35.90 19.28
CA ALA D 418 -28.03 -36.43 19.68
C ALA D 418 -27.86 -37.70 20.52
N ALA D 419 -26.95 -38.57 20.12
CA ALA D 419 -26.70 -39.78 20.90
C ALA D 419 -26.24 -39.45 22.31
N LEU D 420 -25.33 -38.47 22.43
CA LEU D 420 -24.84 -38.10 23.76
C LEU D 420 -25.95 -37.46 24.59
N GLN D 421 -26.78 -36.62 23.97
CA GLN D 421 -27.92 -36.07 24.69
C GLN D 421 -28.79 -37.18 25.25
N ALA D 422 -29.07 -38.20 24.44
CA ALA D 422 -29.88 -39.32 24.91
C ALA D 422 -29.18 -40.06 26.05
N ILE D 423 -27.88 -40.28 25.92
CA ILE D 423 -27.20 -41.20 26.83
C ILE D 423 -26.94 -40.56 28.20
N ARG D 424 -26.52 -39.30 28.22
CA ARG D 424 -25.88 -38.78 29.43
C ARG D 424 -26.78 -38.89 30.65
N LYS D 425 -28.03 -38.43 30.55
CA LYS D 425 -28.89 -38.38 31.73
C LYS D 425 -29.32 -39.77 32.15
N LYS D 426 -29.72 -40.61 31.18
CA LYS D 426 -30.27 -41.92 31.52
C LYS D 426 -29.22 -42.82 32.16
N MET D 427 -28.06 -42.94 31.52
CA MET D 427 -27.10 -43.96 31.95
C MET D 427 -26.45 -43.62 33.29
N ASP D 428 -26.07 -42.35 33.48
CA ASP D 428 -25.48 -41.97 34.75
C ASP D 428 -26.38 -42.40 35.92
N LEU D 429 -27.60 -41.86 35.95
CA LEU D 429 -28.56 -42.21 37.00
C LEU D 429 -28.71 -43.71 37.12
N ILE D 430 -28.76 -44.42 35.99
CA ILE D 430 -29.11 -45.83 36.01
C ILE D 430 -27.99 -46.66 36.66
N ASP D 431 -26.74 -46.43 36.25
CA ASP D 431 -25.70 -47.39 36.55
C ASP D 431 -24.38 -46.80 37.06
N LEU D 432 -24.34 -45.56 37.52
CA LEU D 432 -23.10 -45.10 38.14
C LEU D 432 -22.85 -45.83 39.45
N GLU D 433 -23.90 -46.37 40.08
CA GLU D 433 -23.78 -47.15 41.30
C GLU D 433 -24.27 -48.58 41.14
N ASP D 434 -25.20 -48.84 40.21
CA ASP D 434 -25.81 -50.16 40.09
C ASP D 434 -24.75 -51.23 39.83
N GLU D 435 -24.08 -51.14 38.68
CA GLU D 435 -23.11 -52.16 38.28
C GLU D 435 -22.29 -51.61 37.13
N THR D 436 -21.10 -52.18 36.95
CA THR D 436 -20.26 -51.81 35.82
C THR D 436 -21.04 -52.05 34.54
N ILE D 437 -21.35 -50.96 33.81
CA ILE D 437 -22.27 -51.04 32.69
C ILE D 437 -21.85 -52.19 31.77
N ASP D 438 -22.81 -53.05 31.44
CA ASP D 438 -22.59 -54.21 30.59
C ASP D 438 -23.31 -54.04 29.26
N ALA D 439 -22.88 -54.83 28.27
CA ALA D 439 -23.30 -54.60 26.89
C ALA D 439 -24.82 -54.52 26.78
N GLU D 440 -25.53 -55.33 27.55
CA GLU D 440 -26.99 -55.32 27.50
C GLU D 440 -27.53 -53.92 27.76
N VAL D 441 -27.10 -53.31 28.87
CA VAL D 441 -27.62 -51.99 29.22
C VAL D 441 -27.07 -50.92 28.28
N MET D 442 -25.81 -51.06 27.84
CA MET D 442 -25.28 -50.07 26.92
C MET D 442 -26.08 -50.01 25.63
N ASN D 443 -26.40 -51.18 25.06
CA ASN D 443 -27.12 -51.22 23.79
C ASN D 443 -28.63 -51.13 23.96
N SER D 444 -29.14 -51.25 25.18
CA SER D 444 -30.59 -51.15 25.38
C SER D 444 -31.11 -49.77 25.02
N LEU D 445 -30.29 -48.74 25.17
CA LEU D 445 -30.74 -47.38 24.89
C LEU D 445 -31.04 -47.19 23.42
N ALA D 446 -32.17 -46.56 23.13
CA ALA D 446 -32.55 -46.18 21.78
C ALA D 446 -32.32 -44.68 21.59
N VAL D 447 -32.79 -44.14 20.47
CA VAL D 447 -32.71 -42.72 20.19
C VAL D 447 -34.10 -42.22 19.80
N THR D 448 -34.34 -40.94 20.03
CA THR D 448 -35.66 -40.35 19.84
C THR D 448 -35.53 -39.04 19.07
N MET D 449 -36.63 -38.65 18.44
CA MET D 449 -36.63 -37.44 17.61
C MET D 449 -36.37 -36.19 18.44
N ASP D 450 -36.88 -36.14 19.67
CA ASP D 450 -36.69 -34.95 20.49
C ASP D 450 -35.21 -34.66 20.69
N ASP D 451 -34.39 -35.71 20.83
CA ASP D 451 -32.95 -35.51 20.94
C ASP D 451 -32.38 -34.91 19.66
N PHE D 452 -32.84 -35.38 18.51
CA PHE D 452 -32.38 -34.80 17.24
C PHE D 452 -32.75 -33.33 17.14
N ARG D 453 -33.98 -32.99 17.54
CA ARG D 453 -34.41 -31.59 17.47
C ARG D 453 -33.64 -30.72 18.46
N TRP D 454 -33.29 -31.28 19.63
CA TRP D 454 -32.44 -30.53 20.55
C TRP D 454 -31.07 -30.27 19.94
N ALA D 455 -30.45 -31.30 19.39
CA ALA D 455 -29.14 -31.15 18.78
C ALA D 455 -29.18 -30.26 17.55
N LEU D 456 -30.34 -30.13 16.90
CA LEU D 456 -30.48 -29.31 15.71
C LEU D 456 -30.76 -27.85 16.03
N SER D 457 -31.62 -27.57 17.02
CA SER D 457 -31.90 -26.19 17.39
C SER D 457 -30.74 -25.58 18.16
N GLN D 458 -30.17 -26.34 19.10
CA GLN D 458 -29.09 -25.82 19.93
C GLN D 458 -27.79 -25.72 19.14
N SER D 459 -27.32 -26.84 18.60
CA SER D 459 -26.06 -26.89 17.87
C SER D 459 -26.37 -26.93 16.38
N ASN D 460 -26.39 -25.75 15.76
CA ASN D 460 -26.56 -25.63 14.30
C ASN D 460 -25.53 -24.68 13.70
N PRO D 461 -24.23 -24.87 13.98
CA PRO D 461 -23.22 -24.09 13.26
C PRO D 461 -23.14 -24.48 11.80
N SER D 462 -24.18 -24.16 11.03
CA SER D 462 -24.16 -24.45 9.60
C SER D 462 -22.96 -23.76 8.96
N ALA D 463 -22.18 -24.53 8.19
CA ALA D 463 -20.95 -24.05 7.56
C ALA D 463 -21.15 -23.73 6.09
N LEU D 464 -22.32 -23.22 5.72
CA LEU D 464 -22.63 -22.96 4.31
C LEU D 464 -23.45 -21.69 4.20
N ARG D 465 -22.90 -20.69 3.51
CA ARG D 465 -23.62 -19.45 3.28
C ARG D 465 -23.42 -18.87 1.88
N GLU D 466 -22.69 -19.53 0.99
CA GLU D 466 -22.52 -19.05 -0.38
C GLU D 466 -23.50 -19.75 -1.31
N THR D 467 -23.33 -19.53 -2.62
CA THR D 467 -24.32 -19.93 -3.62
C THR D 467 -24.62 -21.43 -3.58
N VAL D 468 -25.67 -21.84 -4.30
CA VAL D 468 -26.11 -23.22 -4.34
C VAL D 468 -26.48 -23.58 -5.77
N VAL D 469 -26.54 -24.88 -6.04
CA VAL D 469 -26.98 -25.40 -7.34
C VAL D 469 -27.56 -26.78 -7.13
N GLU D 470 -28.78 -27.00 -7.63
CA GLU D 470 -29.45 -28.28 -7.49
C GLU D 470 -30.73 -28.25 -8.32
N VAL D 471 -31.34 -29.41 -8.51
CA VAL D 471 -32.58 -29.55 -9.25
C VAL D 471 -33.74 -29.18 -8.33
N PRO D 472 -34.59 -28.21 -8.69
CA PRO D 472 -35.70 -27.85 -7.80
C PRO D 472 -36.81 -28.89 -7.80
N GLN D 473 -37.79 -28.72 -6.92
CA GLN D 473 -38.90 -29.66 -6.79
C GLN D 473 -40.23 -29.10 -7.28
N VAL D 474 -40.30 -27.81 -7.61
CA VAL D 474 -41.55 -27.24 -8.10
C VAL D 474 -41.95 -27.92 -9.40
N THR D 475 -43.26 -28.04 -9.61
CA THR D 475 -43.81 -28.69 -10.80
C THR D 475 -44.84 -27.76 -11.44
N TRP D 476 -45.26 -28.12 -12.65
CA TRP D 476 -46.25 -27.33 -13.35
C TRP D 476 -47.55 -27.22 -12.56
N GLU D 477 -47.93 -28.31 -11.88
CA GLU D 477 -49.18 -28.29 -11.12
C GLU D 477 -49.18 -27.23 -10.05
N ASP D 478 -48.00 -26.93 -9.46
CA ASP D 478 -47.93 -25.88 -8.46
C ASP D 478 -48.33 -24.53 -9.04
N ILE D 479 -47.90 -24.24 -10.26
CA ILE D 479 -48.30 -23.01 -10.92
C ILE D 479 -49.76 -23.12 -11.35
N GLY D 480 -50.45 -21.99 -11.36
CA GLY D 480 -51.85 -21.93 -11.74
C GLY D 480 -52.04 -21.40 -13.14
N GLY D 481 -52.64 -22.21 -14.00
CA GLY D 481 -52.91 -21.76 -15.36
C GLY D 481 -51.63 -21.53 -16.14
N LEU D 482 -51.68 -20.53 -17.03
CA LEU D 482 -50.52 -20.16 -17.84
C LEU D 482 -50.09 -21.31 -18.75
N GLU D 483 -51.05 -21.96 -19.41
CA GLU D 483 -50.72 -23.09 -20.26
C GLU D 483 -49.95 -22.65 -21.51
N ASP D 484 -50.35 -21.52 -22.10
CA ASP D 484 -49.72 -21.07 -23.33
C ASP D 484 -48.24 -20.77 -23.12
N VAL D 485 -47.88 -20.16 -21.99
CA VAL D 485 -46.48 -19.89 -21.74
C VAL D 485 -45.72 -21.18 -21.51
N LYS D 486 -46.35 -22.19 -20.91
CA LYS D 486 -45.69 -23.49 -20.81
C LYS D 486 -45.37 -24.05 -22.18
N ARG D 487 -46.35 -24.01 -23.09
CA ARG D 487 -46.10 -24.52 -24.44
C ARG D 487 -45.01 -23.71 -25.14
N GLU D 488 -45.04 -22.38 -24.98
CA GLU D 488 -44.02 -21.53 -25.59
C GLU D 488 -42.65 -21.74 -24.98
N LEU D 489 -42.58 -22.20 -23.74
CA LEU D 489 -41.31 -22.42 -23.06
C LEU D 489 -40.70 -23.78 -23.39
N GLN D 490 -41.53 -24.82 -23.49
CA GLN D 490 -41.00 -26.14 -23.83
C GLN D 490 -40.30 -26.13 -25.18
N GLU D 491 -40.84 -25.38 -26.14
CA GLU D 491 -40.25 -25.34 -27.47
C GLU D 491 -38.84 -24.77 -27.42
N LEU D 492 -38.59 -23.82 -26.52
CA LEU D 492 -37.30 -23.15 -26.47
C LEU D 492 -36.21 -24.01 -25.85
N VAL D 493 -36.56 -24.86 -24.88
CA VAL D 493 -35.59 -25.60 -24.08
C VAL D 493 -35.62 -27.09 -24.41
N GLN D 494 -36.82 -27.70 -24.39
CA GLN D 494 -36.91 -29.15 -24.57
C GLN D 494 -36.47 -29.57 -25.97
N TYR D 495 -36.92 -28.84 -27.00
CA TYR D 495 -36.64 -29.27 -28.36
C TYR D 495 -35.15 -29.25 -28.69
N PRO D 496 -34.40 -28.17 -28.41
CA PRO D 496 -32.97 -28.20 -28.74
C PRO D 496 -32.21 -29.35 -28.08
N VAL D 497 -32.47 -29.61 -26.79
CA VAL D 497 -31.78 -30.69 -26.11
C VAL D 497 -32.18 -32.03 -26.69
N GLU D 498 -33.47 -32.21 -26.97
CA GLU D 498 -33.95 -33.51 -27.44
C GLU D 498 -33.59 -33.77 -28.90
N HIS D 499 -33.78 -32.78 -29.78
CA HIS D 499 -33.69 -32.98 -31.23
C HIS D 499 -32.81 -31.92 -31.86
N PRO D 500 -31.48 -32.12 -31.86
CA PRO D 500 -30.61 -31.15 -32.55
C PRO D 500 -30.57 -31.35 -34.07
N ASP D 501 -30.62 -32.59 -34.53
CA ASP D 501 -30.49 -32.84 -35.96
C ASP D 501 -31.63 -32.18 -36.75
N LYS D 502 -32.77 -31.96 -36.11
CA LYS D 502 -33.86 -31.26 -36.80
C LYS D 502 -33.47 -29.81 -37.07
N PHE D 503 -32.83 -29.16 -36.10
CA PHE D 503 -32.29 -27.82 -36.34
C PHE D 503 -31.21 -27.87 -37.41
N LEU D 504 -30.37 -28.91 -37.39
CA LEU D 504 -29.33 -29.04 -38.41
C LEU D 504 -29.93 -29.13 -39.80
N LYS D 505 -31.05 -29.86 -39.95
CA LYS D 505 -31.68 -30.00 -41.26
C LYS D 505 -32.08 -28.64 -41.81
N PHE D 506 -32.68 -27.79 -40.98
CA PHE D 506 -32.99 -26.43 -41.38
C PHE D 506 -31.83 -25.51 -41.01
N GLY D 507 -32.06 -24.19 -41.07
CA GLY D 507 -31.01 -23.23 -40.80
C GLY D 507 -31.10 -22.54 -39.47
N MET D 508 -32.13 -22.86 -38.68
CA MET D 508 -32.35 -22.16 -37.41
C MET D 508 -31.24 -22.48 -36.42
N THR D 509 -30.91 -21.49 -35.59
CA THR D 509 -29.99 -21.66 -34.47
C THR D 509 -30.72 -21.21 -33.21
N PRO D 510 -30.97 -22.10 -32.24
CA PRO D 510 -31.84 -21.74 -31.13
C PRO D 510 -31.32 -20.55 -30.34
N SER D 511 -32.24 -19.72 -29.87
CA SER D 511 -31.89 -18.62 -28.98
C SER D 511 -31.63 -19.15 -27.58
N LYS D 512 -30.84 -18.40 -26.81
CA LYS D 512 -30.37 -18.85 -25.50
C LYS D 512 -30.83 -17.95 -24.36
N GLY D 513 -31.74 -17.01 -24.61
CA GLY D 513 -32.15 -16.08 -23.57
C GLY D 513 -33.61 -15.72 -23.69
N VAL D 514 -34.22 -15.45 -22.54
CA VAL D 514 -35.61 -14.99 -22.49
C VAL D 514 -35.76 -14.01 -21.34
N LEU D 515 -36.68 -13.05 -21.52
CA LEU D 515 -36.92 -12.00 -20.54
C LEU D 515 -38.40 -11.95 -20.22
N PHE D 516 -38.74 -11.93 -18.93
CA PHE D 516 -40.11 -11.80 -18.45
C PHE D 516 -40.34 -10.38 -17.94
N TYR D 517 -41.47 -9.81 -18.32
CA TYR D 517 -41.88 -8.49 -17.84
C TYR D 517 -43.35 -8.54 -17.44
N GLY D 518 -43.65 -7.93 -16.30
CA GLY D 518 -45.00 -7.93 -15.79
C GLY D 518 -45.06 -7.43 -14.35
N PRO D 519 -46.26 -7.34 -13.80
CA PRO D 519 -46.41 -6.86 -12.42
C PRO D 519 -45.88 -7.89 -11.43
N PRO D 520 -45.61 -7.48 -10.19
CA PRO D 520 -45.07 -8.42 -9.21
C PRO D 520 -46.12 -9.39 -8.70
N GLY D 521 -45.64 -10.47 -8.10
CA GLY D 521 -46.50 -11.48 -7.53
C GLY D 521 -47.33 -12.24 -8.55
N CYS D 522 -46.73 -12.67 -9.66
CA CYS D 522 -47.41 -13.44 -10.67
C CYS D 522 -46.71 -14.76 -11.01
N GLY D 523 -45.76 -15.19 -10.18
CA GLY D 523 -45.13 -16.48 -10.39
C GLY D 523 -44.00 -16.50 -11.39
N LYS D 524 -43.36 -15.36 -11.65
CA LYS D 524 -42.22 -15.35 -12.57
C LYS D 524 -41.09 -16.22 -12.04
N THR D 525 -40.84 -16.17 -10.74
CA THR D 525 -39.76 -16.97 -10.16
C THR D 525 -40.07 -18.46 -10.20
N LEU D 526 -41.35 -18.84 -10.23
CA LEU D 526 -41.71 -20.25 -10.19
C LEU D 526 -41.41 -20.97 -11.50
N LEU D 527 -41.58 -20.29 -12.64
CA LEU D 527 -41.38 -20.94 -13.92
C LEU D 527 -39.91 -21.33 -14.14
N ALA D 528 -39.00 -20.47 -13.71
CA ALA D 528 -37.58 -20.76 -13.90
C ALA D 528 -37.18 -22.07 -13.22
N LYS D 529 -37.86 -22.43 -12.14
CA LYS D 529 -37.60 -23.69 -11.45
C LYS D 529 -38.46 -24.83 -11.98
N ALA D 530 -39.67 -24.53 -12.44
CA ALA D 530 -40.52 -25.57 -13.02
C ALA D 530 -39.88 -26.15 -14.28
N ILE D 531 -39.28 -25.29 -15.11
CA ILE D 531 -38.62 -25.78 -16.32
C ILE D 531 -37.47 -26.72 -15.94
N ALA D 532 -36.67 -26.32 -14.96
CA ALA D 532 -35.56 -27.17 -14.52
C ALA D 532 -36.07 -28.49 -13.98
N ASN D 533 -37.15 -28.45 -13.19
CA ASN D 533 -37.69 -29.68 -12.60
C ASN D 533 -38.18 -30.63 -13.69
N GLU D 534 -38.92 -30.12 -14.67
CA GLU D 534 -39.43 -30.99 -15.72
C GLU D 534 -38.29 -31.51 -16.59
N CYS D 535 -37.26 -30.71 -16.81
CA CYS D 535 -36.12 -31.13 -17.61
C CYS D 535 -35.02 -31.78 -16.78
N GLN D 536 -35.18 -31.88 -15.47
CA GLN D 536 -34.18 -32.46 -14.59
C GLN D 536 -32.82 -31.78 -14.78
N ALA D 537 -32.85 -30.47 -14.87
CA ALA D 537 -31.66 -29.65 -15.08
C ALA D 537 -31.34 -28.85 -13.82
N ASN D 538 -30.08 -28.46 -13.70
CA ASN D 538 -29.66 -27.64 -12.58
C ASN D 538 -30.17 -26.21 -12.74
N ALA D 539 -30.34 -25.52 -11.61
CA ALA D 539 -30.85 -24.17 -11.60
C ALA D 539 -30.03 -23.31 -10.65
N ILE D 540 -29.84 -22.06 -11.03
CA ILE D 540 -29.12 -21.08 -10.21
C ILE D 540 -29.90 -19.78 -10.21
N SER D 541 -30.03 -19.16 -9.04
CA SER D 541 -30.78 -17.93 -8.89
C SER D 541 -29.88 -16.89 -8.22
N ILE D 542 -29.84 -15.68 -8.80
CA ILE D 542 -29.09 -14.56 -8.24
C ILE D 542 -30.06 -13.41 -8.02
N LYS D 543 -30.22 -13.01 -6.77
CA LYS D 543 -31.18 -11.98 -6.42
C LYS D 543 -30.55 -10.58 -6.58
N GLY D 544 -31.42 -9.57 -6.63
CA GLY D 544 -31.00 -8.20 -6.84
C GLY D 544 -30.06 -7.65 -5.78
N PRO D 545 -30.28 -7.92 -4.50
CA PRO D 545 -29.32 -7.49 -3.48
C PRO D 545 -27.89 -7.89 -3.79
N GLU D 546 -27.68 -9.06 -4.40
CA GLU D 546 -26.32 -9.43 -4.81
C GLU D 546 -25.79 -8.48 -5.86
N LEU D 547 -26.62 -8.10 -6.83
CA LEU D 547 -26.18 -7.14 -7.84
C LEU D 547 -25.82 -5.79 -7.22
N LEU D 548 -26.65 -5.33 -6.27
CA LEU D 548 -26.35 -4.06 -5.62
C LEU D 548 -25.08 -4.16 -4.78
N THR D 549 -24.87 -5.29 -4.13
CA THR D 549 -23.63 -5.50 -3.37
C THR D 549 -22.43 -5.42 -4.29
N MET D 550 -22.51 -6.06 -5.46
CA MET D 550 -21.41 -5.99 -6.42
C MET D 550 -21.20 -4.56 -6.90
N TRP D 551 -22.30 -3.83 -7.15
CA TRP D 551 -22.18 -2.46 -7.64
C TRP D 551 -21.49 -1.57 -6.61
N PHE D 552 -21.97 -1.57 -5.37
CA PHE D 552 -21.39 -0.71 -4.35
C PHE D 552 -19.93 -1.09 -4.08
N GLY D 553 -19.65 -2.39 -3.99
CA GLY D 553 -18.27 -2.83 -3.80
C GLY D 553 -17.41 -2.74 -5.04
N GLU D 554 -18.00 -2.44 -6.19
CA GLU D 554 -17.26 -2.29 -7.44
C GLU D 554 -16.46 -3.56 -7.75
N SER D 555 -17.09 -4.72 -7.55
CA SER D 555 -16.48 -6.03 -7.81
C SER D 555 -17.27 -6.70 -8.92
N GLU D 556 -16.89 -6.42 -10.17
CA GLU D 556 -17.50 -7.04 -11.32
C GLU D 556 -16.87 -8.36 -11.71
N ALA D 557 -15.70 -8.68 -11.16
CA ALA D 557 -15.04 -9.94 -11.50
C ALA D 557 -15.87 -11.14 -11.07
N ASN D 558 -16.58 -11.02 -9.94
CA ASN D 558 -17.37 -12.14 -9.44
C ASN D 558 -18.28 -12.72 -10.51
N VAL D 559 -18.87 -11.85 -11.34
CA VAL D 559 -19.75 -12.31 -12.41
C VAL D 559 -19.11 -13.48 -13.16
N ARG D 560 -17.86 -13.32 -13.57
CA ARG D 560 -17.20 -14.37 -14.35
C ARG D 560 -17.33 -15.71 -13.65
N GLU D 561 -16.98 -15.76 -12.36
CA GLU D 561 -17.03 -17.03 -11.63
C GLU D 561 -18.39 -17.69 -11.81
N ILE D 562 -19.47 -16.92 -11.65
CA ILE D 562 -20.81 -17.48 -11.80
C ILE D 562 -20.90 -18.28 -13.08
N PHE D 563 -20.58 -17.64 -14.21
CA PHE D 563 -20.71 -18.32 -15.48
C PHE D 563 -19.85 -19.58 -15.52
N ASP D 564 -18.61 -19.48 -15.01
CA ASP D 564 -17.76 -20.66 -14.95
C ASP D 564 -18.50 -21.80 -14.27
N LYS D 565 -19.09 -21.54 -13.11
CA LYS D 565 -19.84 -22.58 -12.42
C LYS D 565 -20.89 -23.18 -13.34
N ALA D 566 -21.69 -22.34 -14.00
CA ALA D 566 -22.71 -22.84 -14.90
C ALA D 566 -22.08 -23.72 -15.97
N ARG D 567 -20.94 -23.31 -16.51
CA ARG D 567 -20.31 -24.08 -17.58
C ARG D 567 -19.96 -25.49 -17.09
N GLN D 568 -19.58 -25.62 -15.83
CA GLN D 568 -19.24 -26.93 -15.28
C GLN D 568 -20.43 -27.61 -14.61
N ALA D 569 -21.61 -26.98 -14.62
CA ALA D 569 -22.84 -27.58 -14.12
C ALA D 569 -23.84 -27.83 -15.23
N ALA D 570 -23.40 -27.78 -16.49
CA ALA D 570 -24.33 -27.91 -17.60
C ALA D 570 -24.85 -29.35 -17.69
N PRO D 571 -26.07 -29.54 -18.21
CA PRO D 571 -27.03 -28.51 -18.64
C PRO D 571 -27.69 -27.84 -17.44
N CYS D 572 -27.91 -26.53 -17.49
CA CYS D 572 -28.46 -25.80 -16.35
C CYS D 572 -29.24 -24.59 -16.85
N VAL D 573 -29.82 -23.85 -15.92
CA VAL D 573 -30.60 -22.66 -16.21
C VAL D 573 -30.15 -21.55 -15.27
N LEU D 574 -30.04 -20.34 -15.82
CA LEU D 574 -29.59 -19.17 -15.07
C LEU D 574 -30.74 -18.18 -14.95
N PHE D 575 -30.95 -17.66 -13.74
CA PHE D 575 -32.05 -16.75 -13.45
C PHE D 575 -31.53 -15.45 -12.88
N PHE D 576 -32.11 -14.34 -13.34
CA PHE D 576 -31.79 -13.02 -12.82
C PHE D 576 -33.09 -12.26 -12.59
N ASP D 577 -33.31 -11.82 -11.35
CA ASP D 577 -34.49 -11.04 -11.00
C ASP D 577 -34.05 -9.69 -10.44
N GLU D 578 -35.01 -8.77 -10.36
CA GLU D 578 -34.73 -7.39 -9.98
C GLU D 578 -33.64 -6.78 -10.86
N LEU D 579 -33.67 -7.13 -12.15
CA LEU D 579 -32.66 -6.66 -13.09
C LEU D 579 -32.69 -5.15 -13.27
N ASP D 580 -33.80 -4.50 -12.91
CA ASP D 580 -33.93 -3.06 -13.00
C ASP D 580 -33.60 -2.37 -11.67
N SER D 581 -33.08 -3.10 -10.69
CA SER D 581 -32.81 -2.52 -9.38
C SER D 581 -31.72 -1.45 -9.47
N ILE D 582 -30.67 -1.70 -10.24
CA ILE D 582 -29.55 -0.76 -10.28
C ILE D 582 -30.00 0.59 -10.82
N ALA D 583 -30.70 0.59 -11.96
CA ALA D 583 -31.17 1.83 -12.53
C ALA D 583 -32.16 2.53 -11.60
N LYS D 584 -32.93 1.77 -10.83
CA LYS D 584 -33.80 2.36 -9.82
C LYS D 584 -32.96 3.05 -8.73
N ALA D 585 -31.82 2.45 -8.38
CA ALA D 585 -30.98 3.04 -7.34
C ALA D 585 -30.50 4.43 -7.74
N ARG D 586 -29.85 4.54 -8.88
CA ARG D 586 -29.38 5.84 -9.39
C ARG D 586 -30.56 6.53 -10.05
N GLY D 587 -31.14 7.50 -9.36
CA GLY D 587 -32.30 8.20 -9.87
C GLY D 587 -33.49 7.29 -10.06
N GLY D 588 -34.65 7.87 -10.40
CA GLY D 588 -35.86 7.11 -10.59
C GLY D 588 -35.88 6.40 -11.94
N ASN D 589 -37.08 6.32 -12.53
CA ASN D 589 -37.20 5.72 -13.85
C ASN D 589 -36.25 6.37 -14.84
N ILE D 590 -36.30 7.70 -14.93
CA ILE D 590 -35.41 8.43 -15.83
C ILE D 590 -33.97 8.31 -15.35
N GLY D 591 -33.76 8.29 -14.04
CA GLY D 591 -32.43 8.24 -13.48
C GLY D 591 -31.81 9.61 -13.33
N ASP D 592 -30.52 9.60 -13.00
CA ASP D 592 -29.75 10.84 -12.90
C ASP D 592 -29.34 11.28 -14.31
N GLY D 593 -28.41 12.22 -14.40
CA GLY D 593 -27.97 12.69 -15.69
C GLY D 593 -27.43 11.57 -16.57
N GLY D 594 -26.70 10.64 -15.96
CA GLY D 594 -26.13 9.52 -16.69
C GLY D 594 -27.16 8.75 -17.49
N GLY D 595 -26.69 7.96 -18.46
CA GLY D 595 -27.58 7.21 -19.32
C GLY D 595 -28.13 5.96 -18.65
N ALA D 596 -28.31 4.90 -19.44
CA ALA D 596 -28.89 3.66 -18.95
C ALA D 596 -27.85 2.56 -18.76
N ALA D 597 -26.57 2.88 -18.81
CA ALA D 597 -25.50 1.90 -18.68
C ALA D 597 -24.91 1.92 -17.28
N ASP D 598 -24.25 0.81 -16.92
CA ASP D 598 -23.64 0.67 -15.61
C ASP D 598 -22.49 -0.33 -15.73
N ARG D 599 -21.82 -0.56 -14.60
CA ARG D 599 -20.59 -1.37 -14.62
C ARG D 599 -20.85 -2.87 -14.64
N VAL D 600 -22.06 -3.31 -14.31
CA VAL D 600 -22.36 -4.74 -14.16
C VAL D 600 -23.01 -5.29 -15.43
N ILE D 601 -23.98 -4.57 -15.99
CA ILE D 601 -24.65 -5.05 -17.20
C ILE D 601 -23.65 -5.15 -18.35
N ASN D 602 -22.67 -4.25 -18.40
CA ASN D 602 -21.64 -4.35 -19.42
C ASN D 602 -20.87 -5.66 -19.29
N GLN D 603 -20.51 -6.03 -18.06
CA GLN D 603 -19.81 -7.30 -17.86
C GLN D 603 -20.71 -8.47 -18.22
N ILE D 604 -22.00 -8.39 -17.90
CA ILE D 604 -22.92 -9.46 -18.27
C ILE D 604 -22.98 -9.62 -19.78
N LEU D 605 -23.04 -8.51 -20.51
CA LEU D 605 -23.07 -8.58 -21.97
C LEU D 605 -21.78 -9.19 -22.51
N THR D 606 -20.63 -8.77 -21.96
CA THR D 606 -19.37 -9.34 -22.42
C THR D 606 -19.32 -10.84 -22.18
N GLU D 607 -19.78 -11.29 -21.02
CA GLU D 607 -19.80 -12.72 -20.73
C GLU D 607 -20.75 -13.47 -21.65
N MET D 608 -21.91 -12.88 -21.94
CA MET D 608 -22.89 -13.55 -22.79
C MET D 608 -22.38 -13.70 -24.21
N ASP D 609 -21.84 -12.62 -24.78
CA ASP D 609 -21.38 -12.69 -26.16
C ASP D 609 -20.24 -13.68 -26.33
N GLY D 610 -19.37 -13.81 -25.33
CA GLY D 610 -18.28 -14.75 -25.40
C GLY D 610 -18.63 -16.10 -24.81
N MET D 611 -19.71 -16.70 -25.29
CA MET D 611 -20.17 -17.99 -24.79
C MET D 611 -20.62 -18.85 -25.96
N SER D 612 -20.26 -20.14 -25.90
CA SER D 612 -20.65 -21.09 -26.94
C SER D 612 -22.10 -21.49 -26.77
N THR D 613 -22.81 -21.67 -27.90
CA THR D 613 -24.23 -22.01 -27.84
C THR D 613 -24.45 -23.45 -27.39
N LYS D 614 -23.47 -24.32 -27.58
CA LYS D 614 -23.64 -25.74 -27.33
C LYS D 614 -23.36 -26.15 -25.88
N LYS D 615 -22.90 -25.23 -25.03
CA LYS D 615 -22.81 -25.55 -23.60
C LYS D 615 -24.19 -25.77 -23.00
N ASN D 616 -25.24 -25.25 -23.64
CA ASN D 616 -26.62 -25.51 -23.24
C ASN D 616 -26.93 -24.88 -21.87
N VAL D 617 -26.54 -23.62 -21.72
CA VAL D 617 -26.81 -22.85 -20.51
C VAL D 617 -27.82 -21.78 -20.87
N PHE D 618 -29.10 -22.04 -20.61
CA PHE D 618 -30.15 -21.08 -20.89
C PHE D 618 -30.12 -19.94 -19.87
N ILE D 619 -30.62 -18.79 -20.28
CA ILE D 619 -30.62 -17.59 -19.46
C ILE D 619 -32.03 -17.01 -19.41
N ILE D 620 -32.52 -16.75 -18.20
CA ILE D 620 -33.83 -16.18 -17.97
C ILE D 620 -33.67 -14.94 -17.11
N GLY D 621 -34.28 -13.84 -17.53
CA GLY D 621 -34.26 -12.62 -16.74
C GLY D 621 -35.67 -12.19 -16.39
N ALA D 622 -35.84 -11.44 -15.31
CA ALA D 622 -37.16 -10.97 -14.89
C ALA D 622 -37.05 -9.50 -14.51
N THR D 623 -38.04 -8.71 -14.95
CA THR D 623 -38.05 -7.28 -14.66
C THR D 623 -39.48 -6.83 -14.41
N ASN D 624 -39.68 -6.06 -13.34
CA ASN D 624 -41.00 -5.52 -13.05
C ASN D 624 -41.31 -4.30 -13.91
N ARG D 625 -40.29 -3.51 -14.26
CA ARG D 625 -40.48 -2.30 -15.06
C ARG D 625 -39.61 -2.39 -16.32
N PRO D 626 -40.16 -2.87 -17.44
CA PRO D 626 -39.31 -3.10 -18.61
C PRO D 626 -38.67 -1.83 -19.17
N ASP D 627 -39.33 -0.68 -19.04
CA ASP D 627 -38.88 0.50 -19.77
C ASP D 627 -37.49 0.95 -19.32
N ILE D 628 -37.16 0.78 -18.05
CA ILE D 628 -35.88 1.26 -17.55
C ILE D 628 -34.72 0.52 -18.18
N ILE D 629 -34.89 -0.78 -18.44
CA ILE D 629 -33.79 -1.64 -18.90
C ILE D 629 -33.06 -1.02 -20.08
N ASP D 630 -31.75 -1.18 -20.12
CA ASP D 630 -30.95 -0.68 -21.23
C ASP D 630 -31.30 -1.45 -22.50
N PRO D 631 -31.52 -0.77 -23.64
CA PRO D 631 -31.92 -1.51 -24.85
C PRO D 631 -30.88 -2.48 -25.35
N ALA D 632 -29.60 -2.28 -25.02
CA ALA D 632 -28.55 -3.11 -25.59
C ALA D 632 -28.69 -4.58 -25.22
N ILE D 633 -29.37 -4.88 -24.12
CA ILE D 633 -29.54 -6.29 -23.72
C ILE D 633 -30.68 -6.96 -24.48
N LEU D 634 -31.51 -6.19 -25.17
CA LEU D 634 -32.61 -6.74 -25.96
C LEU D 634 -32.26 -6.92 -27.43
N ARG D 635 -31.01 -6.65 -27.81
CA ARG D 635 -30.60 -6.81 -29.18
C ARG D 635 -30.58 -8.29 -29.56
N PRO D 636 -30.60 -8.60 -30.87
CA PRO D 636 -30.51 -10.00 -31.27
C PRO D 636 -29.26 -10.66 -30.72
N GLY D 637 -29.42 -11.89 -30.24
CA GLY D 637 -28.36 -12.59 -29.54
C GLY D 637 -28.32 -12.32 -28.05
N ARG D 638 -29.14 -11.38 -27.55
CA ARG D 638 -29.24 -11.09 -26.13
C ARG D 638 -30.72 -10.91 -25.78
N LEU D 639 -31.28 -11.88 -25.05
CA LEU D 639 -32.64 -11.78 -24.56
C LEU D 639 -33.58 -11.21 -25.63
N ASP D 640 -33.60 -11.82 -26.82
CA ASP D 640 -34.39 -11.29 -27.92
C ASP D 640 -35.86 -11.68 -27.85
N GLN D 641 -36.21 -12.64 -26.99
CA GLN D 641 -37.60 -13.08 -26.85
C GLN D 641 -38.14 -12.58 -25.51
N LEU D 642 -39.32 -11.96 -25.55
CA LEU D 642 -39.95 -11.40 -24.37
C LEU D 642 -41.34 -11.99 -24.22
N ILE D 643 -41.71 -12.28 -22.97
CA ILE D 643 -43.01 -12.88 -22.64
C ILE D 643 -43.64 -12.05 -21.53
N TYR D 644 -44.95 -11.88 -21.61
CA TYR D 644 -45.71 -11.09 -20.65
C TYR D 644 -46.48 -12.00 -19.71
N ILE D 645 -46.37 -11.75 -18.42
CA ILE D 645 -47.08 -12.50 -17.38
C ILE D 645 -48.22 -11.64 -16.87
N PRO D 646 -49.47 -11.96 -17.17
CA PRO D 646 -50.58 -11.11 -16.73
C PRO D 646 -51.11 -11.50 -15.36
N LEU D 647 -52.03 -10.68 -14.86
CA LEU D 647 -52.65 -10.95 -13.57
C LEU D 647 -53.56 -12.16 -13.68
N PRO D 648 -53.64 -13.01 -12.65
CA PRO D 648 -54.52 -14.18 -12.74
C PRO D 648 -55.97 -13.77 -12.91
N ASP D 649 -56.69 -14.55 -13.73
CA ASP D 649 -58.12 -14.40 -13.90
C ASP D 649 -58.85 -15.43 -13.04
N GLU D 650 -60.19 -15.42 -13.12
CA GLU D 650 -61.00 -16.26 -12.24
C GLU D 650 -60.59 -17.73 -12.34
N LYS D 651 -60.54 -18.25 -13.58
CA LYS D 651 -60.19 -19.66 -13.76
C LYS D 651 -58.81 -19.97 -13.21
N SER D 652 -57.85 -19.07 -13.41
CA SER D 652 -56.52 -19.29 -12.86
C SER D 652 -56.49 -19.05 -11.36
N ARG D 653 -57.25 -18.07 -10.86
CA ARG D 653 -57.27 -17.80 -9.43
C ARG D 653 -57.78 -19.00 -8.65
N VAL D 654 -58.77 -19.71 -9.20
CA VAL D 654 -59.25 -20.93 -8.55
C VAL D 654 -58.12 -21.93 -8.43
N ALA D 655 -57.33 -22.09 -9.50
CA ALA D 655 -56.19 -23.00 -9.44
C ALA D 655 -55.17 -22.55 -8.42
N ILE D 656 -54.92 -21.24 -8.31
CA ILE D 656 -53.99 -20.74 -7.31
C ILE D 656 -54.46 -21.12 -5.92
N LEU D 657 -55.75 -20.87 -5.64
CA LEU D 657 -56.28 -21.18 -4.32
C LEU D 657 -56.17 -22.66 -4.01
N LYS D 658 -56.55 -23.51 -4.97
CA LYS D 658 -56.49 -24.95 -4.75
C LYS D 658 -55.05 -25.41 -4.54
N ALA D 659 -54.12 -24.88 -5.34
CA ALA D 659 -52.73 -25.28 -5.21
C ALA D 659 -52.17 -24.90 -3.85
N ASN D 660 -52.50 -23.70 -3.37
CA ASN D 660 -52.00 -23.28 -2.06
C ASN D 660 -52.65 -24.06 -0.92
N LEU D 661 -53.93 -24.40 -1.07
CA LEU D 661 -54.68 -25.05 0.00
C LEU D 661 -54.61 -26.58 -0.08
N ARG D 662 -53.82 -27.13 -1.00
CA ARG D 662 -53.63 -28.57 -1.06
C ARG D 662 -52.63 -29.07 -0.02
N LYS D 663 -52.14 -28.20 0.86
CA LYS D 663 -51.17 -28.56 1.88
C LYS D 663 -51.72 -28.48 3.29
N SER D 664 -52.93 -27.95 3.47
CA SER D 664 -53.52 -27.76 4.79
C SER D 664 -54.89 -28.40 4.85
N PRO D 665 -55.34 -28.80 6.04
CA PRO D 665 -56.68 -29.39 6.17
C PRO D 665 -57.75 -28.31 6.18
N VAL D 666 -58.81 -28.54 5.41
CA VAL D 666 -59.88 -27.56 5.24
C VAL D 666 -61.23 -28.28 5.27
N ALA D 667 -62.27 -27.52 5.61
CA ALA D 667 -63.63 -28.04 5.62
C ALA D 667 -64.23 -27.96 4.22
N LYS D 668 -65.54 -28.19 4.10
CA LYS D 668 -66.21 -28.19 2.81
C LYS D 668 -67.24 -27.07 2.66
N ASP D 669 -67.62 -26.39 3.74
CA ASP D 669 -68.56 -25.28 3.61
C ASP D 669 -67.98 -24.15 2.75
N VAL D 670 -66.66 -24.12 2.58
CA VAL D 670 -66.04 -23.08 1.77
C VAL D 670 -66.57 -23.15 0.34
N ASP D 671 -66.67 -21.99 -0.30
CA ASP D 671 -67.03 -21.86 -1.71
C ASP D 671 -65.86 -21.17 -2.40
N LEU D 672 -64.89 -21.97 -2.86
CA LEU D 672 -63.69 -21.41 -3.45
C LEU D 672 -64.00 -20.56 -4.67
N GLU D 673 -64.92 -21.02 -5.51
CA GLU D 673 -65.31 -20.24 -6.67
C GLU D 673 -65.87 -18.88 -6.27
N PHE D 674 -66.58 -18.82 -5.13
CA PHE D 674 -67.11 -17.55 -4.67
C PHE D 674 -65.98 -16.58 -4.36
N LEU D 675 -64.94 -17.04 -3.67
CA LEU D 675 -63.79 -16.20 -3.41
C LEU D 675 -63.11 -15.78 -4.71
N ALA D 676 -62.99 -16.72 -5.65
CA ALA D 676 -62.32 -16.42 -6.91
C ALA D 676 -63.05 -15.32 -7.68
N LYS D 677 -64.38 -15.41 -7.76
CA LYS D 677 -65.12 -14.41 -8.51
C LYS D 677 -65.28 -13.13 -7.71
N MET D 678 -65.11 -13.18 -6.39
CA MET D 678 -65.14 -11.97 -5.59
C MET D 678 -63.93 -11.10 -5.84
N THR D 679 -62.78 -11.70 -6.15
CA THR D 679 -61.53 -10.98 -6.32
C THR D 679 -61.35 -10.55 -7.77
N ASN D 680 -60.82 -9.33 -7.95
CA ASN D 680 -60.52 -8.81 -9.27
C ASN D 680 -59.26 -7.95 -9.17
N GLY D 681 -58.36 -8.14 -10.13
CA GLY D 681 -57.10 -7.41 -10.11
C GLY D 681 -56.23 -7.75 -8.92
N PHE D 682 -56.16 -9.03 -8.57
CA PHE D 682 -55.36 -9.51 -7.44
C PHE D 682 -54.11 -10.20 -7.97
N SER D 683 -53.19 -10.45 -7.05
CA SER D 683 -51.94 -11.16 -7.34
C SER D 683 -51.95 -12.51 -6.63
N GLY D 684 -51.03 -13.38 -7.04
CA GLY D 684 -50.93 -14.69 -6.41
C GLY D 684 -50.62 -14.58 -4.93
N ALA D 685 -49.71 -13.68 -4.55
CA ALA D 685 -49.40 -13.49 -3.14
C ALA D 685 -50.61 -13.00 -2.37
N ASP D 686 -51.49 -12.23 -3.02
CA ASP D 686 -52.64 -11.67 -2.33
C ASP D 686 -53.60 -12.74 -1.83
N LEU D 687 -53.52 -13.96 -2.36
CA LEU D 687 -54.32 -15.08 -1.87
C LEU D 687 -53.56 -15.96 -0.89
N THR D 688 -52.25 -16.10 -1.09
CA THR D 688 -51.44 -16.82 -0.12
C THR D 688 -51.51 -16.14 1.24
N GLU D 689 -51.44 -14.81 1.25
CA GLU D 689 -51.52 -14.08 2.51
C GLU D 689 -52.88 -14.28 3.17
N ILE D 690 -53.94 -14.38 2.37
CA ILE D 690 -55.29 -14.61 2.94
C ILE D 690 -55.34 -15.97 3.59
N CYS D 691 -54.80 -16.99 2.91
CA CYS D 691 -54.74 -18.32 3.50
C CYS D 691 -53.96 -18.30 4.80
N GLN D 692 -52.83 -17.59 4.80
CA GLN D 692 -52.01 -17.49 6.00
C GLN D 692 -52.77 -16.83 7.14
N ARG D 693 -53.49 -15.75 6.84
CA ARG D 693 -54.23 -15.04 7.89
C ARG D 693 -55.33 -15.92 8.47
N ALA D 694 -56.04 -16.65 7.61
CA ALA D 694 -57.07 -17.58 8.11
C ALA D 694 -56.44 -18.64 9.00
N CYS D 695 -55.31 -19.20 8.58
CA CYS D 695 -54.64 -20.20 9.39
C CYS D 695 -54.20 -19.61 10.73
N LYS D 696 -53.72 -18.37 10.73
CA LYS D 696 -53.31 -17.72 11.97
C LYS D 696 -54.49 -17.55 12.91
N LEU D 697 -55.64 -17.13 12.38
CA LEU D 697 -56.83 -17.00 13.22
C LEU D 697 -57.22 -18.35 13.81
N ALA D 698 -57.18 -19.41 13.00
CA ALA D 698 -57.53 -20.73 13.50
C ALA D 698 -56.57 -21.18 14.60
N ILE D 699 -55.26 -20.95 14.40
CA ILE D 699 -54.28 -21.35 15.40
C ILE D 699 -54.48 -20.58 16.69
N ARG D 700 -54.73 -19.27 16.60
CA ARG D 700 -54.97 -18.47 17.79
C ARG D 700 -56.19 -18.97 18.54
N GLU D 701 -57.28 -19.25 17.82
CA GLU D 701 -58.48 -19.76 18.47
C GLU D 701 -58.20 -21.08 19.17
N SER D 702 -57.49 -21.99 18.50
CA SER D 702 -57.18 -23.28 19.10
C SER D 702 -56.33 -23.12 20.35
N ILE D 703 -55.32 -22.25 20.29
CA ILE D 703 -54.44 -22.05 21.44
C ILE D 703 -55.23 -21.50 22.61
N GLU D 704 -56.06 -20.48 22.36
CA GLU D 704 -56.85 -19.90 23.44
C GLU D 704 -57.78 -20.93 24.06
N SER D 705 -58.49 -21.68 23.22
CA SER D 705 -59.43 -22.67 23.75
C SER D 705 -58.71 -23.74 24.55
N GLU D 706 -57.58 -24.23 24.05
CA GLU D 706 -56.86 -25.29 24.75
C GLU D 706 -56.32 -24.79 26.08
N ILE D 707 -55.74 -23.59 26.10
CA ILE D 707 -55.20 -23.06 27.35
C ILE D 707 -56.31 -22.84 28.36
N ARG D 708 -57.44 -22.28 27.92
CA ARG D 708 -58.55 -22.06 28.84
C ARG D 708 -59.08 -23.38 29.38
N ARG D 709 -59.19 -24.39 28.53
CA ARG D 709 -59.65 -25.71 28.98
C ARG D 709 -58.70 -26.29 30.02
N GLU D 710 -57.41 -26.23 29.75
CA GLU D 710 -56.43 -26.77 30.69
C GLU D 710 -56.43 -26.00 32.01
N ARG D 711 -56.71 -24.69 31.95
CA ARG D 711 -56.63 -23.87 33.15
C ARG D 711 -57.90 -23.95 33.99
N GLU D 712 -59.06 -24.19 33.38
CA GLU D 712 -60.31 -24.13 34.13
C GLU D 712 -60.45 -25.32 35.08
N ARG D 713 -60.14 -26.53 34.60
CA ARG D 713 -60.40 -27.72 35.42
C ARG D 713 -59.28 -28.01 36.41
N GLN D 714 -58.13 -27.36 36.30
CA GLN D 714 -57.04 -27.62 37.25
C GLN D 714 -57.48 -27.24 38.66
N THR D 715 -58.26 -26.18 38.79
CA THR D 715 -58.83 -25.84 40.10
C THR D 715 -59.77 -26.95 40.58
N ASN D 716 -60.58 -27.50 39.67
CA ASN D 716 -61.48 -28.59 40.00
C ASN D 716 -60.67 -29.89 40.12
N PRO D 717 -60.48 -30.43 41.32
CA PRO D 717 -59.60 -31.59 41.47
C PRO D 717 -60.23 -32.88 40.95
N SER D 718 -60.53 -32.93 39.66
CA SER D 718 -61.04 -34.14 39.02
C SER D 718 -59.85 -34.92 38.47
N ALA D 719 -59.56 -36.08 39.08
CA ALA D 719 -58.40 -36.85 38.66
C ALA D 719 -58.47 -37.21 37.18
N MET D 720 -59.67 -37.48 36.66
CA MET D 720 -59.87 -37.77 35.25
C MET D 720 -61.00 -36.91 34.72
N GLU D 721 -60.69 -36.05 33.75
CA GLU D 721 -61.70 -35.28 33.03
C GLU D 721 -61.15 -35.04 31.63
N VAL D 722 -61.51 -35.90 30.70
CA VAL D 722 -60.97 -35.88 29.33
C VAL D 722 -62.14 -35.91 28.37
N GLU D 723 -62.62 -34.72 27.99
CA GLU D 723 -63.49 -34.57 26.83
C GLU D 723 -62.66 -34.18 25.61
N GLU D 724 -61.67 -35.03 25.32
CA GLU D 724 -60.66 -34.70 24.33
C GLU D 724 -61.28 -34.64 22.95
N ASP D 725 -61.30 -33.45 22.36
CA ASP D 725 -61.73 -33.27 20.98
C ASP D 725 -60.94 -32.11 20.39
N ASP D 726 -60.48 -32.28 19.15
CA ASP D 726 -59.79 -31.21 18.47
C ASP D 726 -60.73 -30.02 18.39
N PRO D 727 -60.44 -28.91 19.07
CA PRO D 727 -61.39 -27.79 19.07
C PRO D 727 -61.74 -27.29 17.68
N VAL D 728 -60.77 -27.17 16.80
CA VAL D 728 -61.00 -26.72 15.43
C VAL D 728 -59.96 -27.35 14.51
N PRO D 729 -60.09 -28.64 14.20
CA PRO D 729 -59.11 -29.25 13.27
C PRO D 729 -59.10 -28.62 11.90
N GLU D 730 -60.24 -28.10 11.44
CA GLU D 730 -60.36 -27.52 10.12
C GLU D 730 -61.07 -26.18 10.22
N ILE D 731 -60.84 -25.34 9.21
CA ILE D 731 -61.38 -23.99 9.20
C ILE D 731 -62.65 -23.96 8.36
N ARG D 732 -63.50 -22.98 8.64
CA ARG D 732 -64.78 -22.80 7.98
C ARG D 732 -64.83 -21.44 7.29
N ARG D 733 -66.00 -21.11 6.73
CA ARG D 733 -66.15 -19.85 6.00
C ARG D 733 -66.00 -18.64 6.91
N ASP D 734 -66.18 -18.80 8.23
CA ASP D 734 -66.11 -17.65 9.13
C ASP D 734 -64.71 -17.03 9.10
N HIS D 735 -63.67 -17.84 9.30
CA HIS D 735 -62.32 -17.29 9.31
C HIS D 735 -61.99 -16.62 7.99
N PHE D 736 -62.35 -17.27 6.87
CA PHE D 736 -62.02 -16.71 5.57
C PHE D 736 -62.72 -15.38 5.35
N GLU D 737 -64.03 -15.33 5.57
CA GLU D 737 -64.76 -14.08 5.40
C GLU D 737 -64.31 -13.01 6.38
N GLU D 738 -63.78 -13.40 7.55
CA GLU D 738 -63.16 -12.43 8.44
C GLU D 738 -61.87 -11.89 7.83
N ALA D 739 -61.08 -12.77 7.22
CA ALA D 739 -59.82 -12.35 6.61
C ALA D 739 -60.05 -11.49 5.37
N MET D 740 -61.18 -11.69 4.68
CA MET D 740 -61.46 -10.89 3.50
C MET D 740 -61.58 -9.41 3.82
N ARG D 741 -61.82 -9.07 5.08
CA ARG D 741 -61.92 -7.66 5.46
C ARG D 741 -60.59 -6.94 5.21
N PHE D 742 -59.48 -7.56 5.61
CA PHE D 742 -58.17 -6.97 5.38
C PHE D 742 -57.63 -7.27 3.99
N ALA D 743 -58.18 -8.27 3.30
CA ALA D 743 -57.69 -8.65 1.99
C ALA D 743 -58.18 -7.65 0.95
N ARG D 744 -57.24 -6.96 0.31
CA ARG D 744 -57.57 -5.94 -0.69
C ARG D 744 -56.53 -5.99 -1.79
N ARG D 745 -56.75 -5.17 -2.82
CA ARG D 745 -55.88 -5.18 -3.99
C ARG D 745 -54.48 -4.65 -3.64
N SER D 746 -53.51 -5.05 -4.45
CA SER D 746 -52.11 -4.66 -4.27
C SER D 746 -51.58 -3.83 -5.43
N VAL D 747 -51.81 -4.27 -6.66
CA VAL D 747 -51.26 -3.61 -7.83
C VAL D 747 -52.28 -2.59 -8.36
N SER D 748 -51.83 -1.36 -8.55
CA SER D 748 -52.71 -0.31 -9.04
C SER D 748 -53.12 -0.57 -10.49
N ASP D 749 -54.34 -0.14 -10.82
CA ASP D 749 -54.83 -0.31 -12.19
C ASP D 749 -53.98 0.47 -13.18
N ASN D 750 -53.53 1.68 -12.79
CA ASN D 750 -52.71 2.48 -13.67
C ASN D 750 -51.44 1.72 -14.08
N ASP D 751 -50.88 0.95 -13.16
CA ASP D 751 -49.72 0.13 -13.50
C ASP D 751 -50.07 -0.90 -14.57
N ILE D 752 -51.26 -1.51 -14.47
CA ILE D 752 -51.68 -2.48 -15.47
C ILE D 752 -51.84 -1.79 -16.83
N ARG D 753 -52.41 -0.58 -16.82
CA ARG D 753 -52.53 0.18 -18.07
C ARG D 753 -51.16 0.47 -18.66
N LYS D 754 -50.20 0.84 -17.82
CA LYS D 754 -48.84 1.08 -18.31
C LYS D 754 -48.26 -0.19 -18.93
N TYR D 755 -48.45 -1.33 -18.27
CA TYR D 755 -47.93 -2.58 -18.81
C TYR D 755 -48.55 -2.89 -20.16
N GLU D 756 -49.86 -2.71 -20.29
CA GLU D 756 -50.52 -2.95 -21.57
C GLU D 756 -50.02 -1.99 -22.64
N MET D 757 -49.82 -0.72 -22.27
CA MET D 757 -49.30 0.26 -23.22
C MET D 757 -47.93 -0.16 -23.73
N PHE D 758 -47.05 -0.60 -22.82
CA PHE D 758 -45.74 -1.06 -23.24
C PHE D 758 -45.84 -2.34 -24.07
N ALA D 759 -46.82 -3.18 -23.79
CA ALA D 759 -47.01 -4.42 -24.53
C ALA D 759 -47.68 -4.21 -25.89
N GLN D 760 -48.22 -3.01 -26.14
CA GLN D 760 -48.80 -2.70 -27.44
C GLN D 760 -47.93 -1.79 -28.29
N THR D 761 -47.17 -0.88 -27.68
CA THR D 761 -46.32 0.02 -28.44
C THR D 761 -45.22 -0.70 -29.20
N LEU D 762 -44.88 -1.93 -28.78
CA LEU D 762 -43.84 -2.71 -29.45
C LEU D 762 -44.12 -2.82 -30.95
N ASN E 21 -33.42 -50.62 44.70
CA ASN E 21 -32.07 -51.19 44.59
C ASN E 21 -31.12 -50.54 45.59
N ARG E 22 -31.42 -50.70 46.86
CA ARG E 22 -30.58 -50.19 47.93
C ARG E 22 -30.41 -48.68 47.82
N PRO E 23 -31.44 -47.89 48.14
CA PRO E 23 -31.26 -46.43 48.17
C PRO E 23 -30.51 -45.97 49.40
N ASN E 24 -29.42 -46.67 49.71
CA ASN E 24 -28.57 -46.27 50.82
C ASN E 24 -27.59 -45.19 50.38
N ARG E 25 -26.83 -45.47 49.32
CA ARG E 25 -25.89 -44.50 48.80
C ARG E 25 -26.63 -43.35 48.14
N LEU E 26 -25.87 -42.42 47.58
CA LEU E 26 -26.49 -41.29 46.90
C LEU E 26 -25.42 -40.53 46.13
N ILE E 27 -25.88 -39.70 45.21
CA ILE E 27 -24.98 -38.93 44.36
C ILE E 27 -24.56 -37.65 45.07
N VAL E 28 -23.47 -37.09 44.60
CA VAL E 28 -22.95 -35.83 45.11
C VAL E 28 -23.51 -34.69 44.28
N ASP E 29 -23.50 -33.50 44.86
CA ASP E 29 -23.93 -32.30 44.14
C ASP E 29 -23.43 -31.09 44.92
N GLU E 30 -23.61 -29.93 44.31
CA GLU E 30 -23.17 -28.69 44.92
C GLU E 30 -23.89 -28.44 46.24
N ALA E 31 -23.36 -27.51 47.03
CA ALA E 31 -23.91 -27.14 48.32
C ALA E 31 -24.34 -25.69 48.30
N ILE E 32 -25.57 -25.42 48.73
CA ILE E 32 -26.04 -24.05 48.86
C ILE E 32 -25.65 -23.48 50.22
N ASN E 33 -26.01 -24.17 51.30
CA ASN E 33 -25.67 -23.70 52.63
C ASN E 33 -24.15 -23.69 52.77
N GLU E 34 -23.60 -22.51 53.04
CA GLU E 34 -22.15 -22.36 53.09
C GLU E 34 -21.57 -22.84 54.40
N ASP E 35 -22.37 -22.87 55.46
CA ASP E 35 -21.89 -23.35 56.74
C ASP E 35 -21.39 -24.78 56.62
N ASN E 36 -20.21 -25.03 57.16
CA ASN E 36 -19.65 -26.37 57.11
C ASN E 36 -20.43 -27.30 58.02
N SER E 37 -20.21 -28.60 57.83
CA SER E 37 -20.89 -29.61 58.63
C SER E 37 -22.39 -29.59 58.39
N VAL E 38 -22.82 -29.05 57.25
CA VAL E 38 -24.22 -28.90 56.92
C VAL E 38 -24.48 -29.50 55.55
N VAL E 39 -25.73 -29.92 55.34
CA VAL E 39 -26.15 -30.54 54.09
C VAL E 39 -27.54 -30.03 53.73
N SER E 40 -28.03 -30.50 52.59
CA SER E 40 -29.37 -30.15 52.12
C SER E 40 -29.81 -31.23 51.14
N LEU E 41 -30.92 -31.90 51.47
CA LEU E 41 -31.48 -32.95 50.64
C LEU E 41 -32.91 -32.60 50.28
N SER E 42 -33.54 -33.47 49.51
CA SER E 42 -34.92 -33.28 49.13
C SER E 42 -35.85 -33.56 50.30
N GLN E 43 -37.09 -33.10 50.17
CA GLN E 43 -38.08 -33.19 51.23
C GLN E 43 -38.56 -34.60 51.51
N PRO E 44 -38.78 -35.45 50.49
CA PRO E 44 -39.50 -36.70 50.74
C PRO E 44 -38.64 -37.70 51.47
N LYS E 45 -37.35 -37.72 51.15
CA LYS E 45 -36.45 -38.71 51.71
C LYS E 45 -36.16 -38.38 53.16
N MET E 46 -37.19 -38.44 53.99
CA MET E 46 -37.08 -38.36 55.43
C MET E 46 -37.32 -39.70 56.10
N ASP E 47 -38.42 -40.35 55.75
CA ASP E 47 -38.65 -41.72 56.19
C ASP E 47 -37.78 -42.70 55.42
N GLU E 48 -37.39 -42.34 54.20
CA GLU E 48 -36.43 -43.15 53.48
C GLU E 48 -35.15 -43.31 54.29
N LEU E 49 -34.84 -42.33 55.13
CA LEU E 49 -33.72 -42.39 56.06
C LEU E 49 -34.16 -42.40 57.51
N GLN E 50 -35.41 -42.06 57.80
CA GLN E 50 -35.95 -42.14 59.14
C GLN E 50 -35.17 -41.24 60.11
N LEU E 51 -35.24 -39.93 59.85
CA LEU E 51 -34.53 -38.97 60.66
C LEU E 51 -35.00 -37.56 60.30
N PHE E 52 -34.65 -36.62 61.16
CA PHE E 52 -35.02 -35.22 61.01
C PHE E 52 -33.79 -34.38 60.66
N ARG E 53 -34.04 -33.10 60.42
CA ARG E 53 -32.95 -32.17 60.11
C ARG E 53 -31.98 -32.08 61.27
N GLY E 54 -32.50 -31.90 62.49
CA GLY E 54 -31.62 -31.81 63.63
C GLY E 54 -30.78 -33.05 63.83
N ASP E 55 -31.25 -34.19 63.33
CA ASP E 55 -30.49 -35.42 63.47
C ASP E 55 -29.14 -35.29 62.79
N THR E 56 -28.11 -35.79 63.46
CA THR E 56 -26.76 -35.79 62.92
C THR E 56 -26.49 -37.12 62.24
N VAL E 57 -25.76 -37.07 61.14
CA VAL E 57 -25.61 -38.22 60.26
C VAL E 57 -24.17 -38.33 59.80
N LEU E 58 -23.64 -39.55 59.77
CA LEU E 58 -22.33 -39.84 59.23
C LEU E 58 -22.42 -40.20 57.77
N LEU E 59 -21.40 -39.81 57.01
CA LEU E 59 -21.36 -40.01 55.58
C LEU E 59 -20.01 -40.57 55.19
N LYS E 60 -20.02 -41.54 54.29
CA LYS E 60 -18.87 -42.38 54.00
C LYS E 60 -18.08 -41.86 52.81
N GLY E 61 -16.92 -42.46 52.61
CA GLY E 61 -16.11 -42.13 51.46
C GLY E 61 -14.79 -42.87 51.51
N LYS E 62 -14.09 -42.80 50.38
CA LYS E 62 -12.95 -43.66 50.10
C LYS E 62 -11.81 -43.43 51.08
N LYS E 63 -10.72 -44.17 50.88
CA LYS E 63 -9.62 -44.25 51.83
C LYS E 63 -10.13 -44.59 53.23
N ARG E 64 -11.34 -45.13 53.30
CA ARG E 64 -11.96 -45.48 54.56
C ARG E 64 -12.04 -44.25 55.48
N ARG E 65 -12.83 -43.29 55.04
CA ARG E 65 -13.08 -42.13 55.89
C ARG E 65 -14.54 -41.75 55.84
N GLU E 66 -15.06 -41.27 56.97
CA GLU E 66 -16.43 -40.84 57.08
C GLU E 66 -16.47 -39.62 57.98
N ALA E 67 -17.35 -38.69 57.63
CA ALA E 67 -17.49 -37.44 58.36
C ALA E 67 -18.91 -37.26 58.85
N VAL E 68 -19.05 -36.70 60.02
CA VAL E 68 -20.36 -36.40 60.59
C VAL E 68 -20.77 -35.01 60.15
N CYS E 69 -22.07 -34.84 59.94
CA CYS E 69 -22.62 -33.54 59.61
C CYS E 69 -24.04 -33.47 60.12
N ILE E 70 -24.53 -32.25 60.29
CA ILE E 70 -25.92 -32.03 60.65
C ILE E 70 -26.74 -32.19 59.40
N VAL E 71 -28.06 -32.27 59.56
CA VAL E 71 -28.95 -32.55 58.45
C VAL E 71 -29.86 -31.36 58.21
N LEU E 72 -30.33 -31.26 56.97
CA LEU E 72 -31.34 -30.30 56.58
C LEU E 72 -31.83 -30.72 55.20
N SER E 73 -33.03 -30.28 54.86
CA SER E 73 -33.63 -30.68 53.59
C SER E 73 -34.27 -29.49 52.90
N ASP E 74 -34.15 -29.48 51.58
CA ASP E 74 -34.80 -28.53 50.71
C ASP E 74 -35.75 -29.28 49.79
N ASP E 75 -36.29 -28.57 48.81
CA ASP E 75 -37.20 -29.15 47.85
C ASP E 75 -36.66 -29.16 46.42
N THR E 76 -36.00 -28.07 46.02
CA THR E 76 -35.50 -27.97 44.66
C THR E 76 -34.54 -29.11 44.33
N CYS E 77 -33.75 -29.52 45.32
CA CYS E 77 -32.80 -30.59 45.09
C CYS E 77 -33.54 -31.91 44.90
N SER E 78 -33.11 -32.70 43.93
CA SER E 78 -33.75 -33.97 43.67
C SER E 78 -33.57 -34.91 44.85
N ASP E 79 -34.35 -35.99 44.84
CA ASP E 79 -34.26 -36.96 45.92
C ASP E 79 -32.99 -37.78 45.87
N GLU E 80 -32.15 -37.59 44.84
CA GLU E 80 -31.00 -38.46 44.64
C GLU E 80 -29.68 -37.72 44.79
N LYS E 81 -29.66 -36.54 45.39
CA LYS E 81 -28.49 -35.69 45.38
C LYS E 81 -28.22 -35.11 46.75
N ILE E 82 -27.00 -35.26 47.20
CA ILE E 82 -26.51 -34.67 48.42
C ILE E 82 -25.91 -33.31 48.08
N ARG E 83 -25.96 -32.40 49.04
CA ARG E 83 -25.41 -31.06 48.87
C ARG E 83 -24.28 -30.85 49.86
N MET E 84 -23.09 -30.52 49.35
CA MET E 84 -21.91 -30.43 50.19
C MET E 84 -20.83 -29.68 49.42
N ASN E 85 -19.90 -29.09 50.18
CA ASN E 85 -18.98 -28.09 49.68
C ASN E 85 -17.55 -28.63 49.60
N ARG E 86 -16.61 -27.73 49.28
CA ARG E 86 -15.25 -28.16 48.96
C ARG E 86 -14.56 -28.81 50.15
N VAL E 87 -14.73 -28.25 51.34
CA VAL E 87 -13.95 -28.70 52.49
C VAL E 87 -14.40 -30.07 52.93
N VAL E 88 -15.71 -30.30 52.97
CA VAL E 88 -16.22 -31.60 53.37
C VAL E 88 -15.81 -32.65 52.36
N ARG E 89 -15.84 -32.31 51.08
CA ARG E 89 -15.36 -33.23 50.06
C ARG E 89 -13.88 -33.52 50.25
N ASN E 90 -13.12 -32.51 50.63
CA ASN E 90 -11.68 -32.70 50.83
C ASN E 90 -11.42 -33.65 52.00
N ASN E 91 -12.14 -33.44 53.10
CA ASN E 91 -12.03 -34.35 54.23
C ASN E 91 -12.84 -35.62 54.01
N LEU E 92 -13.34 -35.83 52.79
CA LEU E 92 -13.91 -37.12 52.39
C LEU E 92 -13.27 -37.71 51.15
N ARG E 93 -12.38 -36.98 50.49
CA ARG E 93 -11.68 -37.50 49.32
C ARG E 93 -12.66 -37.91 48.23
N VAL E 94 -13.35 -36.89 47.70
CA VAL E 94 -14.45 -37.11 46.77
C VAL E 94 -14.55 -35.92 45.82
N ARG E 95 -15.19 -36.16 44.69
CA ARG E 95 -15.51 -35.12 43.72
C ARG E 95 -16.99 -35.22 43.38
N LEU E 96 -17.44 -34.30 42.53
CA LEU E 96 -18.82 -34.33 42.10
C LEU E 96 -19.09 -35.53 41.19
N GLY E 97 -20.36 -35.92 41.13
CA GLY E 97 -20.76 -37.05 40.35
C GLY E 97 -20.47 -38.40 40.97
N ASP E 98 -19.62 -38.44 41.99
CA ASP E 98 -19.35 -39.68 42.70
C ASP E 98 -20.54 -40.03 43.58
N VAL E 99 -20.38 -41.09 44.38
CA VAL E 99 -21.44 -41.57 45.24
C VAL E 99 -20.83 -42.07 46.55
N ILE E 100 -21.60 -41.92 47.63
CA ILE E 100 -21.18 -42.31 48.96
C ILE E 100 -22.35 -42.93 49.69
N SER E 101 -22.09 -43.37 50.91
CA SER E 101 -23.10 -43.94 51.79
C SER E 101 -23.53 -42.92 52.82
N ILE E 102 -24.39 -43.37 53.74
CA ILE E 102 -24.99 -42.51 54.74
C ILE E 102 -25.50 -43.38 55.88
N GLN E 103 -25.53 -42.81 57.08
CA GLN E 103 -26.12 -43.50 58.21
C GLN E 103 -26.36 -42.51 59.36
N PRO E 104 -27.56 -42.47 59.93
CA PRO E 104 -27.82 -41.50 60.99
C PRO E 104 -26.94 -41.77 62.21
N CYS E 105 -26.76 -40.72 63.01
CA CYS E 105 -25.87 -40.75 64.17
C CYS E 105 -26.59 -40.22 65.39
N PRO E 106 -27.59 -40.96 65.89
CA PRO E 106 -28.17 -40.60 67.19
C PRO E 106 -27.26 -40.90 68.35
N ASP E 107 -26.22 -41.71 68.15
CA ASP E 107 -25.28 -42.08 69.18
C ASP E 107 -24.19 -41.05 69.40
N VAL E 108 -24.40 -39.80 68.95
CA VAL E 108 -23.39 -38.77 69.12
C VAL E 108 -23.10 -38.56 70.61
N LYS E 109 -21.95 -37.97 70.88
CA LYS E 109 -21.53 -37.65 72.24
C LYS E 109 -21.15 -36.18 72.32
N TYR E 110 -21.40 -35.59 73.48
CA TYR E 110 -20.92 -34.24 73.75
C TYR E 110 -19.43 -34.29 74.06
N GLY E 111 -18.62 -33.70 73.18
CA GLY E 111 -17.19 -33.80 73.26
C GLY E 111 -16.59 -32.70 74.10
N LYS E 112 -15.78 -33.11 75.07
CA LYS E 112 -14.96 -32.17 75.83
C LYS E 112 -13.72 -31.84 75.03
N ARG E 113 -12.70 -31.29 75.67
CA ARG E 113 -11.51 -30.80 74.99
C ARG E 113 -11.13 -31.70 73.83
N ILE E 114 -11.08 -31.12 72.64
CA ILE E 114 -10.73 -31.81 71.42
C ILE E 114 -9.61 -31.03 70.75
N HIS E 115 -8.38 -31.48 70.93
CA HIS E 115 -7.23 -30.70 70.51
C HIS E 115 -7.25 -30.47 69.00
N VAL E 116 -6.86 -29.27 68.60
CA VAL E 116 -6.83 -28.86 67.22
C VAL E 116 -5.47 -28.26 66.90
N LEU E 117 -5.28 -27.87 65.66
CA LEU E 117 -4.07 -27.14 65.29
C LEU E 117 -4.21 -26.46 63.94
N PRO E 118 -3.65 -25.25 63.77
CA PRO E 118 -3.69 -24.59 62.45
C PRO E 118 -2.54 -25.13 61.60
N ILE E 119 -2.89 -25.74 60.48
CA ILE E 119 -1.92 -26.52 59.70
C ILE E 119 -1.91 -25.94 58.28
N ASP E 120 -1.02 -24.99 58.02
CA ASP E 120 -0.87 -24.44 56.69
C ASP E 120 0.27 -23.44 56.69
N ASP E 121 0.65 -23.03 55.48
CA ASP E 121 1.47 -21.85 55.29
C ASP E 121 0.65 -20.57 55.40
N THR E 122 -0.67 -20.67 55.52
CA THR E 122 -1.48 -19.50 55.86
C THR E 122 -0.95 -18.85 57.12
N VAL E 123 -0.39 -19.65 58.03
CA VAL E 123 0.19 -19.12 59.25
C VAL E 123 1.18 -18.01 58.93
N GLU E 124 1.94 -18.18 57.85
CA GLU E 124 2.98 -17.22 57.50
C GLU E 124 2.45 -15.79 57.56
N GLY E 125 3.09 -14.98 58.38
CA GLY E 125 2.70 -13.59 58.51
C GLY E 125 1.44 -13.40 59.33
N ILE E 126 1.35 -14.09 60.47
CA ILE E 126 0.21 -13.98 61.36
C ILE E 126 0.70 -13.68 62.76
N THR E 127 -0.17 -13.08 63.56
CA THR E 127 0.12 -12.80 64.95
C THR E 127 -1.19 -12.47 65.65
N GLY E 128 -1.11 -12.32 66.96
CA GLY E 128 -2.29 -12.06 67.77
C GLY E 128 -2.93 -13.34 68.27
N ASN E 129 -3.90 -13.17 69.17
CA ASN E 129 -4.64 -14.29 69.73
C ASN E 129 -5.77 -14.67 68.76
N LEU E 130 -5.34 -15.14 67.59
CA LEU E 130 -6.26 -15.65 66.59
C LEU E 130 -7.23 -16.65 67.19
N PHE E 131 -6.77 -17.41 68.19
CA PHE E 131 -7.60 -18.47 68.77
C PHE E 131 -9.00 -17.96 69.05
N GLU E 132 -9.10 -16.97 69.93
CA GLU E 132 -10.38 -16.48 70.39
C GLU E 132 -11.19 -15.95 69.21
N VAL E 133 -10.68 -14.87 68.62
CA VAL E 133 -11.42 -14.13 67.61
C VAL E 133 -11.92 -15.06 66.52
N TYR E 134 -11.10 -16.02 66.11
CA TYR E 134 -11.45 -16.84 64.97
C TYR E 134 -12.38 -17.98 65.35
N LEU E 135 -12.14 -18.63 66.48
CA LEU E 135 -12.83 -19.87 66.80
C LEU E 135 -14.06 -19.66 67.66
N LYS E 136 -13.92 -18.93 68.76
CA LYS E 136 -15.03 -18.78 69.69
C LYS E 136 -16.31 -18.34 69.02
N PRO E 137 -16.29 -17.42 68.05
CA PRO E 137 -17.54 -17.08 67.36
C PRO E 137 -18.02 -18.19 66.44
N TYR E 138 -17.10 -19.03 65.95
CA TYR E 138 -17.50 -20.11 65.06
C TYR E 138 -18.21 -21.21 65.83
N PHE E 139 -17.50 -21.84 66.76
CA PHE E 139 -18.11 -22.86 67.60
C PHE E 139 -19.24 -22.30 68.45
N LEU E 140 -19.38 -20.98 68.50
CA LEU E 140 -20.48 -20.39 69.25
C LEU E 140 -21.81 -20.93 68.78
N GLU E 141 -22.65 -21.32 69.74
CA GLU E 141 -24.02 -21.74 69.46
C GLU E 141 -24.08 -22.69 68.28
N ALA E 142 -23.03 -23.50 68.10
CA ALA E 142 -22.89 -24.35 66.94
C ALA E 142 -23.25 -25.80 67.21
N TYR E 143 -22.75 -26.37 68.32
CA TYR E 143 -22.88 -27.80 68.54
C TYR E 143 -22.32 -28.58 67.34
N ARG E 144 -21.36 -27.98 66.66
CA ARG E 144 -20.77 -28.52 65.45
C ARG E 144 -20.33 -29.96 65.69
N PRO E 145 -20.97 -30.95 65.06
CA PRO E 145 -20.52 -32.33 65.20
C PRO E 145 -19.17 -32.51 64.51
N ILE E 146 -18.15 -32.79 65.32
CA ILE E 146 -16.78 -32.81 64.84
C ILE E 146 -16.20 -34.20 65.04
N ARG E 147 -15.51 -34.70 64.03
CA ARG E 147 -14.84 -35.98 64.06
C ARG E 147 -13.38 -35.77 63.70
N LYS E 148 -12.50 -36.56 64.31
CA LYS E 148 -11.07 -36.38 64.11
C LYS E 148 -10.73 -36.43 62.62
N GLY E 149 -9.60 -35.82 62.28
CA GLY E 149 -9.16 -35.74 60.91
C GLY E 149 -9.77 -34.62 60.11
N ASP E 150 -10.82 -33.97 60.62
CA ASP E 150 -11.44 -32.87 59.89
C ASP E 150 -10.45 -31.73 59.73
N ILE E 151 -10.63 -30.97 58.65
CA ILE E 151 -9.73 -29.89 58.28
C ILE E 151 -10.51 -28.60 58.18
N PHE E 152 -11.52 -28.44 59.03
CA PHE E 152 -12.42 -27.31 58.97
C PHE E 152 -11.69 -25.98 58.88
N LEU E 153 -12.39 -24.95 58.44
CA LEU E 153 -11.77 -23.70 58.01
C LEU E 153 -12.59 -22.51 58.51
N VAL E 154 -11.92 -21.36 58.59
CA VAL E 154 -12.56 -20.12 59.01
C VAL E 154 -11.82 -18.95 58.38
N ARG E 155 -12.55 -17.87 58.12
CA ARG E 155 -12.02 -16.69 57.45
C ARG E 155 -12.20 -15.45 58.31
N GLY E 156 -11.19 -14.59 58.30
CA GLY E 156 -11.23 -13.34 59.04
C GLY E 156 -10.07 -12.46 58.65
N GLY E 157 -10.25 -11.16 58.86
CA GLY E 157 -9.18 -10.20 58.66
C GLY E 157 -8.39 -10.36 57.38
N MET E 158 -9.05 -10.17 56.24
CA MET E 158 -8.41 -10.21 54.93
C MET E 158 -7.72 -11.53 54.66
N ARG E 159 -7.95 -12.53 55.49
CA ARG E 159 -7.25 -13.80 55.34
C ARG E 159 -8.22 -14.93 55.64
N ALA E 160 -7.80 -16.14 55.32
CA ALA E 160 -8.61 -17.33 55.54
C ALA E 160 -7.69 -18.47 55.94
N VAL E 161 -7.91 -19.01 57.13
CA VAL E 161 -7.01 -19.99 57.72
C VAL E 161 -7.84 -21.19 58.13
N GLU E 162 -7.17 -22.33 58.28
CA GLU E 162 -7.83 -23.59 58.54
C GLU E 162 -7.20 -24.25 59.75
N PHE E 163 -7.99 -25.10 60.40
CA PHE E 163 -7.51 -25.89 61.53
C PHE E 163 -7.96 -27.33 61.36
N LYS E 164 -7.14 -28.24 61.86
CA LYS E 164 -7.40 -29.66 61.82
C LYS E 164 -7.60 -30.18 63.24
N VAL E 165 -8.63 -31.00 63.43
CA VAL E 165 -8.84 -31.68 64.68
C VAL E 165 -7.83 -32.82 64.79
N VAL E 166 -6.88 -32.67 65.71
CA VAL E 166 -5.86 -33.71 65.87
C VAL E 166 -6.36 -34.80 66.80
N GLU E 167 -7.14 -34.42 67.81
CA GLU E 167 -7.62 -35.38 68.79
C GLU E 167 -9.02 -34.98 69.25
N THR E 168 -9.80 -35.99 69.62
CA THR E 168 -11.13 -35.80 70.18
C THR E 168 -11.18 -36.56 71.49
N ASP E 169 -11.39 -35.83 72.60
CA ASP E 169 -11.35 -36.45 73.93
C ASP E 169 -12.26 -37.67 73.94
N PRO E 170 -13.55 -37.54 73.61
CA PRO E 170 -14.27 -38.72 73.10
C PRO E 170 -14.14 -38.82 71.59
N SER E 171 -14.23 -40.04 71.10
CA SER E 171 -13.96 -40.34 69.71
C SER E 171 -15.06 -41.21 69.14
N PRO E 172 -15.20 -41.23 67.80
CA PRO E 172 -14.41 -40.44 66.88
C PRO E 172 -14.98 -39.05 66.69
N TYR E 173 -16.31 -38.97 66.78
CA TYR E 173 -17.05 -37.75 66.49
C TYR E 173 -17.84 -37.35 67.73
N CYS E 174 -18.01 -36.04 67.89
CA CYS E 174 -18.62 -35.51 69.10
C CYS E 174 -19.28 -34.18 68.82
N ILE E 175 -20.30 -33.87 69.62
CA ILE E 175 -20.80 -32.51 69.66
C ILE E 175 -19.77 -31.63 70.33
N VAL E 176 -19.81 -30.34 70.03
CA VAL E 176 -19.03 -29.33 70.73
C VAL E 176 -19.95 -28.65 71.71
N ALA E 177 -19.53 -28.57 72.95
CA ALA E 177 -20.33 -27.88 73.95
C ALA E 177 -19.90 -26.43 74.03
N PRO E 178 -20.82 -25.49 74.11
CA PRO E 178 -20.42 -24.09 74.31
C PRO E 178 -19.61 -23.92 75.58
N ASP E 179 -19.65 -24.94 76.43
CA ASP E 179 -18.87 -24.97 77.66
C ASP E 179 -17.58 -25.75 77.54
N THR E 180 -17.48 -26.67 76.57
CA THR E 180 -16.28 -27.48 76.45
C THR E 180 -15.05 -26.58 76.37
N VAL E 181 -13.98 -27.06 76.94
CA VAL E 181 -12.74 -26.29 77.04
C VAL E 181 -11.96 -26.42 75.75
N ILE E 182 -11.25 -25.35 75.41
CA ILE E 182 -10.29 -25.36 74.31
C ILE E 182 -9.00 -24.74 74.87
N HIS E 183 -8.14 -25.58 75.41
CA HIS E 183 -6.76 -25.18 75.68
C HIS E 183 -6.03 -25.29 74.35
N CYS E 184 -5.93 -24.17 73.65
CA CYS E 184 -5.48 -24.14 72.27
C CYS E 184 -4.00 -23.80 72.24
N GLU E 185 -3.19 -24.76 71.82
CA GLU E 185 -1.75 -24.57 71.69
C GLU E 185 -1.31 -25.29 70.42
N GLY E 186 -0.02 -25.52 70.29
CA GLY E 186 0.53 -26.22 69.15
C GLY E 186 1.02 -25.27 68.08
N GLU E 187 1.93 -25.79 67.26
CA GLU E 187 2.57 -25.01 66.21
C GLU E 187 2.23 -25.57 64.84
N PRO E 188 2.38 -24.78 63.78
CA PRO E 188 1.93 -25.22 62.46
C PRO E 188 2.66 -26.46 62.00
N ILE E 189 1.94 -27.30 61.26
CA ILE E 189 2.52 -28.49 60.68
C ILE E 189 2.16 -28.56 59.20
N LYS E 190 2.52 -29.65 58.55
CA LYS E 190 2.45 -29.76 57.10
C LYS E 190 1.21 -30.52 56.67
N ARG E 191 0.72 -30.16 55.48
CA ARG E 191 -0.39 -30.86 54.86
C ARG E 191 0.16 -32.04 54.05
N GLU E 192 -0.27 -33.25 54.40
CA GLU E 192 0.14 -34.41 53.63
C GLU E 192 -0.23 -34.22 52.16
N ASP E 193 0.50 -34.91 51.30
CA ASP E 193 0.26 -34.80 49.86
C ASP E 193 -1.14 -35.26 49.47
N GLU E 194 -1.80 -36.03 50.34
CA GLU E 194 -3.12 -36.56 49.99
C GLU E 194 -4.08 -35.44 49.64
N GLU E 195 -4.35 -34.57 50.60
CA GLU E 195 -5.31 -33.49 50.40
C GLU E 195 -4.68 -32.33 49.64
N GLU E 196 -5.52 -31.49 49.05
CA GLU E 196 -5.01 -30.37 48.25
C GLU E 196 -5.02 -29.05 49.00
N SER E 197 -4.47 -28.01 48.39
CA SER E 197 -4.41 -26.69 49.02
C SER E 197 -5.75 -25.97 49.12
N LEU E 198 -5.88 -25.12 50.14
CA LEU E 198 -7.09 -24.31 50.29
C LEU E 198 -7.24 -23.37 49.11
N ASN E 199 -6.11 -22.88 48.59
CA ASN E 199 -6.13 -21.93 47.48
C ASN E 199 -6.74 -22.49 46.20
N GLU E 200 -6.74 -23.80 46.04
CA GLU E 200 -7.25 -24.41 44.81
C GLU E 200 -8.69 -23.97 44.56
N VAL E 201 -9.00 -23.65 43.30
CA VAL E 201 -10.34 -23.11 42.97
C VAL E 201 -11.48 -24.09 42.80
N GLY E 202 -12.64 -23.60 42.36
CA GLY E 202 -13.81 -24.43 42.21
C GLY E 202 -14.94 -23.63 41.60
N TYR E 203 -16.04 -24.32 41.33
CA TYR E 203 -17.19 -23.66 40.71
C TYR E 203 -17.73 -22.55 41.60
N ASP E 204 -17.54 -22.66 42.91
CA ASP E 204 -18.03 -21.64 43.84
C ASP E 204 -17.22 -20.35 43.79
N ASP E 205 -16.09 -20.34 43.09
CA ASP E 205 -15.23 -19.16 43.03
C ASP E 205 -15.49 -18.29 41.81
N ILE E 206 -16.54 -18.58 41.03
CA ILE E 206 -16.87 -17.82 39.84
C ILE E 206 -18.35 -17.50 39.84
N GLY E 207 -18.69 -16.35 39.25
CA GLY E 207 -20.07 -15.94 39.17
C GLY E 207 -20.31 -15.16 37.89
N GLY E 208 -21.55 -15.22 37.41
CA GLY E 208 -21.92 -14.55 36.19
C GLY E 208 -21.70 -15.35 34.92
N CYS E 209 -21.10 -16.53 35.01
CA CYS E 209 -20.86 -17.41 33.87
C CYS E 209 -21.59 -18.73 34.06
N ARG E 210 -22.82 -18.66 34.58
CA ARG E 210 -23.55 -19.88 34.90
C ARG E 210 -23.92 -20.66 33.64
N LYS E 211 -24.33 -19.95 32.58
CA LYS E 211 -24.74 -20.64 31.36
C LYS E 211 -23.55 -21.32 30.68
N GLN E 212 -22.42 -20.62 30.56
CA GLN E 212 -21.27 -21.20 29.88
C GLN E 212 -20.70 -22.38 30.64
N LEU E 213 -20.58 -22.24 31.96
CA LEU E 213 -20.01 -23.32 32.77
C LEU E 213 -20.85 -24.57 32.66
N ALA E 214 -22.17 -24.42 32.61
CA ALA E 214 -23.03 -25.58 32.42
C ALA E 214 -22.73 -26.29 31.10
N GLN E 215 -22.58 -25.52 30.02
CA GLN E 215 -22.24 -26.13 28.74
C GLN E 215 -20.93 -26.89 28.82
N ILE E 216 -19.88 -26.27 29.37
CA ILE E 216 -18.59 -26.94 29.43
C ILE E 216 -18.67 -28.20 30.29
N LYS E 217 -19.32 -28.10 31.45
CA LYS E 217 -19.42 -29.25 32.34
C LYS E 217 -20.14 -30.41 31.66
N GLU E 218 -21.30 -30.13 31.05
CA GLU E 218 -22.02 -31.20 30.36
C GLU E 218 -21.23 -31.73 29.18
N MET E 219 -20.37 -30.91 28.56
CA MET E 219 -19.62 -31.36 27.40
C MET E 219 -18.46 -32.28 27.77
N VAL E 220 -17.76 -31.98 28.86
CA VAL E 220 -16.50 -32.65 29.16
C VAL E 220 -16.54 -33.41 30.49
N GLU E 221 -17.72 -33.87 30.91
CA GLU E 221 -17.80 -34.68 32.12
C GLU E 221 -17.73 -36.18 31.84
N LEU E 222 -18.14 -36.62 30.65
CA LEU E 222 -18.15 -38.04 30.33
C LEU E 222 -16.76 -38.55 29.96
N PRO E 223 -16.03 -37.86 29.08
CA PRO E 223 -14.73 -38.41 28.64
C PRO E 223 -13.72 -38.56 29.76
N LEU E 224 -13.89 -37.84 30.87
CA LEU E 224 -12.96 -37.90 31.99
C LEU E 224 -13.45 -38.77 33.14
N ARG E 225 -14.75 -38.71 33.46
CA ARG E 225 -15.33 -39.59 34.46
C ARG E 225 -15.78 -40.93 33.87
N HIS E 226 -15.81 -41.06 32.55
CA HIS E 226 -16.29 -42.28 31.91
C HIS E 226 -15.58 -42.50 30.58
N PRO E 227 -14.25 -42.64 30.57
CA PRO E 227 -13.56 -42.91 29.30
C PRO E 227 -13.80 -44.30 28.77
N ALA E 228 -13.85 -45.30 29.65
CA ALA E 228 -14.15 -46.66 29.22
C ALA E 228 -15.50 -46.74 28.51
N LEU E 229 -16.47 -45.93 28.95
CA LEU E 229 -17.75 -45.89 28.26
C LEU E 229 -17.57 -45.38 26.83
N PHE E 230 -16.74 -44.36 26.64
CA PHE E 230 -16.48 -43.87 25.29
C PHE E 230 -15.80 -44.95 24.45
N LYS E 231 -14.88 -45.70 25.04
CA LYS E 231 -14.29 -46.84 24.33
C LYS E 231 -15.32 -47.93 24.06
N ALA E 232 -16.41 -47.97 24.82
CA ALA E 232 -17.42 -49.00 24.67
C ALA E 232 -18.46 -48.68 23.62
N ILE E 233 -18.50 -47.46 23.09
CA ILE E 233 -19.44 -47.08 22.05
C ILE E 233 -18.69 -46.33 20.96
N GLY E 234 -19.25 -46.38 19.74
CA GLY E 234 -18.66 -45.67 18.62
C GLY E 234 -19.22 -44.27 18.47
N VAL E 235 -18.51 -43.29 19.01
CA VAL E 235 -18.91 -41.89 18.92
C VAL E 235 -17.64 -41.04 18.96
N LYS E 236 -17.71 -39.86 18.34
CA LYS E 236 -16.55 -38.98 18.26
C LYS E 236 -16.69 -37.87 19.29
N PRO E 237 -15.84 -37.81 20.31
CA PRO E 237 -15.89 -36.71 21.26
C PRO E 237 -15.17 -35.49 20.72
N PRO E 238 -15.33 -34.34 21.37
CA PRO E 238 -14.54 -33.17 20.97
C PRO E 238 -13.13 -33.23 21.55
N ARG E 239 -12.16 -32.84 20.74
CA ARG E 239 -10.76 -32.82 21.15
C ARG E 239 -10.15 -31.43 20.91
N GLY E 240 -10.96 -30.39 20.98
CA GLY E 240 -10.50 -29.03 20.83
C GLY E 240 -11.61 -28.04 21.06
N ILE E 241 -11.36 -27.03 21.89
CA ILE E 241 -12.38 -26.05 22.27
C ILE E 241 -11.75 -24.67 22.23
N LEU E 242 -12.54 -23.69 21.79
CA LEU E 242 -12.11 -22.30 21.71
C LEU E 242 -13.04 -21.44 22.57
N LEU E 243 -12.45 -20.53 23.34
CA LEU E 243 -13.20 -19.58 24.15
C LEU E 243 -12.77 -18.19 23.76
N TYR E 244 -13.73 -17.32 23.43
CA TYR E 244 -13.42 -15.94 23.09
C TYR E 244 -14.16 -14.98 24.00
N GLY E 245 -13.49 -13.88 24.33
CA GLY E 245 -14.05 -12.85 25.16
C GLY E 245 -12.99 -11.82 25.51
N PRO E 246 -13.40 -10.67 26.04
CA PRO E 246 -12.42 -9.63 26.40
C PRO E 246 -11.54 -10.08 27.54
N PRO E 247 -10.39 -9.45 27.73
CA PRO E 247 -9.48 -9.87 28.81
C PRO E 247 -10.07 -9.58 30.18
N GLY E 248 -9.55 -10.28 31.18
CA GLY E 248 -10.04 -10.13 32.53
C GLY E 248 -11.47 -10.63 32.71
N THR E 249 -11.77 -11.80 32.15
CA THR E 249 -13.10 -12.39 32.25
C THR E 249 -13.14 -13.73 32.96
N GLY E 250 -12.00 -14.40 33.11
CA GLY E 250 -11.95 -15.63 33.88
C GLY E 250 -11.93 -16.88 33.03
N LYS E 251 -11.12 -16.89 31.97
CA LYS E 251 -11.01 -18.06 31.11
C LYS E 251 -10.02 -19.09 31.66
N THR E 252 -8.78 -18.67 31.93
CA THR E 252 -7.85 -19.57 32.59
C THR E 252 -8.35 -20.00 33.96
N LEU E 253 -9.06 -19.10 34.66
CA LEU E 253 -9.66 -19.46 35.92
C LEU E 253 -10.68 -20.58 35.74
N ILE E 254 -11.52 -20.47 34.71
CA ILE E 254 -12.51 -21.52 34.44
C ILE E 254 -11.82 -22.83 34.11
N ALA E 255 -10.76 -22.77 33.29
CA ALA E 255 -10.06 -24.00 32.92
C ALA E 255 -9.47 -24.67 34.15
N ARG E 256 -8.81 -23.90 35.02
CA ARG E 256 -8.19 -24.50 36.20
C ARG E 256 -9.26 -25.03 37.17
N ALA E 257 -10.38 -24.31 37.30
CA ALA E 257 -11.45 -24.82 38.15
C ALA E 257 -12.00 -26.14 37.63
N VAL E 258 -12.20 -26.24 36.31
CA VAL E 258 -12.68 -27.49 35.73
C VAL E 258 -11.67 -28.61 35.97
N ALA E 259 -10.39 -28.31 35.79
CA ALA E 259 -9.37 -29.33 36.04
C ALA E 259 -9.37 -29.79 37.49
N ASN E 260 -9.52 -28.85 38.44
CA ASN E 260 -9.51 -29.21 39.85
C ASN E 260 -10.76 -29.97 40.24
N GLU E 261 -11.88 -29.73 39.57
CA GLU E 261 -13.14 -30.37 39.94
C GLU E 261 -13.28 -31.77 39.37
N THR E 262 -12.30 -32.26 38.60
CA THR E 262 -12.34 -33.61 38.04
C THR E 262 -11.11 -34.44 38.37
N GLY E 263 -10.00 -33.84 38.79
CA GLY E 263 -8.79 -34.57 39.06
C GLY E 263 -7.95 -34.84 37.84
N ALA E 264 -8.39 -34.42 36.65
CA ALA E 264 -7.59 -34.61 35.45
C ALA E 264 -6.33 -33.77 35.50
N PHE E 265 -5.25 -34.30 34.95
CA PHE E 265 -3.99 -33.57 34.92
C PHE E 265 -4.15 -32.27 34.13
N PHE E 266 -3.52 -31.21 34.63
CA PHE E 266 -3.59 -29.89 34.03
C PHE E 266 -2.21 -29.46 33.59
N PHE E 267 -2.12 -28.84 32.40
CA PHE E 267 -0.87 -28.32 31.88
C PHE E 267 -1.13 -26.96 31.25
N LEU E 268 -0.13 -26.10 31.29
CA LEU E 268 -0.27 -24.71 30.87
C LEU E 268 0.78 -24.37 29.82
N ILE E 269 0.39 -23.51 28.88
CA ILE E 269 1.30 -22.98 27.87
C ILE E 269 1.04 -21.49 27.74
N ASN E 270 2.11 -20.72 27.57
CA ASN E 270 2.03 -19.27 27.40
C ASN E 270 2.60 -18.91 26.05
N GLY E 271 1.86 -18.13 25.28
CA GLY E 271 2.28 -17.74 23.95
C GLY E 271 3.64 -17.08 23.92
N PRO E 272 3.81 -16.00 24.67
CA PRO E 272 5.11 -15.30 24.64
C PRO E 272 6.29 -16.20 25.00
N GLU E 273 6.12 -17.11 25.96
CA GLU E 273 7.22 -18.00 26.34
C GLU E 273 7.73 -18.78 25.14
N ILE E 274 6.87 -19.02 24.15
CA ILE E 274 7.30 -19.71 22.94
C ILE E 274 7.97 -18.74 21.98
N MET E 275 7.42 -17.53 21.85
CA MET E 275 7.98 -16.54 20.93
C MET E 275 9.25 -15.89 21.47
N SER E 276 9.57 -16.07 22.75
CA SER E 276 10.76 -15.49 23.35
C SER E 276 11.98 -16.39 23.19
N LYS E 277 11.95 -17.34 22.25
CA LYS E 277 13.04 -18.30 22.08
C LYS E 277 13.40 -18.42 20.61
N LEU E 278 14.23 -19.42 20.29
CA LEU E 278 14.59 -19.72 18.91
C LEU E 278 13.75 -20.88 18.40
N ALA E 279 13.88 -21.15 17.11
CA ALA E 279 13.02 -22.15 16.48
C ALA E 279 13.16 -23.51 17.16
N GLY E 280 14.40 -23.97 17.36
CA GLY E 280 14.61 -25.29 17.93
C GLY E 280 13.99 -25.41 19.30
N GLU E 281 14.26 -24.45 20.19
CA GLU E 281 13.73 -24.53 21.54
C GLU E 281 12.21 -24.43 21.55
N SER E 282 11.64 -23.55 20.73
CA SER E 282 10.19 -23.38 20.70
C SER E 282 9.50 -24.66 20.23
N GLU E 283 9.92 -25.20 19.10
CA GLU E 283 9.31 -26.38 18.52
C GLU E 283 9.77 -27.67 19.18
N SER E 284 10.68 -27.59 20.15
CA SER E 284 10.89 -28.70 21.05
C SER E 284 10.00 -28.60 22.29
N ASN E 285 9.83 -27.39 22.83
CA ASN E 285 8.97 -27.21 23.98
C ASN E 285 7.54 -27.59 23.66
N LEU E 286 7.05 -27.20 22.49
CA LEU E 286 5.68 -27.56 22.12
C LEU E 286 5.49 -29.07 22.07
N ARG E 287 6.42 -29.76 21.42
CA ARG E 287 6.32 -31.21 21.31
C ARG E 287 6.41 -31.88 22.67
N LYS E 288 7.33 -31.42 23.52
CA LYS E 288 7.46 -32.02 24.85
C LYS E 288 6.19 -31.77 25.67
N ALA E 289 5.58 -30.60 25.53
CA ALA E 289 4.32 -30.33 26.21
C ALA E 289 3.25 -31.32 25.78
N PHE E 290 3.10 -31.51 24.48
CA PHE E 290 2.09 -32.45 24.00
C PHE E 290 2.39 -33.87 24.46
N GLU E 291 3.67 -34.27 24.44
CA GLU E 291 4.03 -35.61 24.88
C GLU E 291 3.72 -35.82 26.34
N GLU E 292 4.04 -34.84 27.19
CA GLU E 292 3.75 -34.97 28.61
C GLU E 292 2.25 -35.05 28.85
N ALA E 293 1.48 -34.22 28.15
CA ALA E 293 0.02 -34.27 28.30
C ALA E 293 -0.51 -35.64 27.89
N GLU E 294 0.02 -36.21 26.81
CA GLU E 294 -0.40 -37.54 26.38
C GLU E 294 -0.05 -38.59 27.44
N LYS E 295 1.16 -38.50 27.99
CA LYS E 295 1.59 -39.50 28.96
C LYS E 295 0.79 -39.42 30.26
N ASN E 296 0.31 -38.24 30.62
CA ASN E 296 -0.45 -38.04 31.85
C ASN E 296 -1.95 -38.10 31.62
N ALA E 297 -2.39 -38.82 30.58
CA ALA E 297 -3.82 -38.90 30.31
C ALA E 297 -4.53 -39.63 31.45
N PRO E 298 -5.78 -39.24 31.77
CA PRO E 298 -6.57 -38.15 31.19
C PRO E 298 -6.01 -36.77 31.58
N ALA E 299 -5.79 -35.90 30.60
CA ALA E 299 -5.15 -34.62 30.85
C ALA E 299 -5.83 -33.54 30.03
N ILE E 300 -5.53 -32.29 30.37
CA ILE E 300 -6.08 -31.12 29.69
C ILE E 300 -4.94 -30.16 29.40
N ILE E 301 -4.97 -29.56 28.21
CA ILE E 301 -4.00 -28.55 27.80
C ILE E 301 -4.73 -27.24 27.62
N PHE E 302 -4.13 -26.15 28.11
CA PHE E 302 -4.71 -24.82 27.98
C PHE E 302 -3.70 -23.90 27.29
N ILE E 303 -4.20 -23.09 26.35
CA ILE E 303 -3.38 -22.14 25.62
C ILE E 303 -4.04 -20.78 25.70
N ASP E 304 -3.24 -19.75 25.98
CA ASP E 304 -3.72 -18.38 26.06
C ASP E 304 -2.91 -17.51 25.10
N GLU E 305 -3.48 -16.37 24.75
CA GLU E 305 -2.85 -15.47 23.78
C GLU E 305 -2.56 -16.21 22.47
N LEU E 306 -3.53 -17.00 22.03
CA LEU E 306 -3.36 -17.76 20.80
C LEU E 306 -3.12 -16.84 19.60
N ASP E 307 -3.66 -15.63 19.65
CA ASP E 307 -3.41 -14.68 18.56
C ASP E 307 -1.93 -14.32 18.46
N ALA E 308 -1.20 -14.37 19.59
CA ALA E 308 0.22 -14.09 19.56
C ALA E 308 1.02 -15.17 18.85
N ILE E 309 0.46 -16.37 18.73
CA ILE E 309 1.13 -17.48 18.07
C ILE E 309 0.68 -17.64 16.62
N ALA E 310 -0.64 -17.64 16.40
CA ALA E 310 -1.22 -18.00 15.11
C ALA E 310 -2.22 -16.93 14.67
N PRO E 311 -1.73 -15.79 14.21
CA PRO E 311 -2.59 -14.83 13.53
C PRO E 311 -2.74 -15.21 12.05
N LYS E 312 -3.57 -14.45 11.35
CA LYS E 312 -3.80 -14.74 9.93
C LYS E 312 -2.52 -14.48 9.14
N ARG E 313 -2.34 -15.25 8.06
CA ARG E 313 -1.08 -15.23 7.34
C ARG E 313 -0.76 -13.84 6.79
N GLU E 314 -1.77 -13.00 6.61
CA GLU E 314 -1.51 -11.66 6.07
C GLU E 314 -0.62 -10.85 7.02
N LYS E 315 -0.73 -11.07 8.32
CA LYS E 315 0.03 -10.32 9.30
C LYS E 315 1.39 -10.96 9.62
N THR E 316 1.65 -12.17 9.12
CA THR E 316 2.91 -12.86 9.38
C THR E 316 3.84 -12.68 8.20
N HIS E 317 5.12 -12.42 8.49
CA HIS E 317 6.13 -12.25 7.45
C HIS E 317 7.29 -13.20 7.71
N GLY E 318 7.63 -13.42 8.97
CA GLY E 318 8.71 -14.34 9.30
C GLY E 318 8.33 -15.77 8.93
N GLU E 319 9.30 -16.49 8.37
CA GLU E 319 9.08 -17.88 8.01
C GLU E 319 8.86 -18.75 9.25
N VAL E 320 9.59 -18.44 10.33
CA VAL E 320 9.47 -19.24 11.54
C VAL E 320 8.06 -19.19 12.11
N GLU E 321 7.37 -18.07 11.92
CA GLU E 321 5.98 -17.98 12.38
C GLU E 321 5.10 -18.98 11.64
N ARG E 322 5.25 -19.07 10.32
CA ARG E 322 4.51 -20.06 9.56
C ARG E 322 4.92 -21.47 9.97
N ARG E 323 6.20 -21.68 10.28
CA ARG E 323 6.64 -23.00 10.71
C ARG E 323 5.97 -23.41 12.02
N ILE E 324 5.88 -22.49 12.98
CA ILE E 324 5.26 -22.83 14.25
C ILE E 324 3.75 -23.04 14.08
N VAL E 325 3.12 -22.26 13.20
CA VAL E 325 1.69 -22.48 12.93
C VAL E 325 1.48 -23.87 12.35
N SER E 326 2.33 -24.26 11.39
CA SER E 326 2.22 -25.60 10.81
C SER E 326 2.46 -26.69 11.85
N GLN E 327 3.41 -26.46 12.75
CA GLN E 327 3.66 -27.42 13.82
C GLN E 327 2.42 -27.59 14.69
N LEU E 328 1.77 -26.47 15.04
CA LEU E 328 0.55 -26.56 15.83
C LEU E 328 -0.53 -27.34 15.09
N LEU E 329 -0.70 -27.08 13.80
CA LEU E 329 -1.70 -27.80 13.03
C LEU E 329 -1.41 -29.30 13.00
N THR E 330 -0.14 -29.66 12.78
CA THR E 330 0.21 -31.08 12.72
C THR E 330 -0.01 -31.77 14.05
N LEU E 331 0.35 -31.11 15.15
CA LEU E 331 0.11 -31.70 16.47
C LEU E 331 -1.37 -31.85 16.76
N MET E 332 -2.20 -30.87 16.39
CA MET E 332 -3.63 -31.03 16.57
C MET E 332 -4.16 -32.20 15.78
N ASP E 333 -3.70 -32.36 14.53
CA ASP E 333 -4.13 -33.52 13.74
C ASP E 333 -3.68 -34.82 14.38
N GLY E 334 -2.46 -34.88 14.91
CA GLY E 334 -1.96 -36.10 15.51
C GLY E 334 -2.61 -36.44 16.83
N LEU E 335 -3.21 -35.46 17.51
CA LEU E 335 -3.86 -35.75 18.79
C LEU E 335 -4.96 -36.79 18.64
N LYS E 336 -5.75 -36.71 17.57
CA LYS E 336 -6.96 -37.52 17.46
C LYS E 336 -6.67 -39.01 17.64
N GLN E 337 -5.53 -39.48 17.15
CA GLN E 337 -5.26 -40.91 17.13
C GLN E 337 -4.88 -41.46 18.50
N ARG E 338 -4.46 -40.60 19.44
CA ARG E 338 -3.81 -41.05 20.66
C ARG E 338 -4.44 -40.40 21.89
N ALA E 339 -4.70 -41.22 22.91
CA ALA E 339 -4.96 -40.74 24.27
C ALA E 339 -6.27 -39.98 24.40
N HIS E 340 -6.56 -39.51 25.62
CA HIS E 340 -7.79 -38.81 25.94
C HIS E 340 -7.57 -37.32 26.16
N VAL E 341 -6.42 -36.77 25.75
CA VAL E 341 -6.11 -35.38 26.03
C VAL E 341 -7.12 -34.47 25.33
N ILE E 342 -7.51 -33.41 26.04
CA ILE E 342 -8.38 -32.37 25.50
C ILE E 342 -7.59 -31.08 25.44
N VAL E 343 -7.92 -30.24 24.47
CA VAL E 343 -7.21 -28.98 24.22
C VAL E 343 -8.21 -27.84 24.30
N MET E 344 -7.83 -26.78 25.02
CA MET E 344 -8.64 -25.58 25.14
C MET E 344 -7.78 -24.37 24.84
N ALA E 345 -8.30 -23.45 24.06
CA ALA E 345 -7.58 -22.24 23.68
C ALA E 345 -8.44 -21.02 23.98
N ALA E 346 -7.77 -19.91 24.28
CA ALA E 346 -8.43 -18.66 24.61
C ALA E 346 -7.98 -17.58 23.66
N THR E 347 -8.93 -16.80 23.13
CA THR E 347 -8.64 -15.69 22.25
C THR E 347 -9.57 -14.54 22.57
N ASN E 348 -9.38 -13.42 21.87
CA ASN E 348 -10.21 -12.24 22.07
C ASN E 348 -11.41 -12.23 21.13
N ARG E 349 -11.17 -12.44 19.83
CA ARG E 349 -12.23 -12.52 18.85
C ARG E 349 -11.97 -13.69 17.91
N PRO E 350 -13.02 -14.31 17.37
CA PRO E 350 -12.80 -15.49 16.51
C PRO E 350 -12.02 -15.19 15.25
N ASN E 351 -12.19 -14.01 14.66
CA ASN E 351 -11.57 -13.70 13.37
C ASN E 351 -10.10 -13.32 13.49
N SER E 352 -9.58 -13.14 14.70
CA SER E 352 -8.20 -12.69 14.87
C SER E 352 -7.20 -13.75 14.44
N ILE E 353 -7.58 -15.03 14.49
CA ILE E 353 -6.66 -16.13 14.25
C ILE E 353 -6.95 -16.74 12.88
N ASP E 354 -6.07 -17.66 12.48
CA ASP E 354 -6.18 -18.33 11.19
C ASP E 354 -7.51 -19.04 11.05
N PRO E 355 -8.08 -19.14 9.85
CA PRO E 355 -9.30 -19.92 9.67
C PRO E 355 -9.07 -21.41 9.48
N ALA E 356 -7.80 -21.83 9.32
CA ALA E 356 -7.51 -23.25 9.16
C ALA E 356 -7.68 -24.02 10.46
N LEU E 357 -7.64 -23.35 11.61
CA LEU E 357 -7.86 -24.03 12.88
C LEU E 357 -9.34 -24.33 13.12
N ARG E 358 -10.23 -23.50 12.56
CA ARG E 358 -11.67 -23.70 12.74
C ARG E 358 -12.17 -24.70 11.69
N ARG E 359 -11.77 -25.95 11.89
CA ARG E 359 -12.13 -27.05 11.01
C ARG E 359 -12.69 -28.19 11.84
N PHE E 360 -13.03 -29.29 11.18
CA PHE E 360 -13.61 -30.47 11.83
C PHE E 360 -12.47 -31.36 12.29
N GLY E 361 -12.06 -31.18 13.55
CA GLY E 361 -11.04 -32.02 14.12
C GLY E 361 -9.98 -31.26 14.91
N ARG E 362 -9.97 -29.94 14.80
CA ARG E 362 -8.99 -29.12 15.50
C ARG E 362 -9.62 -28.21 16.55
N PHE E 363 -10.53 -27.32 16.16
CA PHE E 363 -11.15 -26.39 17.10
C PHE E 363 -12.64 -26.21 16.74
N ASP E 364 -13.32 -27.33 16.51
CA ASP E 364 -14.70 -27.26 16.04
C ASP E 364 -15.59 -26.51 17.04
N ARG E 365 -15.44 -26.79 18.33
CA ARG E 365 -16.34 -26.24 19.34
C ARG E 365 -15.87 -24.86 19.78
N GLU E 366 -16.81 -23.93 19.89
CA GLU E 366 -16.52 -22.54 20.21
C GLU E 366 -17.49 -22.05 21.28
N VAL E 367 -17.03 -21.07 22.08
CA VAL E 367 -17.81 -20.58 23.21
C VAL E 367 -17.52 -19.10 23.40
N ASP E 368 -18.57 -18.37 23.82
CA ASP E 368 -18.50 -16.97 24.21
C ASP E 368 -18.70 -16.85 25.71
N ILE E 369 -17.97 -15.91 26.32
CA ILE E 369 -18.16 -15.59 27.73
C ILE E 369 -18.88 -14.25 27.91
N GLY E 370 -18.67 -13.28 27.02
CA GLY E 370 -19.38 -12.03 27.12
C GLY E 370 -19.06 -11.30 28.40
N ILE E 371 -20.10 -10.75 29.04
CA ILE E 371 -19.94 -9.87 30.19
C ILE E 371 -20.89 -10.34 31.29
N PRO E 372 -20.56 -10.16 32.57
CA PRO E 372 -21.54 -10.40 33.63
C PRO E 372 -22.57 -9.30 33.67
N ASP E 373 -23.68 -9.60 34.35
CA ASP E 373 -24.78 -8.67 34.54
C ASP E 373 -24.71 -8.08 35.95
N ALA E 374 -25.71 -7.29 36.31
CA ALA E 374 -25.79 -6.77 37.67
C ALA E 374 -25.72 -7.90 38.68
N THR E 375 -26.44 -8.99 38.41
CA THR E 375 -26.37 -10.16 39.29
C THR E 375 -24.95 -10.73 39.30
N GLY E 376 -24.32 -10.84 38.13
CA GLY E 376 -22.96 -11.36 38.08
C GLY E 376 -21.97 -10.47 38.79
N ARG E 377 -22.10 -9.16 38.61
CA ARG E 377 -21.23 -8.23 39.34
C ARG E 377 -21.44 -8.36 40.84
N LEU E 378 -22.68 -8.51 41.28
CA LEU E 378 -22.95 -8.72 42.69
C LEU E 378 -22.29 -9.99 43.20
N GLU E 379 -22.38 -11.07 42.42
CA GLU E 379 -21.75 -12.32 42.82
C GLU E 379 -20.23 -12.17 42.94
N ILE E 380 -19.62 -11.46 41.98
CA ILE E 380 -18.17 -11.25 42.03
C ILE E 380 -17.80 -10.44 43.28
N LEU E 381 -18.60 -9.41 43.60
CA LEU E 381 -18.33 -8.65 44.80
C LEU E 381 -18.43 -9.51 46.05
N GLN E 382 -19.44 -10.38 46.11
CA GLN E 382 -19.54 -11.30 47.24
C GLN E 382 -18.32 -12.20 47.32
N ILE E 383 -17.86 -12.70 46.17
CA ILE E 383 -16.68 -13.57 46.15
C ILE E 383 -15.48 -12.83 46.72
N HIS E 384 -15.28 -11.58 46.31
CA HIS E 384 -14.11 -10.81 46.70
C HIS E 384 -14.25 -10.10 48.03
N THR E 385 -15.41 -10.20 48.70
CA THR E 385 -15.61 -9.57 50.00
C THR E 385 -15.72 -10.58 51.13
N LYS E 386 -15.35 -11.83 50.89
CA LYS E 386 -15.46 -12.84 51.94
C LYS E 386 -14.55 -12.51 53.12
N ASN E 387 -13.23 -12.49 52.89
CA ASN E 387 -12.30 -12.26 53.98
C ASN E 387 -12.37 -10.83 54.49
N MET E 388 -12.61 -9.87 53.61
CA MET E 388 -12.63 -8.47 54.01
C MET E 388 -13.79 -8.20 54.97
N LYS E 389 -13.54 -7.33 55.95
CA LYS E 389 -14.60 -6.89 56.84
C LYS E 389 -15.54 -5.94 56.11
N LEU E 390 -16.69 -5.67 56.73
CA LEU E 390 -17.69 -4.81 56.13
C LEU E 390 -18.52 -4.17 57.23
N ALA E 391 -19.26 -3.13 56.85
CA ALA E 391 -20.12 -2.39 57.76
C ALA E 391 -21.56 -2.45 57.26
N ASP E 392 -22.48 -1.95 58.10
CA ASP E 392 -23.90 -2.00 57.76
C ASP E 392 -24.22 -1.11 56.56
N ASP E 393 -23.56 0.05 56.48
CA ASP E 393 -23.88 1.00 55.41
C ASP E 393 -23.66 0.37 54.04
N VAL E 394 -22.71 -0.56 53.93
CA VAL E 394 -22.36 -1.12 52.64
C VAL E 394 -23.50 -2.00 52.12
N ASP E 395 -23.91 -1.77 50.89
CA ASP E 395 -24.86 -2.63 50.20
C ASP E 395 -24.33 -2.90 48.80
N LEU E 396 -24.39 -4.16 48.37
CA LEU E 396 -23.81 -4.57 47.11
C LEU E 396 -24.79 -4.49 45.95
N GLU E 397 -26.00 -3.99 46.18
CA GLU E 397 -26.98 -3.84 45.10
C GLU E 397 -26.79 -2.53 44.34
N GLN E 398 -26.68 -1.41 45.07
CA GLN E 398 -26.48 -0.12 44.42
C GLN E 398 -25.14 -0.07 43.68
N VAL E 399 -24.09 -0.62 44.31
CA VAL E 399 -22.77 -0.61 43.67
C VAL E 399 -22.82 -1.37 42.35
N ALA E 400 -23.49 -2.53 42.33
CA ALA E 400 -23.61 -3.29 41.10
C ALA E 400 -24.32 -2.49 40.01
N ASN E 401 -25.23 -1.58 40.40
CA ASN E 401 -25.96 -0.81 39.41
C ASN E 401 -25.11 0.28 38.77
N GLU E 402 -24.13 0.81 39.49
CA GLU E 402 -23.29 1.90 39.01
C GLU E 402 -21.95 1.42 38.48
N THR E 403 -21.80 0.12 38.21
CA THR E 403 -20.54 -0.46 37.76
C THR E 403 -20.65 -0.99 36.33
N HIS E 404 -21.30 -0.23 35.46
CA HIS E 404 -21.37 -0.61 34.06
C HIS E 404 -20.00 -0.55 33.41
N GLY E 405 -19.75 -1.48 32.49
CA GLY E 405 -18.48 -1.53 31.80
C GLY E 405 -17.35 -2.11 32.62
N HIS E 406 -17.65 -2.85 33.68
CA HIS E 406 -16.64 -3.47 34.53
C HIS E 406 -16.71 -4.98 34.39
N VAL E 407 -15.55 -5.62 34.24
CA VAL E 407 -15.46 -7.06 34.01
C VAL E 407 -14.41 -7.63 34.96
N GLY E 408 -14.82 -8.57 35.79
CA GLY E 408 -13.89 -9.37 36.57
C GLY E 408 -12.84 -8.57 37.31
N ALA E 409 -11.60 -8.69 36.87
CA ALA E 409 -10.46 -8.09 37.56
C ALA E 409 -10.76 -6.70 38.09
N ASP E 410 -11.36 -5.84 37.25
CA ASP E 410 -11.69 -4.49 37.66
C ASP E 410 -12.31 -4.45 39.05
N LEU E 411 -13.43 -5.13 39.22
CA LEU E 411 -14.09 -5.15 40.53
C LEU E 411 -13.11 -5.52 41.62
N ALA E 412 -12.37 -6.60 41.44
CA ALA E 412 -11.39 -7.00 42.45
C ALA E 412 -10.49 -5.83 42.80
N ALA E 413 -9.89 -5.21 41.79
CA ALA E 413 -9.04 -4.06 42.04
C ALA E 413 -9.79 -3.02 42.86
N LEU E 414 -10.98 -2.65 42.41
CA LEU E 414 -11.80 -1.71 43.15
C LEU E 414 -11.82 -2.08 44.63
N CYS E 415 -12.23 -3.31 44.94
CA CYS E 415 -12.28 -3.75 46.32
C CYS E 415 -10.98 -3.40 47.03
N SER E 416 -9.86 -3.92 46.53
CA SER E 416 -8.58 -3.67 47.17
C SER E 416 -8.38 -2.18 47.39
N GLU E 417 -8.57 -1.40 46.32
CA GLU E 417 -8.37 0.05 46.44
C GLU E 417 -9.18 0.60 47.60
N ALA E 418 -10.47 0.27 47.62
CA ALA E 418 -11.33 0.77 48.69
C ALA E 418 -10.73 0.46 50.06
N ALA E 419 -10.30 -0.80 50.25
CA ALA E 419 -9.72 -1.17 51.53
C ALA E 419 -8.56 -0.24 51.87
N LEU E 420 -7.64 -0.05 50.94
CA LEU E 420 -6.49 0.80 51.21
C LEU E 420 -6.93 2.22 51.54
N GLN E 421 -7.99 2.70 50.87
CA GLN E 421 -8.45 4.05 51.12
C GLN E 421 -8.79 4.26 52.59
N ALA E 422 -9.15 3.19 53.30
CA ALA E 422 -9.43 3.32 54.72
C ALA E 422 -8.15 3.23 55.55
N ILE E 423 -7.22 2.36 55.15
CA ILE E 423 -6.06 2.07 55.99
C ILE E 423 -5.08 3.24 56.00
N ARG E 424 -4.80 3.79 54.82
CA ARG E 424 -3.54 4.47 54.56
C ARG E 424 -3.10 5.48 55.63
N LYS E 425 -3.85 6.55 55.85
CA LYS E 425 -3.31 7.63 56.68
C LYS E 425 -3.61 7.40 58.15
N LYS E 426 -4.81 6.94 58.48
CA LYS E 426 -5.18 6.76 59.88
C LYS E 426 -4.37 5.66 60.53
N MET E 427 -4.32 4.48 59.90
CA MET E 427 -3.65 3.34 60.53
C MET E 427 -2.15 3.51 60.52
N ASP E 428 -1.59 4.04 59.43
CA ASP E 428 -0.14 4.22 59.36
C ASP E 428 0.35 5.10 60.50
N LEU E 429 -0.26 6.26 60.68
CA LEU E 429 0.18 7.18 61.73
C LEU E 429 0.01 6.55 63.11
N ILE E 430 -1.12 5.87 63.34
CA ILE E 430 -1.38 5.30 64.65
C ILE E 430 -0.35 4.22 64.99
N ASP E 431 -0.05 3.36 64.01
CA ASP E 431 0.81 2.22 64.28
C ASP E 431 2.30 2.58 64.18
N LEU E 432 2.61 3.72 63.57
CA LEU E 432 4.00 4.11 63.35
C LEU E 432 4.81 4.09 64.63
N GLU E 433 4.18 4.42 65.75
CA GLU E 433 4.88 4.55 67.03
C GLU E 433 4.27 3.72 68.16
N ASP E 434 2.96 3.43 68.10
CA ASP E 434 2.31 2.77 69.23
C ASP E 434 2.90 1.38 69.48
N GLU E 435 2.94 0.55 68.46
CA GLU E 435 3.39 -0.83 68.60
C GLU E 435 3.42 -1.49 67.24
N THR E 436 4.21 -2.55 67.12
CA THR E 436 4.24 -3.34 65.90
C THR E 436 2.85 -3.90 65.64
N ILE E 437 2.25 -3.53 64.51
CA ILE E 437 0.85 -3.87 64.27
C ILE E 437 0.66 -5.37 64.42
N ASP E 438 -0.34 -5.74 65.22
CA ASP E 438 -0.67 -7.14 65.49
C ASP E 438 -1.99 -7.49 64.82
N ALA E 439 -2.39 -8.76 64.97
CA ALA E 439 -3.60 -9.23 64.31
C ALA E 439 -4.83 -8.49 64.82
N GLU E 440 -4.89 -8.21 66.13
CA GLU E 440 -6.09 -7.60 66.69
C GLU E 440 -6.39 -6.24 66.04
N VAL E 441 -5.40 -5.34 66.05
CA VAL E 441 -5.61 -4.02 65.46
C VAL E 441 -5.68 -4.13 63.94
N MET E 442 -4.93 -5.07 63.35
CA MET E 442 -4.94 -5.22 61.90
C MET E 442 -6.34 -5.56 61.39
N ASN E 443 -7.02 -6.49 62.06
CA ASN E 443 -8.35 -6.91 61.63
C ASN E 443 -9.47 -6.11 62.30
N SER E 444 -9.15 -5.25 63.27
CA SER E 444 -10.19 -4.44 63.89
C SER E 444 -10.83 -3.48 62.90
N LEU E 445 -10.09 -3.07 61.88
CA LEU E 445 -10.59 -2.10 60.92
C LEU E 445 -11.70 -2.71 60.06
N ALA E 446 -12.76 -1.94 59.87
CA ALA E 446 -13.86 -2.31 58.99
C ALA E 446 -13.73 -1.54 57.67
N VAL E 447 -14.74 -1.66 56.82
CA VAL E 447 -14.79 -0.94 55.55
C VAL E 447 -16.10 -0.18 55.47
N THR E 448 -16.06 0.96 54.78
CA THR E 448 -17.18 1.89 54.73
C THR E 448 -17.55 2.19 53.29
N MET E 449 -18.84 2.45 53.07
CA MET E 449 -19.34 2.71 51.73
C MET E 449 -18.75 3.97 51.12
N ASP E 450 -18.50 5.01 51.91
CA ASP E 450 -17.85 6.20 51.37
C ASP E 450 -16.52 5.84 50.72
N ASP E 451 -15.80 4.87 51.29
CA ASP E 451 -14.57 4.41 50.67
C ASP E 451 -14.82 3.78 49.31
N PHE E 452 -15.88 2.97 49.20
CA PHE E 452 -16.24 2.38 47.92
C PHE E 452 -16.58 3.46 46.90
N ARG E 453 -17.33 4.48 47.32
CA ARG E 453 -17.69 5.55 46.40
C ARG E 453 -16.45 6.34 45.96
N TRP E 454 -15.50 6.55 46.87
CA TRP E 454 -14.26 7.20 46.49
C TRP E 454 -13.50 6.37 45.47
N ALA E 455 -13.33 5.08 45.74
CA ALA E 455 -12.63 4.22 44.80
C ALA E 455 -13.35 4.11 43.47
N LEU E 456 -14.67 4.29 43.46
CA LEU E 456 -15.44 4.20 42.22
C LEU E 456 -15.31 5.48 41.40
N SER E 457 -15.54 6.63 42.02
CA SER E 457 -15.50 7.90 41.28
C SER E 457 -14.09 8.21 40.80
N GLN E 458 -13.12 8.15 41.71
CA GLN E 458 -11.74 8.47 41.35
C GLN E 458 -11.21 7.49 40.31
N SER E 459 -11.12 6.21 40.68
CA SER E 459 -10.57 5.17 39.82
C SER E 459 -11.73 4.50 39.09
N ASN E 460 -12.08 5.06 37.93
CA ASN E 460 -13.12 4.46 37.08
C ASN E 460 -12.61 4.25 35.65
N PRO E 461 -11.40 3.67 35.47
CA PRO E 461 -11.01 3.25 34.12
C PRO E 461 -11.84 2.06 33.64
N SER E 462 -13.12 2.29 33.33
CA SER E 462 -13.93 1.25 32.73
C SER E 462 -13.27 0.78 31.44
N ALA E 463 -13.10 -0.53 31.32
CA ALA E 463 -12.28 -1.10 30.25
C ALA E 463 -13.10 -1.59 29.07
N LEU E 464 -14.38 -1.21 28.98
CA LEU E 464 -15.27 -1.80 27.98
C LEU E 464 -16.22 -0.77 27.41
N ARG E 465 -16.43 -0.84 26.08
CA ARG E 465 -17.43 -0.03 25.40
C ARG E 465 -18.17 -0.81 24.32
N GLU E 466 -18.02 -2.13 24.27
CA GLU E 466 -18.66 -2.93 23.23
C GLU E 466 -20.11 -3.22 23.60
N THR E 467 -20.84 -3.81 22.65
CA THR E 467 -22.26 -4.08 22.83
C THR E 467 -22.49 -5.09 23.94
N VAL E 468 -23.64 -4.96 24.59
CA VAL E 468 -24.00 -5.81 25.73
C VAL E 468 -25.28 -6.56 25.39
N VAL E 469 -25.27 -7.87 25.58
CA VAL E 469 -26.44 -8.71 25.41
C VAL E 469 -26.85 -9.19 26.81
N GLU E 470 -28.09 -8.92 27.19
CA GLU E 470 -28.58 -9.30 28.50
C GLU E 470 -30.08 -9.11 28.55
N VAL E 471 -30.72 -9.76 29.52
CA VAL E 471 -32.16 -9.65 29.69
C VAL E 471 -32.48 -8.33 30.38
N PRO E 472 -33.34 -7.50 29.82
CA PRO E 472 -33.68 -6.22 30.46
C PRO E 472 -34.59 -6.42 31.65
N GLN E 473 -34.95 -5.31 32.30
CA GLN E 473 -35.79 -5.34 33.49
C GLN E 473 -37.14 -4.67 33.29
N VAL E 474 -37.34 -3.92 32.20
CA VAL E 474 -38.62 -3.25 31.99
C VAL E 474 -39.73 -4.27 31.93
N THR E 475 -40.87 -3.92 32.52
CA THR E 475 -42.03 -4.80 32.58
C THR E 475 -43.25 -4.07 31.99
N TRP E 476 -44.27 -4.86 31.65
CA TRP E 476 -45.47 -4.28 31.07
C TRP E 476 -46.04 -3.17 31.95
N GLU E 477 -45.92 -3.34 33.27
CA GLU E 477 -46.42 -2.32 34.18
C GLU E 477 -45.74 -0.97 33.97
N ASP E 478 -44.48 -0.98 33.56
CA ASP E 478 -43.79 0.28 33.28
C ASP E 478 -44.45 1.03 32.14
N ILE E 479 -44.85 0.31 31.10
CA ILE E 479 -45.54 0.94 29.97
C ILE E 479 -46.97 1.29 30.39
N GLY E 480 -47.52 2.34 29.77
CA GLY E 480 -48.85 2.79 30.09
C GLY E 480 -49.85 2.37 29.02
N GLY E 481 -50.85 1.61 29.45
CA GLY E 481 -51.89 1.19 28.53
C GLY E 481 -51.34 0.34 27.40
N LEU E 482 -51.89 0.54 26.21
CA LEU E 482 -51.44 -0.17 25.00
C LEU E 482 -51.64 -1.67 25.14
N GLU E 483 -52.78 -2.08 25.71
CA GLU E 483 -53.01 -3.50 25.96
C GLU E 483 -53.13 -4.30 24.67
N ASP E 484 -53.84 -3.76 23.68
CA ASP E 484 -54.09 -4.51 22.45
C ASP E 484 -52.79 -4.89 21.76
N VAL E 485 -51.82 -3.96 21.73
CA VAL E 485 -50.54 -4.29 21.12
C VAL E 485 -49.82 -5.35 21.94
N LYS E 486 -50.03 -5.38 23.26
CA LYS E 486 -49.44 -6.45 24.05
C LYS E 486 -49.99 -7.81 23.61
N ARG E 487 -51.31 -7.89 23.45
CA ARG E 487 -51.92 -9.14 22.98
C ARG E 487 -51.40 -9.50 21.59
N GLU E 488 -51.32 -8.51 20.69
CA GLU E 488 -50.84 -8.75 19.34
C GLU E 488 -49.37 -9.15 19.32
N LEU E 489 -48.60 -8.76 20.33
CA LEU E 489 -47.17 -9.06 20.39
C LEU E 489 -46.90 -10.43 20.98
N GLN E 490 -47.63 -10.82 22.02
CA GLN E 490 -47.41 -12.13 22.62
C GLN E 490 -47.68 -13.26 21.62
N GLU E 491 -48.67 -13.05 20.75
CA GLU E 491 -49.00 -14.08 19.78
C GLU E 491 -47.83 -14.34 18.83
N LEU E 492 -47.13 -13.28 18.40
CA LEU E 492 -46.07 -13.44 17.43
C LEU E 492 -44.83 -14.11 18.01
N VAL E 493 -44.57 -13.94 19.30
CA VAL E 493 -43.33 -14.38 19.93
C VAL E 493 -43.56 -15.58 20.85
N GLN E 494 -44.47 -15.44 21.81
CA GLN E 494 -44.67 -16.50 22.81
C GLN E 494 -45.16 -17.79 22.15
N TYR E 495 -46.24 -17.70 21.38
CA TYR E 495 -46.88 -18.91 20.86
C TYR E 495 -45.90 -19.81 20.11
N PRO E 496 -45.04 -19.30 19.22
CA PRO E 496 -44.07 -20.19 18.56
C PRO E 496 -43.30 -21.06 19.55
N VAL E 497 -42.68 -20.44 20.55
CA VAL E 497 -41.82 -21.18 21.48
C VAL E 497 -42.61 -22.05 22.45
N GLU E 498 -43.70 -21.52 22.98
CA GLU E 498 -44.53 -22.29 23.91
C GLU E 498 -45.18 -23.47 23.22
N HIS E 499 -45.66 -23.28 22.00
CA HIS E 499 -46.38 -24.33 21.25
C HIS E 499 -45.94 -24.49 19.79
N PRO E 500 -44.71 -24.98 19.55
CA PRO E 500 -44.22 -25.13 18.18
C PRO E 500 -45.03 -26.13 17.38
N ASP E 501 -45.48 -27.20 18.03
CA ASP E 501 -46.20 -28.26 17.34
C ASP E 501 -47.53 -27.80 16.70
N LYS E 502 -48.24 -26.89 17.34
CA LYS E 502 -49.51 -26.40 16.79
C LYS E 502 -49.34 -25.97 15.34
N PHE E 503 -48.28 -25.25 15.03
CA PHE E 503 -48.06 -24.74 13.67
C PHE E 503 -47.83 -25.88 12.69
N LEU E 504 -47.18 -26.95 13.14
CA LEU E 504 -46.96 -28.10 12.28
C LEU E 504 -48.28 -28.74 11.87
N LYS E 505 -49.23 -28.82 12.81
CA LYS E 505 -50.53 -29.41 12.48
C LYS E 505 -51.19 -28.67 11.32
N PHE E 506 -51.15 -27.34 11.34
CA PHE E 506 -51.61 -26.53 10.23
C PHE E 506 -50.45 -26.26 9.29
N GLY E 507 -50.65 -25.37 8.33
CA GLY E 507 -49.61 -25.02 7.36
C GLY E 507 -48.90 -23.71 7.59
N MET E 508 -49.00 -23.13 8.78
CA MET E 508 -48.41 -21.81 9.02
C MET E 508 -46.90 -21.89 9.20
N THR E 509 -46.25 -20.77 8.88
CA THR E 509 -44.84 -20.56 9.17
C THR E 509 -44.72 -19.19 9.84
N PRO E 510 -44.27 -19.11 11.09
CA PRO E 510 -44.26 -17.81 11.78
C PRO E 510 -43.37 -16.79 11.07
N SER E 511 -43.79 -15.53 11.16
CA SER E 511 -42.98 -14.43 10.67
C SER E 511 -41.84 -14.13 11.64
N LYS E 512 -40.81 -13.47 11.14
CA LYS E 512 -39.60 -13.20 11.90
C LYS E 512 -39.33 -11.71 12.10
N GLY E 513 -40.19 -10.83 11.60
CA GLY E 513 -39.91 -9.41 11.67
C GLY E 513 -41.18 -8.61 11.90
N VAL E 514 -41.01 -7.48 12.59
CA VAL E 514 -42.08 -6.52 12.79
C VAL E 514 -41.50 -5.11 12.70
N LEU E 515 -42.36 -4.15 12.36
CA LEU E 515 -41.96 -2.76 12.22
C LEU E 515 -42.95 -1.86 12.95
N PHE E 516 -42.43 -0.93 13.74
CA PHE E 516 -43.23 0.07 14.44
C PHE E 516 -43.05 1.40 13.74
N TYR E 517 -44.16 2.07 13.44
CA TYR E 517 -44.13 3.39 12.83
C TYR E 517 -45.04 4.32 13.61
N GLY E 518 -44.50 5.48 14.00
CA GLY E 518 -45.29 6.45 14.71
C GLY E 518 -44.50 7.63 15.22
N PRO E 519 -45.19 8.57 15.88
CA PRO E 519 -44.53 9.78 16.36
C PRO E 519 -43.55 9.45 17.48
N PRO E 520 -42.55 10.31 17.71
CA PRO E 520 -41.54 10.01 18.72
C PRO E 520 -42.07 10.15 20.14
N GLY E 521 -41.35 9.52 21.06
CA GLY E 521 -41.70 9.60 22.46
C GLY E 521 -43.01 8.92 22.82
N CYS E 522 -43.26 7.72 22.30
CA CYS E 522 -44.46 6.97 22.63
C CYS E 522 -44.14 5.57 23.13
N GLY E 523 -42.93 5.35 23.65
CA GLY E 523 -42.57 4.07 24.24
C GLY E 523 -42.26 2.98 23.25
N LYS E 524 -41.85 3.32 22.03
CA LYS E 524 -41.48 2.30 21.05
C LYS E 524 -40.28 1.50 21.53
N THR E 525 -39.31 2.17 22.16
CA THR E 525 -38.12 1.47 22.64
C THR E 525 -38.42 0.57 23.84
N LEU E 526 -39.48 0.89 24.59
CA LEU E 526 -39.75 0.13 25.82
C LEU E 526 -40.34 -1.23 25.52
N LEU E 527 -41.13 -1.36 24.46
CA LEU E 527 -41.76 -2.65 24.18
C LEU E 527 -40.70 -3.69 23.86
N ALA E 528 -39.70 -3.32 23.05
CA ALA E 528 -38.70 -4.30 22.62
C ALA E 528 -38.00 -4.95 23.81
N LYS E 529 -37.93 -4.25 24.94
CA LYS E 529 -37.35 -4.79 26.16
C LYS E 529 -38.38 -5.44 27.06
N ALA E 530 -39.61 -4.94 27.06
CA ALA E 530 -40.66 -5.60 27.83
C ALA E 530 -40.92 -7.00 27.34
N ILE E 531 -40.89 -7.20 26.01
CA ILE E 531 -41.07 -8.54 25.45
C ILE E 531 -39.99 -9.48 25.96
N ALA E 532 -38.74 -9.03 25.91
CA ALA E 532 -37.63 -9.87 26.36
C ALA E 532 -37.75 -10.17 27.85
N ASN E 533 -38.14 -9.17 28.65
CA ASN E 533 -38.31 -9.40 30.07
C ASN E 533 -39.41 -10.42 30.34
N GLU E 534 -40.52 -10.34 29.60
CA GLU E 534 -41.58 -11.32 29.77
C GLU E 534 -41.13 -12.72 29.38
N CYS E 535 -40.44 -12.84 28.25
CA CYS E 535 -40.02 -14.14 27.73
C CYS E 535 -38.67 -14.58 28.26
N GLN E 536 -37.97 -13.74 29.02
CA GLN E 536 -36.66 -14.07 29.57
C GLN E 536 -35.69 -14.48 28.46
N ALA E 537 -35.51 -13.57 27.50
CA ALA E 537 -34.63 -13.79 26.36
C ALA E 537 -33.69 -12.59 26.22
N ASN E 538 -32.55 -12.83 25.60
CA ASN E 538 -31.55 -11.78 25.42
C ASN E 538 -32.08 -10.70 24.47
N ALA E 539 -31.53 -9.49 24.62
CA ALA E 539 -31.93 -8.35 23.81
C ALA E 539 -30.69 -7.58 23.37
N ILE E 540 -30.72 -7.09 22.13
CA ILE E 540 -29.64 -6.28 21.57
C ILE E 540 -30.27 -5.09 20.87
N SER E 541 -29.69 -3.90 21.09
CA SER E 541 -30.21 -2.66 20.53
C SER E 541 -29.08 -1.93 19.81
N ILE E 542 -29.34 -1.50 18.57
CA ILE E 542 -28.39 -0.74 17.77
C ILE E 542 -29.04 0.57 17.40
N LYS E 543 -28.38 1.68 17.73
CA LYS E 543 -28.93 3.01 17.51
C LYS E 543 -28.49 3.57 16.15
N GLY E 544 -29.18 4.62 15.71
CA GLY E 544 -28.91 5.25 14.44
C GLY E 544 -27.51 5.80 14.27
N PRO E 545 -26.92 6.39 15.29
CA PRO E 545 -25.54 6.86 15.15
C PRO E 545 -24.58 5.77 14.72
N GLU E 546 -24.77 4.53 15.18
CA GLU E 546 -23.93 3.43 14.70
C GLU E 546 -24.12 3.18 13.22
N LEU E 547 -25.38 3.23 12.74
CA LEU E 547 -25.64 3.05 11.33
C LEU E 547 -24.95 4.14 10.51
N LEU E 548 -25.03 5.39 10.96
CA LEU E 548 -24.37 6.47 10.23
C LEU E 548 -22.85 6.33 10.29
N THR E 549 -22.32 5.86 11.43
CA THR E 549 -20.89 5.63 11.52
C THR E 549 -20.43 4.58 10.51
N MET E 550 -21.20 3.52 10.37
CA MET E 550 -20.86 2.49 9.38
C MET E 550 -21.02 3.03 7.96
N TRP E 551 -22.02 3.87 7.73
CA TRP E 551 -22.21 4.44 6.40
C TRP E 551 -21.03 5.31 5.99
N PHE E 552 -20.65 6.26 6.86
CA PHE E 552 -19.53 7.14 6.55
C PHE E 552 -18.22 6.38 6.49
N GLY E 553 -18.02 5.43 7.41
CA GLY E 553 -16.83 4.61 7.37
C GLY E 553 -16.84 3.54 6.29
N GLU E 554 -17.97 3.35 5.62
CA GLU E 554 -18.10 2.36 4.55
C GLU E 554 -17.69 0.98 5.03
N SER E 555 -18.10 0.64 6.25
CA SER E 555 -17.82 -0.65 6.85
C SER E 555 -19.15 -1.38 7.05
N GLU E 556 -19.59 -2.08 6.01
CA GLU E 556 -20.82 -2.89 6.08
C GLU E 556 -20.56 -4.31 6.55
N ALA E 557 -19.31 -4.73 6.64
CA ALA E 557 -19.01 -6.08 7.13
C ALA E 557 -19.46 -6.26 8.57
N ASN E 558 -19.38 -5.20 9.37
CA ASN E 558 -19.73 -5.31 10.78
C ASN E 558 -21.11 -5.90 10.96
N VAL E 559 -22.03 -5.59 10.05
CA VAL E 559 -23.38 -6.14 10.12
C VAL E 559 -23.32 -7.63 10.43
N ARG E 560 -22.56 -8.38 9.63
CA ARG E 560 -22.51 -9.83 9.80
C ARG E 560 -22.21 -10.19 11.24
N GLU E 561 -21.18 -9.57 11.82
CA GLU E 561 -20.79 -9.90 13.18
C GLU E 561 -21.99 -9.83 14.11
N ILE E 562 -22.76 -8.74 14.02
CA ILE E 562 -23.93 -8.58 14.89
C ILE E 562 -24.78 -9.85 14.85
N PHE E 563 -25.17 -10.26 13.64
CA PHE E 563 -26.03 -11.43 13.53
C PHE E 563 -25.38 -12.65 14.16
N ASP E 564 -24.10 -12.86 13.91
CA ASP E 564 -23.39 -13.98 14.52
C ASP E 564 -23.58 -13.96 16.03
N LYS E 565 -23.37 -12.79 16.65
CA LYS E 565 -23.60 -12.68 18.08
C LYS E 565 -25.00 -13.12 18.44
N ALA E 566 -26.01 -12.56 17.75
CA ALA E 566 -27.38 -12.99 17.98
C ALA E 566 -27.52 -14.49 17.73
N ARG E 567 -26.87 -14.99 16.67
CA ARG E 567 -26.96 -16.42 16.39
C ARG E 567 -26.46 -17.24 17.56
N GLN E 568 -25.44 -16.75 18.28
CA GLN E 568 -24.90 -17.47 19.41
C GLN E 568 -25.61 -17.15 20.72
N ALA E 569 -26.53 -16.18 20.71
CA ALA E 569 -27.26 -15.78 21.92
C ALA E 569 -28.73 -16.16 21.84
N ALA E 570 -29.10 -17.05 20.92
CA ALA E 570 -30.50 -17.42 20.76
C ALA E 570 -30.99 -18.19 21.98
N PRO E 571 -32.27 -18.04 22.34
CA PRO E 571 -33.28 -17.17 21.73
C PRO E 571 -33.04 -15.71 22.11
N CYS E 572 -33.23 -14.77 21.19
CA CYS E 572 -32.88 -13.38 21.42
C CYS E 572 -33.80 -12.49 20.59
N VAL E 573 -33.68 -11.18 20.82
CA VAL E 573 -34.45 -10.18 20.10
C VAL E 573 -33.50 -9.10 19.59
N LEU E 574 -33.74 -8.65 18.36
CA LEU E 574 -32.92 -7.63 17.72
C LEU E 574 -33.75 -6.39 17.49
N PHE E 575 -33.16 -5.23 17.77
CA PHE E 575 -33.86 -3.95 17.68
C PHE E 575 -33.07 -2.99 16.81
N PHE E 576 -33.79 -2.23 15.98
CA PHE E 576 -33.21 -1.20 15.13
C PHE E 576 -34.09 0.03 15.20
N ASP E 577 -33.52 1.16 15.59
CA ASP E 577 -34.24 2.42 15.66
C ASP E 577 -33.53 3.45 14.79
N GLU E 578 -34.24 4.52 14.47
CA GLU E 578 -33.76 5.54 13.55
C GLU E 578 -33.43 4.93 12.18
N LEU E 579 -34.20 3.92 11.78
CA LEU E 579 -33.94 3.22 10.53
C LEU E 579 -34.03 4.14 9.32
N ASP E 580 -34.71 5.27 9.45
CA ASP E 580 -34.82 6.25 8.38
C ASP E 580 -33.69 7.26 8.39
N SER E 581 -32.72 7.11 9.29
CA SER E 581 -31.69 8.14 9.45
C SER E 581 -30.89 8.32 8.18
N ILE E 582 -30.51 7.23 7.52
CA ILE E 582 -29.70 7.34 6.30
C ILE E 582 -30.47 8.07 5.21
N ALA E 583 -31.75 7.73 5.04
CA ALA E 583 -32.54 8.41 4.03
C ALA E 583 -32.67 9.89 4.33
N LYS E 584 -32.76 10.27 5.60
CA LYS E 584 -32.83 11.68 5.96
C LYS E 584 -31.49 12.37 5.72
N ALA E 585 -30.38 11.67 5.93
CA ALA E 585 -29.07 12.29 5.76
C ALA E 585 -28.86 12.74 4.32
N ARG E 586 -28.95 11.82 3.38
CA ARG E 586 -28.78 12.14 1.96
C ARG E 586 -30.10 12.75 1.46
N GLY E 587 -30.11 14.07 1.29
CA GLY E 587 -31.31 14.77 0.88
C GLY E 587 -32.41 14.66 1.92
N GLY E 588 -33.51 15.38 1.70
CA GLY E 588 -34.63 15.33 2.61
C GLY E 588 -35.41 14.04 2.48
N ASN E 589 -36.71 14.09 2.73
CA ASN E 589 -37.54 12.90 2.60
C ASN E 589 -37.49 12.37 1.17
N ILE E 590 -37.61 13.26 0.18
CA ILE E 590 -37.43 12.86 -1.20
C ILE E 590 -35.99 12.42 -1.45
N GLY E 591 -35.04 13.07 -0.79
CA GLY E 591 -33.64 12.73 -0.95
C GLY E 591 -33.01 13.47 -2.12
N ASP E 592 -31.78 13.09 -2.41
CA ASP E 592 -31.07 13.62 -3.57
C ASP E 592 -31.58 12.89 -4.81
N GLY E 593 -30.85 13.04 -5.92
CA GLY E 593 -31.26 12.34 -7.14
C GLY E 593 -31.40 10.85 -6.92
N GLY E 594 -30.48 10.26 -6.16
CA GLY E 594 -30.50 8.82 -5.90
C GLY E 594 -31.84 8.31 -5.41
N GLY E 595 -32.05 7.00 -5.51
CA GLY E 595 -33.29 6.37 -5.10
C GLY E 595 -33.37 6.19 -3.59
N ALA E 596 -34.05 5.12 -3.19
CA ALA E 596 -34.28 4.82 -1.78
C ALA E 596 -33.37 3.73 -1.23
N ALA E 597 -32.33 3.36 -1.97
CA ALA E 597 -31.43 2.29 -1.56
C ALA E 597 -30.10 2.88 -1.06
N ASP E 598 -29.35 2.04 -0.35
CA ASP E 598 -28.05 2.45 0.18
C ASP E 598 -27.24 1.18 0.46
N ARG E 599 -26.02 1.38 0.97
CA ARG E 599 -25.08 0.27 1.13
C ARG E 599 -25.39 -0.61 2.33
N VAL E 600 -26.14 -0.12 3.32
CA VAL E 600 -26.31 -0.84 4.57
C VAL E 600 -27.58 -1.69 4.57
N ILE E 601 -28.70 -1.11 4.16
CA ILE E 601 -29.95 -1.86 4.15
C ILE E 601 -29.83 -3.05 3.20
N ASN E 602 -29.05 -2.91 2.13
CA ASN E 602 -28.82 -4.03 1.24
C ASN E 602 -28.17 -5.19 1.99
N GLN E 603 -27.16 -4.89 2.80
CA GLN E 603 -26.51 -5.93 3.60
C GLN E 603 -27.48 -6.52 4.62
N ILE E 604 -28.32 -5.68 5.21
CA ILE E 604 -29.28 -6.18 6.19
C ILE E 604 -30.24 -7.15 5.53
N LEU E 605 -30.73 -6.82 4.34
CA LEU E 605 -31.61 -7.75 3.61
C LEU E 605 -30.89 -9.04 3.24
N THR E 606 -29.64 -8.92 2.80
CA THR E 606 -28.87 -10.11 2.45
C THR E 606 -28.73 -11.03 3.65
N GLU E 607 -28.48 -10.46 4.83
CA GLU E 607 -28.34 -11.27 6.03
C GLU E 607 -29.67 -11.87 6.46
N MET E 608 -30.75 -11.08 6.36
CA MET E 608 -32.06 -11.56 6.82
C MET E 608 -32.56 -12.70 5.96
N ASP E 609 -32.45 -12.57 4.63
CA ASP E 609 -32.93 -13.62 3.75
C ASP E 609 -32.20 -14.93 3.99
N GLY E 610 -30.90 -14.87 4.22
CA GLY E 610 -30.12 -16.06 4.49
C GLY E 610 -30.05 -16.41 5.97
N MET E 611 -31.21 -16.54 6.60
CA MET E 611 -31.28 -16.89 8.02
C MET E 611 -32.34 -17.96 8.23
N SER E 612 -32.03 -18.92 9.09
CA SER E 612 -32.95 -20.02 9.35
C SER E 612 -34.01 -19.63 10.38
N THR E 613 -35.18 -20.23 10.24
CA THR E 613 -36.29 -19.90 11.14
C THR E 613 -36.10 -20.52 12.52
N LYS E 614 -35.51 -21.71 12.58
CA LYS E 614 -35.45 -22.44 13.84
C LYS E 614 -34.57 -21.77 14.88
N LYS E 615 -33.76 -20.80 14.48
CA LYS E 615 -32.89 -20.13 15.45
C LYS E 615 -33.67 -19.27 16.44
N ASN E 616 -34.89 -18.87 16.10
CA ASN E 616 -35.74 -18.07 16.98
C ASN E 616 -35.07 -16.75 17.35
N VAL E 617 -34.73 -15.98 16.31
CA VAL E 617 -34.15 -14.65 16.47
C VAL E 617 -35.14 -13.68 15.84
N PHE E 618 -35.93 -13.01 16.68
CA PHE E 618 -36.92 -12.05 16.19
C PHE E 618 -36.24 -10.74 15.82
N ILE E 619 -36.90 -9.96 14.97
CA ILE E 619 -36.36 -8.72 14.46
C ILE E 619 -37.43 -7.63 14.57
N ILE E 620 -37.03 -6.48 15.11
CA ILE E 620 -37.93 -5.35 15.30
C ILE E 620 -37.27 -4.11 14.71
N GLY E 621 -38.05 -3.35 13.94
CA GLY E 621 -37.60 -2.06 13.46
C GLY E 621 -38.50 -0.95 13.98
N ALA E 622 -38.02 0.28 14.01
CA ALA E 622 -38.82 1.39 14.54
C ALA E 622 -38.51 2.65 13.74
N THR E 623 -39.53 3.48 13.52
CA THR E 623 -39.35 4.71 12.78
C THR E 623 -40.55 5.63 12.97
N ASN E 624 -40.39 6.86 12.47
CA ASN E 624 -41.45 7.85 12.46
C ASN E 624 -41.69 8.43 11.07
N ARG E 625 -40.98 7.95 10.05
CA ARG E 625 -41.15 8.40 8.67
C ARG E 625 -41.15 7.19 7.75
N PRO E 626 -42.19 6.35 7.82
CA PRO E 626 -42.24 5.17 6.95
C PRO E 626 -42.36 5.51 5.48
N ASP E 627 -42.73 6.74 5.14
CA ASP E 627 -42.94 7.10 3.74
C ASP E 627 -41.68 6.91 2.91
N ILE E 628 -40.51 7.17 3.49
CA ILE E 628 -39.26 7.16 2.74
C ILE E 628 -38.45 5.88 2.95
N ILE E 629 -38.94 4.95 3.76
CA ILE E 629 -38.25 3.68 3.92
C ILE E 629 -38.36 2.87 2.63
N ASP E 630 -37.31 2.12 2.33
CA ASP E 630 -37.28 1.35 1.10
C ASP E 630 -38.40 0.30 1.12
N PRO E 631 -39.28 0.26 0.12
CA PRO E 631 -40.33 -0.77 0.13
C PRO E 631 -39.79 -2.18 0.15
N ALA E 632 -38.57 -2.40 -0.36
CA ALA E 632 -38.04 -3.76 -0.49
C ALA E 632 -37.96 -4.48 0.85
N ILE E 633 -37.92 -3.75 1.97
CA ILE E 633 -37.80 -4.37 3.28
C ILE E 633 -39.16 -4.73 3.88
N LEU E 634 -40.26 -4.45 3.18
CA LEU E 634 -41.59 -4.73 3.68
C LEU E 634 -42.34 -5.77 2.85
N ARG E 635 -41.69 -6.36 1.86
CA ARG E 635 -42.34 -7.36 1.02
C ARG E 635 -42.61 -8.60 1.86
N PRO E 636 -43.62 -9.41 1.49
CA PRO E 636 -43.78 -10.71 2.14
C PRO E 636 -42.44 -11.36 2.45
N GLY E 637 -42.35 -11.95 3.63
CA GLY E 637 -41.07 -12.23 4.23
C GLY E 637 -40.54 -10.99 4.92
N ARG E 638 -39.31 -11.07 5.40
CA ARG E 638 -38.68 -9.93 6.06
C ARG E 638 -39.61 -9.38 7.13
N LEU E 639 -39.80 -8.06 7.19
CA LEU E 639 -40.62 -7.17 8.03
C LEU E 639 -41.99 -6.98 7.39
N ASP E 640 -42.81 -8.03 7.52
CA ASP E 640 -44.14 -7.99 6.90
C ASP E 640 -45.17 -7.31 7.79
N GLN E 641 -45.12 -7.55 9.10
CA GLN E 641 -46.11 -6.98 10.02
C GLN E 641 -45.75 -5.54 10.35
N LEU E 642 -46.77 -4.68 10.41
CA LEU E 642 -46.62 -3.29 10.80
C LEU E 642 -47.64 -2.95 11.88
N ILE E 643 -47.21 -2.19 12.88
CA ILE E 643 -48.06 -1.77 13.99
C ILE E 643 -47.92 -0.27 14.18
N TYR E 644 -49.02 0.38 14.54
CA TYR E 644 -49.06 1.82 14.74
C TYR E 644 -49.15 2.13 16.23
N ILE E 645 -48.27 3.01 16.70
CA ILE E 645 -48.24 3.43 18.10
C ILE E 645 -48.83 4.84 18.16
N PRO E 646 -50.03 5.03 18.72
CA PRO E 646 -50.62 6.37 18.76
C PRO E 646 -50.24 7.14 20.01
N LEU E 647 -50.60 8.41 20.02
CA LEU E 647 -50.32 9.26 21.17
C LEU E 647 -51.11 8.76 22.38
N PRO E 648 -50.54 8.81 23.59
CA PRO E 648 -51.29 8.35 24.76
C PRO E 648 -52.56 9.16 24.96
N ASP E 649 -53.62 8.49 25.37
CA ASP E 649 -54.90 9.11 25.68
C ASP E 649 -55.00 9.35 27.18
N GLU E 650 -56.06 10.05 27.58
CA GLU E 650 -56.28 10.41 28.98
C GLU E 650 -56.05 9.21 29.90
N LYS E 651 -56.78 8.12 29.64
CA LYS E 651 -56.61 6.92 30.47
C LYS E 651 -55.20 6.38 30.39
N SER E 652 -54.51 6.60 29.28
CA SER E 652 -53.11 6.17 29.18
C SER E 652 -52.18 7.19 29.83
N ARG E 653 -52.51 8.48 29.75
CA ARG E 653 -51.66 9.50 30.35
C ARG E 653 -51.65 9.37 31.87
N VAL E 654 -52.80 9.05 32.48
CA VAL E 654 -52.81 8.83 33.92
C VAL E 654 -51.89 7.67 34.29
N ALA E 655 -51.95 6.59 33.52
CA ALA E 655 -51.09 5.44 33.79
C ALA E 655 -49.62 5.82 33.65
N ILE E 656 -49.28 6.61 32.62
CA ILE E 656 -47.90 7.04 32.43
C ILE E 656 -47.44 7.87 33.62
N LEU E 657 -48.28 8.81 34.06
CA LEU E 657 -47.92 9.65 35.20
C LEU E 657 -47.70 8.82 36.45
N LYS E 658 -48.61 7.86 36.71
CA LYS E 658 -48.47 7.03 37.89
C LYS E 658 -47.20 6.19 37.81
N ALA E 659 -46.91 5.63 36.64
CA ALA E 659 -45.69 4.83 36.48
C ALA E 659 -44.45 5.67 36.71
N ASN E 660 -44.43 6.90 36.20
CA ASN E 660 -43.26 7.75 36.36
C ASN E 660 -43.12 8.25 37.79
N LEU E 661 -44.23 8.40 38.51
CA LEU E 661 -44.20 8.91 39.88
C LEU E 661 -44.21 7.81 40.93
N ARG E 662 -44.17 6.54 40.54
CA ARG E 662 -44.09 5.46 41.50
C ARG E 662 -42.69 5.31 42.10
N LYS E 663 -41.75 6.17 41.71
CA LYS E 663 -40.38 6.12 42.20
C LYS E 663 -40.04 7.24 43.16
N SER E 664 -40.73 8.38 43.07
CA SER E 664 -40.41 9.54 43.90
C SER E 664 -41.50 9.77 44.95
N PRO E 665 -41.16 10.38 46.08
CA PRO E 665 -42.17 10.66 47.11
C PRO E 665 -42.99 11.90 46.74
N VAL E 666 -44.32 11.78 46.86
CA VAL E 666 -45.23 12.83 46.44
C VAL E 666 -46.30 13.04 47.52
N ALA E 667 -46.90 14.21 47.50
CA ALA E 667 -47.98 14.55 48.42
C ALA E 667 -49.32 14.06 47.85
N LYS E 668 -50.40 14.40 48.54
CA LYS E 668 -51.73 13.89 48.21
C LYS E 668 -52.69 14.97 47.73
N ASP E 669 -52.34 16.25 47.87
CA ASP E 669 -53.18 17.32 47.32
C ASP E 669 -53.20 17.32 45.80
N VAL E 670 -52.32 16.56 45.16
CA VAL E 670 -52.28 16.54 43.70
C VAL E 670 -53.55 15.92 43.15
N ASP E 671 -53.85 16.24 41.89
CA ASP E 671 -54.99 15.68 41.16
C ASP E 671 -54.45 15.22 39.81
N LEU E 672 -53.99 13.96 39.78
CA LEU E 672 -53.37 13.44 38.57
C LEU E 672 -54.35 13.39 37.40
N GLU E 673 -55.59 12.98 37.66
CA GLU E 673 -56.59 12.95 36.61
C GLU E 673 -56.83 14.34 36.05
N PHE E 674 -56.79 15.35 36.91
CA PHE E 674 -56.97 16.73 36.47
C PHE E 674 -55.87 17.13 35.48
N LEU E 675 -54.62 16.82 35.81
CA LEU E 675 -53.52 17.12 34.90
C LEU E 675 -53.65 16.35 33.60
N ALA E 676 -53.98 15.05 33.70
CA ALA E 676 -54.08 14.22 32.51
C ALA E 676 -55.16 14.76 31.57
N LYS E 677 -56.31 15.14 32.11
CA LYS E 677 -57.35 15.75 31.30
C LYS E 677 -56.89 17.08 30.72
N MET E 678 -56.11 17.85 31.49
CA MET E 678 -55.58 19.10 30.98
C MET E 678 -54.66 18.91 29.79
N THR E 679 -54.03 17.74 29.67
CA THR E 679 -53.06 17.49 28.61
C THR E 679 -53.74 16.84 27.41
N ASN E 680 -53.44 17.36 26.22
CA ASN E 680 -53.94 16.80 24.97
C ASN E 680 -52.85 16.88 23.93
N GLY E 681 -52.66 15.80 23.18
CA GLY E 681 -51.59 15.76 22.20
C GLY E 681 -50.22 15.85 22.83
N PHE E 682 -50.00 15.13 23.92
CA PHE E 682 -48.73 15.11 24.62
C PHE E 682 -48.06 13.74 24.45
N SER E 683 -46.75 13.73 24.65
CA SER E 683 -45.95 12.51 24.54
C SER E 683 -45.56 12.01 25.92
N GLY E 684 -45.10 10.77 25.97
CA GLY E 684 -44.67 10.21 27.24
C GLY E 684 -43.56 11.01 27.88
N ALA E 685 -42.60 11.47 27.07
CA ALA E 685 -41.50 12.27 27.61
C ALA E 685 -41.97 13.64 28.06
N ASP E 686 -43.02 14.17 27.44
CA ASP E 686 -43.53 15.49 27.82
C ASP E 686 -44.00 15.52 29.27
N LEU E 687 -44.28 14.36 29.86
CA LEU E 687 -44.65 14.26 31.26
C LEU E 687 -43.46 13.96 32.17
N THR E 688 -42.52 13.15 31.70
CA THR E 688 -41.30 12.90 32.46
C THR E 688 -40.53 14.21 32.66
N GLU E 689 -40.50 15.06 31.63
CA GLU E 689 -39.81 16.33 31.78
C GLU E 689 -40.49 17.22 32.81
N ILE E 690 -41.83 17.18 32.87
CA ILE E 690 -42.54 17.94 33.90
C ILE E 690 -42.17 17.41 35.29
N CYS E 691 -42.15 16.08 35.43
CA CYS E 691 -41.76 15.49 36.71
C CYS E 691 -40.36 15.93 37.11
N GLN E 692 -39.42 15.89 36.17
CA GLN E 692 -38.05 16.27 36.47
C GLN E 692 -37.95 17.75 36.83
N ARG E 693 -38.70 18.60 36.13
CA ARG E 693 -38.67 20.03 36.43
C ARG E 693 -39.22 20.31 37.83
N ALA E 694 -40.33 19.66 38.20
CA ALA E 694 -40.86 19.84 39.54
C ALA E 694 -39.89 19.33 40.59
N CYS E 695 -39.25 18.19 40.33
CA CYS E 695 -38.26 17.67 41.27
C CYS E 695 -37.07 18.62 41.41
N LYS E 696 -36.64 19.23 40.29
CA LYS E 696 -35.56 20.21 40.36
C LYS E 696 -35.98 21.42 41.19
N LEU E 697 -37.22 21.89 41.01
CA LEU E 697 -37.70 23.01 41.82
C LEU E 697 -37.68 22.66 43.30
N ALA E 698 -38.13 21.44 43.64
CA ALA E 698 -38.12 21.03 45.04
C ALA E 698 -36.69 20.96 45.57
N ILE E 699 -35.77 20.41 44.78
CA ILE E 699 -34.38 20.33 45.22
C ILE E 699 -33.82 21.73 45.46
N ARG E 700 -34.09 22.66 44.54
CA ARG E 700 -33.55 24.01 44.70
C ARG E 700 -34.12 24.68 45.93
N GLU E 701 -35.44 24.55 46.16
CA GLU E 701 -36.03 25.13 47.35
C GLU E 701 -35.40 24.56 48.61
N SER E 702 -35.23 23.23 48.66
CA SER E 702 -34.61 22.61 49.83
C SER E 702 -33.19 23.10 50.03
N ILE E 703 -32.42 23.20 48.94
CA ILE E 703 -31.03 23.64 49.05
C ILE E 703 -30.96 25.05 49.60
N GLU E 704 -31.75 25.95 49.03
CA GLU E 704 -31.73 27.34 49.49
C GLU E 704 -32.15 27.44 50.95
N SER E 705 -33.22 26.75 51.33
CA SER E 705 -33.70 26.83 52.70
C SER E 705 -32.67 26.28 53.68
N GLU E 706 -32.08 25.12 53.37
CA GLU E 706 -31.12 24.51 54.27
C GLU E 706 -29.86 25.37 54.39
N ILE E 707 -29.37 25.90 53.27
CA ILE E 707 -28.17 26.73 53.32
C ILE E 707 -28.43 28.00 54.12
N ARG E 708 -29.58 28.64 53.90
CA ARG E 708 -29.91 29.83 54.67
C ARG E 708 -30.01 29.51 56.16
N ARG E 709 -30.65 28.37 56.49
CA ARG E 709 -30.79 27.99 57.89
C ARG E 709 -29.42 27.77 58.54
N GLU E 710 -28.54 27.05 57.85
CA GLU E 710 -27.21 26.81 58.39
C GLU E 710 -26.42 28.11 58.52
N ARG E 711 -26.60 29.03 57.57
CA ARG E 711 -25.81 30.26 57.56
C ARG E 711 -26.29 31.26 58.61
N GLU E 712 -27.59 31.31 58.88
CA GLU E 712 -28.12 32.37 59.74
C GLU E 712 -27.68 32.20 61.19
N ARG E 713 -27.79 30.98 61.73
CA ARG E 713 -27.54 30.78 63.14
C ARG E 713 -26.06 30.66 63.48
N GLN E 714 -25.19 30.51 62.49
CA GLN E 714 -23.76 30.45 62.77
C GLN E 714 -23.27 31.75 63.41
N THR E 715 -23.84 32.88 62.99
CA THR E 715 -23.53 34.14 63.65
C THR E 715 -24.03 34.15 65.09
N ASN E 716 -25.21 33.59 65.33
CA ASN E 716 -25.78 33.49 66.66
C ASN E 716 -25.13 32.32 67.40
N PRO E 717 -24.24 32.58 68.36
CA PRO E 717 -23.49 31.46 68.96
C PRO E 717 -24.33 30.62 69.90
N SER E 718 -25.32 29.93 69.35
CA SER E 718 -26.14 28.99 70.11
C SER E 718 -25.53 27.61 69.94
N ALA E 719 -24.98 27.07 71.03
CA ALA E 719 -24.30 25.78 70.95
C ALA E 719 -25.24 24.68 70.46
N MET E 720 -26.52 24.76 70.82
CA MET E 720 -27.52 23.77 70.39
C MET E 720 -28.76 24.51 69.90
N GLU E 721 -29.02 24.41 68.59
CA GLU E 721 -30.23 24.98 68.00
C GLU E 721 -30.61 24.06 66.83
N VAL E 722 -31.48 23.11 67.11
CA VAL E 722 -31.86 22.07 66.14
C VAL E 722 -33.39 22.03 66.07
N GLU E 723 -33.96 22.82 65.17
CA GLU E 723 -35.36 22.63 64.77
C GLU E 723 -35.41 21.78 63.50
N GLU E 724 -34.81 20.59 63.59
CA GLU E 724 -34.59 19.75 62.44
C GLU E 724 -35.93 19.26 61.89
N ASP E 725 -36.28 19.71 60.69
CA ASP E 725 -37.46 19.22 59.99
C ASP E 725 -37.17 19.27 58.50
N ASP E 726 -37.53 18.19 57.80
CA ASP E 726 -37.37 18.17 56.35
C ASP E 726 -38.15 19.34 55.77
N PRO E 727 -37.49 20.36 55.22
CA PRO E 727 -38.24 21.54 54.77
C PRO E 727 -39.35 21.20 53.79
N VAL E 728 -39.09 20.31 52.84
CA VAL E 728 -40.09 19.90 51.85
C VAL E 728 -39.81 18.47 51.42
N PRO E 729 -40.11 17.47 52.25
CA PRO E 729 -39.88 16.08 51.83
C PRO E 729 -40.68 15.70 50.61
N GLU E 730 -41.87 16.27 50.43
CA GLU E 730 -42.75 15.93 49.32
C GLU E 730 -43.26 17.22 48.68
N ILE E 731 -43.64 17.11 47.41
CA ILE E 731 -44.04 18.27 46.63
C ILE E 731 -45.55 18.38 46.62
N ARG E 732 -46.03 19.59 46.37
CA ARG E 732 -47.45 19.92 46.36
C ARG E 732 -47.86 20.38 44.97
N ARG E 733 -49.11 20.83 44.85
CA ARG E 733 -49.61 21.35 43.58
C ARG E 733 -48.92 22.63 43.16
N ASP E 734 -48.24 23.32 44.08
CA ASP E 734 -47.60 24.59 43.73
C ASP E 734 -46.52 24.39 42.69
N HIS E 735 -45.57 23.48 42.97
CA HIS E 735 -44.47 23.26 42.02
C HIS E 735 -44.98 22.72 40.70
N PHE E 736 -45.95 21.80 40.75
CA PHE E 736 -46.48 21.22 39.52
C PHE E 736 -47.17 22.28 38.67
N GLU E 737 -48.07 23.06 39.28
CA GLU E 737 -48.74 24.12 38.55
C GLU E 737 -47.77 25.16 38.04
N GLU E 738 -46.64 25.36 38.72
CA GLU E 738 -45.58 26.19 38.16
C GLU E 738 -44.96 25.53 36.93
N ALA E 739 -44.78 24.21 36.98
CA ALA E 739 -44.15 23.50 35.87
C ALA E 739 -45.04 23.49 34.63
N MET E 740 -46.37 23.48 34.81
CA MET E 740 -47.27 23.45 33.66
C MET E 740 -47.10 24.69 32.78
N ARG E 741 -46.51 25.75 33.30
CA ARG E 741 -46.30 26.95 32.49
C ARG E 741 -45.37 26.65 31.33
N PHE E 742 -44.26 25.96 31.59
CA PHE E 742 -43.34 25.58 30.52
C PHE E 742 -43.78 24.32 29.79
N ALA E 743 -44.67 23.52 30.39
CA ALA E 743 -45.11 22.29 29.75
C ALA E 743 -46.07 22.61 28.60
N ARG E 744 -45.69 22.21 27.39
CA ARG E 744 -46.50 22.48 26.21
C ARG E 744 -46.34 21.33 25.23
N ARG E 745 -47.11 21.37 24.16
CA ARG E 745 -47.11 20.30 23.17
C ARG E 745 -45.76 20.23 22.44
N SER E 746 -45.43 19.04 21.97
CA SER E 746 -44.18 18.80 21.26
C SER E 746 -44.39 18.43 19.80
N VAL E 747 -45.29 17.49 19.52
CA VAL E 747 -45.55 17.05 18.16
C VAL E 747 -46.67 17.89 17.56
N SER E 748 -46.46 18.37 16.34
CA SER E 748 -47.48 19.16 15.66
C SER E 748 -48.65 18.29 15.25
N ASP E 749 -49.84 18.90 15.21
CA ASP E 749 -51.03 18.17 14.77
C ASP E 749 -50.90 17.73 13.32
N ASN E 750 -50.27 18.56 12.48
CA ASN E 750 -50.06 18.19 11.09
C ASN E 750 -49.33 16.85 10.97
N ASP E 751 -48.36 16.61 11.85
CA ASP E 751 -47.66 15.33 11.82
C ASP E 751 -48.61 14.18 12.12
N ILE E 752 -49.51 14.36 13.09
CA ILE E 752 -50.48 13.31 13.41
C ILE E 752 -51.39 13.05 12.21
N ARG E 753 -51.78 14.12 11.52
CA ARG E 753 -52.60 13.94 10.32
C ARG E 753 -51.85 13.17 9.26
N LYS E 754 -50.55 13.45 9.08
CA LYS E 754 -49.75 12.70 8.14
C LYS E 754 -49.69 11.22 8.52
N TYR E 755 -49.49 10.94 9.80
CA TYR E 755 -49.43 9.54 10.26
C TYR E 755 -50.75 8.84 9.98
N GLU E 756 -51.87 9.49 10.27
CA GLU E 756 -53.17 8.87 10.03
C GLU E 756 -53.41 8.65 8.54
N MET E 757 -52.97 9.61 7.71
CA MET E 757 -53.10 9.43 6.26
C MET E 757 -52.31 8.20 5.80
N PHE E 758 -51.08 8.05 6.32
CA PHE E 758 -50.30 6.87 5.94
C PHE E 758 -50.92 5.59 6.46
N ALA E 759 -51.58 5.66 7.63
CA ALA E 759 -52.21 4.48 8.22
C ALA E 759 -53.54 4.13 7.57
N GLN E 760 -54.14 5.05 6.81
CA GLN E 760 -55.39 4.78 6.11
C GLN E 760 -55.20 4.46 4.64
N THR E 761 -54.21 5.08 3.98
CA THR E 761 -53.98 4.82 2.57
C THR E 761 -53.54 3.39 2.31
N LEU E 762 -53.08 2.67 3.33
CA LEU E 762 -52.63 1.29 3.17
C LEU E 762 -53.68 0.44 2.48
N ASN F 21 -1.02 9.23 74.12
CA ASN F 21 -0.14 8.08 74.28
C ASN F 21 1.31 8.49 74.10
N ARG F 22 1.88 9.11 75.14
CA ARG F 22 3.26 9.55 75.10
C ARG F 22 3.46 10.53 73.95
N PRO F 23 2.91 11.74 74.04
CA PRO F 23 3.11 12.73 72.98
C PRO F 23 4.47 13.39 73.06
N ASN F 24 5.51 12.58 73.25
CA ASN F 24 6.88 13.08 73.26
C ASN F 24 7.57 12.86 71.93
N ARG F 25 7.26 11.77 71.24
CA ARG F 25 7.75 11.56 69.89
C ARG F 25 6.83 12.26 68.90
N LEU F 26 7.25 12.26 67.63
CA LEU F 26 6.44 12.94 66.64
C LEU F 26 6.84 12.51 65.24
N ILE F 27 5.89 12.63 64.32
CA ILE F 27 6.05 12.23 62.94
C ILE F 27 6.81 13.31 62.18
N VAL F 28 7.32 12.94 61.02
CA VAL F 28 8.08 13.85 60.18
C VAL F 28 7.22 14.33 59.01
N ASP F 29 7.56 15.49 58.49
CA ASP F 29 6.92 16.02 57.30
C ASP F 29 7.84 17.08 56.71
N GLU F 30 7.55 17.46 55.47
CA GLU F 30 8.36 18.46 54.79
C GLU F 30 8.22 19.82 55.48
N ALA F 31 8.94 20.80 54.96
CA ALA F 31 8.99 22.14 55.54
C ALA F 31 8.75 23.18 54.46
N ILE F 32 7.99 24.21 54.83
CA ILE F 32 7.78 25.35 53.94
C ILE F 32 8.86 26.42 54.14
N ASN F 33 9.44 26.48 55.34
CA ASN F 33 10.55 27.40 55.59
C ASN F 33 11.86 26.72 55.24
N GLU F 34 12.65 27.37 54.39
CA GLU F 34 13.85 26.75 53.86
C GLU F 34 15.09 27.02 54.71
N ASP F 35 15.06 28.04 55.55
CA ASP F 35 16.23 28.38 56.35
C ASP F 35 16.68 27.18 57.17
N ASN F 36 17.99 27.00 57.24
CA ASN F 36 18.55 25.84 57.90
C ASN F 36 18.26 25.89 59.40
N SER F 37 18.25 24.70 60.01
CA SER F 37 18.13 24.56 61.45
C SER F 37 16.86 25.24 61.98
N VAL F 38 15.77 25.12 61.22
CA VAL F 38 14.52 25.76 61.57
C VAL F 38 13.37 24.80 61.29
N VAL F 39 12.31 24.92 62.09
CA VAL F 39 11.17 24.02 62.04
C VAL F 39 9.89 24.83 62.21
N SER F 40 8.76 24.11 62.22
CA SER F 40 7.46 24.70 62.46
C SER F 40 6.53 23.61 62.98
N LEU F 41 5.69 23.97 63.95
CA LEU F 41 4.88 22.99 64.68
C LEU F 41 3.48 23.51 64.87
N SER F 42 2.59 22.59 65.22
CA SER F 42 1.23 22.96 65.57
C SER F 42 1.22 23.95 66.73
N GLN F 43 0.25 24.85 66.70
CA GLN F 43 0.16 25.93 67.67
C GLN F 43 -0.28 25.44 69.06
N PRO F 44 -1.18 24.47 69.16
CA PRO F 44 -1.68 24.13 70.50
C PRO F 44 -0.68 23.31 71.29
N LYS F 45 0.19 22.60 70.58
CA LYS F 45 1.17 21.72 71.22
C LYS F 45 2.46 22.48 71.54
N MET F 46 2.28 23.63 72.18
CA MET F 46 3.37 24.42 72.72
C MET F 46 3.45 24.36 74.22
N ASP F 47 2.33 24.11 74.90
CA ASP F 47 2.34 23.87 76.33
C ASP F 47 2.56 22.40 76.63
N GLU F 48 2.04 21.53 75.76
CA GLU F 48 2.22 20.09 75.93
C GLU F 48 3.69 19.76 76.09
N LEU F 49 4.50 20.15 75.10
CA LEU F 49 5.94 20.10 75.26
C LEU F 49 6.43 21.24 76.14
N GLN F 50 5.63 22.30 76.25
CA GLN F 50 5.93 23.40 77.16
C GLN F 50 7.20 24.12 76.77
N LEU F 51 7.24 24.66 75.55
CA LEU F 51 8.38 25.42 75.08
C LEU F 51 7.92 26.37 73.99
N PHE F 52 8.80 27.32 73.64
CA PHE F 52 8.43 28.43 72.79
C PHE F 52 9.23 28.44 71.49
N ARG F 53 8.80 29.29 70.57
CA ARG F 53 9.46 29.41 69.27
C ARG F 53 10.94 29.66 69.45
N GLY F 54 11.29 30.71 70.18
CA GLY F 54 12.70 31.02 70.37
C GLY F 54 13.41 29.98 71.20
N ASP F 55 12.66 29.25 72.02
CA ASP F 55 13.25 28.21 72.84
C ASP F 55 13.92 27.19 71.92
N THR F 56 15.25 27.16 71.94
CA THR F 56 15.97 26.17 71.16
C THR F 56 15.72 24.78 71.73
N VAL F 57 15.56 23.81 70.85
CA VAL F 57 15.15 22.48 71.23
C VAL F 57 15.99 21.45 70.48
N LEU F 58 16.33 20.37 71.17
CA LEU F 58 17.09 19.27 70.58
C LEU F 58 16.13 18.18 70.13
N LEU F 59 16.52 17.48 69.08
CA LEU F 59 15.70 16.47 68.45
C LEU F 59 16.54 15.25 68.17
N LYS F 60 15.99 14.09 68.50
CA LYS F 60 16.73 12.84 68.42
C LYS F 60 16.68 12.29 67.00
N GLY F 61 17.63 11.43 66.70
CA GLY F 61 17.73 10.82 65.40
C GLY F 61 18.56 9.56 65.52
N LYS F 62 18.19 8.57 64.71
CA LYS F 62 18.75 7.24 64.83
C LYS F 62 20.25 7.27 64.57
N LYS F 63 20.86 6.09 64.61
CA LYS F 63 22.31 5.94 64.65
C LYS F 63 22.93 6.79 65.75
N ARG F 64 22.18 7.08 66.80
CA ARG F 64 22.69 7.79 67.97
C ARG F 64 23.20 9.18 67.58
N ARG F 65 22.25 10.02 67.17
CA ARG F 65 22.55 11.43 66.98
C ARG F 65 21.38 12.26 67.51
N GLU F 66 21.66 13.53 67.79
CA GLU F 66 20.63 14.51 68.08
C GLU F 66 21.10 15.86 67.58
N ALA F 67 20.19 16.58 66.94
CA ALA F 67 20.49 17.88 66.38
C ALA F 67 19.57 18.92 67.00
N VAL F 68 20.11 20.09 67.28
CA VAL F 68 19.36 21.16 67.93
C VAL F 68 18.93 22.16 66.88
N CYS F 69 17.84 22.85 67.15
CA CYS F 69 17.34 23.85 66.21
C CYS F 69 16.34 24.75 66.91
N ILE F 70 15.92 25.78 66.17
CA ILE F 70 14.90 26.69 66.67
C ILE F 70 13.53 26.07 66.52
N VAL F 71 12.57 26.64 67.24
CA VAL F 71 11.19 26.20 67.20
C VAL F 71 10.32 27.32 66.63
N LEU F 72 9.15 26.93 66.16
CA LEU F 72 8.14 27.89 65.73
C LEU F 72 6.76 27.24 65.86
N SER F 73 5.74 28.08 65.86
CA SER F 73 4.36 27.66 66.00
C SER F 73 3.58 28.04 64.76
N ASP F 74 3.00 27.05 64.10
CA ASP F 74 2.11 27.25 62.97
C ASP F 74 0.87 26.38 63.15
N ASP F 75 0.07 26.32 62.09
CA ASP F 75 -1.20 25.61 62.12
C ASP F 75 -1.36 24.58 61.01
N THR F 76 -0.92 24.90 59.79
CA THR F 76 -1.14 24.01 58.66
C THR F 76 -0.64 22.60 58.97
N CYS F 77 0.54 22.50 59.54
CA CYS F 77 1.04 21.20 59.96
C CYS F 77 0.13 20.61 61.04
N SER F 78 -0.07 19.31 60.99
CA SER F 78 -0.94 18.66 61.95
C SER F 78 -0.34 18.74 63.34
N ASP F 79 -1.16 18.37 64.33
CA ASP F 79 -0.71 18.29 65.70
C ASP F 79 0.13 17.05 65.98
N GLU F 80 0.54 16.33 64.95
CA GLU F 80 1.33 15.13 65.13
C GLU F 80 2.53 15.05 64.21
N LYS F 81 2.84 16.11 63.46
CA LYS F 81 3.92 16.07 62.49
C LYS F 81 4.76 17.33 62.56
N ILE F 82 6.07 17.12 62.53
CA ILE F 82 7.03 18.20 62.49
C ILE F 82 7.29 18.57 61.04
N ARG F 83 7.84 19.75 60.84
CA ARG F 83 8.29 20.21 59.54
C ARG F 83 9.79 20.52 59.59
N MET F 84 10.51 20.06 58.57
CA MET F 84 11.95 20.23 58.54
C MET F 84 12.43 20.06 57.09
N ASN F 85 13.70 20.34 56.86
CA ASN F 85 14.29 20.32 55.53
C ASN F 85 15.21 19.13 55.36
N ARG F 86 15.70 18.95 54.12
CA ARG F 86 16.47 17.76 53.80
C ARG F 86 17.81 17.72 54.52
N VAL F 87 18.35 18.86 54.93
CA VAL F 87 19.68 18.87 55.52
C VAL F 87 19.68 18.12 56.85
N VAL F 88 18.76 18.47 57.73
CA VAL F 88 18.69 17.83 59.03
C VAL F 88 18.20 16.39 58.87
N ARG F 89 17.26 16.18 57.96
CA ARG F 89 16.82 14.82 57.71
C ARG F 89 17.93 13.97 57.15
N ASN F 90 19.00 14.60 56.65
CA ASN F 90 20.17 13.86 56.20
C ASN F 90 21.12 13.61 57.37
N ASN F 91 21.45 14.65 58.14
CA ASN F 91 22.33 14.43 59.27
C ASN F 91 21.66 13.55 60.31
N LEU F 92 20.34 13.64 60.43
CA LEU F 92 19.63 12.72 61.31
C LEU F 92 19.37 11.38 60.66
N ARG F 93 19.74 11.22 59.40
CA ARG F 93 19.74 9.90 58.75
C ARG F 93 18.34 9.31 58.69
N VAL F 94 17.34 10.17 58.63
CA VAL F 94 15.95 9.75 58.72
C VAL F 94 15.17 10.31 57.54
N ARG F 95 14.20 9.53 57.07
CA ARG F 95 13.31 9.90 55.99
C ARG F 95 11.91 10.10 56.53
N LEU F 96 11.03 10.56 55.64
CA LEU F 96 9.63 10.67 55.99
C LEU F 96 9.05 9.30 56.32
N GLY F 97 7.93 9.30 57.02
CA GLY F 97 7.34 8.08 57.51
C GLY F 97 7.92 7.59 58.81
N ASP F 98 8.89 8.31 59.37
CA ASP F 98 9.55 7.94 60.60
C ASP F 98 9.10 8.85 61.73
N VAL F 99 9.59 8.58 62.94
CA VAL F 99 9.22 9.30 64.14
C VAL F 99 10.42 9.36 65.07
N ILE F 100 10.58 10.49 65.76
CA ILE F 100 11.68 10.70 66.68
C ILE F 100 11.16 11.43 67.91
N SER F 101 12.05 11.64 68.87
CA SER F 101 11.74 12.34 70.10
C SER F 101 12.22 13.79 70.03
N ILE F 102 12.10 14.48 71.16
CA ILE F 102 12.33 15.91 71.22
C ILE F 102 12.51 16.31 72.67
N GLN F 103 13.23 17.41 72.90
CA GLN F 103 13.37 17.91 74.26
C GLN F 103 13.80 19.38 74.25
N PRO F 104 13.16 20.23 75.04
CA PRO F 104 13.59 21.64 75.11
C PRO F 104 15.01 21.74 75.64
N CYS F 105 15.68 22.82 75.26
CA CYS F 105 17.07 23.06 75.64
C CYS F 105 17.25 24.50 76.11
N PRO F 106 16.66 24.84 77.27
CA PRO F 106 16.97 26.13 77.89
C PRO F 106 18.39 26.20 78.43
N ASP F 107 19.08 25.07 78.55
CA ASP F 107 20.46 25.03 79.01
C ASP F 107 21.45 25.30 77.89
N VAL F 108 20.98 25.86 76.78
CA VAL F 108 21.85 26.08 75.65
C VAL F 108 22.98 27.04 76.02
N LYS F 109 24.03 27.00 75.22
CA LYS F 109 25.26 27.75 75.47
C LYS F 109 25.60 28.62 74.27
N TYR F 110 26.35 29.69 74.53
CA TYR F 110 26.79 30.57 73.46
C TYR F 110 28.02 29.98 72.80
N GLY F 111 27.89 29.59 71.54
CA GLY F 111 28.95 28.90 70.85
C GLY F 111 30.16 29.79 70.67
N LYS F 112 31.26 29.43 71.32
CA LYS F 112 32.55 30.03 71.02
C LYS F 112 33.12 29.36 69.77
N ARG F 113 34.40 29.59 69.51
CA ARG F 113 35.01 29.06 68.30
C ARG F 113 34.63 27.61 68.08
N ILE F 114 33.95 27.34 66.98
CA ILE F 114 33.51 26.01 66.62
C ILE F 114 33.91 25.81 65.16
N HIS F 115 35.03 25.12 64.94
CA HIS F 115 35.64 25.11 63.62
C HIS F 115 34.78 24.39 62.61
N VAL F 116 34.87 24.84 61.36
CA VAL F 116 34.12 24.30 60.24
C VAL F 116 35.08 24.02 59.10
N LEU F 117 34.59 23.25 58.14
CA LEU F 117 35.45 22.91 57.02
C LEU F 117 34.59 22.60 55.81
N PRO F 118 35.04 22.97 54.61
CA PRO F 118 34.23 22.73 53.41
C PRO F 118 34.30 21.27 53.02
N ILE F 119 33.23 20.54 53.29
CA ILE F 119 33.27 19.08 53.27
C ILE F 119 32.57 18.62 51.99
N ASP F 120 33.33 18.57 50.90
CA ASP F 120 32.84 18.02 49.65
C ASP F 120 33.94 18.11 48.60
N ASP F 121 33.64 17.53 47.45
CA ASP F 121 34.38 17.85 46.23
C ASP F 121 33.88 19.15 45.60
N THR F 122 32.68 19.61 46.01
CA THR F 122 32.19 20.89 45.52
C THR F 122 33.23 21.99 45.69
N VAL F 123 34.12 21.82 46.66
CA VAL F 123 35.24 22.74 46.81
C VAL F 123 36.03 22.83 45.53
N GLU F 124 35.93 21.81 44.67
CA GLU F 124 36.65 21.82 43.41
C GLU F 124 36.31 23.07 42.61
N GLY F 125 37.26 23.47 41.77
CA GLY F 125 37.04 24.57 40.84
C GLY F 125 36.59 25.84 41.51
N ILE F 126 37.37 26.33 42.47
CA ILE F 126 37.02 27.54 43.20
C ILE F 126 38.27 28.12 43.83
N THR F 127 38.19 29.39 44.20
CA THR F 127 39.30 30.09 44.84
C THR F 127 38.75 31.22 45.70
N GLY F 128 39.60 31.69 46.61
CA GLY F 128 39.27 32.81 47.48
C GLY F 128 38.90 32.36 48.89
N ASN F 129 38.93 33.33 49.80
CA ASN F 129 38.47 33.10 51.17
C ASN F 129 36.96 33.20 51.16
N LEU F 130 36.34 32.24 50.46
CA LEU F 130 34.89 32.20 50.37
C LEU F 130 34.24 32.08 51.74
N PHE F 131 34.99 31.62 52.75
CA PHE F 131 34.44 31.53 54.09
C PHE F 131 33.71 32.80 54.45
N GLU F 132 34.36 33.94 54.25
CA GLU F 132 33.80 35.21 54.68
C GLU F 132 32.43 35.43 54.07
N VAL F 133 32.39 35.54 52.75
CA VAL F 133 31.16 35.97 52.07
C VAL F 133 30.04 34.98 52.30
N TYR F 134 30.36 33.69 52.30
CA TYR F 134 29.31 32.68 52.41
C TYR F 134 28.79 32.56 53.84
N LEU F 135 29.66 32.75 54.84
CA LEU F 135 29.34 32.44 56.22
C LEU F 135 28.88 33.69 56.98
N LYS F 136 29.73 34.71 57.01
CA LYS F 136 29.44 35.89 57.83
C LYS F 136 28.02 36.40 57.66
N PRO F 137 27.43 36.41 56.48
CA PRO F 137 26.03 36.84 56.37
C PRO F 137 25.08 35.74 56.80
N TYR F 138 25.49 34.49 56.56
CA TYR F 138 24.63 33.35 56.91
C TYR F 138 24.48 33.23 58.41
N PHE F 139 25.57 33.40 59.14
CA PHE F 139 25.51 33.31 60.59
C PHE F 139 25.06 34.61 61.24
N LEU F 140 25.17 35.73 60.53
CA LEU F 140 24.86 37.01 61.12
C LEU F 140 23.41 37.09 61.57
N GLU F 141 23.22 37.32 62.86
CA GLU F 141 21.92 37.56 63.49
C GLU F 141 21.04 36.31 63.51
N ALA F 142 21.50 35.20 62.93
CA ALA F 142 20.66 34.01 62.87
C ALA F 142 20.50 33.36 64.23
N TYR F 143 21.40 33.65 65.17
CA TYR F 143 21.41 32.98 66.47
C TYR F 143 21.29 31.47 66.29
N ARG F 144 21.89 30.97 65.21
CA ARG F 144 21.89 29.57 64.85
C ARG F 144 22.32 28.71 66.03
N PRO F 145 21.43 27.91 66.60
CA PRO F 145 21.83 26.92 67.61
C PRO F 145 22.51 25.74 66.94
N ILE F 146 23.82 25.63 67.12
CA ILE F 146 24.63 24.71 66.35
C ILE F 146 25.23 23.66 67.27
N ARG F 147 25.28 22.44 66.77
CA ARG F 147 25.93 21.32 67.44
C ARG F 147 26.93 20.67 66.49
N LYS F 148 27.88 19.95 67.08
CA LYS F 148 28.85 19.19 66.31
C LYS F 148 28.14 18.32 65.27
N GLY F 149 28.86 17.98 64.20
CA GLY F 149 28.30 17.14 63.17
C GLY F 149 27.37 17.85 62.21
N ASP F 150 27.04 19.12 62.46
CA ASP F 150 26.16 19.85 61.56
C ASP F 150 26.72 19.84 60.15
N ILE F 151 25.83 19.76 59.17
CA ILE F 151 26.23 19.68 57.77
C ILE F 151 25.54 20.79 56.98
N PHE F 152 25.32 21.93 57.64
CA PHE F 152 24.61 23.05 57.05
C PHE F 152 25.21 23.45 55.70
N LEU F 153 24.45 24.23 54.93
CA LEU F 153 24.79 24.51 53.54
C LEU F 153 24.37 25.94 53.20
N VAL F 154 25.12 26.56 52.28
CA VAL F 154 24.86 27.92 51.86
C VAL F 154 25.21 28.06 50.39
N ARG F 155 24.58 29.03 49.73
CA ARG F 155 24.58 29.11 48.28
C ARG F 155 24.86 30.53 47.80
N GLY F 156 25.73 30.65 46.81
CA GLY F 156 26.04 31.93 46.22
C GLY F 156 26.82 31.76 44.93
N GLY F 157 26.80 32.81 44.12
CA GLY F 157 27.55 32.84 42.88
C GLY F 157 27.40 31.59 42.05
N MET F 158 26.19 31.30 41.61
CA MET F 158 25.91 30.16 40.73
C MET F 158 26.28 28.83 41.36
N ARG F 159 26.59 28.81 42.65
CA ARG F 159 27.09 27.57 43.26
C ARG F 159 26.44 27.38 44.61
N ALA F 160 26.50 26.15 45.10
CA ALA F 160 25.88 25.78 46.36
C ALA F 160 26.80 24.79 47.07
N VAL F 161 27.30 25.17 48.25
CA VAL F 161 28.29 24.38 48.95
C VAL F 161 28.03 24.44 50.44
N GLU F 162 28.57 23.48 51.16
CA GLU F 162 28.28 23.28 52.57
C GLU F 162 29.55 23.27 53.40
N PHE F 163 29.34 23.07 54.71
CA PHE F 163 30.44 22.94 55.66
C PHE F 163 29.98 22.04 56.79
N LYS F 164 30.95 21.50 57.52
CA LYS F 164 30.69 20.72 58.72
C LYS F 164 31.33 21.37 59.92
N VAL F 165 30.54 21.58 60.97
CA VAL F 165 31.08 22.04 62.24
C VAL F 165 31.80 20.87 62.88
N VAL F 166 33.13 20.84 62.73
CA VAL F 166 33.91 19.71 63.19
C VAL F 166 34.22 19.85 64.67
N GLU F 167 34.48 21.08 65.11
CA GLU F 167 34.86 21.35 66.49
C GLU F 167 33.77 22.15 67.18
N THR F 168 33.57 21.86 68.46
CA THR F 168 32.64 22.60 69.31
C THR F 168 33.41 22.96 70.58
N ASP F 169 33.95 24.19 70.62
CA ASP F 169 34.80 24.60 71.74
C ASP F 169 34.02 24.37 73.04
N PRO F 170 32.81 24.93 73.20
CA PRO F 170 31.87 24.31 74.14
C PRO F 170 31.05 23.24 73.43
N SER F 171 30.94 22.09 74.08
CA SER F 171 30.27 20.98 73.44
C SER F 171 28.94 20.69 74.11
N PRO F 172 28.00 20.05 73.39
CA PRO F 172 28.10 19.73 71.96
C PRO F 172 27.37 20.76 71.11
N TYR F 173 26.40 21.43 71.72
CA TYR F 173 25.50 22.33 71.02
C TYR F 173 25.54 23.69 71.69
N CYS F 174 25.53 24.74 70.86
CA CYS F 174 25.66 26.10 71.37
C CYS F 174 25.00 27.06 70.41
N ILE F 175 24.98 28.33 70.79
CA ILE F 175 24.44 29.39 69.97
C ILE F 175 25.57 30.06 69.19
N VAL F 176 25.20 30.78 68.15
CA VAL F 176 26.12 31.63 67.41
C VAL F 176 25.99 33.05 67.91
N ALA F 177 27.12 33.69 68.18
CA ALA F 177 27.16 35.09 68.55
C ALA F 177 28.14 35.81 67.65
N PRO F 178 27.85 37.06 67.27
CA PRO F 178 28.72 37.74 66.30
C PRO F 178 30.15 37.88 66.76
N ASP F 179 30.36 37.93 68.08
CA ASP F 179 31.72 38.05 68.59
C ASP F 179 32.53 36.79 68.34
N THR F 180 31.86 35.65 68.23
CA THR F 180 32.57 34.39 68.13
C THR F 180 33.51 34.39 66.93
N VAL F 181 34.70 33.84 67.14
CA VAL F 181 35.75 33.91 66.15
C VAL F 181 35.57 32.82 65.10
N ILE F 182 36.20 33.03 63.94
CA ILE F 182 36.33 31.99 62.93
C ILE F 182 37.74 31.98 62.36
N HIS F 183 38.59 31.11 62.90
CA HIS F 183 39.82 30.75 62.20
C HIS F 183 39.42 29.72 61.14
N CYS F 184 39.22 30.21 59.92
CA CYS F 184 38.64 29.41 58.85
C CYS F 184 39.76 28.82 58.01
N GLU F 185 40.09 27.55 58.27
CA GLU F 185 41.13 26.85 57.54
C GLU F 185 40.70 25.41 57.38
N GLY F 186 41.62 24.59 56.89
CA GLY F 186 41.37 23.17 56.70
C GLY F 186 41.34 22.79 55.23
N GLU F 187 41.39 21.48 55.01
CA GLU F 187 41.38 20.91 53.68
C GLU F 187 40.12 20.08 53.48
N PRO F 188 39.42 20.24 52.33
CA PRO F 188 38.16 19.52 52.14
C PRO F 188 38.27 18.05 52.51
N ILE F 189 37.43 17.62 53.44
CA ILE F 189 37.52 16.29 53.98
C ILE F 189 36.50 15.42 53.26
N LYS F 190 36.60 14.11 53.47
CA LYS F 190 35.84 13.14 52.70
C LYS F 190 34.57 12.79 53.45
N ARG F 191 33.44 13.12 52.84
CA ARG F 191 32.15 12.68 53.36
C ARG F 191 32.12 11.16 53.45
N GLU F 192 31.66 10.65 54.58
CA GLU F 192 31.59 9.21 54.76
C GLU F 192 30.51 8.63 53.86
N ASP F 193 30.33 7.31 53.98
CA ASP F 193 29.30 6.61 53.21
C ASP F 193 27.93 6.74 53.83
N GLU F 194 27.84 7.06 55.12
CA GLU F 194 26.55 7.12 55.79
C GLU F 194 25.68 8.21 55.21
N GLU F 195 26.14 9.45 55.28
CA GLU F 195 25.33 10.57 54.82
C GLU F 195 25.23 10.57 53.30
N GLU F 196 24.27 11.33 52.80
CA GLU F 196 24.05 11.49 51.38
C GLU F 196 24.10 12.97 51.02
N SER F 197 24.51 13.28 49.80
CA SER F 197 24.69 14.67 49.39
C SER F 197 23.45 15.50 49.12
N LEU F 198 23.58 16.82 49.20
CA LEU F 198 22.47 17.72 48.90
C LEU F 198 22.11 17.62 47.42
N ASN F 199 23.09 17.26 46.59
CA ASN F 199 22.86 17.16 45.14
C ASN F 199 21.78 16.15 44.82
N GLU F 200 21.70 15.07 45.59
CA GLU F 200 20.68 14.06 45.35
C GLU F 200 19.31 14.71 45.40
N VAL F 201 18.43 14.35 44.47
CA VAL F 201 17.12 15.01 44.39
C VAL F 201 16.08 14.74 45.46
N GLY F 202 14.96 15.47 45.41
CA GLY F 202 13.92 15.33 46.41
C GLY F 202 12.67 16.02 45.92
N TYR F 203 11.62 15.93 46.75
CA TYR F 203 10.34 16.53 46.37
C TYR F 203 10.46 18.05 46.23
N ASP F 204 11.32 18.68 47.02
CA ASP F 204 11.51 20.12 46.93
C ASP F 204 12.13 20.55 45.61
N ASP F 205 12.71 19.62 44.85
CA ASP F 205 13.39 19.94 43.60
C ASP F 205 12.44 19.99 42.41
N ILE F 206 11.17 19.66 42.60
CA ILE F 206 10.21 19.59 41.51
C ILE F 206 9.10 20.60 41.73
N GLY F 207 8.47 21.01 40.65
CA GLY F 207 7.36 21.94 40.71
C GLY F 207 6.43 21.74 39.54
N GLY F 208 5.15 22.05 39.75
CA GLY F 208 4.15 21.89 38.72
C GLY F 208 3.58 20.49 38.59
N CYS F 209 3.94 19.57 39.48
CA CYS F 209 3.46 18.20 39.43
C CYS F 209 2.91 17.77 40.78
N ARG F 210 2.24 18.67 41.50
CA ARG F 210 1.78 18.36 42.85
C ARG F 210 0.71 17.26 42.84
N LYS F 211 -0.24 17.34 41.90
CA LYS F 211 -1.34 16.37 41.90
C LYS F 211 -0.83 14.95 41.70
N GLN F 212 -0.07 14.73 40.63
CA GLN F 212 0.39 13.39 40.31
C GLN F 212 1.48 12.93 41.26
N LEU F 213 2.29 13.86 41.76
CA LEU F 213 3.27 13.49 42.78
C LEU F 213 2.57 13.00 44.04
N ALA F 214 1.50 13.68 44.46
CA ALA F 214 0.73 13.20 45.60
C ALA F 214 0.10 11.85 45.32
N GLN F 215 -0.44 11.67 44.12
CA GLN F 215 -0.99 10.38 43.74
C GLN F 215 0.05 9.27 43.89
N ILE F 216 1.24 9.49 43.35
CA ILE F 216 2.29 8.47 43.40
C ILE F 216 2.69 8.20 44.85
N LYS F 217 2.86 9.26 45.65
CA LYS F 217 3.23 9.07 47.05
C LYS F 217 2.21 8.19 47.76
N GLU F 218 0.93 8.57 47.69
CA GLU F 218 -0.09 7.78 48.36
C GLU F 218 -0.15 6.36 47.79
N MET F 219 0.22 6.18 46.53
CA MET F 219 0.15 4.86 45.91
C MET F 219 1.25 3.94 46.43
N VAL F 220 2.48 4.43 46.53
CA VAL F 220 3.63 3.54 46.73
C VAL F 220 4.40 3.88 48.00
N GLU F 221 3.72 4.41 49.01
CA GLU F 221 4.37 4.61 50.30
C GLU F 221 4.26 3.40 51.21
N LEU F 222 3.23 2.58 51.04
CA LEU F 222 2.98 1.44 51.92
C LEU F 222 3.88 0.26 51.57
N PRO F 223 3.97 -0.15 50.30
CA PRO F 223 4.75 -1.35 49.97
C PRO F 223 6.23 -1.25 50.31
N LEU F 224 6.78 -0.04 50.45
CA LEU F 224 8.19 0.13 50.75
C LEU F 224 8.47 0.45 52.21
N ARG F 225 7.57 1.17 52.89
CA ARG F 225 7.70 1.40 54.32
C ARG F 225 6.90 0.40 55.15
N HIS F 226 6.08 -0.44 54.52
CA HIS F 226 5.26 -1.40 55.26
C HIS F 226 5.04 -2.66 54.43
N PRO F 227 6.09 -3.36 54.03
CA PRO F 227 5.88 -4.61 53.28
C PRO F 227 5.31 -5.73 54.14
N ALA F 228 5.80 -5.86 55.39
CA ALA F 228 5.24 -6.86 56.29
C ALA F 228 3.75 -6.64 56.48
N LEU F 229 3.29 -5.38 56.42
CA LEU F 229 1.85 -5.14 56.47
C LEU F 229 1.15 -5.82 55.31
N PHE F 230 1.70 -5.68 54.10
CA PHE F 230 1.09 -6.34 52.94
C PHE F 230 1.11 -7.86 53.12
N LYS F 231 2.20 -8.40 53.65
CA LYS F 231 2.23 -9.83 53.95
C LYS F 231 1.26 -10.20 55.06
N ALA F 232 0.77 -9.24 55.83
CA ALA F 232 -0.17 -9.50 56.91
C ALA F 232 -1.63 -9.44 56.47
N ILE F 233 -1.92 -8.96 55.26
CA ILE F 233 -3.28 -8.90 54.75
C ILE F 233 -3.29 -9.39 53.31
N GLY F 234 -4.44 -9.91 52.88
CA GLY F 234 -4.59 -10.35 51.51
C GLY F 234 -5.08 -9.25 50.60
N VAL F 235 -4.16 -8.58 49.92
CA VAL F 235 -4.49 -7.49 49.01
C VAL F 235 -3.45 -7.48 47.90
N LYS F 236 -3.87 -7.05 46.71
CA LYS F 236 -3.00 -7.06 45.55
C LYS F 236 -2.46 -5.66 45.29
N PRO F 237 -1.18 -5.39 45.53
CA PRO F 237 -0.63 -4.07 45.24
C PRO F 237 -0.27 -3.94 43.76
N PRO F 238 -0.06 -2.72 43.28
CA PRO F 238 0.38 -2.56 41.90
C PRO F 238 1.82 -3.02 41.71
N ARG F 239 2.11 -3.53 40.50
CA ARG F 239 3.44 -3.98 40.14
C ARG F 239 3.82 -3.44 38.76
N GLY F 240 3.24 -2.32 38.37
CA GLY F 240 3.55 -1.69 37.11
C GLY F 240 2.86 -0.36 36.96
N ILE F 241 3.60 0.67 36.55
CA ILE F 241 3.08 2.02 36.41
C ILE F 241 3.61 2.60 35.11
N LEU F 242 2.74 3.33 34.41
CA LEU F 242 3.10 3.99 33.17
C LEU F 242 2.88 5.49 33.31
N LEU F 243 3.84 6.28 32.84
CA LEU F 243 3.76 7.73 32.87
C LEU F 243 3.87 8.24 31.44
N TYR F 244 2.86 8.97 30.99
CA TYR F 244 2.86 9.49 29.62
C TYR F 244 2.79 11.01 29.62
N GLY F 245 3.60 11.62 28.78
CA GLY F 245 3.65 13.05 28.63
C GLY F 245 4.77 13.46 27.67
N PRO F 246 4.78 14.72 27.26
CA PRO F 246 5.82 15.19 26.33
C PRO F 246 7.18 15.14 26.97
N PRO F 247 8.25 15.15 26.18
CA PRO F 247 9.61 15.10 26.75
C PRO F 247 9.95 16.38 27.48
N GLY F 248 11.00 16.30 28.29
CA GLY F 248 11.43 17.45 29.07
C GLY F 248 10.42 17.89 30.10
N THR F 249 9.78 16.94 30.78
CA THR F 249 8.83 17.23 31.84
C THR F 249 9.28 16.75 33.22
N GLY F 250 10.33 15.94 33.30
CA GLY F 250 10.86 15.51 34.57
C GLY F 250 10.25 14.23 35.09
N LYS F 251 10.24 13.19 34.26
CA LYS F 251 9.71 11.89 34.67
C LYS F 251 10.79 11.04 35.35
N THR F 252 11.95 10.89 34.70
CA THR F 252 13.06 10.23 35.35
C THR F 252 13.46 10.97 36.63
N LEU F 253 13.34 12.30 36.61
CA LEU F 253 13.59 13.07 37.81
C LEU F 253 12.63 12.68 38.93
N ILE F 254 11.34 12.52 38.60
CA ILE F 254 10.36 12.12 39.60
C ILE F 254 10.69 10.74 40.14
N ALA F 255 11.04 9.81 39.25
CA ALA F 255 11.35 8.45 39.70
C ALA F 255 12.55 8.46 40.64
N ARG F 256 13.61 9.18 40.28
CA ARG F 256 14.79 9.21 41.13
C ARG F 256 14.51 9.90 42.45
N ALA F 257 13.69 10.97 42.44
CA ALA F 257 13.34 11.63 43.68
C ALA F 257 12.56 10.70 44.60
N VAL F 258 11.60 9.95 44.04
CA VAL F 258 10.84 9.01 44.86
C VAL F 258 11.76 7.94 45.42
N ALA F 259 12.69 7.43 44.61
CA ALA F 259 13.64 6.44 45.11
C ALA F 259 14.48 7.00 46.25
N ASN F 260 14.95 8.25 46.10
CA ASN F 260 15.79 8.86 47.12
C ASN F 260 15.00 9.21 48.39
N GLU F 261 13.68 9.40 48.28
CA GLU F 261 12.87 9.78 49.42
C GLU F 261 12.35 8.58 50.21
N THR F 262 12.72 7.36 49.83
CA THR F 262 12.30 6.17 50.56
C THR F 262 13.42 5.19 50.84
N GLY F 263 14.63 5.42 50.31
CA GLY F 263 15.74 4.53 50.55
C GLY F 263 15.72 3.26 49.71
N ALA F 264 14.70 3.08 48.87
CA ALA F 264 14.63 1.88 48.04
C ALA F 264 15.70 1.91 46.95
N PHE F 265 16.23 0.74 46.63
CA PHE F 265 17.23 0.64 45.58
C PHE F 265 16.64 1.08 44.24
N PHE F 266 17.49 1.71 43.43
CA PHE F 266 17.08 2.26 42.14
C PHE F 266 17.90 1.61 41.03
N PHE F 267 17.23 1.21 39.96
CA PHE F 267 17.86 0.63 38.78
C PHE F 267 17.33 1.32 37.54
N LEU F 268 18.22 1.56 36.58
CA LEU F 268 17.89 2.31 35.38
C LEU F 268 18.12 1.46 34.14
N ILE F 269 17.25 1.65 33.14
CA ILE F 269 17.37 0.97 31.85
C ILE F 269 17.13 2.00 30.75
N ASN F 270 17.93 1.92 29.70
CA ASN F 270 17.82 2.82 28.55
C ASN F 270 17.48 1.99 27.32
N GLY F 271 16.46 2.42 26.59
CA GLY F 271 16.00 1.69 25.42
C GLY F 271 17.07 1.48 24.38
N PRO F 272 17.69 2.57 23.90
CA PRO F 272 18.73 2.40 22.87
C PRO F 272 19.85 1.49 23.28
N GLU F 273 20.27 1.53 24.55
CA GLU F 273 21.36 0.66 24.98
C GLU F 273 21.03 -0.81 24.74
N ILE F 274 19.75 -1.17 24.73
CA ILE F 274 19.36 -2.54 24.43
C ILE F 274 19.31 -2.77 22.93
N MET F 275 18.84 -1.78 22.17
CA MET F 275 18.75 -1.93 20.72
C MET F 275 20.09 -1.81 20.02
N SER F 276 21.13 -1.35 20.71
CA SER F 276 22.45 -1.19 20.12
C SER F 276 23.32 -2.43 20.29
N LYS F 277 22.71 -3.59 20.47
CA LYS F 277 23.45 -4.84 20.70
C LYS F 277 22.82 -5.94 19.86
N LEU F 278 23.22 -7.17 20.12
CA LEU F 278 22.67 -8.35 19.47
C LEU F 278 21.69 -9.05 20.40
N ALA F 279 21.02 -10.06 19.87
CA ALA F 279 19.93 -10.71 20.61
C ALA F 279 20.43 -11.27 21.94
N GLY F 280 21.52 -12.05 21.91
CA GLY F 280 22.00 -12.66 23.14
C GLY F 280 22.36 -11.64 24.19
N GLU F 281 23.13 -10.63 23.81
CA GLU F 281 23.54 -9.62 24.78
C GLU F 281 22.34 -8.83 25.30
N SER F 282 21.42 -8.45 24.42
CA SER F 282 20.27 -7.65 24.86
C SER F 282 19.40 -8.43 25.84
N GLU F 283 19.03 -9.65 25.46
CA GLU F 283 18.14 -10.48 26.28
C GLU F 283 18.89 -11.17 27.41
N SER F 284 20.19 -10.95 27.54
CA SER F 284 20.89 -11.23 28.78
C SER F 284 20.93 -10.03 29.72
N ASN F 285 21.14 -8.83 29.19
CA ASN F 285 21.12 -7.64 30.03
C ASN F 285 19.75 -7.42 30.66
N LEU F 286 18.68 -7.62 29.89
CA LEU F 286 17.34 -7.44 30.46
C LEU F 286 17.13 -8.36 31.65
N ARG F 287 17.39 -9.65 31.47
CA ARG F 287 17.22 -10.60 32.55
C ARG F 287 18.11 -10.26 33.74
N LYS F 288 19.37 -9.93 33.47
CA LYS F 288 20.30 -9.63 34.56
C LYS F 288 19.84 -8.43 35.35
N ALA F 289 19.33 -7.40 34.67
CA ALA F 289 18.79 -6.25 35.37
C ALA F 289 17.63 -6.65 36.26
N PHE F 290 16.75 -7.52 35.76
CA PHE F 290 15.63 -7.95 36.59
C PHE F 290 16.12 -8.73 37.83
N GLU F 291 17.10 -9.62 37.66
CA GLU F 291 17.61 -10.35 38.82
C GLU F 291 18.25 -9.41 39.82
N GLU F 292 19.04 -8.44 39.34
CA GLU F 292 19.69 -7.50 40.24
C GLU F 292 18.66 -6.68 41.01
N ALA F 293 17.60 -6.25 40.33
CA ALA F 293 16.55 -5.52 41.02
C ALA F 293 15.87 -6.38 42.08
N GLU F 294 15.63 -7.66 41.75
CA GLU F 294 15.01 -8.55 42.73
C GLU F 294 15.90 -8.76 43.94
N LYS F 295 17.21 -8.92 43.73
CA LYS F 295 18.11 -9.23 44.84
C LYS F 295 18.14 -8.10 45.86
N ASN F 296 18.13 -6.84 45.39
CA ASN F 296 18.23 -5.68 46.26
C ASN F 296 16.87 -5.15 46.71
N ALA F 297 15.87 -6.02 46.80
CA ALA F 297 14.54 -5.57 47.19
C ALA F 297 14.57 -5.04 48.62
N PRO F 298 13.72 -4.06 48.95
CA PRO F 298 12.71 -3.41 48.09
C PRO F 298 13.34 -2.43 47.13
N ALA F 299 13.13 -2.60 45.82
CA ALA F 299 13.81 -1.83 44.80
C ALA F 299 12.78 -1.31 43.78
N ILE F 300 13.28 -0.57 42.80
CA ILE F 300 12.45 0.02 41.76
C ILE F 300 13.20 -0.07 40.44
N ILE F 301 12.47 -0.34 39.37
CA ILE F 301 13.01 -0.36 38.02
C ILE F 301 12.35 0.74 37.22
N PHE F 302 13.15 1.47 36.45
CA PHE F 302 12.66 2.54 35.60
C PHE F 302 13.08 2.28 34.16
N ILE F 303 12.14 2.49 33.24
CA ILE F 303 12.38 2.31 31.81
C ILE F 303 11.93 3.57 31.09
N ASP F 304 12.76 4.05 30.17
CA ASP F 304 12.43 5.20 29.34
C ASP F 304 12.58 4.81 27.87
N GLU F 305 12.00 5.61 27.00
CA GLU F 305 11.97 5.31 25.57
C GLU F 305 11.35 3.94 25.32
N LEU F 306 10.27 3.64 26.04
CA LEU F 306 9.63 2.34 25.90
C LEU F 306 9.13 2.10 24.48
N ASP F 307 8.80 3.17 23.75
CA ASP F 307 8.36 3.03 22.38
C ASP F 307 9.47 2.45 21.50
N ALA F 308 10.72 2.85 21.77
CA ALA F 308 11.85 2.32 21.01
C ALA F 308 11.99 0.81 21.16
N ILE F 309 11.47 0.24 22.24
CA ILE F 309 11.55 -1.20 22.49
C ILE F 309 10.32 -1.93 22.00
N ALA F 310 9.13 -1.46 22.41
CA ALA F 310 7.88 -2.20 22.21
C ALA F 310 6.83 -1.31 21.56
N PRO F 311 6.97 -1.01 20.27
CA PRO F 311 5.88 -0.36 19.54
C PRO F 311 4.87 -1.36 19.03
N LYS F 312 3.78 -0.89 18.42
CA LYS F 312 2.77 -1.81 17.90
C LYS F 312 3.36 -2.67 16.79
N ARG F 313 2.87 -3.92 16.71
CA ARG F 313 3.47 -4.88 15.80
C ARG F 313 3.44 -4.42 14.35
N GLU F 314 2.47 -3.58 13.99
CA GLU F 314 2.39 -3.10 12.61
C GLU F 314 3.66 -2.37 12.20
N LYS F 315 4.33 -1.71 13.15
CA LYS F 315 5.57 -1.00 12.88
C LYS F 315 6.81 -1.87 13.03
N THR F 316 6.67 -3.10 13.50
CA THR F 316 7.80 -3.99 13.72
C THR F 316 7.87 -5.00 12.57
N HIS F 317 9.07 -5.18 12.02
CA HIS F 317 9.31 -6.14 10.96
C HIS F 317 10.33 -7.20 11.33
N GLY F 318 11.44 -6.84 11.97
CA GLY F 318 12.44 -7.82 12.33
C GLY F 318 11.88 -8.84 13.29
N GLU F 319 12.27 -10.11 13.08
CA GLU F 319 11.87 -11.16 14.01
C GLU F 319 12.48 -10.94 15.39
N VAL F 320 13.70 -10.40 15.44
CA VAL F 320 14.35 -10.14 16.71
C VAL F 320 13.55 -9.10 17.50
N GLU F 321 12.97 -8.12 16.80
CA GLU F 321 12.18 -7.10 17.49
C GLU F 321 11.00 -7.72 18.22
N ARG F 322 10.30 -8.66 17.58
CA ARG F 322 9.21 -9.36 18.23
C ARG F 322 9.70 -10.36 19.27
N ARG F 323 10.94 -10.84 19.14
CA ARG F 323 11.52 -11.73 20.14
C ARG F 323 12.01 -10.97 21.38
N ILE F 324 12.11 -9.65 21.31
CA ILE F 324 12.51 -8.84 22.46
C ILE F 324 11.31 -8.35 23.26
N VAL F 325 10.12 -8.34 22.69
CA VAL F 325 8.93 -7.93 23.41
C VAL F 325 8.38 -9.08 24.26
N SER F 326 8.39 -10.30 23.73
CA SER F 326 7.86 -11.44 24.49
C SER F 326 8.64 -11.66 25.77
N GLN F 327 9.96 -11.50 25.72
CA GLN F 327 10.78 -11.62 26.92
C GLN F 327 10.28 -10.68 28.01
N LEU F 328 10.00 -9.42 27.64
CA LEU F 328 9.52 -8.45 28.61
C LEU F 328 8.19 -8.88 29.21
N LEU F 329 7.29 -9.40 28.39
CA LEU F 329 6.00 -9.86 28.91
C LEU F 329 6.18 -11.00 29.89
N THR F 330 7.06 -11.96 29.57
CA THR F 330 7.29 -13.07 30.49
C THR F 330 7.87 -12.56 31.81
N LEU F 331 8.82 -11.63 31.74
CA LEU F 331 9.40 -11.09 32.97
C LEU F 331 8.34 -10.36 33.80
N MET F 332 7.49 -9.57 33.15
CA MET F 332 6.43 -8.87 33.88
C MET F 332 5.47 -9.85 34.54
N ASP F 333 5.11 -10.91 33.83
CA ASP F 333 4.24 -11.93 34.42
C ASP F 333 4.90 -12.59 35.62
N GLY F 334 6.20 -12.90 35.49
CA GLY F 334 6.90 -13.52 36.60
C GLY F 334 7.04 -12.62 37.81
N LEU F 335 7.15 -11.31 37.59
CA LEU F 335 7.35 -10.38 38.70
C LEU F 335 6.30 -10.57 39.79
N LYS F 336 5.05 -10.81 39.40
CA LYS F 336 3.98 -10.90 40.38
C LYS F 336 4.25 -11.95 41.43
N GLN F 337 4.91 -13.05 41.06
CA GLN F 337 5.13 -14.15 41.99
C GLN F 337 6.25 -13.88 42.98
N ARG F 338 7.23 -13.06 42.62
CA ARG F 338 8.48 -12.97 43.35
C ARG F 338 8.78 -11.54 43.77
N ALA F 339 9.15 -11.37 45.04
CA ALA F 339 9.79 -10.15 45.52
C ALA F 339 8.85 -8.96 45.57
N HIS F 340 9.39 -7.80 45.96
CA HIS F 340 8.62 -6.56 46.09
C HIS F 340 8.93 -5.57 44.97
N VAL F 341 9.56 -6.03 43.88
CA VAL F 341 10.02 -5.11 42.84
C VAL F 341 8.83 -4.40 42.21
N ILE F 342 9.00 -3.10 41.97
CA ILE F 342 8.03 -2.29 41.24
C ILE F 342 8.68 -1.82 39.94
N VAL F 343 7.86 -1.65 38.91
CA VAL F 343 8.33 -1.27 37.58
C VAL F 343 7.58 -0.02 37.15
N MET F 344 8.32 0.96 36.64
CA MET F 344 7.76 2.19 36.11
C MET F 344 8.33 2.43 34.72
N ALA F 345 7.48 2.88 33.81
CA ALA F 345 7.87 3.12 32.43
C ALA F 345 7.41 4.51 32.02
N ALA F 346 8.14 5.10 31.07
CA ALA F 346 7.85 6.43 30.56
C ALA F 346 7.64 6.37 29.05
N THR F 347 6.54 6.96 28.59
CA THR F 347 6.24 6.99 27.17
C THR F 347 5.69 8.36 26.80
N ASN F 348 5.67 8.64 25.49
CA ASN F 348 5.15 9.92 25.02
C ASN F 348 3.63 9.94 24.98
N ARG F 349 3.01 8.85 24.50
CA ARG F 349 1.57 8.74 24.40
C ARG F 349 1.16 7.31 24.67
N PRO F 350 0.03 7.09 25.35
CA PRO F 350 -0.37 5.71 25.67
C PRO F 350 -0.58 4.83 24.45
N ASN F 351 -1.08 5.39 23.34
CA ASN F 351 -1.40 4.58 22.17
C ASN F 351 -0.17 4.18 21.35
N SER F 352 1.00 4.76 21.63
CA SER F 352 2.16 4.50 20.81
C SER F 352 2.75 3.11 21.00
N ILE F 353 2.36 2.41 22.06
CA ILE F 353 2.94 1.11 22.39
C ILE F 353 1.90 0.02 22.21
N ASP F 354 2.33 -1.22 22.40
CA ASP F 354 1.43 -2.35 22.22
C ASP F 354 0.30 -2.31 23.23
N PRO F 355 -0.87 -2.85 22.90
CA PRO F 355 -1.96 -2.94 23.88
C PRO F 355 -1.87 -4.14 24.81
N ALA F 356 -0.95 -5.08 24.55
CA ALA F 356 -0.80 -6.24 25.41
C ALA F 356 -0.15 -5.89 26.74
N LEU F 357 0.58 -4.77 26.80
CA LEU F 357 1.16 -4.34 28.08
C LEU F 357 0.11 -3.74 28.99
N ARG F 358 -0.93 -3.12 28.43
CA ARG F 358 -1.97 -2.46 29.22
C ARG F 358 -3.01 -3.49 29.68
N ARG F 359 -2.55 -4.42 30.51
CA ARG F 359 -3.40 -5.48 31.01
C ARG F 359 -3.39 -5.50 32.53
N PHE F 360 -4.06 -6.50 33.12
CA PHE F 360 -4.14 -6.63 34.57
C PHE F 360 -2.98 -7.50 35.02
N GLY F 361 -1.96 -6.87 35.60
CA GLY F 361 -0.76 -7.56 36.06
C GLY F 361 0.53 -7.05 35.46
N ARG F 362 0.49 -6.23 34.41
CA ARG F 362 1.70 -5.71 33.80
C ARG F 362 1.83 -4.19 33.95
N PHE F 363 0.87 -3.44 33.42
CA PHE F 363 0.93 -1.98 33.46
C PHE F 363 -0.46 -1.39 33.71
N ASP F 364 -1.17 -1.96 34.69
CA ASP F 364 -2.56 -1.58 34.93
C ASP F 364 -2.70 -0.08 35.19
N ARG F 365 -1.73 0.52 35.88
CA ARG F 365 -1.85 1.91 36.33
C ARG F 365 -1.20 2.87 35.35
N GLU F 366 -1.94 3.92 34.97
CA GLU F 366 -1.48 4.94 34.04
C GLU F 366 -1.59 6.31 34.68
N VAL F 367 -0.68 7.20 34.30
CA VAL F 367 -0.63 8.55 34.85
C VAL F 367 -0.17 9.52 33.76
N ASP F 368 -0.65 10.76 33.87
CA ASP F 368 -0.31 11.83 32.95
C ASP F 368 0.45 12.93 33.70
N ILE F 369 1.38 13.56 32.99
CA ILE F 369 2.10 14.70 33.55
C ILE F 369 1.63 16.02 32.96
N GLY F 370 1.11 16.04 31.74
CA GLY F 370 0.59 17.26 31.18
C GLY F 370 1.65 18.34 31.12
N ILE F 371 1.28 19.56 31.51
CA ILE F 371 2.15 20.72 31.38
C ILE F 371 1.91 21.65 32.56
N PRO F 372 2.97 22.27 33.07
CA PRO F 372 2.81 23.20 34.20
C PRO F 372 2.08 24.45 33.79
N ASP F 373 1.57 25.15 34.80
CA ASP F 373 0.86 26.42 34.64
C ASP F 373 1.75 27.56 35.11
N ALA F 374 1.18 28.77 35.12
CA ALA F 374 1.96 29.94 35.54
C ALA F 374 2.61 29.72 36.89
N THR F 375 1.87 29.13 37.84
CA THR F 375 2.46 28.84 39.14
C THR F 375 3.60 27.83 39.01
N GLY F 376 3.40 26.79 38.19
CA GLY F 376 4.46 25.81 38.00
C GLY F 376 5.69 26.39 37.33
N ARG F 377 5.49 27.24 36.31
CA ARG F 377 6.62 27.87 35.65
C ARG F 377 7.37 28.78 36.62
N LEU F 378 6.64 29.55 37.43
CA LEU F 378 7.28 30.38 38.43
C LEU F 378 8.09 29.54 39.41
N GLU F 379 7.52 28.41 39.85
CA GLU F 379 8.23 27.54 40.77
C GLU F 379 9.51 26.99 40.14
N ILE F 380 9.44 26.59 38.87
CA ILE F 380 10.63 26.08 38.20
C ILE F 380 11.69 27.17 38.12
N LEU F 381 11.29 28.40 37.82
CA LEU F 381 12.24 29.50 37.80
C LEU F 381 12.89 29.69 39.18
N GLN F 382 12.09 29.61 40.25
CA GLN F 382 12.66 29.72 41.59
C GLN F 382 13.66 28.61 41.85
N ILE F 383 13.34 27.39 41.44
CA ILE F 383 14.27 26.27 41.65
C ILE F 383 15.58 26.53 40.91
N HIS F 384 15.50 27.01 39.68
CA HIS F 384 16.68 27.19 38.85
C HIS F 384 17.41 28.51 39.11
N THR F 385 16.89 29.36 39.99
CA THR F 385 17.53 30.64 40.32
C THR F 385 18.07 30.70 41.74
N LYS F 386 18.20 29.57 42.43
CA LYS F 386 18.60 29.58 43.83
C LYS F 386 20.01 30.15 44.01
N ASN F 387 21.03 29.47 43.49
CA ASN F 387 22.41 29.90 43.69
C ASN F 387 22.78 31.09 42.83
N MET F 388 21.95 31.47 41.88
CA MET F 388 22.24 32.61 41.02
C MET F 388 21.86 33.91 41.72
N LYS F 389 22.62 34.96 41.41
CA LYS F 389 22.37 36.29 41.97
C LYS F 389 21.48 37.07 41.00
N LEU F 390 20.43 37.67 41.54
CA LEU F 390 19.45 38.41 40.76
C LEU F 390 19.35 39.84 41.26
N ALA F 391 18.93 40.74 40.38
CA ALA F 391 18.71 42.13 40.72
C ALA F 391 17.29 42.31 41.23
N ASP F 392 16.86 43.56 41.38
CA ASP F 392 15.52 43.88 41.87
C ASP F 392 14.50 44.04 40.75
N ASP F 393 14.91 43.87 39.50
CA ASP F 393 14.03 44.06 38.36
C ASP F 393 13.53 42.75 37.77
N VAL F 394 13.75 41.62 38.46
CA VAL F 394 13.39 40.33 37.88
C VAL F 394 11.90 40.26 37.56
N ASP F 395 11.06 40.40 38.59
CA ASP F 395 9.61 40.29 38.43
C ASP F 395 9.26 39.04 37.61
N LEU F 396 9.56 37.89 38.21
CA LEU F 396 9.37 36.62 37.52
C LEU F 396 7.91 36.37 37.13
N GLU F 397 6.96 37.09 37.75
CA GLU F 397 5.56 36.90 37.40
C GLU F 397 5.30 37.21 35.93
N GLN F 398 5.87 38.31 35.44
CA GLN F 398 5.70 38.66 34.03
C GLN F 398 6.31 37.59 33.12
N VAL F 399 7.49 37.09 33.49
CA VAL F 399 8.14 36.07 32.68
C VAL F 399 7.28 34.82 32.63
N ALA F 400 6.72 34.42 33.77
CA ALA F 400 5.82 33.26 33.79
C ALA F 400 4.60 33.51 32.92
N ASN F 401 4.03 34.71 32.99
CA ASN F 401 2.90 35.04 32.14
C ASN F 401 3.29 35.01 30.67
N GLU F 402 4.48 35.53 30.35
CA GLU F 402 4.96 35.54 28.98
C GLU F 402 5.54 34.20 28.54
N THR F 403 5.73 33.27 29.46
CA THR F 403 6.29 31.95 29.17
C THR F 403 5.12 31.00 28.91
N HIS F 404 4.72 30.90 27.65
CA HIS F 404 3.60 30.06 27.23
C HIS F 404 4.10 28.98 26.29
N GLY F 405 4.05 27.73 26.75
CA GLY F 405 4.44 26.58 25.96
C GLY F 405 5.74 25.94 26.40
N HIS F 406 6.57 26.69 27.13
CA HIS F 406 7.85 26.16 27.57
C HIS F 406 7.67 25.11 28.66
N VAL F 407 8.69 24.27 28.82
CA VAL F 407 8.74 23.24 29.84
C VAL F 407 10.04 23.39 30.63
N GLY F 408 10.26 22.50 31.59
CA GLY F 408 11.36 22.67 32.52
C GLY F 408 12.70 22.82 31.83
N ALA F 409 12.96 21.96 30.83
CA ALA F 409 14.21 22.07 30.10
C ALA F 409 14.34 23.42 29.41
N ASP F 410 13.25 23.91 28.82
CA ASP F 410 13.27 25.20 28.17
C ASP F 410 13.59 26.30 29.18
N LEU F 411 12.99 26.25 30.37
CA LEU F 411 13.25 27.28 31.37
C LEU F 411 14.68 27.24 31.86
N ALA F 412 15.23 26.04 32.06
CA ALA F 412 16.63 25.94 32.46
C ALA F 412 17.55 26.50 31.38
N ALA F 413 17.27 26.18 30.12
CA ALA F 413 18.07 26.74 29.04
C ALA F 413 17.95 28.26 29.00
N LEU F 414 16.75 28.78 29.22
CA LEU F 414 16.56 30.23 29.22
C LEU F 414 17.39 30.86 30.32
N CYS F 415 17.37 30.29 31.52
CA CYS F 415 18.13 30.85 32.63
C CYS F 415 19.62 30.84 32.32
N SER F 416 20.12 29.72 31.79
CA SER F 416 21.53 29.64 31.46
C SER F 416 21.91 30.66 30.39
N GLU F 417 21.08 30.80 29.35
CA GLU F 417 21.39 31.75 28.29
C GLU F 417 21.36 33.19 28.81
N ALA F 418 20.40 33.52 29.66
CA ALA F 418 20.35 34.86 30.22
C ALA F 418 21.59 35.15 31.06
N ALA F 419 22.02 34.17 31.87
CA ALA F 419 23.25 34.37 32.63
C ALA F 419 24.45 34.56 31.71
N LEU F 420 24.56 33.74 30.67
CA LEU F 420 25.70 33.82 29.76
C LEU F 420 25.72 35.13 28.99
N GLN F 421 24.57 35.73 28.69
CA GLN F 421 24.57 37.04 28.06
C GLN F 421 25.43 38.02 28.85
N ALA F 422 25.06 38.26 30.10
CA ALA F 422 25.82 39.20 30.93
C ALA F 422 27.24 38.74 31.13
N ILE F 423 27.44 37.44 31.38
CA ILE F 423 28.79 36.95 31.69
C ILE F 423 29.72 37.16 30.50
N ARG F 424 29.26 36.82 29.29
CA ARG F 424 30.08 37.00 28.10
C ARG F 424 30.33 38.47 27.83
N LYS F 425 29.34 39.33 28.08
CA LYS F 425 29.55 40.75 27.87
C LYS F 425 30.72 41.27 28.70
N LYS F 426 30.70 41.00 30.02
CA LYS F 426 31.74 41.52 30.90
C LYS F 426 33.08 40.83 30.64
N MET F 427 33.08 39.50 30.59
CA MET F 427 34.33 38.77 30.48
C MET F 427 35.08 39.17 29.21
N ASP F 428 34.39 39.20 28.08
CA ASP F 428 35.04 39.57 26.83
C ASP F 428 35.60 40.98 26.89
N LEU F 429 35.12 41.79 27.84
CA LEU F 429 35.47 43.22 27.83
C LEU F 429 36.80 43.47 28.53
N ILE F 430 36.96 43.00 29.77
CA ILE F 430 38.08 43.47 30.59
C ILE F 430 39.03 42.38 31.04
N ASP F 431 38.53 41.45 31.86
CA ASP F 431 39.46 40.70 32.73
C ASP F 431 40.22 39.58 32.03
N LEU F 432 40.26 39.49 30.70
CA LEU F 432 41.15 38.52 30.07
C LEU F 432 42.62 38.82 30.39
N GLU F 433 42.95 40.08 30.67
CA GLU F 433 44.30 40.50 30.94
C GLU F 433 44.54 40.92 32.38
N ASP F 434 43.49 41.34 33.10
CA ASP F 434 43.67 41.87 34.45
C ASP F 434 44.34 40.85 35.35
N GLU F 435 43.67 39.72 35.61
CA GLU F 435 44.18 38.72 36.53
C GLU F 435 43.41 37.43 36.29
N THR F 436 44.00 36.32 36.74
CA THR F 436 43.31 35.03 36.68
C THR F 436 41.98 35.14 37.43
N ILE F 437 40.87 34.96 36.71
CA ILE F 437 39.56 35.20 37.27
C ILE F 437 39.43 34.46 38.60
N ASP F 438 38.98 35.18 39.63
CA ASP F 438 38.83 34.64 40.97
C ASP F 438 37.36 34.63 41.37
N ALA F 439 37.09 33.99 42.52
CA ALA F 439 35.70 33.82 42.95
C ALA F 439 35.02 35.15 43.22
N GLU F 440 35.75 36.12 43.77
CA GLU F 440 35.13 37.39 44.12
C GLU F 440 34.51 38.07 42.90
N VAL F 441 35.30 38.26 41.86
CA VAL F 441 34.77 38.87 40.64
C VAL F 441 33.78 37.93 39.95
N MET F 442 34.02 36.62 40.05
CA MET F 442 33.14 35.66 39.40
C MET F 442 31.72 35.79 39.93
N ASN F 443 31.56 35.89 41.24
CA ASN F 443 30.24 36.02 41.86
C ASN F 443 29.79 37.47 42.01
N SER F 444 30.67 38.44 41.71
CA SER F 444 30.27 39.84 41.81
C SER F 444 29.16 40.17 40.83
N LEU F 445 29.20 39.59 39.63
CA LEU F 445 28.23 39.93 38.60
C LEU F 445 26.83 39.49 39.04
N ALA F 446 25.84 40.31 38.68
CA ALA F 446 24.43 40.02 38.91
C ALA F 446 23.72 39.83 37.58
N VAL F 447 22.40 39.66 37.63
CA VAL F 447 21.59 39.45 36.44
C VAL F 447 20.48 40.51 36.41
N THR F 448 20.06 40.86 35.21
CA THR F 448 19.04 41.89 35.01
C THR F 448 17.94 41.36 34.12
N MET F 449 16.75 41.96 34.23
CA MET F 449 15.60 41.50 33.46
C MET F 449 15.80 41.71 31.97
N ASP F 450 16.66 42.65 31.57
CA ASP F 450 16.90 42.86 30.15
C ASP F 450 17.54 41.63 29.52
N ASP F 451 18.44 40.97 30.24
CA ASP F 451 19.01 39.72 29.73
C ASP F 451 17.95 38.66 29.58
N PHE F 452 17.02 38.57 30.54
CA PHE F 452 15.92 37.61 30.43
C PHE F 452 15.07 37.91 29.20
N ARG F 453 14.78 39.18 28.95
CA ARG F 453 13.96 39.54 27.80
C ARG F 453 14.69 39.23 26.49
N TRP F 454 16.00 39.46 26.46
CA TRP F 454 16.76 39.12 25.26
C TRP F 454 16.76 37.61 25.02
N ALA F 455 17.01 36.83 26.08
CA ALA F 455 17.02 35.38 25.92
C ALA F 455 15.65 34.86 25.53
N LEU F 456 14.58 35.55 25.95
CA LEU F 456 13.23 35.11 25.63
C LEU F 456 12.86 35.46 24.20
N SER F 457 13.14 36.70 23.78
CA SER F 457 12.78 37.12 22.43
C SER F 457 13.65 36.43 21.38
N GLN F 458 14.97 36.43 21.59
CA GLN F 458 15.87 35.83 20.62
C GLN F 458 15.70 34.31 20.57
N SER F 459 15.95 33.66 21.70
CA SER F 459 15.83 32.20 21.80
C SER F 459 14.44 31.90 22.37
N ASN F 460 13.51 31.58 21.48
CA ASN F 460 12.14 31.22 21.86
C ASN F 460 11.74 29.93 21.15
N PRO F 461 12.40 28.81 21.44
CA PRO F 461 12.03 27.53 20.82
C PRO F 461 10.97 26.78 21.62
N SER F 462 9.79 27.38 21.71
CA SER F 462 8.70 26.74 22.43
C SER F 462 8.44 25.35 21.86
N ALA F 463 8.39 24.36 22.75
CA ALA F 463 8.20 22.96 22.36
C ALA F 463 6.78 22.48 22.60
N LEU F 464 5.81 23.38 22.62
CA LEU F 464 4.42 23.04 22.90
C LEU F 464 3.51 23.71 21.89
N ARG F 465 2.75 22.90 21.15
CA ARG F 465 1.70 23.43 20.28
C ARG F 465 0.45 22.56 20.32
N GLU F 466 0.33 21.63 21.27
CA GLU F 466 -0.83 20.78 21.40
C GLU F 466 -1.84 21.43 22.35
N THR F 467 -2.85 20.66 22.77
CA THR F 467 -3.93 21.21 23.58
C THR F 467 -3.40 21.59 24.96
N VAL F 468 -4.30 22.12 25.80
CA VAL F 468 -3.95 22.59 27.12
C VAL F 468 -5.14 22.37 28.05
N VAL F 469 -4.83 22.06 29.32
CA VAL F 469 -5.85 21.87 30.34
C VAL F 469 -5.34 22.53 31.62
N GLU F 470 -6.12 23.46 32.17
CA GLU F 470 -5.73 24.18 33.38
C GLU F 470 -6.93 24.97 33.87
N VAL F 471 -6.83 25.46 35.09
CA VAL F 471 -7.90 26.28 35.67
C VAL F 471 -7.72 27.72 35.18
N PRO F 472 -8.74 28.33 34.57
CA PRO F 472 -8.58 29.70 34.09
C PRO F 472 -8.56 30.72 35.22
N GLN F 473 -8.43 32.00 34.88
CA GLN F 473 -8.36 33.07 35.85
C GLN F 473 -9.54 34.03 35.79
N VAL F 474 -10.37 33.96 34.75
CA VAL F 474 -11.50 34.88 34.64
C VAL F 474 -12.43 34.68 35.83
N THR F 475 -13.07 35.77 36.26
CA THR F 475 -13.99 35.76 37.39
C THR F 475 -15.28 36.46 36.98
N TRP F 476 -16.32 36.28 37.81
CA TRP F 476 -17.62 36.88 37.52
C TRP F 476 -17.50 38.40 37.41
N GLU F 477 -16.63 39.00 38.23
CA GLU F 477 -16.47 40.45 38.17
C GLU F 477 -16.02 40.90 36.80
N ASP F 478 -15.28 40.07 36.08
CA ASP F 478 -14.88 40.40 34.72
C ASP F 478 -16.09 40.55 33.80
N ILE F 479 -17.12 39.74 34.04
CA ILE F 479 -18.32 39.76 33.21
C ILE F 479 -19.15 40.97 33.58
N GLY F 480 -19.93 41.47 32.61
CA GLY F 480 -20.82 42.58 32.82
C GLY F 480 -22.25 42.13 32.95
N GLY F 481 -22.84 42.32 34.12
CA GLY F 481 -24.20 41.91 34.34
C GLY F 481 -24.37 40.42 34.23
N LEU F 482 -25.53 39.99 33.72
CA LEU F 482 -25.83 38.57 33.53
C LEU F 482 -25.84 37.83 34.87
N GLU F 483 -26.64 38.33 35.82
CA GLU F 483 -26.74 37.69 37.13
C GLU F 483 -27.65 36.47 37.07
N ASP F 484 -28.77 36.57 36.34
CA ASP F 484 -29.73 35.47 36.30
C ASP F 484 -29.11 34.23 35.67
N VAL F 485 -28.30 34.41 34.62
CA VAL F 485 -27.62 33.25 34.04
C VAL F 485 -26.62 32.67 35.02
N LYS F 486 -25.96 33.51 35.82
CA LYS F 486 -25.07 32.99 36.85
C LYS F 486 -25.82 32.11 37.83
N ARG F 487 -26.99 32.57 38.30
CA ARG F 487 -27.77 31.75 39.22
C ARG F 487 -28.22 30.46 38.54
N GLU F 488 -28.67 30.55 37.29
CA GLU F 488 -29.11 29.35 36.57
C GLU F 488 -27.97 28.39 36.28
N LEU F 489 -26.73 28.88 36.26
CA LEU F 489 -25.56 28.06 35.98
C LEU F 489 -25.04 27.37 37.24
N GLN F 490 -25.02 28.08 38.37
CA GLN F 490 -24.51 27.46 39.60
C GLN F 490 -25.34 26.25 39.99
N GLU F 491 -26.65 26.30 39.77
CA GLU F 491 -27.51 25.18 40.13
C GLU F 491 -27.14 23.93 39.35
N LEU F 492 -26.79 24.08 38.08
CA LEU F 492 -26.53 22.92 37.23
C LEU F 492 -25.21 22.24 37.59
N VAL F 493 -24.22 22.99 38.07
CA VAL F 493 -22.87 22.48 38.27
C VAL F 493 -22.52 22.38 39.75
N GLN F 494 -22.66 23.48 40.50
CA GLN F 494 -22.22 23.49 41.89
C GLN F 494 -23.03 22.50 42.72
N TYR F 495 -24.35 22.49 42.54
CA TYR F 495 -25.20 21.67 43.41
C TYR F 495 -24.92 20.19 43.27
N PRO F 496 -24.88 19.60 42.07
CA PRO F 496 -24.61 18.15 41.99
C PRO F 496 -23.30 17.73 42.64
N VAL F 497 -22.24 18.51 42.45
CA VAL F 497 -20.95 18.14 43.03
C VAL F 497 -20.98 18.31 44.55
N GLU F 498 -21.59 19.39 45.03
CA GLU F 498 -21.59 19.67 46.46
C GLU F 498 -22.54 18.75 47.23
N HIS F 499 -23.74 18.51 46.69
CA HIS F 499 -24.81 17.82 47.40
C HIS F 499 -25.40 16.72 46.54
N PRO F 500 -24.76 15.54 46.50
CA PRO F 500 -25.37 14.41 45.77
C PRO F 500 -26.50 13.74 46.52
N ASP F 501 -26.40 13.65 47.85
CA ASP F 501 -27.42 12.96 48.63
C ASP F 501 -28.78 13.63 48.45
N LYS F 502 -28.80 14.94 48.24
CA LYS F 502 -30.07 15.63 48.02
C LYS F 502 -30.74 15.12 46.74
N PHE F 503 -29.96 14.95 45.68
CA PHE F 503 -30.49 14.37 44.46
C PHE F 503 -30.95 12.93 44.69
N LEU F 504 -30.17 12.16 45.46
CA LEU F 504 -30.52 10.77 45.70
C LEU F 504 -31.84 10.66 46.45
N LYS F 505 -32.10 11.57 47.39
CA LYS F 505 -33.33 11.50 48.16
C LYS F 505 -34.56 11.59 47.25
N PHE F 506 -34.53 12.49 46.28
CA PHE F 506 -35.57 12.60 45.28
C PHE F 506 -35.18 11.76 44.07
N GLY F 507 -35.92 11.89 42.97
CA GLY F 507 -35.75 10.99 41.84
C GLY F 507 -35.02 11.56 40.62
N MET F 508 -34.66 12.83 40.66
CA MET F 508 -34.07 13.46 39.49
C MET F 508 -32.60 13.09 39.34
N THR F 509 -32.14 13.04 38.09
CA THR F 509 -30.75 12.84 37.74
C THR F 509 -30.23 14.06 37.00
N PRO F 510 -29.12 14.66 37.43
CA PRO F 510 -28.67 15.91 36.80
C PRO F 510 -28.34 15.73 35.32
N SER F 511 -28.60 16.79 34.55
CA SER F 511 -28.22 16.81 33.15
C SER F 511 -26.72 17.08 33.02
N LYS F 512 -26.18 16.77 31.84
CA LYS F 512 -24.74 16.82 31.61
C LYS F 512 -24.37 17.68 30.41
N GLY F 513 -25.25 18.56 29.96
CA GLY F 513 -24.96 19.40 28.81
C GLY F 513 -25.77 20.67 28.82
N VAL F 514 -25.21 21.72 28.22
CA VAL F 514 -25.91 22.98 28.04
C VAL F 514 -25.44 23.63 26.75
N LEU F 515 -26.33 24.37 26.11
CA LEU F 515 -26.06 25.01 24.83
C LEU F 515 -26.44 26.49 24.92
N PHE F 516 -25.53 27.36 24.50
CA PHE F 516 -25.75 28.80 24.43
C PHE F 516 -25.98 29.19 22.98
N TYR F 517 -27.05 29.92 22.72
CA TYR F 517 -27.33 30.45 21.39
C TYR F 517 -27.54 31.95 21.48
N GLY F 518 -26.88 32.69 20.59
CA GLY F 518 -27.06 34.12 20.56
C GLY F 518 -26.09 34.83 19.64
N PRO F 519 -26.23 36.15 19.54
CA PRO F 519 -25.38 36.93 18.64
C PRO F 519 -23.94 36.93 19.12
N PRO F 520 -22.99 37.20 18.23
CA PRO F 520 -21.57 37.18 18.63
C PRO F 520 -21.21 38.38 19.49
N GLY F 521 -20.07 38.25 20.16
CA GLY F 521 -19.55 39.32 20.99
C GLY F 521 -20.40 39.64 22.22
N CYS F 522 -20.87 38.61 22.93
CA CYS F 522 -21.64 38.80 24.15
C CYS F 522 -21.07 38.02 25.33
N GLY F 523 -19.84 37.53 25.23
CA GLY F 523 -19.19 36.88 26.36
C GLY F 523 -19.55 35.43 26.57
N LYS F 524 -19.99 34.73 25.52
CA LYS F 524 -20.29 33.31 25.68
C LYS F 524 -19.05 32.53 26.08
N THR F 525 -17.91 32.83 25.46
CA THR F 525 -16.68 32.12 25.77
C THR F 525 -16.24 32.36 27.21
N LEU F 526 -16.60 33.51 27.77
CA LEU F 526 -16.12 33.89 29.10
C LEU F 526 -16.80 33.11 30.22
N LEU F 527 -18.07 32.76 30.05
CA LEU F 527 -18.80 32.08 31.11
C LEU F 527 -18.23 30.68 31.35
N ALA F 528 -17.85 29.98 30.29
CA ALA F 528 -17.34 28.62 30.44
C ALA F 528 -16.08 28.59 31.29
N LYS F 529 -15.31 29.67 31.29
CA LYS F 529 -14.12 29.77 32.13
C LYS F 529 -14.40 30.40 33.49
N ALA F 530 -15.38 31.30 33.57
CA ALA F 530 -15.76 31.84 34.87
C ALA F 530 -16.31 30.75 35.77
N ILE F 531 -17.10 29.84 35.21
CA ILE F 531 -17.63 28.73 36.01
C ILE F 531 -16.48 27.89 36.56
N ALA F 532 -15.51 27.56 35.70
CA ALA F 532 -14.38 26.76 36.15
C ALA F 532 -13.59 27.48 37.23
N ASN F 533 -13.36 28.79 37.06
CA ASN F 533 -12.65 29.54 38.07
C ASN F 533 -13.40 29.55 39.40
N GLU F 534 -14.73 29.69 39.36
CA GLU F 534 -15.50 29.67 40.59
C GLU F 534 -15.44 28.32 41.27
N CYS F 535 -15.55 27.24 40.50
CA CYS F 535 -15.57 25.89 41.05
C CYS F 535 -14.17 25.27 41.15
N GLN F 536 -13.14 25.94 40.64
CA GLN F 536 -11.78 25.41 40.65
C GLN F 536 -11.73 24.04 39.99
N ALA F 537 -12.09 24.01 38.70
CA ALA F 537 -12.10 22.80 37.91
C ALA F 537 -11.40 23.05 36.59
N ASN F 538 -10.85 21.98 36.02
CA ASN F 538 -10.13 22.11 34.75
C ASN F 538 -11.08 22.51 33.63
N ALA F 539 -10.50 23.07 32.57
CA ALA F 539 -11.27 23.55 31.43
C ALA F 539 -10.54 23.25 30.15
N ILE F 540 -11.29 22.88 29.11
CA ILE F 540 -10.75 22.60 27.79
C ILE F 540 -11.62 23.30 26.75
N SER F 541 -10.99 23.91 25.76
CA SER F 541 -11.70 24.63 24.71
C SER F 541 -11.21 24.15 23.35
N ILE F 542 -12.15 23.79 22.48
CA ILE F 542 -11.85 23.37 21.12
C ILE F 542 -12.58 24.31 20.17
N LYS F 543 -11.82 24.94 19.27
CA LYS F 543 -12.37 25.94 18.37
C LYS F 543 -12.83 25.29 17.06
N GLY F 544 -13.65 26.05 16.31
CA GLY F 544 -14.19 25.57 15.06
C GLY F 544 -13.18 25.21 14.00
N PRO F 545 -12.06 25.94 13.89
CA PRO F 545 -11.02 25.52 12.94
C PRO F 545 -10.55 24.10 13.17
N GLU F 546 -10.47 23.65 14.43
CA GLU F 546 -10.11 22.25 14.68
C GLU F 546 -11.17 21.30 14.12
N LEU F 547 -12.44 21.65 14.28
CA LEU F 547 -13.50 20.80 13.73
C LEU F 547 -13.40 20.72 12.21
N LEU F 548 -13.17 21.86 11.55
CA LEU F 548 -13.03 21.83 10.09
C LEU F 548 -11.78 21.07 9.67
N THR F 549 -10.69 21.19 10.43
CA THR F 549 -9.48 20.43 10.12
C THR F 549 -9.76 18.93 10.19
N MET F 550 -10.48 18.50 11.22
CA MET F 550 -10.85 17.09 11.33
C MET F 550 -11.76 16.68 10.19
N TRP F 551 -12.69 17.55 9.80
CA TRP F 551 -13.61 17.22 8.71
C TRP F 551 -12.86 17.00 7.40
N PHE F 552 -12.02 17.97 7.02
CA PHE F 552 -11.30 17.86 5.75
C PHE F 552 -10.34 16.68 5.77
N GLY F 553 -9.65 16.48 6.89
CA GLY F 553 -8.73 15.35 7.01
C GLY F 553 -9.40 14.01 7.22
N GLU F 554 -10.72 13.99 7.42
CA GLU F 554 -11.45 12.76 7.66
C GLU F 554 -10.87 11.99 8.83
N SER F 555 -10.55 12.72 9.90
CA SER F 555 -9.98 12.15 11.12
C SER F 555 -10.96 12.41 12.26
N GLU F 556 -11.94 11.52 12.41
CA GLU F 556 -12.87 11.60 13.52
C GLU F 556 -12.40 10.82 14.74
N ALA F 557 -11.33 10.04 14.61
CA ALA F 557 -10.81 9.29 15.75
C ALA F 557 -10.31 10.23 16.85
N ASN F 558 -9.70 11.35 16.46
CA ASN F 558 -9.13 12.26 17.45
C ASN F 558 -10.15 12.63 18.53
N VAL F 559 -11.42 12.75 18.14
CA VAL F 559 -12.46 13.11 19.10
C VAL F 559 -12.35 12.25 20.35
N ARG F 560 -12.26 10.92 20.16
CA ARG F 560 -12.20 10.02 21.30
C ARG F 560 -11.11 10.45 22.27
N GLU F 561 -9.90 10.71 21.76
CA GLU F 561 -8.80 11.08 22.63
C GLU F 561 -9.19 12.24 23.53
N ILE F 562 -9.82 13.27 22.96
CA ILE F 562 -10.22 14.43 23.75
C ILE F 562 -10.96 13.98 25.00
N PHE F 563 -12.01 13.17 24.83
CA PHE F 563 -12.81 12.77 25.98
C PHE F 563 -11.95 12.05 27.01
N ASP F 564 -11.06 11.17 26.55
CA ASP F 564 -10.17 10.48 27.48
C ASP F 564 -9.44 11.49 28.37
N LYS F 565 -8.88 12.53 27.75
CA LYS F 565 -8.21 13.56 28.54
C LYS F 565 -9.15 14.10 29.60
N ALA F 566 -10.36 14.48 29.20
CA ALA F 566 -11.33 14.96 30.18
C ALA F 566 -11.59 13.91 31.25
N ARG F 567 -11.75 12.65 30.84
CA ARG F 567 -11.98 11.59 31.82
C ARG F 567 -10.84 11.52 32.83
N GLN F 568 -9.62 11.80 32.39
CA GLN F 568 -8.47 11.76 33.27
C GLN F 568 -8.18 13.09 33.95
N ALA F 569 -8.92 14.14 33.61
CA ALA F 569 -8.77 15.45 34.22
C ALA F 569 -9.97 15.84 35.07
N ALA F 570 -10.81 14.89 35.44
CA ALA F 570 -12.01 15.21 36.19
C ALA F 570 -11.62 15.75 37.57
N PRO F 571 -12.37 16.74 38.10
CA PRO F 571 -13.54 17.40 37.51
C PRO F 571 -13.13 18.37 36.42
N CYS F 572 -13.90 18.50 35.34
CA CYS F 572 -13.49 19.31 34.20
C CYS F 572 -14.72 19.77 33.44
N VAL F 573 -14.50 20.78 32.58
CA VAL F 573 -15.55 21.35 31.75
C VAL F 573 -15.08 21.32 30.31
N LEU F 574 -15.96 20.91 29.40
CA LEU F 574 -15.66 20.81 27.99
C LEU F 574 -16.46 21.86 27.23
N PHE F 575 -15.79 22.56 26.32
CA PHE F 575 -16.38 23.69 25.60
C PHE F 575 -16.24 23.49 24.11
N PHE F 576 -17.28 23.90 23.37
CA PHE F 576 -17.29 23.83 21.91
C PHE F 576 -17.94 25.09 21.37
N ASP F 577 -17.25 25.77 20.46
CA ASP F 577 -17.77 26.97 19.81
C ASP F 577 -17.68 26.78 18.31
N GLU F 578 -18.37 27.66 17.57
CA GLU F 578 -18.48 27.53 16.12
C GLU F 578 -19.05 26.17 15.76
N LEU F 579 -19.96 25.66 16.59
CA LEU F 579 -20.52 24.33 16.36
C LEU F 579 -21.33 24.27 15.08
N ASP F 580 -21.78 25.41 14.57
CA ASP F 580 -22.51 25.47 13.30
C ASP F 580 -21.58 25.69 12.11
N SER F 581 -20.26 25.66 12.32
CA SER F 581 -19.32 25.95 11.24
C SER F 581 -19.44 24.95 10.11
N ILE F 582 -19.57 23.66 10.43
CA ILE F 582 -19.62 22.63 9.39
C ILE F 582 -20.87 22.81 8.53
N ALA F 583 -22.01 23.06 9.17
CA ALA F 583 -23.24 23.28 8.40
C ALA F 583 -23.13 24.52 7.53
N LYS F 584 -22.46 25.56 8.02
CA LYS F 584 -22.23 26.75 7.19
C LYS F 584 -21.34 26.42 6.00
N ALA F 585 -20.33 25.57 6.20
CA ALA F 585 -19.39 25.25 5.14
C ALA F 585 -20.11 24.63 3.94
N ARG F 586 -20.72 23.47 4.13
CA ARG F 586 -21.45 22.80 3.06
C ARG F 586 -22.77 23.52 2.84
N GLY F 587 -22.88 24.23 1.73
CA GLY F 587 -24.06 25.03 1.45
C GLY F 587 -24.28 26.11 2.48
N GLY F 588 -25.30 26.94 2.29
CA GLY F 588 -25.63 28.00 3.23
C GLY F 588 -26.34 27.46 4.44
N ASN F 589 -27.22 28.29 5.01
CA ASN F 589 -28.01 27.85 6.16
C ASN F 589 -28.82 26.61 5.81
N ILE F 590 -29.47 26.62 4.66
CA ILE F 590 -30.18 25.43 4.19
C ILE F 590 -29.18 24.32 3.88
N GLY F 591 -28.01 24.68 3.37
CA GLY F 591 -27.01 23.70 2.99
C GLY F 591 -27.19 23.20 1.58
N ASP F 592 -26.39 22.21 1.22
CA ASP F 592 -26.51 21.54 -0.06
C ASP F 592 -27.68 20.56 0.01
N GLY F 593 -27.79 19.67 -0.98
CA GLY F 593 -28.86 18.68 -0.96
C GLY F 593 -28.87 17.88 0.32
N GLY F 594 -27.68 17.50 0.81
CA GLY F 594 -27.57 16.70 2.01
C GLY F 594 -28.35 17.25 3.19
N GLY F 595 -28.59 16.42 4.20
CA GLY F 595 -29.36 16.81 5.37
C GLY F 595 -28.56 17.65 6.34
N ALA F 596 -28.87 17.48 7.63
CA ALA F 596 -28.24 18.25 8.69
C ALA F 596 -27.21 17.45 9.48
N ALA F 597 -26.82 16.27 8.99
CA ALA F 597 -25.85 15.42 9.66
C ALA F 597 -24.52 15.47 8.93
N ASP F 598 -23.48 15.04 9.63
CA ASP F 598 -22.12 15.02 9.08
C ASP F 598 -21.34 13.91 9.77
N ARG F 599 -20.02 13.90 9.58
CA ARG F 599 -19.19 12.83 10.09
C ARG F 599 -18.75 13.03 11.53
N VAL F 600 -18.70 14.27 12.02
CA VAL F 600 -18.12 14.58 13.31
C VAL F 600 -19.18 14.60 14.41
N ILE F 601 -20.33 15.23 14.16
CA ILE F 601 -21.36 15.29 15.18
C ILE F 601 -21.84 13.89 15.53
N ASN F 602 -21.87 12.98 14.56
CA ASN F 602 -22.23 11.60 14.86
C ASN F 602 -21.28 10.99 15.87
N GLN F 603 -19.98 11.21 15.69
CA GLN F 603 -19.00 10.72 16.65
C GLN F 603 -19.17 11.37 18.01
N ILE F 604 -19.48 12.67 18.01
CA ILE F 604 -19.68 13.37 19.29
C ILE F 604 -20.86 12.78 20.04
N LEU F 605 -21.96 12.50 19.34
CA LEU F 605 -23.10 11.87 19.99
C LEU F 605 -22.74 10.47 20.49
N THR F 606 -22.02 9.70 19.67
CA THR F 606 -21.63 8.36 20.09
C THR F 606 -20.80 8.41 21.37
N GLU F 607 -19.93 9.41 21.49
CA GLU F 607 -19.11 9.54 22.69
C GLU F 607 -19.93 10.03 23.88
N MET F 608 -20.86 10.97 23.65
CA MET F 608 -21.66 11.50 24.75
C MET F 608 -22.56 10.43 25.34
N ASP F 609 -23.23 9.64 24.49
CA ASP F 609 -24.14 8.63 24.99
C ASP F 609 -23.41 7.57 25.81
N GLY F 610 -22.22 7.18 25.39
CA GLY F 610 -21.45 6.18 26.13
C GLY F 610 -20.56 6.78 27.18
N MET F 611 -21.11 7.65 28.02
CA MET F 611 -20.37 8.32 29.07
C MET F 611 -21.14 8.23 30.38
N SER F 612 -20.43 7.92 31.46
CA SER F 612 -21.06 7.77 32.76
C SER F 612 -21.25 9.12 33.44
N THR F 613 -22.32 9.22 34.23
CA THR F 613 -22.63 10.48 34.90
C THR F 613 -21.67 10.76 36.05
N LYS F 614 -21.24 9.71 36.75
CA LYS F 614 -20.41 9.89 37.94
C LYS F 614 -19.10 10.59 37.62
N LYS F 615 -18.63 10.52 36.37
CA LYS F 615 -17.38 11.19 36.02
C LYS F 615 -17.50 12.71 36.09
N ASN F 616 -18.72 13.23 36.19
CA ASN F 616 -18.97 14.66 36.43
C ASN F 616 -18.21 15.54 35.43
N VAL F 617 -18.23 15.14 34.16
CA VAL F 617 -17.65 15.93 33.07
C VAL F 617 -18.80 16.67 32.40
N PHE F 618 -18.89 17.97 32.64
CA PHE F 618 -19.93 18.79 32.04
C PHE F 618 -19.53 19.18 30.62
N ILE F 619 -20.55 19.53 29.82
CA ILE F 619 -20.35 19.85 28.41
C ILE F 619 -21.12 21.12 28.08
N ILE F 620 -20.45 22.04 27.39
CA ILE F 620 -21.02 23.32 26.98
C ILE F 620 -20.81 23.50 25.48
N GLY F 621 -21.86 23.93 24.80
CA GLY F 621 -21.75 24.29 23.40
C GLY F 621 -22.18 25.73 23.17
N ALA F 622 -21.75 26.34 22.08
CA ALA F 622 -22.08 27.73 21.79
C ALA F 622 -22.34 27.89 20.30
N THR F 623 -23.24 28.81 19.95
CA THR F 623 -23.52 29.08 18.55
C THR F 623 -24.33 30.37 18.42
N ASN F 624 -24.48 30.80 17.17
CA ASN F 624 -25.31 31.95 16.83
C ASN F 624 -26.33 31.64 15.75
N ARG F 625 -26.38 30.39 15.25
CA ARG F 625 -27.34 29.97 14.23
C ARG F 625 -27.93 28.63 14.64
N PRO F 626 -28.75 28.61 15.69
CA PRO F 626 -29.35 27.33 16.12
C PRO F 626 -30.30 26.73 15.11
N ASP F 627 -30.76 27.52 14.13
CA ASP F 627 -31.75 27.02 13.18
C ASP F 627 -31.22 25.83 12.38
N ILE F 628 -29.90 25.80 12.10
CA ILE F 628 -29.33 24.79 11.23
C ILE F 628 -28.56 23.73 11.99
N ILE F 629 -28.60 23.74 13.33
CA ILE F 629 -27.97 22.68 14.11
C ILE F 629 -28.85 21.45 14.05
N ASP F 630 -28.22 20.28 13.95
CA ASP F 630 -28.98 19.04 13.85
C ASP F 630 -29.83 18.84 15.10
N PRO F 631 -31.14 18.64 14.97
CA PRO F 631 -31.97 18.48 16.17
C PRO F 631 -31.58 17.28 17.02
N ALA F 632 -30.87 16.30 16.45
CA ALA F 632 -30.55 15.10 17.19
C ALA F 632 -29.69 15.39 18.42
N ILE F 633 -28.93 16.49 18.39
CA ILE F 633 -28.11 16.85 19.54
C ILE F 633 -28.91 17.58 20.61
N LEU F 634 -30.09 18.08 20.28
CA LEU F 634 -30.96 18.74 21.26
C LEU F 634 -31.93 17.78 21.92
N ARG F 635 -31.87 16.49 21.62
CA ARG F 635 -32.75 15.52 22.22
C ARG F 635 -32.40 15.35 23.70
N PRO F 636 -33.34 14.84 24.50
CA PRO F 636 -33.05 14.64 25.92
C PRO F 636 -31.83 13.75 26.11
N GLY F 637 -30.98 14.13 27.06
CA GLY F 637 -29.71 13.46 27.27
C GLY F 637 -28.55 14.10 26.53
N ARG F 638 -28.82 14.99 25.58
CA ARG F 638 -27.78 15.72 24.87
C ARG F 638 -28.18 17.20 24.80
N LEU F 639 -27.41 18.05 25.48
CA LEU F 639 -27.62 19.49 25.42
C LEU F 639 -29.10 19.86 25.47
N ASP F 640 -29.81 19.39 26.50
CA ASP F 640 -31.25 19.61 26.58
C ASP F 640 -31.61 20.98 27.14
N GLN F 641 -30.69 21.65 27.82
CA GLN F 641 -30.94 22.97 28.40
C GLN F 641 -30.32 24.04 27.50
N LEU F 642 -31.13 25.02 27.09
CA LEU F 642 -30.69 26.11 26.24
C LEU F 642 -30.85 27.43 26.96
N ILE F 643 -29.87 28.31 26.80
CA ILE F 643 -29.87 29.63 27.41
C ILE F 643 -29.57 30.66 26.33
N TYR F 644 -30.26 31.80 26.40
CA TYR F 644 -30.11 32.87 25.43
C TYR F 644 -29.30 34.00 26.05
N ILE F 645 -28.26 34.44 25.34
CA ILE F 645 -27.41 35.54 25.79
C ILE F 645 -27.81 36.79 24.99
N PRO F 646 -28.45 37.78 25.60
CA PRO F 646 -28.90 38.94 24.85
C PRO F 646 -27.83 40.03 24.77
N LEU F 647 -28.13 41.05 23.98
CA LEU F 647 -27.22 42.17 23.85
C LEU F 647 -27.15 42.93 25.18
N PRO F 648 -25.97 43.41 25.58
CA PRO F 648 -25.88 44.14 26.85
C PRO F 648 -26.76 45.39 26.84
N ASP F 649 -27.33 45.69 28.00
CA ASP F 649 -28.15 46.88 28.17
C ASP F 649 -27.33 47.97 28.86
N GLU F 650 -27.98 49.10 29.17
CA GLU F 650 -27.29 50.25 29.73
C GLU F 650 -26.57 49.89 31.02
N LYS F 651 -27.31 49.32 31.97
CA LYS F 651 -26.70 48.94 33.24
C LYS F 651 -25.60 47.90 33.04
N SER F 652 -25.77 47.02 32.05
CA SER F 652 -24.71 46.08 31.72
C SER F 652 -23.55 46.78 31.01
N ARG F 653 -23.86 47.69 30.08
CA ARG F 653 -22.81 48.33 29.29
C ARG F 653 -21.87 49.13 30.17
N VAL F 654 -22.41 49.82 31.18
CA VAL F 654 -21.54 50.54 32.10
C VAL F 654 -20.58 49.58 32.79
N ALA F 655 -21.08 48.43 33.21
CA ALA F 655 -20.22 47.43 33.85
C ALA F 655 -19.14 46.94 32.91
N ILE F 656 -19.49 46.71 31.64
CA ILE F 656 -18.48 46.25 30.68
C ILE F 656 -17.41 47.32 30.50
N LEU F 657 -17.82 48.58 30.39
CA LEU F 657 -16.84 49.66 30.23
C LEU F 657 -15.91 49.72 31.43
N LYS F 658 -16.46 49.65 32.65
CA LYS F 658 -15.62 49.70 33.83
C LYS F 658 -14.68 48.50 33.89
N ALA F 659 -15.18 47.31 33.55
CA ALA F 659 -14.36 46.11 33.60
C ALA F 659 -13.20 46.20 32.62
N ASN F 660 -13.47 46.68 31.40
CA ASN F 660 -12.40 46.79 30.42
C ASN F 660 -11.42 47.91 30.76
N LEU F 661 -11.90 48.97 31.42
CA LEU F 661 -11.06 50.11 31.75
C LEU F 661 -10.46 50.03 33.15
N ARG F 662 -10.70 48.94 33.88
CA ARG F 662 -10.10 48.79 35.21
C ARG F 662 -8.62 48.44 35.15
N LYS F 663 -8.05 48.30 33.95
CA LYS F 663 -6.65 47.95 33.79
C LYS F 663 -5.80 49.08 33.22
N SER F 664 -6.41 50.16 32.75
CA SER F 664 -5.67 51.26 32.15
C SER F 664 -5.86 52.54 32.96
N PRO F 665 -4.85 53.41 33.00
CA PRO F 665 -5.01 54.69 33.70
C PRO F 665 -5.84 55.65 32.87
N VAL F 666 -6.78 56.33 33.53
CA VAL F 666 -7.75 57.19 32.86
C VAL F 666 -8.00 58.42 33.70
N ALA F 667 -8.39 59.51 33.03
CA ALA F 667 -8.74 60.76 33.71
C ALA F 667 -10.15 60.66 34.26
N LYS F 668 -10.64 61.79 34.79
CA LYS F 668 -11.92 61.82 35.49
C LYS F 668 -12.99 62.66 34.78
N ASP F 669 -12.61 63.48 33.80
CA ASP F 669 -13.61 64.24 33.07
C ASP F 669 -14.55 63.35 32.28
N VAL F 670 -14.17 62.07 32.07
CA VAL F 670 -15.01 61.15 31.31
C VAL F 670 -16.37 61.00 32.00
N ASP F 671 -17.40 60.75 31.18
CA ASP F 671 -18.75 60.45 31.66
C ASP F 671 -19.12 59.07 31.10
N LEU F 672 -18.78 58.03 31.86
CA LEU F 672 -19.00 56.67 31.37
C LEU F 672 -20.48 56.41 31.12
N GLU F 673 -21.34 56.88 32.02
CA GLU F 673 -22.77 56.66 31.84
C GLU F 673 -23.28 57.36 30.59
N PHE F 674 -22.74 58.54 30.28
CA PHE F 674 -23.13 59.24 29.05
C PHE F 674 -22.79 58.41 27.83
N LEU F 675 -21.58 57.84 27.80
CA LEU F 675 -21.20 56.98 26.68
C LEU F 675 -22.10 55.75 26.61
N ALA F 676 -22.39 55.15 27.76
CA ALA F 676 -23.23 53.95 27.77
C ALA F 676 -24.61 54.25 27.19
N LYS F 677 -25.23 55.35 27.63
CA LYS F 677 -26.55 55.70 27.11
C LYS F 677 -26.49 56.11 25.65
N MET F 678 -25.37 56.68 25.21
CA MET F 678 -25.23 57.07 23.81
C MET F 678 -25.19 55.86 22.88
N THR F 679 -24.93 54.66 23.41
CA THR F 679 -24.79 53.46 22.61
C THR F 679 -26.08 52.64 22.66
N ASN F 680 -26.44 52.03 21.54
CA ASN F 680 -27.59 51.15 21.46
C ASN F 680 -27.31 50.07 20.41
N GLY F 681 -27.70 48.85 20.73
CA GLY F 681 -27.44 47.73 19.83
C GLY F 681 -25.97 47.48 19.62
N PHE F 682 -25.18 47.54 20.68
CA PHE F 682 -23.74 47.33 20.63
C PHE F 682 -23.37 45.99 21.26
N SER F 683 -22.12 45.58 21.05
CA SER F 683 -21.60 44.34 21.57
C SER F 683 -20.45 44.62 22.52
N GLY F 684 -20.07 43.59 23.28
CA GLY F 684 -18.96 43.75 24.21
C GLY F 684 -17.67 44.12 23.51
N ALA F 685 -17.36 43.47 22.40
CA ALA F 685 -16.15 43.78 21.66
C ALA F 685 -16.17 45.18 21.08
N ASP F 686 -17.36 45.70 20.75
CA ASP F 686 -17.46 47.03 20.16
C ASP F 686 -16.97 48.11 21.10
N LEU F 687 -16.92 47.84 22.40
CA LEU F 687 -16.43 48.81 23.37
C LEU F 687 -14.95 48.60 23.67
N THR F 688 -14.50 47.35 23.69
CA THR F 688 -13.08 47.08 23.84
C THR F 688 -12.30 47.65 22.67
N GLU F 689 -12.86 47.58 21.47
CA GLU F 689 -12.19 48.18 20.32
C GLU F 689 -12.08 49.69 20.45
N ILE F 690 -13.12 50.33 21.00
CA ILE F 690 -13.06 51.78 21.24
C ILE F 690 -11.96 52.09 22.24
N CYS F 691 -11.88 51.30 23.32
CA CYS F 691 -10.83 51.53 24.30
C CYS F 691 -9.45 51.38 23.66
N GLN F 692 -9.28 50.34 22.82
CA GLN F 692 -8.00 50.13 22.15
C GLN F 692 -7.67 51.30 21.22
N ARG F 693 -8.66 51.80 20.49
CA ARG F 693 -8.41 52.94 19.59
C ARG F 693 -8.01 54.17 20.38
N ALA F 694 -8.67 54.43 21.51
CA ALA F 694 -8.30 55.58 22.33
C ALA F 694 -6.88 55.43 22.86
N CYS F 695 -6.52 54.22 23.31
CA CYS F 695 -5.16 53.99 23.77
C CYS F 695 -4.15 54.18 22.65
N LYS F 696 -4.50 53.76 21.43
CA LYS F 696 -3.60 53.96 20.29
C LYS F 696 -3.41 55.44 20.02
N LEU F 697 -4.49 56.23 20.06
CA LEU F 697 -4.36 57.66 19.86
C LEU F 697 -3.47 58.28 20.92
N ALA F 698 -3.66 57.89 22.18
CA ALA F 698 -2.83 58.43 23.25
C ALA F 698 -1.37 58.07 23.06
N ILE F 699 -1.09 56.82 22.68
CA ILE F 699 0.29 56.39 22.51
C ILE F 699 0.92 57.12 21.33
N ARG F 700 0.18 57.30 20.23
CA ARG F 700 0.72 58.03 19.10
C ARG F 700 1.04 59.48 19.47
N GLU F 701 0.13 60.12 20.21
CA GLU F 701 0.39 61.50 20.65
C GLU F 701 1.62 61.55 21.53
N SER F 702 1.75 60.62 22.47
CA SER F 702 2.90 60.61 23.36
C SER F 702 4.20 60.41 22.59
N ILE F 703 4.20 59.47 21.64
CA ILE F 703 5.41 59.21 20.86
C ILE F 703 5.79 60.45 20.05
N GLU F 704 4.82 61.07 19.39
CA GLU F 704 5.11 62.24 18.57
C GLU F 704 5.66 63.37 19.43
N SER F 705 5.01 63.64 20.57
CA SER F 705 5.47 64.71 21.44
C SER F 705 6.88 64.43 21.95
N GLU F 706 7.13 63.19 22.39
CA GLU F 706 8.44 62.86 22.95
C GLU F 706 9.54 62.96 21.89
N ILE F 707 9.28 62.45 20.68
CA ILE F 707 10.31 62.49 19.65
C ILE F 707 10.57 63.93 19.22
N ARG F 708 9.51 64.73 19.08
CA ARG F 708 9.71 66.13 18.72
C ARG F 708 10.49 66.87 19.79
N ARG F 709 10.17 66.62 21.06
CA ARG F 709 10.90 67.26 22.16
C ARG F 709 12.37 66.87 22.12
N GLU F 710 12.66 65.57 21.96
CA GLU F 710 14.05 65.13 21.93
C GLU F 710 14.79 65.69 20.72
N ARG F 711 14.08 65.89 19.61
CA ARG F 711 14.74 66.32 18.38
C ARG F 711 14.96 67.84 18.35
N GLU F 712 14.10 68.62 19.00
CA GLU F 712 14.20 70.06 18.89
C GLU F 712 15.41 70.61 19.65
N ARG F 713 15.63 70.14 20.88
CA ARG F 713 16.67 70.71 21.72
C ARG F 713 18.05 70.15 21.44
N GLN F 714 18.15 69.05 20.69
CA GLN F 714 19.47 68.51 20.37
C GLN F 714 20.29 69.50 19.54
N THR F 715 19.63 70.26 18.66
CA THR F 715 20.33 71.33 17.96
C THR F 715 20.81 72.41 18.92
N ASN F 716 19.98 72.76 19.91
CA ASN F 716 20.35 73.73 20.93
C ASN F 716 21.28 73.07 21.93
N PRO F 717 22.58 73.39 21.93
CA PRO F 717 23.52 72.65 22.79
C PRO F 717 23.40 73.01 24.25
N SER F 718 22.24 72.71 24.85
CA SER F 718 22.03 72.92 26.27
C SER F 718 22.35 71.61 26.99
N ALA F 719 23.43 71.62 27.78
CA ALA F 719 23.85 70.40 28.47
C ALA F 719 22.76 69.88 29.38
N MET F 720 22.01 70.77 30.03
CA MET F 720 20.94 70.39 30.95
C MET F 720 19.68 71.15 30.58
N GLU F 721 18.70 70.43 30.02
CA GLU F 721 17.38 71.00 29.74
C GLU F 721 16.37 69.86 29.92
N VAL F 722 15.82 69.77 31.13
CA VAL F 722 14.93 68.67 31.51
C VAL F 722 13.68 69.29 32.12
N GLU F 723 12.69 69.57 31.28
CA GLU F 723 11.32 69.85 31.75
C GLU F 723 10.51 68.57 31.76
N GLU F 724 11.04 67.55 32.43
CA GLU F 724 10.49 66.19 32.33
C GLU F 724 9.09 66.14 32.92
N ASP F 725 8.09 66.04 32.05
CA ASP F 725 6.72 65.79 32.46
C ASP F 725 6.11 64.78 31.50
N ASP F 726 5.52 63.72 32.05
CA ASP F 726 4.83 62.75 31.21
C ASP F 726 3.77 63.49 30.41
N PRO F 727 3.92 63.61 29.08
CA PRO F 727 3.03 64.51 28.33
C PRO F 727 1.56 64.24 28.53
N VAL F 728 1.14 62.98 28.56
CA VAL F 728 -0.26 62.63 28.72
C VAL F 728 -0.36 61.31 29.49
N PRO F 729 -0.24 61.32 30.81
CA PRO F 729 -0.38 60.06 31.56
C PRO F 729 -1.73 59.41 31.37
N GLU F 730 -2.78 60.19 31.23
CA GLU F 730 -4.14 59.68 31.15
C GLU F 730 -4.89 60.40 30.05
N ILE F 731 -5.99 59.80 29.62
CA ILE F 731 -6.74 60.28 28.47
C ILE F 731 -7.97 61.03 28.95
N ARG F 732 -8.47 61.93 28.10
CA ARG F 732 -9.61 62.77 28.40
C ARG F 732 -10.75 62.47 27.43
N ARG F 733 -11.82 63.27 27.52
CA ARG F 733 -12.96 63.07 26.64
C ARG F 733 -12.63 63.32 25.18
N ASP F 734 -11.52 64.03 24.89
CA ASP F 734 -11.19 64.33 23.51
C ASP F 734 -10.96 63.06 22.70
N HIS F 735 -10.10 62.17 23.20
CA HIS F 735 -9.80 60.94 22.46
C HIS F 735 -11.02 60.04 22.37
N PHE F 736 -11.79 59.93 23.45
CA PHE F 736 -12.95 59.05 23.45
C PHE F 736 -14.01 59.54 22.48
N GLU F 737 -14.24 60.86 22.43
CA GLU F 737 -15.19 61.39 21.47
C GLU F 737 -14.67 61.27 20.05
N GLU F 738 -13.36 61.40 19.85
CA GLU F 738 -12.79 61.20 18.53
C GLU F 738 -12.99 59.76 18.06
N ALA F 739 -12.77 58.79 18.96
CA ALA F 739 -12.98 57.40 18.61
C ALA F 739 -14.46 57.08 18.41
N MET F 740 -15.34 57.83 19.07
CA MET F 740 -16.77 57.63 18.88
C MET F 740 -17.18 57.81 17.43
N ARG F 741 -16.41 58.56 16.65
CA ARG F 741 -16.72 58.74 15.24
C ARG F 741 -16.70 57.41 14.50
N PHE F 742 -15.69 56.58 14.77
CA PHE F 742 -15.60 55.26 14.16
C PHE F 742 -16.36 54.19 14.94
N ALA F 743 -16.79 54.50 16.16
CA ALA F 743 -17.53 53.54 16.98
C ALA F 743 -18.96 53.45 16.46
N ARG F 744 -19.33 52.28 15.94
CA ARG F 744 -20.63 52.11 15.30
C ARG F 744 -21.13 50.69 15.55
N ARG F 745 -22.42 50.50 15.31
CA ARG F 745 -23.06 49.22 15.59
C ARG F 745 -22.46 48.11 14.73
N SER F 746 -22.56 46.88 15.22
CA SER F 746 -22.05 45.71 14.52
C SER F 746 -23.15 44.73 14.13
N VAL F 747 -24.02 44.36 15.06
CA VAL F 747 -25.07 43.37 14.79
C VAL F 747 -26.31 44.10 14.29
N SER F 748 -26.85 43.63 13.17
CA SER F 748 -28.03 44.24 12.58
C SER F 748 -29.27 43.94 13.43
N ASP F 749 -30.21 44.89 13.42
CA ASP F 749 -31.46 44.70 14.17
C ASP F 749 -32.24 43.51 13.63
N ASN F 750 -32.21 43.29 12.32
CA ASN F 750 -32.89 42.14 11.75
C ASN F 750 -32.42 40.85 12.40
N ASP F 751 -31.10 40.72 12.63
CA ASP F 751 -30.57 39.54 13.29
C ASP F 751 -31.16 39.37 14.68
N ILE F 752 -31.26 40.47 15.43
CA ILE F 752 -31.85 40.41 16.76
C ILE F 752 -33.29 39.93 16.68
N ARG F 753 -34.02 40.39 15.66
CA ARG F 753 -35.40 39.94 15.49
C ARG F 753 -35.47 38.45 15.18
N LYS F 754 -34.54 37.95 14.35
CA LYS F 754 -34.53 36.51 14.09
C LYS F 754 -34.25 35.73 15.36
N TYR F 755 -33.31 36.21 16.17
CA TYR F 755 -33.01 35.53 17.43
C TYR F 755 -34.23 35.51 18.34
N GLU F 756 -34.93 36.64 18.44
CA GLU F 756 -36.14 36.69 19.27
C GLU F 756 -37.22 35.76 18.73
N MET F 757 -37.38 35.71 17.40
CA MET F 757 -38.37 34.82 16.81
C MET F 757 -38.07 33.37 17.14
N PHE F 758 -36.79 32.97 17.03
CA PHE F 758 -36.43 31.60 17.40
C PHE F 758 -36.62 31.37 18.89
N ALA F 759 -36.40 32.39 19.72
CA ALA F 759 -36.56 32.25 21.16
C ALA F 759 -38.02 32.23 21.59
N GLN F 760 -38.94 32.66 20.73
CA GLN F 760 -40.37 32.62 21.04
C GLN F 760 -41.07 31.42 20.43
N THR F 761 -40.70 31.02 19.21
CA THR F 761 -41.35 29.89 18.56
C THR F 761 -41.15 28.58 19.32
N LEU F 762 -40.17 28.52 20.21
CA LEU F 762 -39.90 27.31 20.98
C LEU F 762 -41.17 26.81 21.66
PB ADP G . -1.70 44.48 -7.47
O1B ADP G . -2.17 45.73 -6.75
O2B ADP G . -2.76 43.80 -8.31
O3B ADP G . -0.88 43.54 -6.61
PA ADP G . 0.75 45.67 -8.07
O1A ADP G . 0.44 46.95 -7.33
O2A ADP G . 1.55 44.60 -7.38
O3A ADP G . -0.64 45.02 -8.56
O5' ADP G . 1.48 46.04 -9.44
C5' ADP G . 2.87 46.34 -9.45
C4' ADP G . 3.24 47.14 -10.69
O4' ADP G . 2.46 48.32 -10.75
C3' ADP G . 4.71 47.53 -10.66
O3' ADP G . 5.38 47.04 -11.81
C2' ADP G . 4.72 49.05 -10.61
O2' ADP G . 5.58 49.58 -11.62
C1' ADP G . 3.28 49.49 -10.85
N9 ADP G . 2.83 50.49 -9.85
C8 ADP G . 1.60 50.53 -9.31
N7 ADP G . 1.48 51.56 -8.44
C5 ADP G . 2.67 52.19 -8.38
C6 ADP G . 3.23 53.35 -7.66
N6 ADP G . 2.47 54.04 -6.78
N1 ADP G . 4.52 53.67 -7.90
C2 ADP G . 5.29 52.98 -8.76
N3 ADP G . 4.83 51.93 -9.46
C4 ADP G . 3.55 51.49 -9.33
PB ADP H . -4.87 26.04 -36.56
O1B ADP H . -4.76 27.53 -36.86
O2B ADP H . -6.24 25.59 -36.14
O3B ADP H . -3.73 25.50 -35.74
PA ADP H . -3.24 25.45 -38.74
O1A ADP H . -2.98 26.90 -39.10
O2A ADP H . -2.23 24.69 -37.91
O3A ADP H . -4.66 25.36 -38.01
O5' ADP H . -3.48 24.64 -40.10
C5' ADP H . -2.36 24.20 -40.87
C4' ADP H . -2.78 23.84 -42.29
O4' ADP H . -3.39 24.97 -42.92
C3' ADP H . -1.59 23.43 -43.12
O3' ADP H . -1.76 22.09 -43.62
C2' ADP H . -1.51 24.42 -44.26
O2' ADP H . -1.46 23.76 -45.52
C1' ADP H . -2.75 25.29 -44.16
N9 ADP H . -2.44 26.74 -44.16
C8 ADP H . -3.08 27.66 -43.41
N7 ADP H . -2.59 28.90 -43.63
C5 ADP H . -1.60 28.79 -44.54
C6 ADP H . -0.68 29.72 -45.21
N6 ADP H . -0.71 31.05 -44.93
N1 ADP H . 0.19 29.21 -46.11
C2 ADP H . 0.24 27.90 -46.38
N3 ADP H . -0.58 27.00 -45.81
C4 ADP H . -1.52 27.38 -44.90
PB ADP I . 3.81 -24.97 -24.91
O1B ADP I . 3.19 -24.16 -26.01
O2B ADP I . 3.42 -24.53 -23.51
O3B ADP I . 5.29 -25.22 -25.09
PA ADP I . 3.72 -27.43 -26.20
O1A ADP I . 3.75 -26.67 -27.50
O2A ADP I . 4.98 -28.06 -25.66
O3A ADP I . 3.15 -26.43 -25.07
O5' ADP I . 2.59 -28.57 -26.31
C5' ADP I . 2.90 -29.77 -27.01
C4' ADP I . 1.64 -30.45 -27.53
O4' ADP I . 0.75 -29.48 -28.12
C3' ADP I . 1.95 -31.48 -28.60
O3' ADP I . 1.52 -32.78 -28.19
C2' ADP I . 1.23 -31.03 -29.84
O2' ADP I . 0.45 -32.10 -30.39
C1' ADP I . 0.34 -29.88 -29.42
N9 ADP I . 0.49 -28.73 -30.35
C8 ADP I . 0.74 -27.47 -29.97
N7 ADP I . 0.82 -26.64 -31.04
C5 ADP I . 0.60 -27.39 -32.14
C6 ADP I . 0.54 -27.13 -33.60
N6 ADP I . 0.73 -25.89 -34.09
N1 ADP I . 0.29 -28.18 -34.41
C2 ADP I . 0.09 -29.42 -33.92
N3 ADP I . 0.14 -29.72 -32.61
C4 ADP I . 0.37 -28.77 -31.68
PB ADP J . -25.11 -2.73 -37.84
O1B ADP J . -25.00 -2.20 -39.25
O2B ADP J . -25.95 -1.89 -36.92
O3B ADP J . -23.80 -3.18 -37.25
PA ADP J . -25.24 -5.41 -38.60
O1A ADP J . -24.60 -5.05 -39.91
O2A ADP J . -24.40 -6.01 -37.50
O3A ADP J . -25.95 -4.09 -38.02
O5' ADP J . -26.48 -6.40 -38.89
C5' ADP J . -26.21 -7.76 -39.24
C4' ADP J . -27.43 -8.39 -39.90
O4' ADP J . -28.04 -7.48 -40.81
C3' ADP J . -27.04 -9.65 -40.68
O3' ADP J . -27.78 -10.78 -40.21
C2' ADP J . -27.37 -9.34 -42.12
O2' ADP J . -28.09 -10.41 -42.72
C1' ADP J . -28.21 -8.07 -42.10
N9 ADP J . -27.78 -7.10 -43.14
C8 ADP J . -27.73 -5.77 -42.96
N7 ADP J . -27.30 -5.13 -44.08
C5 ADP J . -27.09 -6.08 -45.01
C6 ADP J . -26.63 -6.11 -46.42
N6 ADP J . -26.33 -4.95 -47.07
N1 ADP J . -26.55 -7.31 -47.04
C2 ADP J . -26.85 -8.45 -46.40
N3 ADP J . -27.28 -8.50 -45.13
C4 ADP J . -27.42 -7.37 -44.39
PB ADP K . -12.12 -32.87 3.51
O1B ADP K . -10.76 -33.46 3.77
O2B ADP K . -12.37 -32.55 2.06
O3B ADP K . -12.53 -31.79 4.47
PA ADP K . -12.98 -34.94 5.18
O1A ADP K . -12.01 -36.06 4.92
O2A ADP K . -12.76 -33.99 6.32
O3A ADP K . -13.14 -34.08 3.82
O5' ADP K . -14.44 -35.58 5.36
C5' ADP K . -14.63 -36.62 6.32
C4' ADP K . -16.03 -36.51 6.91
O4' ADP K . -17.02 -36.65 5.89
C3' ADP K . -16.32 -37.58 7.94
O3' ADP K . -16.27 -37.04 9.26
C2' ADP K . -17.70 -38.11 7.61
O2' ADP K . -18.57 -37.97 8.74
C1' ADP K . -18.19 -37.26 6.44
N9 ADP K . -18.93 -38.01 5.41
C8 ADP K . -19.39 -39.29 5.46
N7 ADP K . -20.03 -39.61 4.31
C5 ADP K . -19.99 -38.55 3.50
C6 ADP K . -20.48 -38.21 2.14
N6 ADP K . -21.15 -39.13 1.41
N1 ADP K . -20.23 -36.97 1.67
C2 ADP K . -19.56 -36.06 2.38
N3 ADP K . -19.10 -36.30 3.63
C4 ADP K . -19.27 -37.49 4.23
PB ADP L . -42.76 -12.28 -8.76
O1B ADP L . -42.28 -13.31 -9.75
O2B ADP L . -43.73 -11.27 -9.34
O3B ADP L . -41.67 -11.67 -7.90
PA ADP L . -43.07 -14.45 -7.06
O1A ADP L . -43.05 -15.55 -8.10
O2A ADP L . -41.80 -14.11 -6.32
O3A ADP L . -43.65 -13.12 -7.72
O5' ADP L . -44.19 -14.83 -5.97
C5' ADP L . -44.06 -16.04 -5.22
C4' ADP L . -45.35 -16.32 -4.45
O4' ADP L . -46.49 -15.93 -5.23
C3' ADP L . -45.49 -17.80 -4.12
O3' ADP L . -45.57 -17.98 -2.70
C2' ADP L . -46.76 -18.25 -4.81
O2' ADP L . -47.61 -18.97 -3.90
C1' ADP L . -47.46 -16.99 -5.28
N9 ADP L . -47.94 -17.10 -6.68
C8 ADP L . -47.81 -16.15 -7.62
N7 ADP L . -48.37 -16.56 -8.79
C5 ADP L . -48.87 -17.78 -8.61
C6 ADP L . -49.59 -18.79 -9.44
N6 ADP L . -49.88 -18.53 -10.73
N1 ADP L . -49.94 -19.95 -8.85
C2 ADP L . -49.65 -20.22 -7.56
N3 ADP L . -49.00 -19.35 -6.76
C4 ADP L . -48.60 -18.14 -7.21
PB ADP M . -8.16 -13.37 30.96
O1B ADP M . -9.67 -13.50 30.96
O2B ADP M . -7.63 -12.29 30.06
O3B ADP M . -7.43 -14.68 30.87
PA ADP M . -7.85 -13.88 33.69
O1A ADP M . -9.14 -14.65 33.62
O2A ADP M . -6.54 -14.61 33.70
O3A ADP M . -7.84 -12.85 32.45
O5' ADP M . -7.91 -12.93 34.98
C5' ADP M . -7.81 -13.52 36.27
C4' ADP M . -8.37 -12.58 37.34
O4' ADP M . -9.62 -12.03 36.93
C3' ADP M . -8.61 -13.31 38.65
O3' ADP M . -7.80 -12.74 39.69
C2' ADP M . -10.07 -13.14 38.97
O2' ADP M . -10.26 -12.65 40.30
C1' ADP M . -10.61 -12.14 37.95
N9 ADP M . -11.89 -12.60 37.36
C8 ADP M . -12.18 -12.55 36.05
N7 ADP M . -13.43 -13.03 35.83
C5 ADP M . -13.95 -13.39 37.00
C6 ADP M . -15.23 -13.97 37.46
N6 ADP M . -16.21 -14.27 36.58
N1 ADP M . -15.37 -14.19 38.79
C2 ADP M . -14.40 -13.91 39.68
N3 ADP M . -13.21 -13.38 39.32
C4 ADP M . -12.93 -13.10 38.02
PB ADP N . -38.71 6.82 20.93
O1B ADP N . -40.18 6.68 20.65
O2B ADP N . -38.00 7.86 20.08
O3B ADP N . -37.97 5.51 21.05
PA ADP N . -39.10 6.55 23.67
O1A ADP N . -40.59 6.39 23.62
O2A ADP N . -38.20 5.34 23.72
O3A ADP N . -38.64 7.44 22.41
O5' ADP N . -38.73 7.50 24.92
C5' ADP N . -38.42 6.91 26.18
C4' ADP N . -38.78 7.86 27.32
O4' ADP N . -40.11 8.34 27.14
C3' ADP N . -38.70 7.17 28.66
O3' ADP N . -37.85 7.90 29.56
C2' ADP N . -40.12 7.12 29.18
O2' ADP N . -40.19 7.60 30.53
C1' ADP N . -40.94 7.99 28.25
N9 ADP N . -42.14 7.27 27.75
C8 ADP N . -42.49 7.19 26.45
N7 ADP N . -43.63 6.47 26.31
C5 ADP N . -44.02 6.07 27.54
C6 ADP N . -45.13 5.28 28.10
N6 ADP N . -46.08 4.75 27.30
N1 ADP N . -45.16 5.11 29.44
C2 ADP N . -44.23 5.63 30.26
N3 ADP N . -43.19 6.35 29.80
C4 ADP N . -43.03 6.62 28.48
PB ADP O . 12.15 13.45 30.20
O1B ADP O . 10.65 13.33 30.03
O2B ADP O . 12.88 13.92 28.97
O3B ADP O . 12.78 12.27 30.88
PA ADP O . 13.80 14.91 31.87
O1A ADP O . 13.74 14.71 33.36
O2A ADP O . 14.80 14.13 31.05
O3A ADP O . 12.35 14.65 31.25
O5' ADP O . 14.05 16.48 31.58
C5' ADP O . 13.73 17.45 32.58
C4' ADP O . 14.95 18.32 32.89
O4' ADP O . 14.55 19.69 32.93
C3' ADP O . 15.53 17.98 34.25
O3' ADP O . 16.94 17.78 34.16
C2' ADP O . 15.15 19.15 35.16
O2' ADP O . 16.30 19.82 35.69
C1' ADP O . 14.35 20.11 34.29
N9 ADP O . 12.92 19.98 34.61
C8 ADP O . 11.95 19.61 33.76
N7 ADP O . 10.74 19.57 34.36
C5 ADP O . 10.91 19.93 35.64
C6 ADP O . 10.05 20.12 36.82
N6 ADP O . 8.71 19.90 36.76
N1 ADP O . 10.63 20.50 37.98
C2 ADP O . 11.95 20.73 38.06
N3 ADP O . 12.80 20.58 37.02
C4 ADP O . 12.35 20.20 35.80
PB ADP P . -18.75 35.48 21.51
O1B ADP P . -19.71 35.98 22.56
O2B ADP P . -19.20 35.69 20.09
O3B ADP P . -18.19 34.10 21.76
PA ADP P . -16.76 36.65 23.08
O1A ADP P . -17.83 36.68 24.14
O2A ADP P . -15.62 35.68 23.17
O3A ADP P . -17.47 36.44 21.66
O5' ADP P . -16.13 38.10 22.98
C5' ADP P . -14.85 38.30 23.60
C4' ADP P . -14.55 39.77 23.81
O4' ADP P . -15.76 40.52 23.95
C3' ADP P . -13.77 39.91 25.09
O3' ADP P . -12.57 40.64 24.84
C2' ADP P . -14.69 40.66 26.03
O2' ADP P . -14.02 41.66 26.79
C1' ADP P . -15.74 41.29 25.15
N9 ADP P . -17.05 41.17 25.81
C8 ADP P . -18.22 40.95 25.19
N7 ADP P . -19.24 40.89 26.09
C5 ADP P . -18.72 41.09 27.30
C6 ADP P . -19.23 41.16 28.68
N6 ADP P . -20.55 40.99 28.93
N1 ADP P . -18.34 41.38 29.68
C2 ADP P . -17.03 41.54 29.43
N3 ADP P . -16.49 41.48 28.20
C4 ADP P . -17.27 41.27 27.12
#